data_8BUP
#
_entry.id   8BUP
#
_cell.length_a   248.058
_cell.length_b   248.058
_cell.length_c   221.169
_cell.angle_alpha   90.000
_cell.angle_beta   90.000
_cell.angle_gamma   120.000
#
_symmetry.space_group_name_H-M   'P 31 2 1'
#
loop_
_entity.id
_entity.type
_entity.pdbx_description
1 polymer 'DNA damage-binding protein 1'
2 polymer 'Cyclin-dependent kinase 12'
3 polymer Cyclin-K
4 non-polymer 'SULFATE ION'
5 non-polymer (2~{R})-2-[[6-[3-(3-methylphenyl)propylamino]-9-propan-2-yl-purin-2-yl]amino]butan-1-ol
#
loop_
_entity_poly.entity_id
_entity_poly.type
_entity_poly.pdbx_seq_one_letter_code
_entity_poly.pdbx_strand_id
1 'polypeptide(L)'
;GGGRMSYNYVVTAQKPTAVNGCVTGHFTSAEDLNLLIAKNTRLEIYVVTAEGLRPVKEVGMYGKIAVMELFRPKGESKDL
LFILTAKYNACILEYKQSGESIDIITRAHGNVQDRIGRPSETGIIGIIDPECRMIGLRLYDGLFKVIPLDRDNKELKAFN
IRLEELHVIDVKFLYGCQAPTICFVYQDPQGRHVKTYEVSLREKEFNKGPWKQENVEAEASMVIAVPEPFGGAIIIGQES
ITYHNGDKYLAIAPPIIKQSTIVCHNRVDPNGSRYLLGDMEGRLFMLLLEKEEQMDGTVTLKDLRVELLGETSIAECLTY
LDNGVVFVGSRLGDSQLVKLNVDSNEQGSYVVAMETFTNLGPIVDMCVVDLERQGQGQLVTCSGAFKEGSLRIIRNGIGG
NGNSGEIQKLHIRTVPLYESPRKICYQEVSQCFGVLSSRIEVQDTSGGTTALRPSASTQALSSSVSSSKLFSSSTAPHET
SFGEEVEVHNLLIIDQHTFEVLHAHQFLQNEYALSLVSCKLGKDPNTYFIVGTAMVYPEEAEPKQGRIVVFQYSDGKLQT
VAEKEVKGAVYSMVEFNGKLLASINSTVRLYEWTTEKELRTECNHYNNIMALYLKTKGDFILVGDLMRSVLLLAYKPMEG
NFEEIARDFNPNWMSAVEILDDDNFLGAENAFNLFVCQKDSAATTDEERQHLQEVGLFHLGEFVNVFCHGSLVMQNLGET
STPTQGSVLFGTVNGMIGLVTSLSESWYNLLLDMQNRLNKVIKSVGKIEHSFWRSFHTERKTEPATGFIDGDLIESFLDI
SRPKMQEVVANLQYDDGSGMKREATADDLIKVVEELTRIH
;
A,D,G
2 'polypeptide(L)'
;GGGRRQTESDWGKRCVDKFDIIGIIGEGTYGQVYKAKDKDTGELVALKKVRLDNEKEGFPITAIREIKILRQLIHRSVVN
MKEIVTDKQDALDFKKDKGAFYLVFEYMDHDLMGLLESGLVHFSEDHIKSFMKQLMEGLEYCHKKNFLHRDIKCSNILLN
NSGQIKLADFGLARLYNSEESRPY(TPO)NKVITLWYRPPELLLGEERYTPAIDVWSCGCILGELFTKKPIFQANLELAQ
LELISRLCGSPCPAVWPDVIRLPYFNTMKPKKQYRRRLREEFSFIPSAALDLLDHMLTLDPSKRCTAEQTLQSDFLKDVE
LSKMAPPDLPHWQDCHELWSKKRRRQRQ
;
B,E,H
3 'polypeptide(L)'
;GGGRMKENKENSSPSVTSANLDHTKPCWYWDKKDLAHTPSQLEGLDPATEARYRREGARFIFDVGTRLGLHYDTLATGII
YFHRFYMFHSFKQFPRYVTGACCLFLAGKVEETPKKCKDIIKTARSLLNDVQFGQFGDDPKEEVMVLERILLQTIKFDLQ
VEHPYQFLLKYAKQLKGDKNKIQKLVQMAWTFVNDSLCTTLSLQWEPEIIAVAVMYLAGRLCKFEIQEWTSKPMYRRWWE
QFVQDVPVDVLEDICHQILDLYSQGKQQMPH
;
C,F,I
#
loop_
_chem_comp.id
_chem_comp.type
_chem_comp.name
_chem_comp.formula
RWN non-polymer (2~{R})-2-[[6-[3-(3-methylphenyl)propylamino]-9-propan-2-yl-purin-2-yl]amino]butan-1-ol 'C22 H32 N6 O'
SO4 non-polymer 'SULFATE ION' 'O4 S -2'
#
# COMPACT_ATOMS: atom_id res chain seq x y z
N MET A 5 51.65 16.24 28.89
CA MET A 5 51.61 17.68 28.47
C MET A 5 52.13 17.77 27.01
N SER A 6 51.79 18.86 26.32
CA SER A 6 52.26 19.09 24.96
C SER A 6 52.99 20.43 24.87
N TYR A 7 53.85 20.54 23.85
CA TYR A 7 54.72 21.70 23.68
C TYR A 7 54.65 22.15 22.23
N ASN A 8 54.33 23.43 22.03
CA ASN A 8 54.14 23.98 20.70
C ASN A 8 54.69 25.40 20.66
N TYR A 9 54.92 25.87 19.44
CA TYR A 9 55.59 27.13 19.12
C TYR A 9 54.75 27.84 18.06
N VAL A 10 54.51 29.13 18.24
CA VAL A 10 53.64 29.89 17.36
C VAL A 10 54.34 31.18 16.98
N VAL A 11 54.51 31.40 15.67
CA VAL A 11 55.15 32.61 15.17
C VAL A 11 54.26 33.26 14.11
N THR A 12 54.49 34.56 13.93
CA THR A 12 53.87 35.32 12.85
C THR A 12 54.73 35.23 11.59
N ALA A 13 54.12 34.84 10.48
CA ALA A 13 54.80 34.90 9.19
C ALA A 13 54.49 36.20 8.45
N GLN A 14 53.24 36.67 8.52
CA GLN A 14 52.84 37.96 7.98
C GLN A 14 52.07 38.70 9.06
N LYS A 15 52.48 39.94 9.32
CA LYS A 15 51.83 40.74 10.35
C LYS A 15 50.45 41.18 9.87
N PRO A 16 49.60 41.63 10.79
CA PRO A 16 48.27 42.11 10.37
C PRO A 16 48.38 43.15 9.26
N THR A 17 47.51 43.00 8.26
CA THR A 17 47.54 43.85 7.08
C THR A 17 46.36 44.81 6.98
N ALA A 18 45.37 44.69 7.86
CA ALA A 18 44.14 45.46 7.78
C ALA A 18 44.24 46.69 8.69
N VAL A 19 43.79 47.83 8.18
CA VAL A 19 43.79 49.05 8.98
C VAL A 19 42.55 48.99 9.88
N ASN A 20 42.78 48.95 11.19
CA ASN A 20 41.68 48.98 12.14
C ASN A 20 41.27 50.39 12.50
N GLY A 21 42.18 51.34 12.32
CA GLY A 21 41.88 52.74 12.56
C GLY A 21 43.04 53.61 12.15
N CYS A 22 42.72 54.88 11.91
CA CYS A 22 43.72 55.86 11.51
C CYS A 22 43.30 57.24 12.00
N VAL A 23 44.25 57.93 12.61
CA VAL A 23 44.08 59.31 13.08
C VAL A 23 45.34 60.07 12.71
N THR A 24 45.19 61.38 12.58
CA THR A 24 46.29 62.25 12.24
C THR A 24 46.38 63.42 13.21
N GLY A 25 47.60 63.86 13.45
CA GLY A 25 47.88 64.95 14.38
C GLY A 25 49.35 65.33 14.35
N HIS A 26 49.86 65.85 15.46
CA HIS A 26 51.26 66.30 15.57
C HIS A 26 51.91 65.54 16.72
N PHE A 27 52.23 64.27 16.47
CA PHE A 27 52.68 63.34 17.51
C PHE A 27 54.20 63.26 17.63
N THR A 28 54.93 63.18 16.52
CA THR A 28 56.38 63.02 16.59
C THR A 28 57.07 64.35 16.88
N SER A 29 56.52 65.44 16.37
CA SER A 29 57.01 66.79 16.64
C SER A 29 55.82 67.73 16.54
N ALA A 30 55.88 68.83 17.30
CA ALA A 30 54.82 69.82 17.22
C ALA A 30 54.67 70.41 15.82
N GLU A 31 55.66 70.19 14.96
CA GLU A 31 55.74 70.79 13.63
C GLU A 31 55.26 69.86 12.51
N ASP A 32 55.63 68.58 12.57
CA ASP A 32 55.24 67.62 11.54
C ASP A 32 53.79 67.18 11.67
N LEU A 33 53.19 66.89 10.52
CA LEU A 33 51.88 66.26 10.47
C LEU A 33 52.07 64.76 10.37
N ASN A 34 51.51 64.03 11.34
CA ASN A 34 51.72 62.60 11.45
C ASN A 34 50.42 61.88 11.13
N LEU A 35 50.55 60.73 10.47
CA LEU A 35 49.46 59.80 10.28
C LEU A 35 49.78 58.55 11.09
N LEU A 36 48.97 58.26 12.09
CA LEU A 36 49.14 57.06 12.90
C LEU A 36 48.14 56.04 12.38
N ILE A 37 48.65 54.89 11.94
CA ILE A 37 47.81 53.81 11.42
C ILE A 37 47.89 52.66 12.39
N ALA A 38 46.73 52.10 12.74
CA ALA A 38 46.61 51.04 13.74
C ALA A 38 46.12 49.76 13.05
N LYS A 39 47.05 48.84 12.79
CA LYS A 39 46.70 47.46 12.53
C LYS A 39 46.67 46.66 13.83
N ASN A 40 45.90 45.57 13.84
CA ASN A 40 45.69 44.88 15.11
C ASN A 40 47.05 44.64 15.78
N THR A 41 47.18 45.13 17.02
CA THR A 41 48.38 44.97 17.83
C THR A 41 49.60 45.74 17.31
N ARG A 42 49.49 46.37 16.14
CA ARG A 42 50.60 47.07 15.52
C ARG A 42 50.27 48.55 15.33
N LEU A 43 51.20 49.43 15.72
CA LEU A 43 51.05 50.87 15.48
C LEU A 43 52.12 51.33 14.50
N GLU A 44 51.69 51.93 13.39
CA GLU A 44 52.57 52.49 12.39
C GLU A 44 52.47 54.01 12.45
N ILE A 45 53.62 54.67 12.53
CA ILE A 45 53.69 56.13 12.59
C ILE A 45 54.33 56.60 11.29
N TYR A 46 53.64 57.47 10.57
CA TYR A 46 54.13 58.05 9.33
C TYR A 46 54.22 59.57 9.51
N VAL A 47 54.96 60.22 8.63
CA VAL A 47 55.04 61.67 8.60
C VAL A 47 54.57 62.14 7.22
N VAL A 48 53.63 63.06 7.22
CA VAL A 48 53.01 63.50 5.97
C VAL A 48 53.97 64.44 5.24
N THR A 49 54.29 64.14 3.99
CA THR A 49 55.08 65.03 3.17
C THR A 49 54.33 65.23 1.85
N ALA A 50 54.70 66.26 1.10
CA ALA A 50 54.07 66.48 -0.20
C ALA A 50 54.38 65.37 -1.19
N GLU A 51 55.45 64.62 -0.95
CA GLU A 51 55.86 63.54 -1.85
C GLU A 51 55.08 62.29 -1.50
N GLY A 52 54.84 62.09 -0.21
CA GLY A 52 54.12 60.94 0.27
C GLY A 52 54.36 60.79 1.76
N LEU A 53 53.92 59.64 2.27
CA LEU A 53 54.10 59.33 3.67
C LEU A 53 55.52 58.81 3.87
N ARG A 54 56.19 59.31 4.90
CA ARG A 54 57.52 58.85 5.26
C ARG A 54 57.38 58.00 6.52
N PRO A 55 57.63 56.69 6.48
CA PRO A 55 57.58 55.93 7.73
C PRO A 55 58.70 56.37 8.67
N VAL A 56 58.41 56.32 9.97
CA VAL A 56 59.38 56.79 10.95
C VAL A 56 59.58 55.77 12.07
N LYS A 57 58.51 55.07 12.45
CA LYS A 57 58.60 54.17 13.59
C LYS A 57 57.42 53.21 13.58
N GLU A 58 57.69 51.95 13.94
CA GLU A 58 56.64 50.97 14.16
C GLU A 58 56.90 50.23 15.47
N VAL A 59 55.86 50.14 16.31
CA VAL A 59 55.95 49.44 17.58
C VAL A 59 54.83 48.42 17.66
N GLY A 60 55.06 47.36 18.44
CA GLY A 60 54.03 46.43 18.82
C GLY A 60 53.56 46.70 20.24
N MET A 61 52.31 46.33 20.52
CA MET A 61 51.74 46.40 21.86
C MET A 61 51.21 45.03 22.24
N TYR A 62 51.27 44.71 23.53
CA TYR A 62 50.77 43.43 24.01
C TYR A 62 49.26 43.53 24.30
N GLY A 63 48.53 43.77 23.21
CA GLY A 63 47.11 43.98 23.27
C GLY A 63 46.53 44.36 21.92
N LYS A 64 45.25 44.06 21.73
CA LYS A 64 44.51 44.53 20.56
C LYS A 64 44.17 45.99 20.75
N ILE A 65 44.46 46.81 19.74
CA ILE A 65 44.28 48.26 19.87
C ILE A 65 42.80 48.57 19.61
N ALA A 66 42.09 48.99 20.67
CA ALA A 66 40.68 49.34 20.57
C ALA A 66 40.44 50.83 20.38
N VAL A 67 41.08 51.67 21.20
CA VAL A 67 40.94 53.12 21.12
C VAL A 67 42.29 53.72 20.77
N MET A 68 42.30 54.69 19.86
CA MET A 68 43.52 55.41 19.50
C MET A 68 43.13 56.84 19.18
N GLU A 69 43.61 57.79 19.98
CA GLU A 69 43.24 59.18 19.83
C GLU A 69 44.44 60.05 20.17
N LEU A 70 44.52 61.21 19.53
CA LEU A 70 45.59 62.18 19.79
C LEU A 70 45.01 63.41 20.47
N PHE A 71 45.65 63.84 21.55
CA PHE A 71 45.23 65.00 22.33
C PHE A 71 46.45 65.81 22.76
N ARG A 72 46.29 67.13 22.83
CA ARG A 72 47.37 67.99 23.30
C ARG A 72 46.90 68.81 24.50
N PRO A 73 47.18 68.38 25.73
CA PRO A 73 46.78 69.19 26.89
C PRO A 73 47.62 70.47 27.00
N LYS A 74 47.03 71.50 27.60
CA LYS A 74 47.75 72.75 27.78
C LYS A 74 49.04 72.50 28.55
N GLY A 75 50.13 73.07 28.05
CA GLY A 75 51.46 72.91 28.60
C GLY A 75 52.36 72.01 27.78
N GLU A 76 51.78 71.07 27.04
CA GLU A 76 52.56 70.18 26.19
C GLU A 76 52.92 70.86 24.87
N SER A 77 54.11 70.57 24.37
CA SER A 77 54.52 71.10 23.07
C SER A 77 53.89 70.34 21.91
N LYS A 78 53.55 69.05 22.09
CA LYS A 78 53.14 68.23 20.96
C LYS A 78 52.11 67.22 21.43
N ASP A 79 51.42 66.61 20.47
CA ASP A 79 50.33 65.72 20.80
C ASP A 79 50.85 64.49 21.55
N LEU A 80 50.02 64.01 22.48
CA LEU A 80 50.22 62.74 23.15
C LEU A 80 49.23 61.74 22.59
N LEU A 81 49.49 60.46 22.84
CA LEU A 81 48.70 59.38 22.26
C LEU A 81 48.05 58.57 23.37
N PHE A 82 46.73 58.42 23.29
CA PHE A 82 46.00 57.56 24.19
C PHE A 82 45.62 56.28 23.45
N ILE A 83 45.84 55.14 24.10
CA ILE A 83 45.46 53.84 23.55
C ILE A 83 44.83 53.02 24.67
N LEU A 84 43.75 52.33 24.33
CA LEU A 84 43.07 51.41 25.24
C LEU A 84 42.98 50.07 24.52
N THR A 85 43.41 49.01 25.18
CA THR A 85 43.37 47.72 24.51
C THR A 85 42.02 47.05 24.74
N ALA A 86 41.75 45.99 23.96
CA ALA A 86 40.51 45.26 24.12
C ALA A 86 40.44 44.54 25.47
N LYS A 87 41.57 44.27 26.10
CA LYS A 87 41.61 43.74 27.45
C LYS A 87 41.62 44.85 28.49
N TYR A 88 41.30 46.06 28.06
CA TYR A 88 41.11 47.22 28.93
C TYR A 88 42.42 47.74 29.52
N ASN A 89 43.53 47.52 28.82
CA ASN A 89 44.79 48.14 29.21
C ASN A 89 44.81 49.55 28.63
N ALA A 90 44.86 50.55 29.49
CA ALA A 90 44.91 51.95 29.06
C ALA A 90 46.31 52.51 29.29
N CYS A 91 46.71 53.45 28.44
CA CYS A 91 48.03 54.07 28.58
C CYS A 91 48.06 55.35 27.76
N ILE A 92 48.95 56.26 28.18
CA ILE A 92 49.25 57.49 27.45
C ILE A 92 50.71 57.44 27.03
N LEU A 93 50.96 57.71 25.75
CA LEU A 93 52.27 57.51 25.15
C LEU A 93 52.82 58.81 24.58
N GLU A 94 54.16 58.93 24.63
CA GLU A 94 54.85 60.07 24.04
C GLU A 94 56.01 59.58 23.18
N TYR A 95 56.15 60.21 22.01
CA TYR A 95 57.29 60.04 21.13
C TYR A 95 58.41 60.95 21.61
N LYS A 96 59.58 60.38 21.89
CA LYS A 96 60.73 61.19 22.27
C LYS A 96 61.91 60.68 21.45
N GLN A 97 62.61 61.58 20.78
CA GLN A 97 63.69 61.23 19.88
C GLN A 97 64.91 61.94 20.44
N SER A 98 65.94 61.18 20.79
CA SER A 98 67.18 61.75 21.28
C SER A 98 68.13 61.59 20.10
N GLY A 99 68.16 62.60 19.24
CA GLY A 99 68.97 62.45 18.05
C GLY A 99 68.41 61.32 17.21
N GLU A 100 69.23 60.27 17.06
CA GLU A 100 68.85 59.14 16.24
C GLU A 100 67.95 58.15 16.96
N SER A 101 67.99 58.11 18.29
CA SER A 101 67.27 57.09 19.05
C SER A 101 65.79 57.45 19.16
N ILE A 102 64.92 56.55 18.71
CA ILE A 102 63.48 56.75 18.74
C ILE A 102 62.90 55.78 19.77
N ASP A 103 62.15 56.31 20.73
CA ASP A 103 61.53 55.48 21.76
C ASP A 103 60.13 56.00 22.03
N ILE A 104 59.27 55.11 22.51
CA ILE A 104 57.90 55.44 22.89
C ILE A 104 57.79 55.41 24.40
N ILE A 105 57.51 56.56 24.98
CA ILE A 105 57.49 56.74 26.44
C ILE A 105 56.11 56.37 26.95
N THR A 106 56.06 55.59 28.03
CA THR A 106 54.79 55.30 28.71
C THR A 106 54.62 56.34 29.81
N ARG A 107 53.75 57.33 29.56
CA ARG A 107 53.59 58.41 30.52
C ARG A 107 52.62 58.05 31.65
N ALA A 108 51.58 57.28 31.33
CA ALA A 108 50.60 56.84 32.31
C ALA A 108 50.04 55.52 31.84
N HIS A 109 49.63 54.68 32.78
CA HIS A 109 49.09 53.39 32.39
C HIS A 109 48.31 52.76 33.53
N GLY A 110 47.40 51.88 33.15
CA GLY A 110 46.60 51.12 34.09
C GLY A 110 45.54 50.36 33.33
N ASN A 111 44.90 49.45 34.04
CA ASN A 111 43.82 48.64 33.49
C ASN A 111 42.51 49.14 34.07
N VAL A 112 41.54 49.41 33.20
CA VAL A 112 40.31 50.09 33.59
C VAL A 112 39.13 49.11 33.62
N GLN A 113 39.41 47.81 33.68
CA GLN A 113 38.35 46.81 33.73
C GLN A 113 37.57 46.89 35.03
N ASP A 114 36.25 46.75 34.94
CA ASP A 114 35.38 46.73 36.10
C ASP A 114 35.05 45.29 36.49
N ARG A 115 34.97 45.04 37.80
CA ARG A 115 34.61 43.71 38.26
C ARG A 115 33.22 43.31 37.78
N ILE A 116 32.28 44.26 37.76
CA ILE A 116 30.91 44.01 37.31
C ILE A 116 30.53 44.97 36.19
N GLY A 117 30.14 44.43 35.04
CA GLY A 117 29.67 45.23 33.93
C GLY A 117 29.17 44.37 32.79
N ARG A 118 28.30 44.94 31.96
CA ARG A 118 27.84 44.26 30.74
C ARG A 118 28.49 44.91 29.53
N PRO A 119 29.40 44.23 28.83
CA PRO A 119 29.95 44.80 27.59
C PRO A 119 28.85 45.21 26.61
N SER A 120 29.01 46.39 26.01
CA SER A 120 27.98 46.96 25.15
C SER A 120 27.98 46.34 23.76
N GLU A 121 26.85 46.50 23.07
CA GLU A 121 26.68 45.91 21.75
C GLU A 121 27.59 46.58 20.73
N THR A 122 27.65 47.90 20.73
CA THR A 122 28.41 48.66 19.74
C THR A 122 29.89 48.79 20.08
N GLY A 123 30.38 48.06 21.07
CA GLY A 123 31.81 47.95 21.32
C GLY A 123 32.38 49.12 22.10
N ILE A 124 33.66 49.00 22.45
CA ILE A 124 34.34 50.04 23.21
C ILE A 124 34.34 51.33 22.40
N ILE A 125 33.99 52.44 23.06
CA ILE A 125 34.09 53.77 22.49
C ILE A 125 34.98 54.61 23.38
N GLY A 126 35.92 55.34 22.79
CA GLY A 126 36.77 56.25 23.53
C GLY A 126 36.81 57.61 22.87
N ILE A 127 36.56 58.67 23.64
CA ILE A 127 36.54 60.04 23.14
C ILE A 127 37.26 60.92 24.15
N ILE A 128 37.77 62.05 23.67
CA ILE A 128 38.50 62.98 24.52
C ILE A 128 37.93 64.38 24.37
N ASP A 129 37.87 65.09 25.50
CA ASP A 129 37.35 66.44 25.57
C ASP A 129 38.14 67.37 24.67
N PRO A 130 37.48 68.33 24.01
CA PRO A 130 38.26 69.30 23.21
C PRO A 130 39.28 70.07 24.04
N GLU A 131 38.96 70.42 25.29
CA GLU A 131 39.94 71.06 26.16
C GLU A 131 40.90 70.07 26.81
N CYS A 132 40.79 68.78 26.49
CA CYS A 132 41.69 67.75 27.01
C CYS A 132 41.62 67.68 28.53
N ARG A 133 40.42 67.85 29.08
CA ARG A 133 40.25 67.75 30.52
C ARG A 133 40.04 66.32 30.97
N MET A 134 39.44 65.47 30.13
CA MET A 134 39.11 64.13 30.54
C MET A 134 39.03 63.22 29.32
N ILE A 135 39.16 61.93 29.58
CA ILE A 135 38.95 60.89 28.58
C ILE A 135 37.63 60.20 28.90
N GLY A 136 36.75 60.07 27.91
CA GLY A 136 35.49 59.36 28.06
C GLY A 136 35.62 57.95 27.50
N LEU A 137 35.09 56.99 28.26
CA LEU A 137 35.08 55.59 27.83
C LEU A 137 33.69 55.01 28.06
N ARG A 138 33.14 54.38 27.02
CA ARG A 138 31.88 53.63 27.11
C ARG A 138 32.23 52.14 26.99
N LEU A 139 32.41 51.49 28.12
CA LEU A 139 32.77 50.07 28.16
C LEU A 139 31.59 49.15 28.47
N TYR A 140 30.65 49.59 29.31
CA TYR A 140 29.54 48.74 29.73
C TYR A 140 28.23 49.49 29.59
N ASP A 141 27.19 48.73 29.25
CA ASP A 141 25.84 49.31 29.20
C ASP A 141 25.50 49.95 30.53
N GLY A 142 24.89 51.13 30.47
CA GLY A 142 24.45 51.82 31.66
C GLY A 142 25.53 52.49 32.47
N LEU A 143 26.77 52.55 31.97
CA LEU A 143 27.86 53.18 32.70
C LEU A 143 28.72 54.01 31.75
N PHE A 144 29.18 55.15 32.26
CA PHE A 144 30.12 56.04 31.57
C PHE A 144 31.31 56.25 32.49
N LYS A 145 32.49 55.84 32.03
CA LYS A 145 33.71 55.92 32.82
C LYS A 145 34.52 57.14 32.42
N VAL A 146 35.02 57.87 33.42
CA VAL A 146 35.76 59.11 33.20
C VAL A 146 37.16 58.96 33.77
N ILE A 147 38.16 59.14 32.92
CA ILE A 147 39.55 59.29 33.35
C ILE A 147 39.87 60.78 33.31
N PRO A 148 39.92 61.49 34.44
CA PRO A 148 40.27 62.92 34.38
C PRO A 148 41.74 63.12 34.04
N LEU A 149 42.01 64.03 33.11
CA LEU A 149 43.39 64.26 32.66
C LEU A 149 44.05 65.35 33.51
N ASP A 150 44.29 65.00 34.77
CA ASP A 150 45.08 65.83 35.66
C ASP A 150 46.51 65.31 35.68
N ARG A 151 47.47 66.22 35.87
CA ARG A 151 48.89 65.86 35.81
C ARG A 151 49.24 64.69 36.73
N ASP A 152 48.50 64.51 37.81
CA ASP A 152 48.89 63.52 38.81
C ASP A 152 48.39 62.11 38.50
N ASN A 153 47.45 61.97 37.56
CA ASN A 153 46.82 60.67 37.31
C ASN A 153 47.70 59.80 36.41
N LYS A 154 48.85 59.40 36.96
CA LYS A 154 49.77 58.58 36.20
C LYS A 154 49.34 57.13 36.11
N GLU A 155 48.42 56.71 36.98
CA GLU A 155 47.85 55.37 36.95
C GLU A 155 46.54 55.30 36.20
N LEU A 156 46.04 56.44 35.71
CA LEU A 156 44.78 56.51 34.98
C LEU A 156 43.62 55.96 35.82
N LYS A 157 43.51 56.43 37.06
CA LYS A 157 42.37 56.10 37.89
C LYS A 157 41.11 56.78 37.37
N ALA A 158 39.97 56.12 37.55
CA ALA A 158 38.72 56.58 36.95
C ALA A 158 37.53 56.19 37.82
N PHE A 159 36.41 56.86 37.57
CA PHE A 159 35.15 56.62 38.25
C PHE A 159 34.03 56.46 37.24
N ASN A 160 32.95 55.82 37.67
CA ASN A 160 31.78 55.60 36.82
C ASN A 160 30.62 56.51 37.23
N ILE A 161 29.96 57.05 36.22
CA ILE A 161 28.72 57.80 36.37
C ILE A 161 27.58 56.92 35.87
N ARG A 162 26.52 56.80 36.66
CA ARG A 162 25.38 56.02 36.23
C ARG A 162 24.73 56.67 35.00
N LEU A 163 24.43 55.86 33.99
CA LEU A 163 23.82 56.32 32.75
C LEU A 163 22.47 55.65 32.61
N GLU A 164 21.40 56.45 32.60
CA GLU A 164 20.06 55.90 32.48
C GLU A 164 19.88 55.17 31.16
N GLU A 165 20.39 55.72 30.06
CA GLU A 165 20.18 55.17 28.73
C GLU A 165 21.10 53.98 28.52
N LEU A 166 20.53 52.78 28.54
CA LEU A 166 21.32 51.56 28.58
C LEU A 166 21.94 51.20 27.23
N HIS A 167 21.20 51.40 26.15
CA HIS A 167 21.63 51.00 24.81
C HIS A 167 22.07 52.27 24.08
N VAL A 168 23.36 52.56 24.13
CA VAL A 168 23.93 53.74 23.48
C VAL A 168 24.51 53.32 22.15
N ILE A 169 24.26 54.12 21.12
CA ILE A 169 24.79 53.82 19.80
C ILE A 169 26.14 54.47 19.57
N ASP A 170 26.25 55.78 19.75
CA ASP A 170 27.52 56.48 19.57
C ASP A 170 27.52 57.75 20.40
N VAL A 171 28.72 58.18 20.81
CA VAL A 171 28.88 59.37 21.64
C VAL A 171 30.13 60.12 21.20
N LYS A 172 30.08 61.45 21.35
CA LYS A 172 31.20 62.32 21.06
C LYS A 172 31.19 63.45 22.08
N PHE A 173 32.37 64.01 22.34
CA PHE A 173 32.45 65.24 23.12
C PHE A 173 32.17 66.40 22.17
N LEU A 174 31.23 67.26 22.54
CA LEU A 174 30.84 68.33 21.64
C LEU A 174 31.79 69.50 21.79
N TYR A 175 32.01 70.21 20.68
CA TYR A 175 32.80 71.42 20.74
C TYR A 175 31.91 72.59 21.18
N GLY A 176 32.54 73.61 21.74
CA GLY A 176 31.81 74.85 22.02
C GLY A 176 30.83 74.84 23.18
N CYS A 177 31.17 74.18 24.29
CA CYS A 177 30.31 74.16 25.46
C CYS A 177 30.99 74.79 26.69
N GLN A 178 30.16 75.42 27.52
CA GLN A 178 30.68 76.05 28.74
C GLN A 178 31.30 75.01 29.67
N ALA A 179 30.72 73.82 29.73
CA ALA A 179 31.24 72.68 30.46
C ALA A 179 31.48 71.52 29.49
N PRO A 180 32.30 70.54 29.87
CA PRO A 180 32.43 69.33 29.03
C PRO A 180 31.07 68.69 28.81
N THR A 181 30.72 68.50 27.54
CA THR A 181 29.40 68.02 27.15
C THR A 181 29.55 66.86 26.18
N ILE A 182 28.77 65.81 26.41
CA ILE A 182 28.73 64.62 25.56
C ILE A 182 27.41 64.60 24.81
N CYS A 183 27.45 64.15 23.55
CA CYS A 183 26.26 63.99 22.72
C CYS A 183 26.20 62.54 22.28
N PHE A 184 25.07 61.88 22.54
CA PHE A 184 24.95 60.46 22.26
C PHE A 184 23.59 60.14 21.64
N VAL A 185 23.60 59.15 20.76
CA VAL A 185 22.39 58.55 20.21
C VAL A 185 22.15 57.23 20.92
N TYR A 186 20.95 57.07 21.47
CA TYR A 186 20.61 55.88 22.24
C TYR A 186 19.34 55.25 21.69
N GLN A 187 19.15 53.97 22.00
CA GLN A 187 17.98 53.22 21.59
C GLN A 187 17.23 52.72 22.81
N ASP A 188 15.91 52.93 22.82
CA ASP A 188 15.00 52.40 23.82
C ASP A 188 13.79 51.89 23.02
N PRO A 189 12.75 51.34 23.66
CA PRO A 189 11.66 50.76 22.87
C PRO A 189 10.93 51.75 21.98
N GLN A 190 11.08 53.05 22.21
CA GLN A 190 10.37 54.04 21.41
C GLN A 190 11.17 54.51 20.19
N GLY A 191 12.27 53.84 19.87
CA GLY A 191 13.09 54.26 18.76
C GLY A 191 14.47 54.73 19.20
N ARG A 192 15.08 55.60 18.41
CA ARG A 192 16.37 56.18 18.74
C ARG A 192 16.22 57.69 18.93
N HIS A 193 17.02 58.22 19.84
CA HIS A 193 16.91 59.61 20.26
C HIS A 193 18.33 60.16 20.42
N VAL A 194 18.47 61.46 20.22
CA VAL A 194 19.73 62.15 20.46
C VAL A 194 19.53 62.99 21.72
N LYS A 195 20.48 62.89 22.65
CA LYS A 195 20.38 63.52 23.96
C LYS A 195 21.75 64.06 24.33
N THR A 196 21.77 65.03 25.24
CA THR A 196 23.02 65.61 25.73
C THR A 196 23.04 65.62 27.24
N TYR A 197 24.25 65.52 27.78
CA TYR A 197 24.52 65.69 29.21
C TYR A 197 25.79 66.53 29.36
N GLU A 198 25.93 67.13 30.55
CA GLU A 198 27.18 67.77 30.94
C GLU A 198 27.88 66.90 31.97
N VAL A 199 29.22 66.88 31.91
CA VAL A 199 30.03 66.01 32.76
C VAL A 199 30.72 66.90 33.79
N SER A 200 30.50 66.61 35.07
CA SER A 200 31.07 67.39 36.16
C SER A 200 32.13 66.57 36.87
N LEU A 201 33.40 66.96 36.71
CA LEU A 201 34.48 66.31 37.44
C LEU A 201 34.39 66.60 38.94
N ARG A 202 33.91 67.80 39.32
CA ARG A 202 33.80 68.15 40.73
C ARG A 202 32.71 67.34 41.42
N GLU A 203 31.53 67.28 40.80
CA GLU A 203 30.41 66.51 41.36
C GLU A 203 30.44 65.03 40.98
N LYS A 204 31.23 64.66 39.98
CA LYS A 204 31.33 63.26 39.55
C LYS A 204 29.94 62.71 39.20
N GLU A 205 29.22 63.45 38.36
CA GLU A 205 27.89 63.02 37.90
C GLU A 205 27.50 63.84 36.67
N PHE A 206 26.40 63.43 36.05
CA PHE A 206 25.82 64.20 34.96
C PHE A 206 24.95 65.34 35.50
N ASN A 207 24.95 66.47 34.79
CA ASN A 207 24.00 67.54 35.00
C ASN A 207 23.22 67.75 33.71
N LYS A 208 22.05 68.38 33.81
CA LYS A 208 21.25 68.60 32.61
C LYS A 208 22.09 69.26 31.52
N GLY A 209 21.94 68.73 30.31
CA GLY A 209 22.74 69.11 29.17
C GLY A 209 22.21 70.31 28.42
N PRO A 210 23.03 70.86 27.52
CA PRO A 210 22.65 72.13 26.88
C PRO A 210 21.39 72.07 26.02
N TRP A 211 21.13 70.99 25.29
CA TRP A 211 19.94 70.99 24.46
C TRP A 211 19.13 69.71 24.56
N LYS A 212 17.85 69.87 24.25
CA LYS A 212 16.82 68.88 24.51
C LYS A 212 17.04 67.61 23.68
N GLN A 213 16.27 66.59 24.02
CA GLN A 213 16.27 65.39 23.22
C GLN A 213 15.54 65.66 21.92
N GLU A 214 15.96 64.98 20.86
CA GLU A 214 15.21 64.88 19.61
C GLU A 214 15.27 63.42 19.21
N ASN A 215 14.13 62.86 18.82
CA ASN A 215 14.09 61.48 18.35
C ASN A 215 14.49 61.44 16.88
N VAL A 216 15.39 60.53 16.56
CA VAL A 216 16.08 60.53 15.28
C VAL A 216 15.79 59.26 14.49
N GLU A 217 16.37 59.17 13.29
CA GLU A 217 16.16 58.03 12.42
C GLU A 217 16.39 56.73 13.17
N ALA A 218 15.59 55.72 12.84
CA ALA A 218 15.67 54.45 13.55
C ALA A 218 17.04 53.83 13.45
N GLU A 219 17.74 54.03 12.33
CA GLU A 219 19.06 53.46 12.10
C GLU A 219 20.16 54.51 12.17
N ALA A 220 19.95 55.54 12.99
CA ALA A 220 21.00 56.53 13.24
C ALA A 220 22.26 55.86 13.77
N SER A 221 23.40 56.10 13.11
CA SER A 221 24.61 55.33 13.38
C SER A 221 25.74 56.12 14.03
N MET A 222 26.07 57.31 13.53
CA MET A 222 27.28 58.00 13.97
C MET A 222 26.97 59.42 14.42
N VAL A 223 27.74 59.89 15.40
CA VAL A 223 27.67 61.26 15.90
C VAL A 223 28.95 61.95 15.46
N ILE A 224 28.81 63.07 14.76
CA ILE A 224 29.96 63.86 14.34
C ILE A 224 29.95 65.15 15.14
N ALA A 225 31.03 65.39 15.90
CA ALA A 225 31.20 66.66 16.60
C ALA A 225 31.57 67.74 15.59
N VAL A 226 30.90 68.88 15.65
CA VAL A 226 31.13 69.94 14.68
C VAL A 226 31.98 71.04 15.30
N PRO A 227 32.95 71.59 14.57
CA PRO A 227 33.90 72.52 15.20
C PRO A 227 33.20 73.80 15.68
N GLU A 228 33.93 74.55 16.49
CA GLU A 228 33.33 75.69 17.18
C GLU A 228 32.71 76.71 16.24
N PRO A 229 33.27 77.02 15.05
CA PRO A 229 32.59 77.95 14.15
C PRO A 229 31.10 77.66 13.99
N PHE A 230 30.73 76.40 13.80
CA PHE A 230 29.32 76.02 13.74
C PHE A 230 28.77 75.49 15.07
N GLY A 231 29.49 74.58 15.72
CA GLY A 231 29.01 73.94 16.93
C GLY A 231 27.95 72.90 16.63
N GLY A 232 27.59 72.16 17.67
CA GLY A 232 26.53 71.16 17.55
C GLY A 232 27.08 69.84 17.03
N ALA A 233 26.16 69.02 16.51
CA ALA A 233 26.51 67.69 16.03
C ALA A 233 25.69 67.36 14.78
N ILE A 234 26.24 66.47 13.96
CA ILE A 234 25.56 65.92 12.79
C ILE A 234 25.37 64.42 13.03
N ILE A 235 24.18 63.91 12.74
CA ILE A 235 23.85 62.52 12.97
C ILE A 235 23.61 61.88 11.62
N ILE A 236 24.42 60.87 11.29
CA ILE A 236 24.38 60.19 10.01
C ILE A 236 23.61 58.88 10.18
N GLY A 237 22.69 58.59 9.25
CA GLY A 237 21.93 57.34 9.28
C GLY A 237 22.01 56.54 8.00
N GLN A 238 20.96 55.78 7.69
CA GLN A 238 20.86 55.05 6.44
C GLN A 238 20.25 55.90 5.33
N GLU A 239 19.26 56.74 5.65
CA GLU A 239 18.61 57.57 4.65
C GLU A 239 18.82 59.06 4.83
N SER A 240 19.12 59.54 6.03
CA SER A 240 19.13 60.97 6.28
C SER A 240 20.32 61.40 7.11
N ILE A 241 20.74 62.65 6.89
CA ILE A 241 21.77 63.32 7.67
C ILE A 241 21.14 64.53 8.33
N THR A 242 21.32 64.67 9.64
CA THR A 242 20.68 65.72 10.40
C THR A 242 21.69 66.45 11.28
N TYR A 243 21.48 67.76 11.43
CA TYR A 243 22.30 68.60 12.28
C TYR A 243 21.45 69.09 13.44
N HIS A 244 21.93 68.88 14.65
CA HIS A 244 21.24 69.30 15.87
C HIS A 244 22.16 70.20 16.67
N ASN A 245 21.70 71.43 16.95
CA ASN A 245 22.43 72.32 17.85
C ASN A 245 21.39 73.21 18.54
N GLY A 246 21.05 72.87 19.77
CA GLY A 246 20.05 73.63 20.49
C GLY A 246 18.72 73.61 19.74
N ASP A 247 18.27 74.78 19.30
CA ASP A 247 16.99 74.89 18.58
C ASP A 247 17.12 74.56 17.10
N LYS A 248 18.27 74.84 16.51
CA LYS A 248 18.50 74.64 15.09
C LYS A 248 18.39 73.16 14.72
N TYR A 249 17.67 72.87 13.64
CA TYR A 249 17.49 71.52 13.14
C TYR A 249 17.49 71.53 11.63
N LEU A 250 18.34 70.70 11.02
CA LEU A 250 18.40 70.55 9.57
C LEU A 250 18.35 69.07 9.22
N ALA A 251 17.77 68.75 8.06
CA ALA A 251 17.68 67.36 7.63
C ALA A 251 17.74 67.27 6.11
N ILE A 252 18.81 66.66 5.59
CA ILE A 252 18.93 66.33 4.19
C ILE A 252 18.85 64.81 4.05
N ALA A 253 18.07 64.34 3.08
CA ALA A 253 17.84 62.91 2.89
C ALA A 253 18.04 62.56 1.42
N PRO A 254 19.24 62.74 0.89
CA PRO A 254 19.46 62.53 -0.55
C PRO A 254 19.34 61.06 -0.89
N PRO A 255 18.64 60.72 -1.98
CA PRO A 255 18.42 59.29 -2.29
C PRO A 255 19.72 58.52 -2.52
N ILE A 256 20.83 59.20 -2.79
CA ILE A 256 22.02 58.48 -3.23
C ILE A 256 22.57 57.66 -2.07
N ILE A 257 22.50 58.19 -0.85
CA ILE A 257 23.05 57.49 0.30
C ILE A 257 22.19 56.32 0.74
N LYS A 258 20.89 56.32 0.43
CA LYS A 258 20.04 55.20 0.80
C LYS A 258 20.55 53.90 0.22
N GLN A 259 21.26 53.96 -0.90
CA GLN A 259 21.71 52.74 -1.58
C GLN A 259 22.70 51.93 -0.78
N SER A 260 23.54 52.58 0.02
CA SER A 260 24.57 51.85 0.74
C SER A 260 24.81 52.54 2.09
N THR A 261 24.95 51.71 3.12
CA THR A 261 25.16 52.21 4.47
C THR A 261 26.48 52.98 4.58
N ILE A 262 26.44 54.13 5.24
CA ILE A 262 27.63 54.94 5.47
C ILE A 262 28.27 54.53 6.79
N VAL A 263 29.59 54.31 6.77
CA VAL A 263 30.26 53.72 7.92
C VAL A 263 31.34 54.58 8.54
N CYS A 264 31.95 55.48 7.75
CA CYS A 264 33.07 56.26 8.26
C CYS A 264 32.97 57.72 7.87
N HIS A 265 33.62 58.57 8.66
CA HIS A 265 33.60 60.02 8.44
C HIS A 265 34.88 60.66 8.97
N ASN A 266 35.28 61.76 8.32
CA ASN A 266 36.42 62.54 8.78
C ASN A 266 36.27 63.98 8.32
N ARG A 267 36.95 64.88 9.05
CA ARG A 267 36.84 66.31 8.84
C ARG A 267 37.91 66.81 7.88
N VAL A 268 37.46 67.37 6.76
CA VAL A 268 38.40 67.90 5.77
C VAL A 268 38.99 69.22 6.24
N ASP A 269 38.12 70.17 6.60
CA ASP A 269 38.51 71.51 6.96
C ASP A 269 38.35 71.70 8.46
N PRO A 270 39.34 72.24 9.18
CA PRO A 270 39.14 72.43 10.63
C PRO A 270 37.91 73.26 10.94
N ASN A 271 37.54 74.21 10.08
CA ASN A 271 36.31 74.97 10.31
C ASN A 271 35.06 74.11 10.19
N GLY A 272 35.16 72.93 9.60
CA GLY A 272 34.01 72.06 9.50
C GLY A 272 33.11 72.30 8.31
N SER A 273 33.55 73.09 7.33
CA SER A 273 32.73 73.32 6.15
C SER A 273 32.65 72.06 5.31
N ARG A 274 33.73 71.27 5.28
CA ARG A 274 33.81 70.10 4.42
C ARG A 274 34.08 68.87 5.28
N TYR A 275 33.27 67.84 5.07
CA TYR A 275 33.39 66.55 5.75
C TYR A 275 33.37 65.44 4.70
N LEU A 276 34.05 64.34 5.01
CA LEU A 276 34.14 63.19 4.11
C LEU A 276 33.34 62.01 4.67
N LEU A 277 32.56 61.36 3.80
CA LEU A 277 31.71 60.23 4.18
C LEU A 277 31.93 59.07 3.20
N GLY A 278 32.01 57.86 3.72
CA GLY A 278 32.17 56.69 2.91
C GLY A 278 31.15 55.64 3.22
N ASP A 279 30.86 54.81 2.24
CA ASP A 279 29.84 53.80 2.38
C ASP A 279 30.36 52.41 2.01
N MET A 280 29.56 51.38 2.35
CA MET A 280 30.01 50.01 2.27
C MET A 280 30.24 49.52 0.85
N GLU A 281 29.62 50.15 -0.13
CA GLU A 281 29.90 49.81 -1.51
C GLU A 281 31.14 50.54 -2.02
N GLY A 282 31.84 51.24 -1.11
CA GLY A 282 33.07 51.91 -1.44
C GLY A 282 32.96 53.31 -2.00
N ARG A 283 31.78 53.92 -2.00
CA ARG A 283 31.68 55.28 -2.51
C ARG A 283 32.20 56.28 -1.49
N LEU A 284 32.66 57.43 -2.01
CA LEU A 284 33.20 58.50 -1.18
C LEU A 284 32.39 59.75 -1.45
N PHE A 285 31.83 60.35 -0.39
CA PHE A 285 31.00 61.54 -0.50
C PHE A 285 31.67 62.73 0.19
N MET A 286 31.26 63.92 -0.23
CA MET A 286 31.63 65.16 0.43
C MET A 286 30.36 65.71 1.08
N LEU A 287 30.41 65.92 2.40
CA LEU A 287 29.31 66.54 3.13
C LEU A 287 29.68 68.00 3.35
N LEU A 288 28.87 68.91 2.81
CA LEU A 288 29.19 70.34 2.81
C LEU A 288 28.27 71.08 3.78
N LEU A 289 28.87 71.94 4.61
CA LEU A 289 28.11 72.79 5.52
C LEU A 289 28.10 74.20 4.95
N GLU A 290 26.93 74.63 4.46
CA GLU A 290 26.73 75.96 3.91
C GLU A 290 26.42 76.93 5.04
N LYS A 291 27.17 78.01 5.11
CA LYS A 291 27.09 78.95 6.23
C LYS A 291 26.47 80.27 5.81
N GLU A 292 25.63 80.80 6.70
CA GLU A 292 24.91 82.04 6.51
C GLU A 292 25.33 83.09 7.52
N GLU A 293 25.69 84.27 7.01
CA GLU A 293 26.07 85.39 7.86
C GLU A 293 24.85 86.00 8.55
N GLN A 294 25.08 86.51 9.76
CA GLN A 294 24.07 87.11 10.60
C GLN A 294 24.25 88.63 10.68
N MET A 295 23.18 89.31 11.08
CA MET A 295 23.26 90.74 11.30
C MET A 295 24.21 91.06 12.44
N ASP A 296 24.25 90.20 13.45
CA ASP A 296 25.16 90.31 14.58
C ASP A 296 26.62 90.17 14.17
N GLY A 297 26.89 89.68 12.96
CA GLY A 297 28.23 89.27 12.61
C GLY A 297 28.50 87.81 12.86
N THR A 298 27.52 87.10 13.43
CA THR A 298 27.56 85.68 13.73
C THR A 298 27.31 84.85 12.47
N VAL A 299 27.82 83.63 12.49
CA VAL A 299 27.70 82.72 11.36
C VAL A 299 26.81 81.56 11.81
N THR A 300 25.77 81.29 11.02
CA THR A 300 24.82 80.22 11.27
C THR A 300 24.82 79.21 10.13
N LEU A 301 24.39 77.99 10.46
CA LEU A 301 24.29 76.93 9.46
C LEU A 301 23.02 77.08 8.63
N LYS A 302 23.22 77.28 7.33
CA LYS A 302 22.12 77.46 6.38
C LYS A 302 21.57 76.14 5.85
N ASP A 303 22.42 75.26 5.36
CA ASP A 303 21.96 74.04 4.71
C ASP A 303 23.11 73.06 4.62
N LEU A 304 22.75 71.81 4.33
CA LEU A 304 23.70 70.74 4.13
C LEU A 304 23.56 70.22 2.70
N ARG A 305 24.67 69.76 2.14
CA ARG A 305 24.71 69.24 0.78
C ARG A 305 25.59 68.00 0.78
N VAL A 306 25.26 67.05 -0.08
CA VAL A 306 26.06 65.85 -0.24
C VAL A 306 26.40 65.72 -1.72
N GLU A 307 27.68 65.56 -2.02
CA GLU A 307 28.19 65.45 -3.37
C GLU A 307 28.99 64.15 -3.45
N LEU A 308 28.71 63.35 -4.48
CA LEU A 308 29.45 62.11 -4.69
C LEU A 308 30.78 62.43 -5.36
N LEU A 309 31.87 61.96 -4.77
CA LEU A 309 33.20 62.22 -5.30
C LEU A 309 33.71 61.10 -6.19
N GLY A 310 33.46 59.84 -5.82
CA GLY A 310 33.96 58.72 -6.61
C GLY A 310 33.88 57.41 -5.85
N GLU A 311 34.83 56.53 -6.14
CA GLU A 311 34.86 55.22 -5.52
C GLU A 311 36.25 54.98 -4.92
N THR A 312 36.26 54.38 -3.74
CA THR A 312 37.49 53.97 -3.06
C THR A 312 37.40 52.49 -2.68
N SER A 313 38.44 52.00 -2.03
CA SER A 313 38.34 50.70 -1.36
C SER A 313 37.37 50.79 -0.18
N ILE A 314 36.60 49.72 0.05
CA ILE A 314 35.69 49.73 1.19
C ILE A 314 36.47 50.05 2.45
N ALA A 315 36.17 51.19 3.07
CA ALA A 315 37.03 51.76 4.09
C ALA A 315 36.43 51.65 5.49
N GLU A 316 37.23 51.11 6.43
CA GLU A 316 36.88 51.24 7.84
C GLU A 316 37.16 52.64 8.37
N CYS A 317 38.26 53.25 7.97
CA CYS A 317 38.60 54.57 8.48
C CYS A 317 39.08 55.44 7.32
N LEU A 318 38.88 56.75 7.46
CA LEU A 318 39.34 57.75 6.50
C LEU A 318 40.02 58.90 7.25
N THR A 319 41.11 59.41 6.69
CA THR A 319 41.82 60.58 7.19
C THR A 319 42.18 61.44 6.00
N TYR A 320 42.00 62.76 6.15
CA TYR A 320 42.14 63.69 5.04
C TYR A 320 43.57 64.10 4.74
N LEU A 321 44.50 63.98 5.69
CA LEU A 321 45.92 64.24 5.41
C LEU A 321 46.06 65.66 4.85
N ASP A 322 46.72 65.86 3.71
CA ASP A 322 46.98 67.20 3.19
C ASP A 322 46.62 67.29 1.72
N ASN A 323 46.30 68.52 1.29
CA ASN A 323 46.03 68.83 -0.12
C ASN A 323 44.80 68.00 -0.49
N GLY A 324 44.82 67.25 -1.57
CA GLY A 324 43.77 66.33 -1.91
C GLY A 324 44.05 64.88 -1.59
N VAL A 325 45.12 64.60 -0.86
CA VAL A 325 45.49 63.23 -0.55
C VAL A 325 44.69 62.74 0.66
N VAL A 326 44.02 61.61 0.49
CA VAL A 326 43.23 60.98 1.55
C VAL A 326 43.72 59.55 1.71
N PHE A 327 43.89 59.12 2.95
CA PHE A 327 44.28 57.74 3.23
C PHE A 327 43.03 56.89 3.46
N VAL A 328 42.90 55.82 2.69
CA VAL A 328 41.78 54.89 2.78
C VAL A 328 42.25 53.66 3.55
N GLY A 329 41.74 53.50 4.79
CA GLY A 329 42.06 52.34 5.60
C GLY A 329 40.97 51.30 5.52
N SER A 330 41.33 50.13 4.99
CA SER A 330 40.35 49.08 4.71
C SER A 330 40.71 47.77 5.41
N ARG A 331 39.69 47.13 5.97
CA ARG A 331 39.81 45.78 6.51
C ARG A 331 39.23 44.71 5.60
N LEU A 332 38.45 45.11 4.60
CA LEU A 332 37.88 44.20 3.62
C LEU A 332 38.60 44.28 2.28
N GLY A 333 39.59 45.15 2.15
CA GLY A 333 40.33 45.29 0.91
C GLY A 333 41.62 46.04 1.12
N ASP A 334 42.27 46.37 0.00
CA ASP A 334 43.53 47.09 0.06
C ASP A 334 43.29 48.51 0.57
N SER A 335 44.15 48.95 1.48
CA SER A 335 44.17 50.34 1.90
C SER A 335 44.82 51.18 0.81
N GLN A 336 44.47 52.46 0.75
CA GLN A 336 44.86 53.25 -0.41
C GLN A 336 45.20 54.68 -0.01
N LEU A 337 45.94 55.34 -0.91
CA LEU A 337 46.07 56.79 -0.95
C LEU A 337 45.41 57.29 -2.23
N VAL A 338 44.47 58.23 -2.09
CA VAL A 338 43.71 58.76 -3.22
C VAL A 338 43.84 60.28 -3.25
N LYS A 339 43.71 60.87 -4.44
CA LYS A 339 43.74 62.31 -4.61
C LYS A 339 42.36 62.83 -4.98
N LEU A 340 41.92 63.86 -4.26
CA LEU A 340 40.65 64.52 -4.57
C LEU A 340 40.96 65.74 -5.44
N ASN A 341 40.41 65.77 -6.64
CA ASN A 341 40.66 66.84 -7.59
C ASN A 341 39.47 67.79 -7.62
N VAL A 342 39.74 69.07 -7.89
CA VAL A 342 38.66 70.03 -8.03
C VAL A 342 37.86 69.76 -9.30
N ASP A 343 38.55 69.42 -10.39
CA ASP A 343 37.92 69.07 -11.65
C ASP A 343 37.78 67.56 -11.76
N SER A 344 36.62 67.12 -12.24
CA SER A 344 36.39 65.71 -12.47
C SER A 344 37.13 65.25 -13.72
N ASN A 345 37.37 63.94 -13.81
CA ASN A 345 37.97 63.38 -15.00
C ASN A 345 36.87 63.11 -16.03
N GLU A 346 37.23 62.52 -17.16
CA GLU A 346 36.26 62.31 -18.23
C GLU A 346 35.19 61.29 -17.87
N GLN A 347 35.37 60.54 -16.80
CA GLN A 347 34.36 59.59 -16.34
C GLN A 347 33.43 60.21 -15.30
N GLY A 348 33.66 61.45 -14.93
CA GLY A 348 32.87 62.12 -13.92
C GLY A 348 33.41 62.00 -12.51
N SER A 349 34.56 61.37 -12.34
CA SER A 349 35.11 61.15 -11.02
C SER A 349 36.08 62.26 -10.63
N TYR A 350 36.06 62.62 -9.36
CA TYR A 350 37.04 63.55 -8.80
C TYR A 350 38.15 62.82 -8.06
N VAL A 351 38.11 61.50 -8.01
CA VAL A 351 39.04 60.70 -7.21
C VAL A 351 39.94 59.95 -8.16
N VAL A 352 41.25 60.05 -7.93
CA VAL A 352 42.27 59.35 -8.69
C VAL A 352 43.13 58.64 -7.68
N ALA A 353 43.27 57.32 -7.84
CA ALA A 353 44.07 56.54 -6.90
C ALA A 353 45.55 56.84 -7.13
N MET A 354 46.28 57.09 -6.04
CA MET A 354 47.72 57.30 -6.10
C MET A 354 48.51 56.03 -5.80
N GLU A 355 48.37 55.50 -4.59
CA GLU A 355 49.12 54.33 -4.15
C GLU A 355 48.14 53.30 -3.62
N THR A 356 48.56 52.04 -3.66
CA THR A 356 47.74 50.93 -3.22
C THR A 356 48.57 50.14 -2.21
N PHE A 357 48.12 50.12 -0.96
CA PHE A 357 48.76 49.43 0.16
C PHE A 357 48.15 48.04 0.28
N THR A 358 48.98 47.01 0.19
CA THR A 358 48.46 45.64 0.19
C THR A 358 47.81 45.28 1.51
N ASN A 359 46.63 44.68 1.42
CA ASN A 359 45.94 44.08 2.55
C ASN A 359 45.53 42.67 2.18
N LEU A 360 46.07 41.68 2.90
CA LEU A 360 45.57 40.31 2.68
C LEU A 360 44.13 40.16 3.13
N GLY A 361 43.56 41.15 3.80
CA GLY A 361 42.16 41.21 4.10
C GLY A 361 41.71 39.99 4.88
N PRO A 362 40.39 39.79 4.93
CA PRO A 362 39.88 38.54 5.50
C PRO A 362 40.41 37.37 4.69
N ILE A 363 40.99 36.38 5.35
CA ILE A 363 41.45 35.17 4.68
C ILE A 363 40.39 34.13 4.99
N VAL A 364 39.41 34.01 4.09
CA VAL A 364 38.30 33.09 4.34
C VAL A 364 38.78 31.64 4.25
N ASP A 365 39.66 31.34 3.30
CA ASP A 365 40.18 30.00 3.13
C ASP A 365 41.51 30.12 2.38
N MET A 366 42.28 29.04 2.40
CA MET A 366 43.57 29.04 1.73
C MET A 366 44.07 27.62 1.58
N CYS A 367 44.95 27.42 0.59
CA CYS A 367 45.62 26.14 0.36
C CYS A 367 47.07 26.39 -0.02
N VAL A 368 47.92 25.41 0.26
CA VAL A 368 49.34 25.47 -0.09
C VAL A 368 49.57 24.53 -1.27
N VAL A 369 50.23 25.03 -2.31
CA VAL A 369 50.41 24.27 -3.54
C VAL A 369 51.78 24.61 -4.13
N ASP A 370 52.45 23.58 -4.66
CA ASP A 370 53.74 23.73 -5.33
C ASP A 370 53.51 23.95 -6.83
N LEU A 371 53.27 25.21 -7.17
CA LEU A 371 52.89 25.54 -8.54
C LEU A 371 54.02 25.27 -9.53
N GLU A 372 55.24 25.63 -9.17
CA GLU A 372 56.39 25.58 -10.06
C GLU A 372 57.28 24.35 -9.87
N ARG A 373 56.84 23.37 -9.09
CA ARG A 373 57.61 22.15 -8.83
C ARG A 373 58.92 22.44 -8.12
N GLN A 374 59.01 23.60 -7.44
CA GLN A 374 60.27 23.97 -6.80
C GLN A 374 60.50 23.21 -5.49
N GLY A 375 59.45 22.63 -4.91
CA GLY A 375 59.53 22.02 -3.61
C GLY A 375 59.26 22.97 -2.47
N GLN A 376 59.37 24.28 -2.74
CA GLN A 376 59.09 25.31 -1.74
C GLN A 376 57.63 25.29 -1.32
N GLY A 377 56.75 25.49 -2.29
CA GLY A 377 55.34 25.65 -2.01
C GLY A 377 54.94 27.11 -1.92
N GLN A 378 53.72 27.38 -2.38
CA GLN A 378 53.15 28.71 -2.40
C GLN A 378 51.78 28.67 -1.75
N LEU A 379 51.36 29.83 -1.25
CA LEU A 379 50.08 29.96 -0.54
C LEU A 379 49.12 30.79 -1.39
N VAL A 380 47.98 30.18 -1.72
CA VAL A 380 46.90 30.86 -2.43
C VAL A 380 45.77 31.08 -1.44
N THR A 381 45.42 32.35 -1.22
CA THR A 381 44.45 32.71 -0.20
C THR A 381 43.18 33.24 -0.84
N CYS A 382 42.04 32.92 -0.23
CA CYS A 382 40.78 33.61 -0.51
C CYS A 382 40.76 34.86 0.37
N SER A 383 41.02 36.01 -0.22
CA SER A 383 41.23 37.24 0.54
C SER A 383 40.25 38.32 0.10
N GLY A 384 39.81 39.13 1.06
CA GLY A 384 38.92 40.25 0.80
C GLY A 384 37.46 39.84 0.76
N ALA A 385 36.62 40.86 0.61
CA ALA A 385 35.18 40.66 0.48
C ALA A 385 34.62 41.65 -0.54
N PHE A 386 33.51 41.27 -1.14
CA PHE A 386 32.79 42.13 -2.09
C PHE A 386 33.72 42.47 -3.24
N LYS A 387 33.72 43.73 -3.71
CA LYS A 387 34.55 44.10 -4.85
C LYS A 387 36.04 44.00 -4.52
N GLU A 388 36.39 44.11 -3.25
CA GLU A 388 37.79 44.01 -2.85
C GLU A 388 38.26 42.58 -2.73
N GLY A 389 37.36 41.61 -2.90
CA GLY A 389 37.74 40.21 -2.82
C GLY A 389 38.70 39.83 -3.94
N SER A 390 39.68 39.01 -3.59
CA SER A 390 40.71 38.63 -4.55
C SER A 390 41.37 37.35 -4.08
N LEU A 391 42.11 36.73 -4.99
CA LEU A 391 42.99 35.62 -4.66
C LEU A 391 44.40 36.19 -4.56
N ARG A 392 45.19 35.68 -3.61
CA ARG A 392 46.54 36.18 -3.40
C ARG A 392 47.51 35.03 -3.44
N ILE A 393 48.50 35.11 -4.31
CA ILE A 393 49.52 34.09 -4.39
C ILE A 393 50.67 34.62 -3.55
N ILE A 394 50.97 33.95 -2.44
CA ILE A 394 51.95 34.44 -1.47
C ILE A 394 53.06 33.41 -1.42
N ARG A 395 54.30 33.86 -1.64
CA ARG A 395 55.44 32.96 -1.68
C ARG A 395 56.63 33.66 -1.04
N ASN A 396 57.52 32.88 -0.46
CA ASN A 396 58.72 33.47 0.14
C ASN A 396 59.71 33.91 -0.93
N GLY A 397 60.46 34.96 -0.61
CA GLY A 397 61.51 35.48 -1.45
C GLY A 397 62.83 34.70 -1.42
N GLN A 408 62.67 36.79 2.18
CA GLN A 408 62.47 37.40 3.49
C GLN A 408 61.22 38.30 3.47
N LYS A 409 61.05 39.09 2.41
CA LYS A 409 59.81 39.81 2.17
C LYS A 409 58.98 38.90 1.26
N LEU A 410 57.67 38.83 1.51
CA LEU A 410 56.88 37.87 0.79
C LEU A 410 56.47 38.49 -0.55
N HIS A 411 56.69 37.76 -1.63
CA HIS A 411 56.29 38.23 -2.95
C HIS A 411 54.84 37.82 -3.18
N ILE A 412 53.99 38.82 -3.40
CA ILE A 412 52.54 38.62 -3.42
C ILE A 412 51.97 39.15 -4.73
N ARG A 413 51.42 38.24 -5.51
CA ARG A 413 50.66 38.58 -6.71
C ARG A 413 49.18 38.62 -6.36
N THR A 414 48.47 39.58 -6.92
CA THR A 414 47.06 39.79 -6.60
C THR A 414 46.20 39.47 -7.82
N VAL A 415 45.15 38.70 -7.57
CA VAL A 415 44.19 38.31 -8.60
C VAL A 415 42.82 38.85 -8.20
N PRO A 416 42.42 40.01 -8.73
CA PRO A 416 41.11 40.56 -8.34
C PRO A 416 39.98 39.66 -8.84
N LEU A 417 39.01 39.43 -7.94
CA LEU A 417 37.81 38.69 -8.30
C LEU A 417 36.55 39.56 -8.29
N TYR A 418 36.58 40.71 -7.62
CA TYR A 418 35.47 41.66 -7.52
C TYR A 418 34.21 41.03 -6.94
N GLU A 419 34.32 39.85 -6.33
CA GLU A 419 33.21 39.21 -5.64
C GLU A 419 33.78 38.41 -4.48
N SER A 420 32.92 38.04 -3.54
CA SER A 420 33.39 37.46 -2.29
C SER A 420 33.88 36.03 -2.55
N PRO A 421 35.16 35.72 -2.31
CA PRO A 421 35.59 34.32 -2.39
C PRO A 421 35.35 33.61 -1.06
N ARG A 422 34.96 32.34 -1.15
CA ARG A 422 34.52 31.57 0.00
C ARG A 422 35.45 30.42 0.32
N LYS A 423 35.71 29.52 -0.63
CA LYS A 423 36.55 28.36 -0.40
C LYS A 423 37.43 28.13 -1.61
N ILE A 424 38.65 27.65 -1.39
CA ILE A 424 39.56 27.31 -2.48
C ILE A 424 40.14 25.92 -2.26
N CYS A 425 40.32 25.18 -3.36
CA CYS A 425 40.97 23.88 -3.36
C CYS A 425 41.65 23.70 -4.71
N TYR A 426 42.79 23.01 -4.72
CA TYR A 426 43.59 22.83 -5.93
C TYR A 426 43.38 21.45 -6.53
N GLN A 427 43.23 21.40 -7.86
CA GLN A 427 43.06 20.18 -8.63
C GLN A 427 44.20 20.11 -9.65
N GLU A 428 45.24 19.36 -9.32
CA GLU A 428 46.42 19.33 -10.19
C GLU A 428 46.10 18.70 -11.55
N VAL A 429 45.31 17.63 -11.56
CA VAL A 429 45.00 16.94 -12.81
C VAL A 429 44.55 17.94 -13.87
N SER A 430 43.82 18.97 -13.44
CA SER A 430 43.23 19.95 -14.33
C SER A 430 44.03 21.25 -14.37
N GLN A 431 45.20 21.29 -13.73
CA GLN A 431 46.06 22.47 -13.75
C GLN A 431 45.28 23.73 -13.43
N CYS A 432 44.36 23.63 -12.48
CA CYS A 432 43.48 24.76 -12.16
C CYS A 432 42.99 24.67 -10.73
N PHE A 433 42.48 25.80 -10.24
CA PHE A 433 41.87 25.89 -8.92
C PHE A 433 40.35 25.90 -9.04
N GLY A 434 39.68 25.36 -8.00
CA GLY A 434 38.27 25.62 -7.79
C GLY A 434 38.11 26.65 -6.67
N VAL A 435 37.24 27.62 -6.91
CA VAL A 435 36.99 28.66 -5.93
C VAL A 435 35.48 28.92 -5.84
N LEU A 436 34.93 28.77 -4.64
CA LEU A 436 33.56 29.17 -4.38
C LEU A 436 33.50 30.67 -4.11
N SER A 437 32.47 31.31 -4.63
CA SER A 437 32.35 32.76 -4.52
C SER A 437 30.87 33.12 -4.40
N SER A 438 30.62 34.32 -3.85
CA SER A 438 29.28 34.86 -3.73
C SER A 438 29.31 36.33 -4.08
N ARG A 439 28.43 36.74 -4.99
CA ARG A 439 28.28 38.13 -5.39
C ARG A 439 26.92 38.66 -4.97
N ILE A 440 26.85 39.97 -4.76
CA ILE A 440 25.63 40.62 -4.31
C ILE A 440 24.86 41.12 -5.53
N GLU A 441 23.61 40.69 -5.64
CA GLU A 441 22.64 41.21 -6.60
C GLU A 441 21.47 41.76 -5.80
N VAL A 442 20.73 42.68 -6.42
CA VAL A 442 19.63 43.39 -5.75
C VAL A 442 18.34 43.11 -6.51
N GLN A 443 17.23 42.92 -5.77
CA GLN A 443 15.95 42.69 -6.41
C GLN A 443 15.59 43.91 -7.26
N ASP A 444 15.34 43.71 -8.55
CA ASP A 444 15.08 44.80 -9.48
C ASP A 444 13.62 44.77 -9.93
N THR A 445 13.26 45.78 -10.72
CA THR A 445 11.87 45.93 -11.14
C THR A 445 11.40 44.78 -12.02
N SER A 446 12.33 44.03 -12.63
CA SER A 446 11.95 42.90 -13.47
C SER A 446 11.42 41.72 -12.66
N GLY A 447 11.62 41.71 -11.36
CA GLY A 447 11.35 40.54 -10.54
C GLY A 447 12.56 39.67 -10.31
N GLY A 448 13.57 39.75 -11.16
CA GLY A 448 14.83 39.06 -10.96
C GLY A 448 15.78 39.90 -10.15
N THR A 449 17.08 39.76 -10.45
CA THR A 449 18.08 40.53 -9.73
C THR A 449 19.13 41.05 -10.71
N THR A 450 19.82 42.11 -10.28
CA THR A 450 20.84 42.78 -11.08
C THR A 450 22.09 43.01 -10.24
N ALA A 451 23.24 42.63 -10.81
CA ALA A 451 24.51 42.79 -10.11
C ALA A 451 25.00 44.23 -10.18
N LEU A 452 25.60 44.68 -9.08
CA LEU A 452 26.03 46.08 -8.95
C LEU A 452 27.25 46.36 -9.82
N ARG A 453 28.12 45.37 -10.00
CA ARG A 453 29.35 45.49 -10.69
C ARG A 453 29.68 44.15 -11.30
N PRO A 454 30.29 44.13 -12.50
CA PRO A 454 30.73 42.87 -13.07
C PRO A 454 31.84 42.26 -12.23
N SER A 455 31.86 40.93 -12.19
CA SER A 455 32.80 40.23 -11.33
C SER A 455 33.13 38.87 -11.92
N ALA A 456 33.98 38.13 -11.21
CA ALA A 456 34.55 36.90 -11.73
C ALA A 456 33.46 35.97 -12.26
N SER A 457 32.40 35.78 -11.50
CA SER A 457 31.37 34.81 -11.87
C SER A 457 30.62 35.22 -13.13
N THR A 458 30.69 36.50 -13.51
CA THR A 458 30.04 36.98 -14.72
C THR A 458 31.01 37.16 -15.88
N GLN A 459 32.32 37.16 -15.61
CA GLN A 459 33.33 37.34 -16.64
C GLN A 459 34.05 36.03 -16.99
N ALA A 460 33.44 34.90 -16.67
CA ALA A 460 34.03 33.62 -17.01
C ALA A 460 33.97 33.39 -18.51
N LEU A 461 34.91 32.59 -19.02
CA LEU A 461 34.93 32.28 -20.44
C LEU A 461 33.69 31.48 -20.84
N SER A 462 33.48 30.32 -20.21
CA SER A 462 32.30 29.49 -20.40
C SER A 462 31.56 29.38 -19.07
N SER A 463 30.24 29.22 -19.14
CA SER A 463 29.42 29.24 -17.93
C SER A 463 28.30 28.20 -17.98
N SER A 464 27.78 27.88 -16.79
CA SER A 464 26.68 26.94 -16.63
C SER A 464 25.89 27.31 -15.37
N VAL A 465 24.66 26.82 -15.29
CA VAL A 465 23.78 27.09 -14.15
C VAL A 465 23.08 25.80 -13.75
N SER A 466 22.93 25.58 -12.45
CA SER A 466 22.26 24.37 -11.97
C SER A 466 20.80 24.37 -12.37
N SER A 467 20.34 23.26 -12.94
CA SER A 467 18.94 23.04 -13.29
C SER A 467 18.29 21.98 -12.40
N SER A 468 18.90 21.71 -11.24
CA SER A 468 18.45 20.61 -10.41
C SER A 468 16.98 20.78 -10.04
N LYS A 469 16.26 19.66 -10.07
CA LYS A 469 14.85 19.66 -9.73
C LYS A 469 14.60 19.16 -8.31
N LEU A 470 15.68 19.00 -7.53
CA LEU A 470 15.54 18.42 -6.19
C LEU A 470 14.60 19.24 -5.32
N PHE A 471 14.78 20.56 -5.31
CA PHE A 471 13.99 21.47 -4.49
C PHE A 471 12.91 22.22 -5.26
N SER A 472 12.70 21.89 -6.54
CA SER A 472 11.64 22.54 -7.31
C SER A 472 10.23 22.28 -6.78
N SER A 473 10.00 21.23 -5.99
CA SER A 473 8.67 20.98 -5.44
C SER A 473 7.97 22.27 -5.00
N SER A 474 8.68 23.12 -4.26
CA SER A 474 8.21 24.43 -3.79
C SER A 474 6.94 24.30 -2.97
N THR A 475 5.81 24.88 -3.39
CA THR A 475 4.58 24.98 -2.62
C THR A 475 4.77 25.71 -1.29
N ALA A 476 5.92 26.36 -1.09
CA ALA A 476 6.18 27.24 0.06
C ALA A 476 6.73 28.57 -0.45
N PRO A 477 6.16 29.69 -0.01
CA PRO A 477 6.52 30.99 -0.59
C PRO A 477 7.70 31.72 0.04
N HIS A 478 8.28 32.63 -0.75
CA HIS A 478 9.33 33.53 -0.28
C HIS A 478 9.14 34.84 -1.05
N GLU A 479 8.51 35.82 -0.42
CA GLU A 479 8.25 37.09 -1.09
C GLU A 479 9.50 37.97 -1.18
N THR A 480 9.59 38.70 -2.29
CA THR A 480 10.69 39.59 -2.59
C THR A 480 10.22 41.03 -2.65
N SER A 481 11.01 41.93 -2.08
CA SER A 481 10.76 43.36 -2.15
C SER A 481 11.89 43.99 -2.96
N PHE A 482 11.53 44.94 -3.83
CA PHE A 482 12.54 45.61 -4.63
C PHE A 482 13.56 46.27 -3.72
N GLY A 483 14.83 46.16 -4.09
CA GLY A 483 15.91 46.76 -3.34
C GLY A 483 16.59 45.84 -2.35
N GLU A 484 16.05 44.65 -2.13
CA GLU A 484 16.63 43.72 -1.16
C GLU A 484 17.81 42.97 -1.77
N GLU A 485 18.88 42.82 -0.99
CA GLU A 485 20.06 42.12 -1.46
C GLU A 485 19.90 40.61 -1.35
N VAL A 486 20.57 39.90 -2.26
CA VAL A 486 20.66 38.45 -2.26
C VAL A 486 22.09 38.04 -2.58
N GLU A 487 22.47 36.85 -2.11
CA GLU A 487 23.75 36.28 -2.48
C GLU A 487 23.55 35.27 -3.60
N VAL A 488 24.37 35.38 -4.64
CA VAL A 488 24.42 34.40 -5.72
C VAL A 488 25.77 33.71 -5.64
N HIS A 489 25.74 32.39 -5.47
CA HIS A 489 26.94 31.62 -5.19
C HIS A 489 27.39 30.92 -6.47
N ASN A 490 28.70 30.81 -6.64
CA ASN A 490 29.26 30.21 -7.85
C ASN A 490 30.46 29.36 -7.49
N LEU A 491 30.72 28.40 -8.37
CA LEU A 491 31.97 27.64 -8.38
C LEU A 491 32.80 28.16 -9.55
N LEU A 492 33.99 28.67 -9.25
CA LEU A 492 34.87 29.24 -10.28
C LEU A 492 35.99 28.26 -10.62
N ILE A 493 36.21 28.05 -11.91
CA ILE A 493 37.36 27.27 -12.38
C ILE A 493 38.40 28.26 -12.89
N ILE A 494 39.57 28.27 -12.24
CA ILE A 494 40.60 29.29 -12.44
C ILE A 494 41.91 28.58 -12.78
N ASP A 495 42.55 29.01 -13.86
CA ASP A 495 43.78 28.39 -14.33
C ASP A 495 44.93 28.71 -13.38
N GLN A 496 45.82 27.74 -13.17
CA GLN A 496 46.83 27.88 -12.13
C GLN A 496 47.99 28.77 -12.55
N HIS A 497 48.14 29.03 -13.84
CA HIS A 497 49.25 29.85 -14.32
C HIS A 497 48.81 31.26 -14.68
N THR A 498 47.68 31.40 -15.35
CA THR A 498 47.16 32.71 -15.75
C THR A 498 46.14 33.26 -14.76
N PHE A 499 45.49 32.40 -13.98
CA PHE A 499 44.39 32.80 -13.11
C PHE A 499 43.28 33.48 -13.91
N GLU A 500 43.13 33.03 -15.16
CA GLU A 500 41.96 33.34 -15.95
C GLU A 500 40.78 32.52 -15.44
N VAL A 501 39.62 33.15 -15.34
CA VAL A 501 38.42 32.43 -14.93
C VAL A 501 37.96 31.62 -16.14
N LEU A 502 38.25 30.32 -16.13
CA LEU A 502 37.91 29.48 -17.26
C LEU A 502 36.43 29.12 -17.29
N HIS A 503 35.80 28.95 -16.13
CA HIS A 503 34.42 28.51 -16.09
C HIS A 503 33.82 29.00 -14.78
N ALA A 504 32.51 29.25 -14.82
CA ALA A 504 31.77 29.64 -13.64
C ALA A 504 30.44 28.90 -13.63
N HIS A 505 30.14 28.27 -12.50
CA HIS A 505 28.90 27.55 -12.29
C HIS A 505 28.09 28.25 -11.21
N GLN A 506 26.89 28.68 -11.55
CA GLN A 506 26.01 29.36 -10.61
C GLN A 506 25.03 28.36 -10.00
N PHE A 507 24.99 28.32 -8.67
CA PHE A 507 24.13 27.39 -7.96
C PHE A 507 22.69 27.94 -7.90
N LEU A 508 21.80 27.15 -7.31
CA LEU A 508 20.39 27.46 -7.34
C LEU A 508 20.07 28.75 -6.60
N GLN A 509 18.90 29.32 -6.91
CA GLN A 509 18.42 30.48 -6.17
C GLN A 509 18.28 30.13 -4.70
N ASN A 510 18.90 30.94 -3.84
CA ASN A 510 18.92 30.78 -2.40
C ASN A 510 19.81 29.63 -1.94
N GLU A 511 20.66 29.11 -2.80
CA GLU A 511 21.59 28.04 -2.45
C GLU A 511 22.95 28.64 -2.15
N TYR A 512 23.47 28.35 -0.96
CA TYR A 512 24.80 28.80 -0.58
C TYR A 512 25.77 27.65 -0.75
N ALA A 513 26.95 27.96 -1.29
CA ALA A 513 28.03 26.98 -1.41
C ALA A 513 28.91 27.13 -0.17
N LEU A 514 28.99 26.08 0.64
CA LEU A 514 29.68 26.14 1.92
C LEU A 514 30.97 25.34 1.97
N SER A 515 31.09 24.27 1.18
CA SER A 515 32.25 23.38 1.25
C SER A 515 32.68 22.95 -0.14
N LEU A 516 33.98 22.69 -0.29
CA LEU A 516 34.54 22.33 -1.58
C LEU A 516 35.73 21.40 -1.41
N VAL A 517 35.76 20.35 -2.22
CA VAL A 517 36.89 19.42 -2.23
C VAL A 517 37.20 18.99 -3.66
N SER A 518 38.45 18.59 -3.88
CA SER A 518 38.90 18.01 -5.13
C SER A 518 39.53 16.66 -4.84
N CYS A 519 39.00 15.59 -5.44
CA CYS A 519 39.47 14.26 -5.11
C CYS A 519 38.91 13.23 -6.09
N LYS A 520 39.52 12.05 -6.07
CA LYS A 520 38.94 10.85 -6.67
C LYS A 520 38.19 10.06 -5.61
N LEU A 521 37.20 9.29 -6.03
CA LEU A 521 36.44 8.46 -5.10
C LEU A 521 36.39 7.03 -5.59
N GLY A 522 36.38 6.11 -4.62
CA GLY A 522 36.24 4.70 -4.92
C GLY A 522 37.18 4.21 -5.99
N LYS A 523 36.65 3.37 -6.87
CA LYS A 523 37.38 2.86 -8.02
C LYS A 523 37.20 3.78 -9.23
N ASP A 524 36.67 4.98 -9.03
CA ASP A 524 36.46 5.92 -10.13
C ASP A 524 37.76 6.66 -10.41
N PRO A 525 38.33 6.52 -11.61
CA PRO A 525 39.59 7.21 -11.91
C PRO A 525 39.45 8.70 -12.15
N ASN A 526 38.24 9.20 -12.39
CA ASN A 526 38.05 10.62 -12.68
C ASN A 526 38.26 11.47 -11.43
N THR A 527 38.90 12.62 -11.62
CA THR A 527 39.10 13.57 -10.54
C THR A 527 37.95 14.58 -10.56
N TYR A 528 37.22 14.67 -9.45
CA TYR A 528 36.02 15.50 -9.41
C TYR A 528 36.20 16.71 -8.49
N PHE A 529 35.42 17.74 -8.78
CA PHE A 529 35.13 18.83 -7.85
C PHE A 529 33.81 18.49 -7.18
N ILE A 530 33.77 18.50 -5.84
CA ILE A 530 32.55 18.20 -5.09
C ILE A 530 32.22 19.38 -4.19
N VAL A 531 30.97 19.81 -4.22
CA VAL A 531 30.50 21.00 -3.51
C VAL A 531 29.34 20.62 -2.62
N GLY A 532 29.38 21.09 -1.38
CA GLY A 532 28.29 20.92 -0.42
C GLY A 532 27.59 22.24 -0.19
N THR A 533 26.26 22.22 -0.26
CA THR A 533 25.46 23.44 -0.28
C THR A 533 24.37 23.38 0.79
N ALA A 534 23.72 24.53 0.99
CA ALA A 534 22.60 24.66 1.90
C ALA A 534 21.57 25.57 1.25
N MET A 535 20.29 25.23 1.42
CA MET A 535 19.19 26.08 0.97
C MET A 535 18.88 27.05 2.10
N VAL A 536 19.18 28.33 1.86
CA VAL A 536 19.12 29.36 2.89
C VAL A 536 17.91 30.22 2.57
N TYR A 537 16.90 30.17 3.44
CA TYR A 537 15.75 31.04 3.35
C TYR A 537 15.69 31.89 4.61
N PRO A 538 15.41 33.19 4.48
CA PRO A 538 15.45 34.06 5.67
C PRO A 538 14.63 33.55 6.82
N GLU A 539 13.58 32.76 6.53
CA GLU A 539 12.68 32.33 7.58
C GLU A 539 13.32 31.29 8.50
N GLU A 540 14.26 30.51 7.98
CA GLU A 540 14.82 29.38 8.72
C GLU A 540 15.99 29.75 9.60
N ALA A 541 15.90 29.34 10.86
CA ALA A 541 17.03 29.48 11.79
C ALA A 541 18.21 28.62 11.34
N GLU A 542 17.94 27.38 10.95
CA GLU A 542 18.95 26.44 10.51
C GLU A 542 18.51 25.88 9.16
N PRO A 543 19.39 25.84 8.16
CA PRO A 543 18.99 25.29 6.85
C PRO A 543 18.53 23.85 6.98
N LYS A 544 17.43 23.50 6.32
CA LYS A 544 16.89 22.16 6.39
C LYS A 544 16.95 21.41 5.07
N GLN A 545 17.48 22.03 4.02
CA GLN A 545 17.68 21.39 2.73
C GLN A 545 19.12 21.62 2.27
N GLY A 546 19.64 20.68 1.49
CA GLY A 546 21.01 20.83 1.03
C GLY A 546 21.36 19.83 -0.04
N ARG A 547 22.48 20.08 -0.70
CA ARG A 547 22.96 19.24 -1.78
C ARG A 547 24.44 18.91 -1.59
N ILE A 548 24.81 17.70 -2.01
CA ILE A 548 26.20 17.38 -2.32
C ILE A 548 26.24 17.16 -3.83
N VAL A 549 27.07 17.93 -4.52
CA VAL A 549 27.07 17.91 -5.98
C VAL A 549 28.44 17.48 -6.46
N VAL A 550 28.47 16.54 -7.39
CA VAL A 550 29.71 16.02 -7.96
C VAL A 550 29.80 16.60 -9.37
N PHE A 551 30.88 17.34 -9.62
CA PHE A 551 31.14 17.99 -10.89
C PHE A 551 32.37 17.34 -11.51
N GLN A 552 32.48 17.44 -12.83
CA GLN A 552 33.73 17.12 -13.49
C GLN A 552 34.12 18.24 -14.42
N TYR A 553 35.33 18.75 -14.25
CA TYR A 553 35.89 19.75 -15.16
C TYR A 553 36.65 19.00 -16.24
N SER A 554 36.12 19.03 -17.46
CA SER A 554 36.77 18.37 -18.58
C SER A 554 36.64 19.22 -19.83
N ASP A 555 37.77 19.45 -20.50
CA ASP A 555 37.78 20.14 -21.78
C ASP A 555 36.99 21.44 -21.74
N GLY A 556 37.30 22.26 -20.74
CA GLY A 556 36.78 23.60 -20.67
C GLY A 556 35.36 23.72 -20.19
N LYS A 557 34.69 22.61 -19.95
CA LYS A 557 33.32 22.62 -19.46
C LYS A 557 33.20 21.84 -18.17
N LEU A 558 32.36 22.35 -17.27
CA LEU A 558 32.04 21.67 -16.03
C LEU A 558 30.80 20.82 -16.27
N GLN A 559 30.88 19.55 -15.90
CA GLN A 559 29.77 18.62 -16.11
C GLN A 559 29.25 18.21 -14.75
N THR A 560 27.94 18.26 -14.57
CA THR A 560 27.35 17.75 -13.33
C THR A 560 27.30 16.23 -13.40
N VAL A 561 27.97 15.57 -12.46
CA VAL A 561 28.08 14.12 -12.48
C VAL A 561 27.03 13.45 -11.61
N ALA A 562 26.83 13.94 -10.40
CA ALA A 562 25.87 13.32 -9.50
C ALA A 562 25.50 14.31 -8.42
N GLU A 563 24.28 14.18 -7.93
CA GLU A 563 23.81 15.01 -6.83
C GLU A 563 23.12 14.14 -5.80
N LYS A 564 23.35 14.46 -4.53
CA LYS A 564 22.79 13.75 -3.40
C LYS A 564 22.06 14.78 -2.55
N GLU A 565 20.78 14.55 -2.31
CA GLU A 565 20.01 15.47 -1.47
C GLU A 565 20.24 15.13 0.00
N VAL A 566 20.41 16.18 0.81
CA VAL A 566 20.56 16.02 2.25
C VAL A 566 19.56 16.94 2.94
N LYS A 567 19.34 16.68 4.21
CA LYS A 567 18.34 17.39 5.01
C LYS A 567 18.99 18.44 5.91
N GLY A 568 19.95 19.18 5.37
CA GLY A 568 20.64 20.18 6.16
C GLY A 568 21.68 20.89 5.34
N ALA A 569 22.59 21.57 6.04
CA ALA A 569 23.68 22.30 5.41
C ALA A 569 24.95 21.47 5.46
N VAL A 570 25.62 21.34 4.31
CA VAL A 570 26.87 20.57 4.24
C VAL A 570 27.99 21.56 4.57
N TYR A 571 28.17 21.80 5.87
CA TYR A 571 29.14 22.83 6.27
C TYR A 571 30.56 22.42 5.89
N SER A 572 30.93 21.15 6.06
CA SER A 572 32.30 20.74 5.79
C SER A 572 32.34 19.34 5.18
N MET A 573 33.31 19.14 4.29
CA MET A 573 33.58 17.86 3.65
C MET A 573 35.09 17.62 3.60
N VAL A 574 35.49 16.35 3.54
CA VAL A 574 36.89 16.00 3.40
C VAL A 574 36.98 14.59 2.82
N GLU A 575 37.95 14.37 1.93
CA GLU A 575 38.19 13.05 1.36
C GLU A 575 38.71 12.11 2.44
N PHE A 576 38.17 10.90 2.47
CA PHE A 576 38.45 9.96 3.56
C PHE A 576 38.65 8.56 2.99
N ASN A 577 39.90 8.26 2.64
CA ASN A 577 40.28 6.93 2.18
C ASN A 577 39.34 6.46 1.06
N GLY A 578 39.19 7.31 0.05
CA GLY A 578 38.33 7.02 -1.08
C GLY A 578 36.85 7.23 -0.83
N LYS A 579 36.45 7.57 0.39
CA LYS A 579 35.05 7.82 0.72
C LYS A 579 34.89 9.31 0.98
N LEU A 580 33.64 9.78 0.93
CA LEU A 580 33.34 11.18 1.13
C LEU A 580 32.77 11.38 2.53
N LEU A 581 33.50 12.13 3.35
CA LEU A 581 33.08 12.46 4.71
C LEU A 581 32.50 13.86 4.70
N ALA A 582 31.22 13.97 5.04
CA ALA A 582 30.51 15.24 4.99
C ALA A 582 29.74 15.41 6.29
N SER A 583 29.62 16.65 6.73
CA SER A 583 28.89 17.01 7.95
C SER A 583 27.64 17.76 7.54
N ILE A 584 26.47 17.22 7.89
CA ILE A 584 25.19 17.85 7.60
C ILE A 584 24.57 18.21 8.94
N ASN A 585 24.63 19.49 9.29
CA ASN A 585 24.11 20.01 10.56
C ASN A 585 24.78 19.26 11.71
N SER A 586 24.03 18.55 12.57
CA SER A 586 24.61 17.78 13.66
C SER A 586 25.27 16.49 13.18
N THR A 587 24.79 15.92 12.09
CA THR A 587 25.24 14.61 11.64
C THR A 587 26.61 14.68 10.97
N VAL A 588 27.44 13.67 11.23
CA VAL A 588 28.67 13.43 10.48
C VAL A 588 28.47 12.11 9.75
N ARG A 589 28.57 12.15 8.41
CA ARG A 589 28.20 11.03 7.55
C ARG A 589 29.37 10.60 6.68
N LEU A 590 29.47 9.29 6.42
CA LEU A 590 30.44 8.76 5.48
C LEU A 590 29.70 8.13 4.32
N TYR A 591 29.95 8.65 3.11
CA TYR A 591 29.34 8.16 1.89
C TYR A 591 30.34 7.31 1.11
N GLU A 592 29.84 6.31 0.40
CA GLU A 592 30.64 5.57 -0.57
C GLU A 592 30.24 5.99 -1.99
N TRP A 593 31.21 5.92 -2.90
CA TRP A 593 31.02 6.31 -4.30
C TRP A 593 30.89 5.04 -5.12
N THR A 594 29.67 4.75 -5.56
CA THR A 594 29.39 3.45 -6.15
C THR A 594 29.92 3.35 -7.58
N THR A 595 29.88 2.13 -8.11
CA THR A 595 30.19 1.91 -9.52
C THR A 595 29.15 2.52 -10.44
N GLU A 596 27.98 2.90 -9.92
CA GLU A 596 27.00 3.64 -10.70
C GLU A 596 27.17 5.15 -10.59
N LYS A 597 28.30 5.61 -10.04
CA LYS A 597 28.57 7.04 -9.92
C LYS A 597 27.45 7.75 -9.15
N GLU A 598 27.16 7.22 -7.95
CA GLU A 598 26.23 7.83 -7.02
C GLU A 598 26.76 7.67 -5.61
N LEU A 599 26.38 8.60 -4.74
CA LEU A 599 26.85 8.59 -3.35
C LEU A 599 25.90 7.72 -2.53
N ARG A 600 26.48 6.78 -1.78
CA ARG A 600 25.71 5.87 -0.95
C ARG A 600 26.20 6.02 0.48
N THR A 601 25.27 6.21 1.41
CA THR A 601 25.62 6.41 2.81
C THR A 601 26.12 5.10 3.41
N GLU A 602 27.27 5.16 4.08
CA GLU A 602 27.76 4.00 4.80
C GLU A 602 27.38 4.05 6.28
N CYS A 603 27.67 5.15 6.97
CA CYS A 603 27.47 5.20 8.41
C CYS A 603 27.37 6.65 8.87
N ASN A 604 26.85 6.83 10.08
CA ASN A 604 26.53 8.14 10.60
C ASN A 604 27.00 8.30 12.05
N HIS A 605 27.25 9.55 12.43
CA HIS A 605 27.44 9.92 13.83
C HIS A 605 26.60 11.16 14.09
N TYR A 606 25.82 11.13 15.19
CA TYR A 606 24.83 12.19 15.41
C TYR A 606 25.02 13.01 16.69
N ASN A 607 26.04 12.75 17.51
CA ASN A 607 26.18 13.48 18.77
C ASN A 607 26.95 14.79 18.56
N ASN A 608 26.23 15.76 17.98
CA ASN A 608 26.81 17.06 17.71
C ASN A 608 25.71 18.11 17.72
N ILE A 609 26.07 19.31 18.17
CA ILE A 609 25.15 20.44 18.05
C ILE A 609 25.14 20.98 16.63
N MET A 610 26.33 21.28 16.10
CA MET A 610 26.49 21.70 14.71
C MET A 610 27.91 21.33 14.27
N ALA A 611 28.01 20.49 13.24
CA ALA A 611 29.30 19.94 12.81
C ALA A 611 29.97 20.89 11.81
N LEU A 612 30.53 21.98 12.34
CA LEU A 612 31.04 23.05 11.48
C LEU A 612 32.31 22.65 10.75
N TYR A 613 33.25 21.95 11.41
CA TYR A 613 34.57 21.71 10.84
C TYR A 613 35.00 20.26 10.90
N LEU A 614 35.69 19.80 9.86
CA LEU A 614 36.16 18.42 9.77
C LEU A 614 37.61 18.37 9.30
N LYS A 615 38.36 17.44 9.87
CA LYS A 615 39.74 17.14 9.48
C LYS A 615 39.97 15.64 9.69
N THR A 616 40.90 15.07 8.93
CA THR A 616 41.11 13.62 9.03
C THR A 616 42.61 13.29 8.98
N LYS A 617 42.93 12.10 9.49
CA LYS A 617 44.28 11.53 9.41
C LYS A 617 44.12 10.02 9.57
N GLY A 618 44.44 9.26 8.53
CA GLY A 618 44.22 7.82 8.62
C GLY A 618 42.74 7.51 8.75
N ASP A 619 42.39 6.70 9.74
CA ASP A 619 41.00 6.40 10.04
C ASP A 619 40.41 7.29 11.14
N PHE A 620 41.15 8.29 11.60
CA PHE A 620 40.68 9.18 12.66
C PHE A 620 40.10 10.46 12.06
N ILE A 621 39.08 11.00 12.73
CA ILE A 621 38.39 12.21 12.30
C ILE A 621 38.30 13.17 13.49
N LEU A 622 38.58 14.44 13.25
CA LEU A 622 38.42 15.49 14.25
C LEU A 622 37.24 16.38 13.86
N VAL A 623 36.24 16.45 14.72
CA VAL A 623 35.02 17.22 14.47
C VAL A 623 35.05 18.47 15.32
N GLY A 624 34.82 19.63 14.69
CA GLY A 624 34.71 20.91 15.38
C GLY A 624 33.26 21.35 15.45
N ASP A 625 32.85 21.84 16.62
CA ASP A 625 31.45 22.11 16.89
C ASP A 625 31.23 23.57 17.25
N LEU A 626 30.00 24.03 17.00
CA LEU A 626 29.65 25.41 17.33
C LEU A 626 29.88 25.69 18.82
N MET A 627 29.56 24.71 19.67
CA MET A 627 29.88 24.69 21.08
C MET A 627 30.29 23.26 21.38
N ARG A 628 30.98 23.07 22.50
CA ARG A 628 31.51 21.76 22.91
C ARG A 628 32.80 21.41 22.18
N SER A 629 33.40 22.38 21.48
CA SER A 629 34.78 22.32 20.96
C SER A 629 34.97 21.11 20.05
N VAL A 630 35.94 20.22 20.31
CA VAL A 630 36.36 19.22 19.34
C VAL A 630 36.10 17.82 19.87
N LEU A 631 35.92 16.89 18.92
CA LEU A 631 35.62 15.49 19.19
C LEU A 631 36.49 14.62 18.30
N LEU A 632 37.14 13.61 18.87
CA LEU A 632 37.97 12.68 18.10
C LEU A 632 37.13 11.43 17.81
N LEU A 633 36.69 11.29 16.55
CA LEU A 633 36.02 10.09 16.08
C LEU A 633 37.02 9.10 15.51
N ALA A 634 36.57 7.86 15.31
CA ALA A 634 37.34 6.88 14.56
C ALA A 634 36.40 6.07 13.68
N TYR A 635 36.82 5.82 12.43
CA TYR A 635 36.14 4.88 11.55
C TYR A 635 36.66 3.48 11.87
N LYS A 636 35.74 2.54 12.11
CA LYS A 636 36.11 1.17 12.44
C LYS A 636 35.77 0.26 11.26
N PRO A 637 36.74 0.02 10.36
CA PRO A 637 36.40 -0.70 9.12
C PRO A 637 35.87 -2.10 9.35
N MET A 638 36.25 -2.73 10.47
CA MET A 638 35.77 -4.07 10.75
C MET A 638 34.25 -4.08 10.88
N GLU A 639 33.67 -2.96 11.30
CA GLU A 639 32.24 -2.87 11.60
C GLU A 639 31.46 -1.97 10.64
N GLY A 640 32.13 -1.04 9.97
CA GLY A 640 31.45 -0.15 9.05
C GLY A 640 30.64 0.94 9.72
N ASN A 641 31.24 1.63 10.67
CA ASN A 641 30.56 2.68 11.44
C ASN A 641 31.62 3.55 12.10
N PHE A 642 31.17 4.52 12.89
CA PHE A 642 32.07 5.37 13.65
C PHE A 642 32.14 4.93 15.11
N GLU A 643 33.17 5.42 15.80
CA GLU A 643 33.30 5.26 17.24
C GLU A 643 33.86 6.54 17.84
N GLU A 644 33.26 6.99 18.93
CA GLU A 644 33.77 8.16 19.64
C GLU A 644 35.01 7.77 20.41
N ILE A 645 36.14 8.38 20.09
CA ILE A 645 37.38 8.12 20.82
C ILE A 645 37.50 9.01 22.04
N ALA A 646 37.32 10.32 21.86
CA ALA A 646 37.49 11.26 22.96
C ALA A 646 36.96 12.62 22.54
N ARG A 647 36.38 13.33 23.50
CA ARG A 647 35.80 14.64 23.27
C ARG A 647 36.37 15.63 24.29
N ASP A 648 36.50 16.88 23.88
CA ASP A 648 36.87 17.96 24.81
C ASP A 648 35.57 18.51 25.41
N PHE A 649 35.31 18.19 26.67
CA PHE A 649 34.06 18.59 27.29
C PHE A 649 33.98 20.08 27.57
N ASN A 650 35.11 20.75 27.78
CA ASN A 650 35.09 22.19 28.01
C ASN A 650 34.36 22.88 26.85
N PRO A 651 33.41 23.78 27.13
CA PRO A 651 32.65 24.39 26.02
C PRO A 651 33.47 25.50 25.37
N ASN A 652 33.58 25.42 24.04
CA ASN A 652 34.21 26.48 23.26
C ASN A 652 33.46 26.64 21.94
N TRP A 653 33.48 27.87 21.44
CA TRP A 653 32.94 28.20 20.12
C TRP A 653 34.09 28.19 19.12
N MET A 654 34.07 27.24 18.19
CA MET A 654 35.22 27.00 17.33
C MET A 654 35.15 27.87 16.08
N SER A 655 36.33 28.30 15.62
CA SER A 655 36.47 29.00 14.35
C SER A 655 37.26 28.20 13.32
N ALA A 656 38.10 27.28 13.77
CA ALA A 656 38.86 26.40 12.90
C ALA A 656 39.54 25.36 13.75
N VAL A 657 39.81 24.20 13.17
CA VAL A 657 40.48 23.10 13.85
C VAL A 657 41.51 22.48 12.93
N GLU A 658 42.49 21.82 13.53
CA GLU A 658 43.51 21.09 12.78
C GLU A 658 44.07 19.98 13.66
N ILE A 659 44.55 18.93 12.99
CA ILE A 659 45.20 17.80 13.64
C ILE A 659 46.70 18.02 13.56
N LEU A 660 47.37 17.97 14.71
CA LEU A 660 48.83 18.10 14.75
C LEU A 660 49.51 16.75 14.59
N ASP A 661 49.07 15.74 15.33
CA ASP A 661 49.60 14.38 15.21
C ASP A 661 48.56 13.43 15.80
N ASP A 662 48.90 12.15 15.88
CA ASP A 662 47.90 11.16 16.25
C ASP A 662 47.32 11.40 17.64
N ASP A 663 47.98 12.20 18.47
CA ASP A 663 47.51 12.44 19.82
C ASP A 663 47.18 13.90 20.15
N ASN A 664 47.77 14.88 19.44
CA ASN A 664 47.57 16.29 19.73
C ASN A 664 46.67 16.94 18.69
N PHE A 665 45.78 17.83 19.14
CA PHE A 665 44.82 18.48 18.26
C PHE A 665 44.75 19.97 18.58
N LEU A 666 44.70 20.79 17.52
CA LEU A 666 44.75 22.23 17.63
C LEU A 666 43.39 22.84 17.31
N GLY A 667 43.03 23.88 18.06
CA GLY A 667 41.74 24.52 17.90
C GLY A 667 41.87 26.03 17.99
N ALA A 668 40.88 26.72 17.44
CA ALA A 668 40.82 28.17 17.45
C ALA A 668 39.44 28.60 17.92
N GLU A 669 39.39 29.53 18.85
CA GLU A 669 38.16 29.96 19.49
C GLU A 669 37.70 31.27 18.84
N ASN A 670 36.42 31.58 19.03
CA ASN A 670 35.89 32.85 18.55
C ASN A 670 36.33 34.01 19.42
N ALA A 671 36.96 33.75 20.55
CA ALA A 671 37.50 34.77 21.44
C ALA A 671 38.95 35.16 21.11
N PHE A 672 39.47 34.73 19.97
CA PHE A 672 40.86 34.99 19.56
C PHE A 672 41.86 34.18 20.39
N ASN A 673 41.50 32.97 20.78
CA ASN A 673 42.35 32.09 21.55
C ASN A 673 42.65 30.81 20.78
N LEU A 674 43.83 30.26 21.01
CA LEU A 674 44.24 28.97 20.45
C LEU A 674 44.41 27.98 21.59
N PHE A 675 44.02 26.72 21.38
CA PHE A 675 44.18 25.71 22.42
C PHE A 675 44.49 24.36 21.77
N VAL A 676 45.12 23.48 22.55
CA VAL A 676 45.54 22.15 22.12
C VAL A 676 45.04 21.10 23.09
N CYS A 677 44.42 20.07 22.53
CA CYS A 677 43.89 18.93 23.28
C CYS A 677 44.69 17.67 22.97
N GLN A 678 44.79 16.78 23.97
CA GLN A 678 45.50 15.52 23.79
C GLN A 678 44.72 14.36 24.38
N LYS A 679 44.83 13.19 23.75
CA LYS A 679 44.32 11.97 24.36
C LYS A 679 45.00 11.80 25.72
N ASP A 680 44.22 11.40 26.72
CA ASP A 680 44.76 11.41 28.08
C ASP A 680 45.83 10.34 28.30
N SER A 681 46.03 9.44 27.34
CA SER A 681 47.10 8.45 27.35
C SER A 681 47.44 7.91 28.74
N ALA A 682 46.43 7.80 29.60
CA ALA A 682 46.54 7.13 30.89
C ALA A 682 46.03 5.70 30.77
N ALA A 683 44.83 5.53 30.22
CA ALA A 683 44.23 4.26 29.85
C ALA A 683 43.86 3.41 31.05
N THR A 684 43.84 3.99 32.25
CA THR A 684 43.45 3.24 33.43
C THR A 684 41.96 2.94 33.41
N THR A 685 41.16 3.90 32.94
CA THR A 685 39.71 3.81 32.87
C THR A 685 39.23 4.33 31.53
N ASP A 686 38.13 3.77 31.03
CA ASP A 686 37.52 4.27 29.80
C ASP A 686 37.20 5.76 29.89
N GLU A 687 36.87 6.23 31.09
CA GLU A 687 36.51 7.63 31.30
C GLU A 687 37.67 8.56 30.96
N GLU A 688 38.89 8.16 31.32
CA GLU A 688 40.07 8.97 31.00
C GLU A 688 40.34 9.00 29.50
N ARG A 689 40.09 7.89 28.81
CA ARG A 689 40.35 7.83 27.38
C ARG A 689 39.48 8.86 26.65
N GLN A 690 38.22 9.01 27.08
CA GLN A 690 37.26 9.86 26.41
C GLN A 690 37.35 11.32 26.84
N HIS A 691 38.31 11.68 27.68
CA HIS A 691 38.48 13.07 28.08
C HIS A 691 39.68 13.58 27.30
N LEU A 692 39.43 14.41 26.28
CA LEU A 692 40.50 15.18 25.67
C LEU A 692 40.82 16.28 26.67
N GLN A 693 42.08 16.36 27.08
CA GLN A 693 42.48 17.28 28.14
C GLN A 693 43.18 18.45 27.47
N GLU A 694 42.68 19.66 27.71
CA GLU A 694 43.31 20.84 27.13
C GLU A 694 44.66 21.03 27.81
N VAL A 695 45.73 20.78 27.05
CA VAL A 695 47.10 20.91 27.54
C VAL A 695 47.78 22.13 26.96
N GLY A 696 47.11 22.88 26.10
CA GLY A 696 47.66 24.10 25.58
C GLY A 696 46.59 25.17 25.51
N LEU A 697 46.94 26.34 26.03
CA LEU A 697 46.08 27.51 26.02
C LEU A 697 46.94 28.69 25.61
N PHE A 698 46.44 29.47 24.65
CA PHE A 698 47.22 30.58 24.12
C PHE A 698 46.28 31.62 23.54
N HIS A 699 46.42 32.86 24.00
CA HIS A 699 45.66 33.97 23.45
C HIS A 699 46.42 34.48 22.23
N LEU A 700 45.84 34.27 21.04
CA LEU A 700 46.54 34.66 19.81
C LEU A 700 46.33 36.14 19.51
N GLY A 701 45.11 36.63 19.65
CA GLY A 701 44.79 38.00 19.30
C GLY A 701 44.27 38.21 17.89
N GLU A 702 44.04 37.13 17.13
CA GLU A 702 43.53 37.19 15.78
C GLU A 702 42.42 36.15 15.64
N PHE A 703 41.59 36.33 14.62
CA PHE A 703 40.52 35.39 14.33
C PHE A 703 41.00 34.42 13.27
N VAL A 704 41.12 33.15 13.63
CA VAL A 704 41.69 32.15 12.73
C VAL A 704 40.55 31.50 11.97
N ASN A 705 40.53 31.66 10.65
CA ASN A 705 39.49 31.04 9.84
C ASN A 705 39.90 29.67 9.30
N VAL A 706 41.18 29.46 9.02
CA VAL A 706 41.62 28.27 8.30
C VAL A 706 42.97 27.84 8.83
N PHE A 707 43.09 26.55 9.15
CA PHE A 707 44.37 25.90 9.41
C PHE A 707 44.73 25.06 8.19
N CYS A 708 46.02 25.00 7.85
CA CYS A 708 46.46 24.36 6.62
C CYS A 708 47.89 23.87 6.78
N HIS A 709 48.11 22.58 6.60
CA HIS A 709 49.44 22.02 6.71
C HIS A 709 50.33 22.48 5.55
N GLY A 710 51.57 22.82 5.87
CA GLY A 710 52.52 23.21 4.86
C GLY A 710 53.49 24.26 5.39
N SER A 711 54.46 24.60 4.55
CA SER A 711 55.40 25.67 4.86
C SER A 711 55.84 26.32 3.55
N LEU A 712 56.02 27.64 3.61
CA LEU A 712 56.45 28.42 2.46
C LEU A 712 57.97 28.45 2.29
N VAL A 713 58.71 27.86 3.24
CA VAL A 713 60.16 27.87 3.11
C VAL A 713 60.58 26.92 2.00
N MET A 714 61.66 27.28 1.31
CA MET A 714 62.22 26.46 0.24
C MET A 714 63.00 25.31 0.86
N GLN A 715 62.53 24.07 0.65
CA GLN A 715 63.27 22.90 1.07
C GLN A 715 64.32 22.67 -0.01
N ASN A 716 65.61 22.75 0.36
CA ASN A 716 66.57 22.60 -0.74
C ASN A 716 66.59 21.19 -1.30
N LEU A 717 65.61 20.39 -0.91
CA LEU A 717 65.45 18.98 -1.26
C LEU A 717 66.40 18.13 -0.39
N GLY A 718 67.41 18.74 0.24
CA GLY A 718 68.18 18.07 1.28
C GLY A 718 67.80 18.53 2.68
N GLU A 719 67.46 17.59 3.55
CA GLU A 719 66.98 17.94 4.89
C GLU A 719 68.11 18.43 5.78
N THR A 720 67.89 19.57 6.43
CA THR A 720 68.76 20.15 7.44
C THR A 720 67.91 20.32 8.69
N SER A 721 68.37 19.81 9.82
CA SER A 721 67.51 19.72 11.00
C SER A 721 67.24 21.08 11.64
N THR A 722 65.99 21.26 12.05
CA THR A 722 65.46 22.38 12.81
C THR A 722 64.85 21.84 14.10
N PRO A 723 65.01 22.53 15.24
CA PRO A 723 64.42 21.97 16.48
C PRO A 723 62.91 21.78 16.38
N THR A 724 62.23 22.67 15.66
CA THR A 724 60.80 22.58 15.49
C THR A 724 60.44 21.42 14.56
N GLN A 725 59.35 20.73 14.87
CA GLN A 725 58.90 19.63 14.04
C GLN A 725 57.42 19.80 13.71
N GLY A 726 57.09 19.69 12.42
CA GLY A 726 55.76 19.92 11.91
C GLY A 726 55.56 21.34 11.44
N SER A 727 54.49 21.56 10.69
CA SER A 727 54.21 22.89 10.16
C SER A 727 52.74 23.03 9.84
N VAL A 728 52.07 23.94 10.56
CA VAL A 728 50.66 24.25 10.33
C VAL A 728 50.60 25.77 10.11
N LEU A 729 50.07 26.17 8.96
CA LEU A 729 49.83 27.57 8.65
C LEU A 729 48.40 27.95 8.98
N PHE A 730 48.18 29.22 9.36
CA PHE A 730 46.83 29.68 9.61
C PHE A 730 46.65 31.10 9.12
N GLY A 731 45.43 31.38 8.67
CA GLY A 731 45.03 32.69 8.19
C GLY A 731 44.03 33.32 9.14
N THR A 732 43.98 34.64 9.15
CA THR A 732 43.15 35.37 10.09
C THR A 732 42.35 36.44 9.37
N VAL A 733 41.39 37.02 10.10
CA VAL A 733 40.53 38.04 9.52
C VAL A 733 41.29 39.31 9.22
N ASN A 734 42.28 39.65 10.04
CA ASN A 734 43.03 40.88 9.88
C ASN A 734 44.20 40.71 8.93
N GLY A 735 44.33 39.53 8.31
CA GLY A 735 45.35 39.26 7.34
C GLY A 735 46.58 38.56 7.87
N MET A 736 46.67 38.38 9.19
CA MET A 736 47.84 37.73 9.76
C MET A 736 47.93 36.30 9.23
N ILE A 737 49.14 35.89 8.86
CA ILE A 737 49.42 34.51 8.48
C ILE A 737 50.45 34.02 9.49
N GLY A 738 50.05 33.04 10.31
CA GLY A 738 50.91 32.51 11.35
C GLY A 738 51.27 31.05 11.10
N LEU A 739 52.11 30.53 12.00
CA LEU A 739 52.62 29.17 11.87
C LEU A 739 52.74 28.55 13.24
N VAL A 740 52.22 27.34 13.39
CA VAL A 740 52.30 26.58 14.62
C VAL A 740 53.18 25.36 14.38
N THR A 741 54.04 25.05 15.33
CA THR A 741 54.90 23.88 15.27
C THR A 741 55.11 23.35 16.69
N SER A 742 55.59 22.11 16.77
CA SER A 742 55.77 21.43 18.05
C SER A 742 57.23 21.40 18.47
N LEU A 743 57.43 21.32 19.79
CA LEU A 743 58.76 21.31 20.38
C LEU A 743 58.94 20.06 21.23
N SER A 744 60.20 19.69 21.45
CA SER A 744 60.51 18.70 22.46
C SER A 744 60.38 19.35 23.83
N GLU A 745 60.20 18.54 24.86
CA GLU A 745 60.02 19.12 26.19
C GLU A 745 61.18 20.04 26.54
N SER A 746 62.41 19.58 26.31
CA SER A 746 63.59 20.38 26.60
C SER A 746 63.59 21.70 25.83
N TRP A 747 63.32 21.67 24.53
CA TRP A 747 63.38 22.91 23.76
C TRP A 747 62.34 23.89 24.25
N TYR A 748 61.17 23.38 24.64
CA TYR A 748 60.13 24.22 25.23
C TYR A 748 60.62 24.87 26.52
N ASN A 749 61.16 24.06 27.45
CA ASN A 749 61.59 24.61 28.73
C ASN A 749 62.66 25.67 28.54
N LEU A 750 63.63 25.41 27.65
CA LEU A 750 64.65 26.41 27.36
C LEU A 750 64.03 27.72 26.87
N LEU A 751 63.12 27.61 25.90
CA LEU A 751 62.51 28.80 25.32
C LEU A 751 61.52 29.43 26.29
N LEU A 752 60.78 28.61 27.03
CA LEU A 752 59.91 29.14 28.08
C LEU A 752 60.72 29.90 29.12
N ASP A 753 61.74 29.25 29.68
CA ASP A 753 62.59 29.93 30.66
C ASP A 753 63.12 31.23 30.11
N MET A 754 63.49 31.24 28.83
CA MET A 754 64.03 32.46 28.22
C MET A 754 62.96 33.53 28.07
N GLN A 755 61.71 33.14 27.77
CA GLN A 755 60.66 34.14 27.73
C GLN A 755 60.58 34.90 29.05
N ASN A 756 60.54 34.16 30.16
CA ASN A 756 60.46 34.80 31.47
C ASN A 756 61.61 35.75 31.67
N ARG A 757 62.80 35.40 31.18
CA ARG A 757 63.94 36.29 31.23
C ARG A 757 63.75 37.47 30.29
N LEU A 758 63.23 37.23 29.08
CA LEU A 758 63.04 38.32 28.14
C LEU A 758 61.96 39.28 28.62
N ASN A 759 60.91 38.79 29.27
CA ASN A 759 59.85 39.68 29.75
C ASN A 759 60.35 40.62 30.83
N LYS A 760 61.32 40.20 31.65
CA LYS A 760 61.89 41.11 32.64
C LYS A 760 62.75 42.18 31.99
N VAL A 761 63.40 41.87 30.87
CA VAL A 761 64.36 42.78 30.26
C VAL A 761 63.68 43.75 29.30
N ILE A 762 62.72 43.27 28.51
CA ILE A 762 62.15 44.06 27.43
C ILE A 762 61.12 45.02 28.02
N LYS A 763 61.14 46.26 27.55
CA LYS A 763 60.20 47.29 27.98
C LYS A 763 59.00 47.27 27.05
N SER A 764 57.81 47.08 27.61
CA SER A 764 56.62 46.99 26.79
C SER A 764 56.00 48.36 26.59
N VAL A 765 55.39 48.56 25.42
CA VAL A 765 54.62 49.77 25.18
C VAL A 765 53.36 49.73 26.03
N GLY A 766 53.12 50.81 26.77
CA GLY A 766 52.03 50.83 27.72
C GLY A 766 52.31 50.09 29.01
N LYS A 767 53.52 49.53 29.16
CA LYS A 767 53.87 48.74 30.33
C LYS A 767 52.83 47.63 30.54
N ILE A 768 52.53 46.93 29.45
CA ILE A 768 51.59 45.82 29.48
C ILE A 768 52.38 44.55 29.74
N GLU A 769 52.02 43.82 30.80
CA GLU A 769 52.69 42.57 31.10
C GLU A 769 52.47 41.57 29.97
N HIS A 770 53.56 41.00 29.46
CA HIS A 770 53.45 40.02 28.39
C HIS A 770 52.62 38.82 28.85
N SER A 771 52.88 38.36 30.08
CA SER A 771 52.15 37.21 30.59
C SER A 771 50.64 37.47 30.59
N PHE A 772 50.24 38.70 30.90
CA PHE A 772 48.82 39.06 30.87
C PHE A 772 48.27 38.98 29.45
N TRP A 773 49.00 39.56 28.50
CA TRP A 773 48.56 39.63 27.11
C TRP A 773 48.23 38.25 26.56
N ARG A 774 49.12 37.28 26.77
CA ARG A 774 48.93 35.95 26.22
C ARG A 774 48.04 35.06 27.09
N SER A 775 47.48 35.56 28.18
CA SER A 775 46.59 34.73 28.99
C SER A 775 45.31 34.44 28.23
N PHE A 776 44.92 33.15 28.21
CA PHE A 776 43.64 32.75 27.64
C PHE A 776 42.55 33.67 28.19
N HIS A 777 41.70 34.18 27.30
CA HIS A 777 40.72 35.17 27.74
C HIS A 777 39.42 35.07 26.97
N THR A 778 38.34 34.84 27.73
CA THR A 778 36.97 35.06 27.32
C THR A 778 36.34 36.03 28.31
N GLU A 779 35.14 36.52 27.99
CA GLU A 779 34.45 37.39 28.95
C GLU A 779 34.30 36.70 30.29
N ARG A 780 34.25 35.36 30.30
CA ARG A 780 34.00 34.58 31.50
C ARG A 780 35.26 34.02 32.13
N LYS A 781 36.31 33.77 31.35
CA LYS A 781 37.51 33.16 31.90
C LYS A 781 38.77 33.94 31.56
N THR A 782 39.78 33.80 32.41
CA THR A 782 41.15 34.21 32.12
C THR A 782 42.09 33.18 32.72
N GLU A 783 42.84 32.49 31.87
CA GLU A 783 43.79 31.48 32.32
C GLU A 783 45.20 31.83 31.82
N PRO A 784 46.24 31.46 32.57
CA PRO A 784 47.59 31.68 32.08
C PRO A 784 47.88 30.79 30.90
N ALA A 785 48.66 31.30 29.96
CA ALA A 785 49.04 30.52 28.80
C ALA A 785 49.81 29.27 29.23
N THR A 786 49.72 28.21 28.44
CA THR A 786 50.43 26.99 28.74
C THR A 786 50.69 26.20 27.45
N GLY A 787 51.86 25.57 27.39
CA GLY A 787 52.19 24.70 26.29
C GLY A 787 52.56 25.39 25.00
N PHE A 788 52.69 26.71 25.01
CA PHE A 788 52.93 27.50 23.82
C PHE A 788 54.10 28.44 24.08
N ILE A 789 54.97 28.58 23.08
CA ILE A 789 56.07 29.55 23.12
C ILE A 789 55.69 30.70 22.21
N ASP A 790 55.66 31.92 22.74
CA ASP A 790 55.40 33.08 21.90
C ASP A 790 56.62 33.36 21.04
N GLY A 791 56.70 32.73 19.88
CA GLY A 791 57.89 32.84 19.05
C GLY A 791 58.22 34.27 18.69
N ASP A 792 57.21 35.13 18.63
CA ASP A 792 57.46 36.54 18.31
C ASP A 792 58.24 37.22 19.43
N LEU A 793 58.09 36.74 20.67
CA LEU A 793 58.94 37.22 21.75
C LEU A 793 60.34 36.64 21.63
N ILE A 794 60.42 35.34 21.35
CA ILE A 794 61.73 34.68 21.19
C ILE A 794 62.54 35.37 20.10
N GLU A 795 61.92 35.60 18.94
CA GLU A 795 62.66 36.18 17.83
C GLU A 795 63.07 37.63 18.10
N SER A 796 62.59 38.23 19.17
CA SER A 796 63.00 39.58 19.54
C SER A 796 64.36 39.62 20.24
N PHE A 797 64.89 38.46 20.64
CA PHE A 797 66.23 38.44 21.23
C PHE A 797 67.24 39.07 20.28
N LEU A 798 67.05 38.85 18.98
CA LEU A 798 67.96 39.35 17.96
C LEU A 798 67.86 40.85 17.74
N ASP A 799 66.93 41.53 18.40
CA ASP A 799 66.75 42.98 18.24
C ASP A 799 67.09 43.79 19.49
N ILE A 800 67.45 43.15 20.59
CA ILE A 800 67.76 43.86 21.83
C ILE A 800 69.25 44.15 21.90
N SER A 801 69.62 45.25 22.55
CA SER A 801 71.01 45.68 22.58
C SER A 801 71.90 44.64 23.28
N ARG A 802 73.19 44.67 22.93
CA ARG A 802 74.11 43.69 23.49
C ARG A 802 74.05 43.61 25.02
N PRO A 803 74.05 44.72 25.75
CA PRO A 803 73.96 44.62 27.22
C PRO A 803 72.77 43.77 27.66
N LYS A 804 71.66 43.91 26.95
CA LYS A 804 70.44 43.19 27.32
C LYS A 804 70.51 41.73 26.91
N MET A 805 71.19 41.43 25.80
CA MET A 805 71.39 40.03 25.41
C MET A 805 72.10 39.25 26.52
N GLN A 806 73.21 39.79 27.02
CA GLN A 806 73.95 39.12 28.09
C GLN A 806 73.13 39.07 29.37
N GLU A 807 72.37 40.13 29.64
CA GLU A 807 71.52 40.16 30.84
C GLU A 807 70.49 39.05 30.79
N VAL A 808 69.94 38.78 29.61
CA VAL A 808 68.92 37.75 29.47
C VAL A 808 69.52 36.37 29.73
N VAL A 809 70.74 36.14 29.22
CA VAL A 809 71.32 34.80 29.26
C VAL A 809 72.05 34.49 30.56
N ALA A 810 72.06 35.41 31.53
CA ALA A 810 72.78 35.19 32.78
C ALA A 810 72.22 33.99 33.53
N ASN A 811 73.14 33.19 34.09
CA ASN A 811 72.81 32.05 34.97
C ASN A 811 71.93 31.01 34.28
N LEU A 812 72.29 30.61 33.07
CA LEU A 812 71.50 29.66 32.32
C LEU A 812 72.16 28.29 32.26
N GLN A 813 71.34 27.22 32.28
CA GLN A 813 71.80 25.84 32.05
C GLN A 813 70.95 25.21 30.93
N TYR A 814 70.70 23.89 30.97
CA TYR A 814 70.01 23.21 29.87
C TYR A 814 69.84 21.75 30.26
N ASP A 815 69.02 21.02 29.50
CA ASP A 815 68.76 19.61 29.78
C ASP A 815 68.54 18.83 28.49
N ASP A 816 68.67 17.50 28.61
CA ASP A 816 68.51 16.56 27.49
C ASP A 816 69.52 16.82 26.37
N GLY A 817 70.78 17.05 26.75
CA GLY A 817 71.81 17.37 25.78
C GLY A 817 73.10 16.62 26.03
N SER A 818 74.03 16.75 25.06
CA SER A 818 75.37 16.21 25.23
C SER A 818 76.02 16.78 26.48
N GLY A 819 76.03 18.11 26.61
CA GLY A 819 76.39 18.76 27.86
C GLY A 819 75.10 18.80 28.67
N MET A 820 75.00 18.02 29.75
CA MET A 820 73.72 17.88 30.44
C MET A 820 73.14 19.23 30.86
N LYS A 821 73.95 20.12 31.42
CA LYS A 821 73.55 21.48 31.75
C LYS A 821 74.50 22.41 31.01
N ARG A 822 73.99 23.32 30.18
CA ARG A 822 74.86 24.15 29.34
C ARG A 822 74.66 25.62 29.68
N GLU A 823 75.71 26.23 30.24
CA GLU A 823 75.74 27.67 30.45
C GLU A 823 75.80 28.36 29.08
N ALA A 824 74.94 29.34 28.87
CA ALA A 824 74.84 29.97 27.57
C ALA A 824 75.65 31.27 27.49
N THR A 825 76.18 31.53 26.30
CA THR A 825 76.77 32.81 25.95
C THR A 825 75.67 33.53 25.18
N ALA A 826 75.69 34.87 25.20
CA ALA A 826 74.70 35.59 24.39
C ALA A 826 74.73 35.09 22.95
N ASP A 827 75.93 34.87 22.42
CA ASP A 827 76.12 34.37 21.07
C ASP A 827 75.52 32.97 20.90
N ASP A 828 75.61 32.13 21.93
CA ASP A 828 75.01 30.80 21.82
C ASP A 828 73.52 30.90 21.50
N LEU A 829 72.82 31.80 22.17
CA LEU A 829 71.39 31.93 21.92
C LEU A 829 71.12 32.61 20.59
N ILE A 830 71.96 33.59 20.22
CA ILE A 830 71.77 34.22 18.91
C ILE A 830 71.71 33.16 17.83
N LYS A 831 72.54 32.13 17.97
CA LYS A 831 72.53 31.05 16.99
C LYS A 831 71.22 30.27 17.05
N VAL A 832 70.73 29.96 18.26
CA VAL A 832 69.52 29.15 18.37
C VAL A 832 68.32 29.90 17.78
N VAL A 833 68.18 31.19 18.08
CA VAL A 833 67.05 31.94 17.57
C VAL A 833 67.11 32.07 16.05
N GLU A 834 68.30 32.33 15.50
CA GLU A 834 68.42 32.52 14.06
C GLU A 834 67.98 31.27 13.30
N GLU A 835 68.27 30.08 13.82
CA GLU A 835 67.73 28.88 13.20
C GLU A 835 66.21 28.85 13.30
N LEU A 836 65.65 29.39 14.39
CA LEU A 836 64.21 29.44 14.54
C LEU A 836 63.57 30.42 13.56
N THR A 837 64.30 31.47 13.15
CA THR A 837 63.76 32.39 12.16
C THR A 837 63.71 31.79 10.75
N ARG A 838 64.33 30.63 10.53
CA ARG A 838 64.39 29.99 9.23
C ARG A 838 63.16 29.14 8.91
N ILE A 839 62.29 28.90 9.89
CA ILE A 839 61.08 28.11 9.61
C ILE A 839 60.06 28.90 8.82
N HIS A 840 60.19 30.22 8.76
CA HIS A 840 59.32 31.05 7.93
C HIS A 840 60.13 32.10 7.16
N THR B 7 5.10 -4.10 34.09
CA THR B 7 4.50 -2.78 34.12
C THR B 7 5.58 -1.70 34.06
N GLU B 8 5.14 -0.43 34.01
CA GLU B 8 6.04 0.69 33.90
C GLU B 8 6.88 0.90 35.14
N SER B 9 6.49 0.30 36.27
CA SER B 9 7.12 0.57 37.55
C SER B 9 8.24 -0.41 37.90
N ASP B 10 8.39 -1.49 37.14
CA ASP B 10 9.33 -2.55 37.46
C ASP B 10 10.71 -2.15 36.95
N TRP B 11 11.36 -1.30 37.72
CA TRP B 11 12.66 -0.75 37.33
C TRP B 11 13.77 -1.75 37.60
N GLY B 12 14.88 -1.55 36.88
CA GLY B 12 16.08 -2.33 37.06
C GLY B 12 16.15 -3.61 36.23
N LYS B 13 15.08 -4.00 35.56
CA LYS B 13 15.08 -5.21 34.76
C LYS B 13 15.23 -4.97 33.26
N ARG B 14 14.83 -3.80 32.76
CA ARG B 14 14.88 -3.59 31.33
C ARG B 14 16.34 -3.41 30.92
N CYS B 15 16.70 -3.93 29.75
CA CYS B 15 18.09 -3.93 29.32
C CYS B 15 18.40 -2.66 28.53
N VAL B 16 19.64 -2.18 28.67
CA VAL B 16 20.07 -1.02 27.90
C VAL B 16 20.12 -1.32 26.41
N ASP B 17 19.87 -2.58 26.02
CA ASP B 17 19.80 -2.90 24.60
C ASP B 17 18.78 -2.01 23.91
N LYS B 18 17.78 -1.55 24.66
CA LYS B 18 16.65 -0.83 24.08
C LYS B 18 16.98 0.59 23.71
N PHE B 19 18.21 1.04 23.93
CA PHE B 19 18.64 2.38 23.55
C PHE B 19 19.81 2.28 22.60
N ASP B 20 19.76 3.08 21.53
CA ASP B 20 20.90 3.27 20.64
C ASP B 20 21.72 4.41 21.23
N ILE B 21 22.96 4.12 21.62
CA ILE B 21 23.81 5.14 22.21
C ILE B 21 24.27 6.08 21.09
N ILE B 22 24.09 7.38 21.30
CA ILE B 22 24.38 8.36 20.25
C ILE B 22 25.74 8.99 20.49
N GLY B 23 26.12 9.14 21.75
CA GLY B 23 27.39 9.73 22.07
C GLY B 23 27.46 10.02 23.57
N ILE B 24 28.58 10.57 23.98
CA ILE B 24 28.83 10.88 25.38
C ILE B 24 28.57 12.37 25.57
N ILE B 25 27.48 12.70 26.27
CA ILE B 25 27.18 14.12 26.52
C ILE B 25 28.11 14.68 27.59
N GLY B 26 28.40 13.90 28.63
CA GLY B 26 29.23 14.47 29.68
C GLY B 26 29.91 13.46 30.58
N GLU B 27 30.86 13.99 31.34
CA GLU B 27 31.55 13.25 32.39
C GLU B 27 30.81 13.52 33.70
N GLY B 28 30.28 12.47 34.33
CA GLY B 28 29.47 12.62 35.52
C GLY B 28 30.22 12.33 36.81
N THR B 29 29.49 12.48 37.91
CA THR B 29 30.07 12.21 39.22
C THR B 29 30.20 10.71 39.45
N TYR B 30 29.09 9.98 39.37
CA TYR B 30 29.09 8.55 39.63
C TYR B 30 29.35 7.75 38.37
N GLY B 31 29.29 8.38 37.22
CA GLY B 31 29.74 7.75 35.99
C GLY B 31 29.65 8.72 34.84
N GLN B 32 29.82 8.18 33.62
CA GLN B 32 29.74 9.04 32.45
C GLN B 32 28.31 9.08 31.97
N VAL B 33 27.93 10.22 31.38
CA VAL B 33 26.57 10.46 30.90
C VAL B 33 26.59 10.38 29.37
N TYR B 34 25.65 9.63 28.81
CA TYR B 34 25.58 9.39 27.37
C TYR B 34 24.22 9.85 26.84
N LYS B 35 24.19 10.24 25.56
CA LYS B 35 22.96 10.58 24.86
C LYS B 35 22.51 9.35 24.09
N ALA B 36 21.20 9.12 24.05
CA ALA B 36 20.70 7.88 23.47
C ALA B 36 19.29 8.07 22.91
N LYS B 37 18.96 7.22 21.95
CA LYS B 37 17.64 7.21 21.32
C LYS B 37 16.96 5.89 21.70
N ASP B 38 15.72 5.99 22.20
CA ASP B 38 14.95 4.79 22.49
C ASP B 38 14.60 4.08 21.19
N LYS B 39 14.89 2.77 21.14
CA LYS B 39 14.63 2.04 19.91
C LYS B 39 13.14 1.89 19.63
N ASP B 40 12.30 1.80 20.66
CA ASP B 40 10.89 1.54 20.45
C ASP B 40 10.09 2.81 20.14
N THR B 41 10.40 3.90 20.83
CA THR B 41 9.64 5.14 20.67
C THR B 41 10.37 6.20 19.86
N GLY B 42 11.68 6.08 19.71
CA GLY B 42 12.45 7.12 19.06
C GLY B 42 12.66 8.32 19.95
N GLU B 43 12.44 8.18 21.25
CA GLU B 43 12.59 9.31 22.17
C GLU B 43 14.06 9.43 22.50
N LEU B 44 14.59 10.65 22.43
CA LEU B 44 15.96 10.88 22.88
C LEU B 44 15.98 10.90 24.40
N VAL B 45 16.94 10.18 24.98
CA VAL B 45 17.10 10.10 26.42
C VAL B 45 18.56 10.39 26.75
N ALA B 46 18.85 10.47 28.04
CA ALA B 46 20.21 10.62 28.53
C ALA B 46 20.41 9.56 29.62
N LEU B 47 21.41 8.71 29.42
CA LEU B 47 21.69 7.61 30.34
C LEU B 47 22.87 8.03 31.22
N LYS B 48 22.66 8.01 32.53
CA LYS B 48 23.71 8.27 33.51
C LYS B 48 24.21 6.92 34.02
N LYS B 49 25.49 6.63 33.78
CA LYS B 49 26.02 5.33 34.15
C LYS B 49 26.35 5.32 35.64
N VAL B 50 25.88 4.29 36.32
CA VAL B 50 26.22 4.04 37.71
C VAL B 50 27.15 2.85 37.72
N ARG B 51 28.41 3.09 38.06
CA ARG B 51 29.40 2.03 38.10
C ARG B 51 29.53 1.61 39.56
N LEU B 52 29.16 0.36 39.84
CA LEU B 52 29.47 -0.26 41.12
C LEU B 52 30.58 -1.30 40.97
N ASP B 53 31.27 -1.32 39.82
CA ASP B 53 32.39 -2.26 39.68
C ASP B 53 33.49 -1.93 40.69
N ASN B 54 33.59 -0.67 41.14
CA ASN B 54 34.55 -0.36 42.20
C ASN B 54 34.15 -1.02 43.52
N GLU B 55 32.88 -0.93 43.89
CA GLU B 55 32.34 -1.61 45.09
C GLU B 55 33.09 -1.23 46.36
N LYS B 56 33.78 -0.08 46.38
CA LYS B 56 34.37 0.38 47.64
C LYS B 56 33.30 0.47 48.73
N GLU B 57 32.16 1.07 48.40
CA GLU B 57 30.98 1.08 49.26
C GLU B 57 29.72 0.74 48.48
N GLY B 58 29.86 0.03 47.36
CA GLY B 58 28.71 -0.41 46.60
C GLY B 58 28.07 0.71 45.80
N PHE B 59 26.76 0.61 45.63
CA PHE B 59 26.00 1.59 44.87
C PHE B 59 26.29 2.99 45.43
N PRO B 60 26.76 3.93 44.60
CA PRO B 60 27.10 5.26 45.14
C PRO B 60 25.91 5.95 45.79
N ILE B 61 26.21 6.73 46.83
CA ILE B 61 25.14 7.46 47.51
C ILE B 61 24.68 8.64 46.67
N THR B 62 25.61 9.32 46.00
CA THR B 62 25.21 10.44 45.14
C THR B 62 24.09 10.00 44.20
N ALA B 63 24.23 8.82 43.62
CA ALA B 63 23.17 8.28 42.78
C ALA B 63 21.94 7.92 43.61
N ILE B 64 22.15 7.41 44.83
CA ILE B 64 21.01 7.01 45.66
C ILE B 64 20.16 8.24 45.99
N ARG B 65 20.79 9.38 46.20
CA ARG B 65 20.03 10.61 46.42
C ARG B 65 19.22 10.99 45.20
N GLU B 66 19.81 10.89 44.01
CA GLU B 66 19.08 11.29 42.81
C GLU B 66 17.94 10.35 42.50
N ILE B 67 18.04 9.07 42.89
CA ILE B 67 16.96 8.14 42.62
C ILE B 67 15.85 8.28 43.65
N LYS B 68 16.22 8.44 44.93
CA LYS B 68 15.25 8.61 46.00
C LYS B 68 14.43 9.88 45.82
N ILE B 69 15.08 10.98 45.45
CA ILE B 69 14.41 12.27 45.42
C ILE B 69 13.72 12.51 44.08
N LEU B 70 14.37 12.22 42.95
CA LEU B 70 13.77 12.60 41.68
C LEU B 70 12.60 11.69 41.30
N ARG B 71 12.46 10.52 41.92
CA ARG B 71 11.23 9.76 41.75
C ARG B 71 10.06 10.34 42.55
N GLN B 72 10.33 11.12 43.59
CA GLN B 72 9.28 11.77 44.35
C GLN B 72 8.85 13.11 43.76
N LEU B 73 9.77 13.82 43.12
CA LEU B 73 9.54 15.19 42.68
C LEU B 73 9.09 15.18 41.22
N ILE B 74 7.92 15.74 40.97
CA ILE B 74 7.36 15.86 39.63
C ILE B 74 6.96 17.33 39.45
N HIS B 75 7.74 18.09 38.70
CA HIS B 75 7.45 19.49 38.41
C HIS B 75 8.00 19.79 37.02
N ARG B 76 7.44 20.81 36.38
CA ARG B 76 7.85 21.09 35.00
C ARG B 76 9.33 21.41 34.93
N SER B 77 9.86 22.04 35.97
CA SER B 77 11.21 22.57 36.00
C SER B 77 12.19 21.66 36.75
N VAL B 78 11.82 20.40 36.97
CA VAL B 78 12.71 19.41 37.58
C VAL B 78 12.92 18.31 36.57
N VAL B 79 14.18 17.90 36.40
CA VAL B 79 14.50 16.91 35.38
C VAL B 79 13.86 15.59 35.76
N ASN B 80 13.30 14.90 34.78
CA ASN B 80 12.52 13.69 35.03
C ASN B 80 13.40 12.47 34.84
N MET B 81 13.46 11.62 35.85
CA MET B 81 14.08 10.30 35.73
C MET B 81 13.01 9.36 35.19
N LYS B 82 13.27 8.75 34.02
CA LYS B 82 12.22 7.96 33.40
C LYS B 82 12.24 6.49 33.85
N GLU B 83 13.40 5.89 33.97
CA GLU B 83 13.51 4.50 34.41
C GLU B 83 14.97 4.19 34.73
N ILE B 84 15.23 2.97 35.15
CA ILE B 84 16.59 2.49 35.39
C ILE B 84 16.74 1.16 34.65
N VAL B 85 17.77 1.06 33.82
CA VAL B 85 18.01 -0.11 32.98
C VAL B 85 19.41 -0.62 33.28
N THR B 86 19.65 -1.88 32.93
CA THR B 86 20.89 -2.57 33.25
C THR B 86 21.60 -3.14 32.02
N ASP B 87 22.90 -3.36 32.18
CA ASP B 87 23.69 -4.14 31.23
C ASP B 87 23.24 -5.61 31.24
N LYS B 88 23.53 -6.31 30.13
CA LYS B 88 23.07 -7.69 30.01
C LYS B 88 23.47 -8.46 31.26
N GLN B 89 22.47 -9.03 31.94
CA GLN B 89 22.70 -9.76 33.17
C GLN B 89 22.85 -11.26 32.89
N ASP B 90 24.01 -11.80 33.21
CA ASP B 90 24.23 -13.23 33.02
C ASP B 90 23.32 -13.98 33.99
N ALA B 91 22.68 -15.03 33.49
CA ALA B 91 21.78 -15.86 34.29
C ALA B 91 22.53 -16.93 35.09
N LEU B 92 22.02 -17.22 36.29
CA LEU B 92 22.42 -18.30 37.18
C LEU B 92 23.64 -17.97 38.02
N ASP B 93 24.18 -16.74 37.96
CA ASP B 93 25.34 -16.35 38.79
C ASP B 93 25.06 -14.93 39.30
N PHE B 94 24.16 -14.83 40.30
CA PHE B 94 23.76 -13.51 40.80
C PHE B 94 24.94 -12.76 41.41
N LYS B 95 25.92 -13.48 41.98
CA LYS B 95 27.11 -12.82 42.53
C LYS B 95 28.05 -12.31 41.43
N LYS B 96 28.23 -13.10 40.37
CA LYS B 96 29.27 -12.78 39.38
C LYS B 96 28.97 -11.50 38.63
N ASP B 97 27.69 -11.16 38.46
CA ASP B 97 27.34 -9.97 37.73
C ASP B 97 27.91 -8.73 38.41
N LYS B 98 28.70 -7.98 37.65
CA LYS B 98 29.22 -6.69 38.08
C LYS B 98 28.71 -5.59 37.15
N GLY B 99 27.77 -5.92 36.27
CA GLY B 99 27.30 -4.94 35.30
C GLY B 99 26.80 -3.68 35.98
N ALA B 100 26.72 -2.63 35.18
CA ALA B 100 26.38 -1.34 35.72
C ALA B 100 24.92 -1.04 35.42
N PHE B 101 24.33 -0.17 36.24
CA PHE B 101 22.96 0.29 36.02
C PHE B 101 23.06 1.66 35.35
N TYR B 102 21.99 2.03 34.64
CA TYR B 102 21.92 3.31 33.95
C TYR B 102 20.64 4.00 34.38
N LEU B 103 20.76 5.27 34.77
CA LEU B 103 19.60 6.08 35.17
C LEU B 103 19.12 6.87 33.96
N VAL B 104 17.92 6.56 33.49
CA VAL B 104 17.41 7.19 32.28
C VAL B 104 16.73 8.51 32.64
N PHE B 105 17.19 9.58 31.99
CA PHE B 105 16.58 10.89 32.11
C PHE B 105 16.18 11.35 30.71
N GLU B 106 15.28 12.34 30.67
CA GLU B 106 15.00 13.06 29.43
C GLU B 106 16.24 13.81 28.96
N TYR B 107 16.35 14.02 27.65
CA TYR B 107 17.51 14.74 27.10
C TYR B 107 17.15 16.22 26.97
N MET B 108 17.97 17.08 27.57
CA MET B 108 17.81 18.52 27.48
C MET B 108 18.88 19.05 26.52
N ASP B 109 18.46 19.91 25.60
CA ASP B 109 19.34 20.30 24.49
C ASP B 109 20.64 20.88 24.99
N HIS B 110 20.59 21.92 25.83
CA HIS B 110 21.79 22.61 26.25
C HIS B 110 21.80 22.82 27.75
N ASP B 111 23.01 23.08 28.25
CA ASP B 111 23.24 23.49 29.62
C ASP B 111 23.59 24.97 29.65
N LEU B 112 23.15 25.65 30.70
CA LEU B 112 23.31 27.10 30.74
C LEU B 112 24.78 27.49 30.66
N MET B 113 25.64 26.76 31.38
CA MET B 113 27.06 27.10 31.38
C MET B 113 27.63 27.03 29.97
N GLY B 114 27.30 25.97 29.23
CA GLY B 114 27.78 25.85 27.88
C GLY B 114 27.25 26.96 26.98
N LEU B 115 25.97 27.29 27.14
CA LEU B 115 25.41 28.40 26.37
C LEU B 115 26.16 29.68 26.66
N LEU B 116 26.54 29.88 27.92
CA LEU B 116 27.24 31.08 28.34
C LEU B 116 28.72 31.01 27.97
N GLU B 117 29.39 29.88 28.25
CA GLU B 117 30.83 29.81 27.97
C GLU B 117 31.11 29.97 26.48
N SER B 118 30.32 29.31 25.62
CA SER B 118 30.55 29.49 24.19
C SER B 118 30.21 30.89 23.71
N GLY B 119 29.52 31.69 24.53
CA GLY B 119 29.18 33.05 24.12
C GLY B 119 28.09 33.15 23.10
N LEU B 120 27.23 32.13 23.00
CA LEU B 120 26.29 32.02 21.89
C LEU B 120 24.93 32.64 22.17
N VAL B 121 24.64 33.08 23.40
CA VAL B 121 23.29 33.50 23.77
C VAL B 121 23.25 34.97 24.16
N HIS B 122 22.07 35.56 23.95
CA HIS B 122 21.74 36.90 24.41
C HIS B 122 20.41 36.86 25.14
N PHE B 123 20.39 37.38 26.37
CA PHE B 123 19.21 37.37 27.22
C PHE B 123 18.65 38.80 27.34
N SER B 124 17.44 39.01 26.85
CA SER B 124 16.72 40.25 27.11
C SER B 124 16.05 40.17 28.49
N GLU B 125 15.50 41.29 28.95
CA GLU B 125 14.88 41.27 30.27
C GLU B 125 13.79 40.20 30.34
N ASP B 126 13.00 40.06 29.29
CA ASP B 126 11.89 39.13 29.29
C ASP B 126 12.38 37.68 29.35
N HIS B 127 13.49 37.39 28.68
CA HIS B 127 14.07 36.04 28.73
C HIS B 127 14.52 35.70 30.15
N ILE B 128 15.14 36.65 30.83
CA ILE B 128 15.59 36.40 32.19
C ILE B 128 14.41 36.17 33.12
N LYS B 129 13.29 36.86 32.85
CA LYS B 129 12.07 36.63 33.61
C LYS B 129 11.58 35.19 33.41
N SER B 130 11.46 34.76 32.16
CA SER B 130 10.97 33.42 31.88
C SER B 130 11.89 32.37 32.48
N PHE B 131 13.20 32.61 32.42
CA PHE B 131 14.17 31.70 32.99
C PHE B 131 14.00 31.59 34.50
N MET B 132 14.08 32.72 35.19
CA MET B 132 14.05 32.70 36.65
C MET B 132 12.72 32.22 37.18
N LYS B 133 11.61 32.60 36.53
CA LYS B 133 10.31 32.15 37.02
C LYS B 133 10.23 30.63 37.06
N GLN B 134 10.70 29.97 35.99
CA GLN B 134 10.68 28.52 35.97
C GLN B 134 11.59 27.93 37.04
N LEU B 135 12.83 28.40 37.08
CA LEU B 135 13.80 27.86 38.04
C LEU B 135 13.30 28.00 39.47
N MET B 136 12.87 29.19 39.85
CA MET B 136 12.47 29.43 41.22
C MET B 136 11.15 28.75 41.56
N GLU B 137 10.23 28.62 40.59
CA GLU B 137 9.04 27.82 40.83
C GLU B 137 9.42 26.37 41.10
N GLY B 138 10.44 25.86 40.39
CA GLY B 138 10.90 24.52 40.67
C GLY B 138 11.57 24.43 42.04
N LEU B 139 12.40 25.42 42.38
CA LEU B 139 13.01 25.43 43.71
C LEU B 139 11.94 25.46 44.80
N GLU B 140 10.86 26.21 44.57
CA GLU B 140 9.75 26.21 45.53
C GLU B 140 9.16 24.83 45.69
N TYR B 141 8.97 24.11 44.58
CA TYR B 141 8.42 22.77 44.68
C TYR B 141 9.34 21.87 45.50
N CYS B 142 10.64 21.92 45.21
CA CYS B 142 11.59 21.09 45.92
C CYS B 142 11.74 21.52 47.37
N HIS B 143 11.81 22.84 47.62
CA HIS B 143 11.96 23.30 49.00
C HIS B 143 10.69 23.06 49.81
N LYS B 144 9.52 23.21 49.19
CA LYS B 144 8.27 22.93 49.92
C LYS B 144 8.21 21.45 50.30
N LYS B 145 8.81 20.57 49.50
CA LYS B 145 8.93 19.15 49.79
C LYS B 145 10.10 18.85 50.73
N ASN B 146 10.74 19.90 51.26
CA ASN B 146 11.82 19.80 52.26
C ASN B 146 13.06 19.08 51.73
N PHE B 147 13.33 19.19 50.43
CA PHE B 147 14.54 18.67 49.82
C PHE B 147 15.41 19.86 49.43
N LEU B 148 16.69 19.84 49.80
CA LEU B 148 17.61 20.92 49.46
C LEU B 148 18.54 20.47 48.33
N HIS B 149 18.52 21.19 47.20
CA HIS B 149 19.44 20.94 46.09
C HIS B 149 20.74 21.71 46.38
N ARG B 150 21.57 21.14 47.25
CA ARG B 150 22.74 21.84 47.76
C ARG B 150 23.71 22.34 46.70
N ASP B 151 23.88 21.65 45.57
CA ASP B 151 24.78 22.16 44.53
C ASP B 151 23.94 22.75 43.39
N ILE B 152 23.92 24.08 43.31
CA ILE B 152 23.27 24.79 42.20
C ILE B 152 24.30 25.62 41.45
N LYS B 153 24.62 25.22 40.22
CA LYS B 153 25.52 25.97 39.36
C LYS B 153 24.91 26.11 37.97
N CYS B 154 25.65 26.84 37.12
CA CYS B 154 25.24 26.98 35.72
C CYS B 154 25.29 25.62 35.02
N SER B 155 26.26 24.79 35.38
CA SER B 155 26.37 23.48 34.76
C SER B 155 25.13 22.63 35.01
N ASN B 156 24.44 22.87 36.13
CA ASN B 156 23.32 22.03 36.52
C ASN B 156 21.96 22.55 36.06
N ILE B 157 21.90 23.72 35.43
CA ILE B 157 20.66 24.24 34.88
C ILE B 157 20.63 23.95 33.38
N LEU B 158 19.71 23.08 32.99
CA LEU B 158 19.55 22.63 31.62
C LEU B 158 18.37 23.35 30.97
N LEU B 159 18.49 23.59 29.68
CA LEU B 159 17.53 24.40 28.95
C LEU B 159 17.25 23.78 27.61
N ASN B 160 15.98 23.61 27.30
CA ASN B 160 15.62 23.14 25.96
C ASN B 160 15.47 24.35 25.04
N ASN B 161 15.47 24.09 23.74
CA ASN B 161 15.30 25.18 22.79
C ASN B 161 13.92 25.78 22.96
N SER B 162 12.97 24.99 23.47
CA SER B 162 11.63 25.46 23.74
C SER B 162 11.63 26.59 24.75
N GLY B 163 12.71 26.75 25.50
CA GLY B 163 12.77 27.72 26.56
C GLY B 163 12.45 27.14 27.92
N GLN B 164 12.11 25.87 27.97
CA GLN B 164 11.84 25.22 29.25
C GLN B 164 13.15 25.08 29.98
N ILE B 165 13.14 25.40 31.26
CA ILE B 165 14.29 25.26 32.13
C ILE B 165 13.98 24.08 33.05
N LYS B 166 14.98 23.23 33.26
CA LYS B 166 14.81 22.12 34.18
C LYS B 166 16.10 22.02 34.99
N LEU B 167 15.95 21.83 36.29
CA LEU B 167 17.05 21.69 37.22
C LEU B 167 17.45 20.22 37.29
N ALA B 168 18.75 19.99 37.45
CA ALA B 168 19.29 18.64 37.30
C ALA B 168 20.45 18.43 38.26
N ASP B 169 21.04 17.24 38.19
CA ASP B 169 22.10 16.85 39.11
C ASP B 169 21.67 17.08 40.55
N PHE B 170 20.54 16.47 40.90
CA PHE B 170 20.11 16.53 42.30
C PHE B 170 20.90 15.60 43.21
N GLY B 171 22.12 15.22 42.80
CA GLY B 171 23.00 14.52 43.72
C GLY B 171 23.58 15.55 44.64
N LEU B 172 24.05 15.13 45.82
CA LEU B 172 24.42 16.09 46.84
C LEU B 172 23.20 16.85 47.38
N ALA B 173 22.06 16.17 47.46
CA ALA B 173 20.83 16.77 47.95
C ALA B 173 20.26 15.92 49.09
N ARG B 174 19.84 16.58 50.17
CA ARG B 174 19.35 15.92 51.37
C ARG B 174 18.12 16.65 51.91
N LEU B 175 17.37 15.94 52.76
CA LEU B 175 16.20 16.51 53.42
C LEU B 175 16.60 17.41 54.58
N TYR B 176 15.73 18.38 54.88
CA TYR B 176 15.96 19.35 55.94
C TYR B 176 14.73 19.33 56.84
N ASN B 177 14.91 18.96 58.10
CA ASN B 177 13.82 19.10 59.06
C ASN B 177 13.66 20.57 59.41
N SER B 178 12.44 21.09 59.25
CA SER B 178 12.21 22.50 59.48
C SER B 178 12.40 22.88 60.95
N GLU B 179 11.98 21.99 61.87
CA GLU B 179 12.06 22.32 63.28
C GLU B 179 13.47 22.19 63.86
N GLU B 180 14.22 21.13 63.51
CA GLU B 180 15.55 20.93 64.09
C GLU B 180 16.63 20.80 63.01
N SER B 181 17.88 20.66 63.47
CA SER B 181 19.06 20.57 62.62
C SER B 181 19.96 19.42 63.08
N ARG B 182 20.57 18.75 62.11
CA ARG B 182 21.51 17.65 62.30
C ARG B 182 22.89 17.99 61.70
N PRO B 183 23.87 17.11 61.84
CA PRO B 183 25.15 17.35 61.16
C PRO B 183 24.97 17.48 59.64
N TYR B 184 25.51 18.56 59.07
CA TYR B 184 25.48 18.76 57.62
C TYR B 184 26.92 18.94 57.06
N TPO B 185 27.10 18.68 55.77
CA TPO B 185 28.44 18.66 55.17
CB TPO B 185 28.32 18.01 53.78
CG2 TPO B 185 29.41 18.43 52.79
OG1 TPO B 185 28.41 16.57 53.80
P TPO B 185 27.22 15.83 53.00
O1P TPO B 185 25.83 16.44 53.53
O2P TPO B 185 27.33 16.02 51.41
O3P TPO B 185 27.20 14.39 53.38
C TPO B 185 29.15 20.01 55.04
O TPO B 185 30.38 20.02 54.94
H TPO B 185 26.47 18.51 55.22
HA TPO B 185 29.01 18.15 55.77
HB TPO B 185 27.33 18.35 53.47
HG21 TPO B 185 29.32 17.84 51.88
HG22 TPO B 185 30.39 18.26 53.24
HG23 TPO B 185 29.29 19.49 52.55
N ASN B 186 28.42 21.11 55.07
CA ASN B 186 29.03 22.45 54.98
C ASN B 186 29.66 22.84 53.65
N LYS B 187 30.63 22.08 53.18
CA LYS B 187 31.30 22.37 51.91
C LYS B 187 30.49 21.74 50.78
N VAL B 188 29.38 22.38 50.41
CA VAL B 188 28.37 21.69 49.61
C VAL B 188 27.97 22.43 48.32
N ILE B 189 28.51 23.63 48.05
CA ILE B 189 28.25 24.28 46.75
C ILE B 189 29.56 24.73 46.09
N THR B 190 29.51 24.93 44.76
CA THR B 190 30.70 25.35 44.02
C THR B 190 31.11 26.75 44.46
N LEU B 191 32.43 26.98 44.53
CA LEU B 191 32.91 28.19 45.19
C LEU B 191 32.26 29.44 44.58
N TRP B 192 32.09 29.47 43.26
CA TRP B 192 31.50 30.64 42.63
C TRP B 192 30.06 30.87 43.07
N TYR B 193 29.32 29.79 43.35
CA TYR B 193 27.91 29.89 43.73
C TYR B 193 27.68 29.47 45.18
N ARG B 194 28.67 29.68 46.06
CA ARG B 194 28.48 29.25 47.43
C ARG B 194 27.94 30.39 48.31
N PRO B 195 27.03 30.09 49.23
CA PRO B 195 26.53 31.14 50.14
C PRO B 195 27.60 31.54 51.14
N PRO B 196 27.50 32.75 51.68
CA PRO B 196 28.50 33.19 52.67
C PRO B 196 28.48 32.35 53.93
N GLU B 197 27.29 31.94 54.37
CA GLU B 197 27.16 31.15 55.58
C GLU B 197 28.01 29.90 55.52
N LEU B 198 27.99 29.20 54.37
CA LEU B 198 28.79 27.99 54.22
C LEU B 198 30.27 28.33 54.16
N LEU B 199 30.62 29.50 53.62
CA LEU B 199 32.01 29.91 53.63
C LEU B 199 32.52 30.12 55.04
N LEU B 200 31.67 30.66 55.92
CA LEU B 200 32.05 30.81 57.32
C LEU B 200 31.87 29.54 58.13
N GLY B 201 31.43 28.44 57.50
CA GLY B 201 31.44 27.15 58.13
C GLY B 201 30.17 26.71 58.82
N GLU B 202 29.02 27.24 58.43
CA GLU B 202 27.78 26.81 59.02
C GLU B 202 27.44 25.40 58.58
N GLU B 203 27.22 24.51 59.55
CA GLU B 203 26.81 23.13 59.29
C GLU B 203 25.32 22.92 59.49
N ARG B 204 24.56 23.99 59.72
CA ARG B 204 23.12 23.87 59.79
C ARG B 204 22.56 24.72 58.65
N TYR B 205 22.74 24.31 57.39
CA TYR B 205 22.43 25.23 56.32
C TYR B 205 20.93 25.33 56.15
N THR B 206 20.46 26.54 55.85
CA THR B 206 19.05 26.81 55.62
C THR B 206 18.73 26.39 54.20
N PRO B 207 17.45 26.28 53.84
CA PRO B 207 17.12 26.17 52.40
C PRO B 207 17.56 27.38 51.61
N ALA B 208 17.96 28.46 52.29
CA ALA B 208 18.42 29.69 51.65
C ALA B 208 19.76 29.53 50.96
N ILE B 209 20.48 28.43 51.18
CA ILE B 209 21.76 28.23 50.48
C ILE B 209 21.51 28.26 48.98
N ASP B 210 20.39 27.70 48.54
CA ASP B 210 20.08 27.63 47.12
C ASP B 210 19.69 28.99 46.57
N VAL B 211 18.97 29.79 47.36
CA VAL B 211 18.57 31.11 46.86
C VAL B 211 19.79 31.94 46.53
N TRP B 212 20.85 31.86 47.36
CA TRP B 212 22.06 32.61 47.07
C TRP B 212 22.60 32.23 45.69
N SER B 213 22.65 30.93 45.40
CA SER B 213 23.14 30.48 44.10
C SER B 213 22.28 31.02 42.96
N CYS B 214 20.96 30.92 43.10
CA CYS B 214 20.08 31.42 42.06
C CYS B 214 20.19 32.92 41.90
N GLY B 215 20.61 33.61 42.96
CA GLY B 215 20.83 35.04 42.87
C GLY B 215 22.12 35.31 42.11
N CYS B 216 23.18 34.58 42.47
CA CYS B 216 24.42 34.64 41.69
C CYS B 216 24.13 34.47 40.21
N ILE B 217 23.22 33.55 39.89
CA ILE B 217 22.82 33.31 38.50
C ILE B 217 22.07 34.53 37.95
N LEU B 218 21.18 35.10 38.77
CA LEU B 218 20.40 36.23 38.29
C LEU B 218 21.31 37.38 37.88
N GLY B 219 22.34 37.65 38.68
CA GLY B 219 23.30 38.66 38.29
C GLY B 219 24.13 38.23 37.11
N GLU B 220 24.47 36.94 37.03
CA GLU B 220 25.24 36.43 35.91
C GLU B 220 24.48 36.60 34.60
N LEU B 221 23.16 36.41 34.62
CA LEU B 221 22.37 36.53 33.40
C LEU B 221 22.31 37.96 32.87
N PHE B 222 22.61 38.95 33.70
CA PHE B 222 22.58 40.33 33.25
C PHE B 222 23.95 40.83 32.79
N THR B 223 25.02 40.12 33.14
CA THR B 223 26.37 40.48 32.71
C THR B 223 27.04 39.47 31.79
N LYS B 224 26.53 38.24 31.70
CA LYS B 224 27.14 37.14 30.96
C LYS B 224 28.45 36.66 31.60
N LYS B 225 28.74 37.12 32.81
CA LYS B 225 29.91 36.74 33.61
C LYS B 225 29.50 36.40 35.03
N PRO B 226 30.06 35.34 35.61
CA PRO B 226 29.77 35.05 37.03
C PRO B 226 30.19 36.20 37.93
N ILE B 227 29.45 36.37 39.02
CA ILE B 227 29.65 37.54 39.86
C ILE B 227 30.85 37.37 40.78
N PHE B 228 30.95 36.22 41.44
CA PHE B 228 32.00 35.98 42.44
C PHE B 228 32.90 34.88 41.91
N GLN B 229 34.05 35.26 41.37
CA GLN B 229 34.99 34.32 40.78
C GLN B 229 36.25 34.38 41.61
N ALA B 230 36.52 33.30 42.34
CA ALA B 230 37.70 33.21 43.18
C ALA B 230 38.15 31.76 43.18
N ASN B 231 39.37 31.53 43.65
CA ASN B 231 39.93 30.19 43.72
C ASN B 231 39.93 29.64 45.13
N LEU B 232 39.95 30.51 46.13
CA LEU B 232 40.10 30.11 47.52
C LEU B 232 38.95 30.69 48.33
N GLU B 233 38.59 29.98 49.39
CA GLU B 233 37.41 30.35 50.17
C GLU B 233 37.54 31.76 50.71
N LEU B 234 38.75 32.17 51.12
CA LEU B 234 38.92 33.53 51.63
C LEU B 234 38.74 34.55 50.50
N ALA B 235 39.43 34.36 49.38
CA ALA B 235 39.28 35.29 48.26
C ALA B 235 37.82 35.44 47.86
N GLN B 236 37.02 34.37 48.00
CA GLN B 236 35.60 34.44 47.69
C GLN B 236 34.87 35.34 48.66
N LEU B 237 35.10 35.17 49.97
CA LEU B 237 34.44 36.01 50.96
C LEU B 237 34.78 37.48 50.72
N GLU B 238 36.01 37.77 50.28
CA GLU B 238 36.42 39.14 49.98
C GLU B 238 35.61 39.73 48.83
N LEU B 239 35.43 38.98 47.75
CA LEU B 239 34.65 39.51 46.64
C LEU B 239 33.20 39.72 47.03
N ILE B 240 32.62 38.77 47.76
CA ILE B 240 31.26 38.95 48.27
C ILE B 240 31.18 40.22 49.13
N SER B 241 32.20 40.46 49.96
CA SER B 241 32.17 41.61 50.84
C SER B 241 32.35 42.92 50.09
N ARG B 242 33.16 42.93 49.01
CA ARG B 242 33.31 44.16 48.23
C ARG B 242 31.96 44.61 47.70
N LEU B 243 31.07 43.66 47.42
CA LEU B 243 29.76 43.97 46.85
C LEU B 243 28.67 44.03 47.90
N CYS B 244 28.54 42.99 48.73
CA CYS B 244 27.43 42.92 49.68
C CYS B 244 27.75 43.50 51.05
N GLY B 245 28.99 43.92 51.29
CA GLY B 245 29.37 44.33 52.63
C GLY B 245 29.95 43.19 53.44
N SER B 246 30.83 43.55 54.38
CA SER B 246 31.50 42.55 55.19
C SER B 246 30.53 41.95 56.21
N PRO B 247 30.59 40.64 56.45
CA PRO B 247 29.79 40.07 57.54
C PRO B 247 30.13 40.72 58.88
N CYS B 248 29.10 41.20 59.57
CA CYS B 248 29.25 41.84 60.86
C CYS B 248 27.92 41.78 61.57
N PRO B 249 27.90 41.78 62.91
CA PRO B 249 26.62 41.68 63.62
C PRO B 249 25.61 42.74 63.24
N ALA B 250 26.05 43.87 62.68
CA ALA B 250 25.12 44.94 62.33
C ALA B 250 24.08 44.48 61.34
N VAL B 251 24.45 43.58 60.43
CA VAL B 251 23.52 43.07 59.42
C VAL B 251 23.23 41.59 59.57
N TRP B 252 24.01 40.86 60.37
CA TRP B 252 23.93 39.40 60.46
C TRP B 252 24.24 39.04 61.89
N PRO B 253 23.26 39.18 62.79
CA PRO B 253 23.57 39.06 64.23
C PRO B 253 24.31 37.77 64.59
N ASP B 254 23.92 36.65 64.00
CA ASP B 254 24.45 35.34 64.37
C ASP B 254 25.75 35.00 63.65
N VAL B 255 26.35 35.97 62.97
CA VAL B 255 27.62 35.69 62.31
C VAL B 255 28.65 35.28 63.35
N ILE B 256 28.52 35.79 64.58
CA ILE B 256 29.47 35.47 65.63
C ILE B 256 29.33 34.03 66.13
N ARG B 257 28.15 33.41 65.97
CA ARG B 257 28.04 32.01 66.34
C ARG B 257 28.66 31.08 65.30
N LEU B 258 29.02 31.60 64.12
CA LEU B 258 29.54 30.72 63.08
C LEU B 258 31.02 30.44 63.33
N PRO B 259 31.48 29.24 62.97
CA PRO B 259 32.83 28.84 63.37
C PRO B 259 33.95 29.81 63.02
N TYR B 260 34.03 30.26 61.77
CA TYR B 260 35.21 30.95 61.27
C TYR B 260 35.04 32.46 61.17
N PHE B 261 34.07 33.04 61.89
CA PHE B 261 33.86 34.48 61.77
C PHE B 261 35.10 35.26 62.16
N ASN B 262 35.69 34.94 63.32
CA ASN B 262 36.94 35.60 63.71
C ASN B 262 38.08 35.18 62.81
N THR B 263 38.07 33.92 62.37
CA THR B 263 39.17 33.41 61.57
C THR B 263 39.23 34.12 60.21
N MET B 264 38.09 34.30 59.54
CA MET B 264 38.04 34.83 58.18
C MET B 264 37.51 36.26 58.06
N LYS B 265 38.36 37.24 58.36
CA LYS B 265 37.97 38.64 58.15
C LYS B 265 38.34 39.13 56.74
N PRO B 266 37.49 39.92 56.09
CA PRO B 266 37.88 40.57 54.83
C PRO B 266 38.81 41.76 55.06
N LYS B 267 39.45 42.21 53.97
CA LYS B 267 40.42 43.30 54.08
C LYS B 267 39.87 44.48 54.87
N LYS B 268 38.62 44.86 54.60
CA LYS B 268 37.98 45.98 55.27
C LYS B 268 36.61 45.54 55.78
N GLN B 269 35.95 46.42 56.53
CA GLN B 269 34.53 46.26 56.81
C GLN B 269 33.85 47.08 55.72
N TYR B 270 33.68 46.46 54.57
CA TYR B 270 33.14 47.15 53.41
C TYR B 270 31.69 47.55 53.66
N ARG B 271 31.24 48.52 52.87
CA ARG B 271 29.84 48.90 52.83
C ARG B 271 29.22 48.25 51.61
N ARG B 272 27.91 48.01 51.68
CA ARG B 272 27.23 47.34 50.59
C ARG B 272 27.10 48.29 49.40
N ARG B 273 27.55 47.83 48.23
CA ARG B 273 27.46 48.61 47.00
C ARG B 273 26.62 47.90 45.94
N LEU B 274 25.92 46.82 46.30
CA LEU B 274 25.25 45.99 45.31
C LEU B 274 24.45 46.83 44.32
N ARG B 275 23.65 47.77 44.84
CA ARG B 275 22.82 48.58 43.94
C ARG B 275 23.67 49.45 43.02
N GLU B 276 24.79 49.98 43.53
CA GLU B 276 25.61 50.88 42.70
C GLU B 276 26.31 50.12 41.57
N GLU B 277 26.98 49.01 41.87
CA GLU B 277 27.69 48.28 40.85
C GLU B 277 26.74 47.64 39.85
N PHE B 278 25.48 47.38 40.26
CA PHE B 278 24.45 46.85 39.37
C PHE B 278 23.43 47.91 38.96
N SER B 279 23.80 49.19 38.90
CA SER B 279 22.80 50.21 38.60
C SER B 279 22.19 50.01 37.21
N PHE B 280 22.85 49.26 36.32
CA PHE B 280 22.30 49.04 34.98
C PHE B 280 21.11 48.07 34.97
N ILE B 281 20.94 47.25 36.00
CA ILE B 281 19.84 46.29 36.09
C ILE B 281 18.50 47.00 36.28
N PRO B 282 17.40 46.51 35.71
CA PRO B 282 16.09 47.09 36.02
C PRO B 282 15.77 46.98 37.51
N SER B 283 15.06 48.00 38.02
CA SER B 283 14.81 48.07 39.46
C SER B 283 14.05 46.84 39.96
N ALA B 284 13.03 46.40 39.21
CA ALA B 284 12.31 45.20 39.60
C ALA B 284 13.30 44.06 39.85
N ALA B 285 14.26 43.91 38.92
CA ALA B 285 15.28 42.88 39.06
C ALA B 285 16.26 43.22 40.19
N LEU B 286 16.72 44.47 40.26
CA LEU B 286 17.71 44.82 41.27
C LEU B 286 17.19 44.55 42.68
N ASP B 287 15.92 44.88 42.94
CA ASP B 287 15.32 44.51 44.21
C ASP B 287 15.40 43.01 44.45
N LEU B 288 15.13 42.20 43.42
CA LEU B 288 15.22 40.76 43.59
C LEU B 288 16.65 40.35 43.90
N LEU B 289 17.62 40.84 43.13
CA LEU B 289 19.02 40.52 43.39
C LEU B 289 19.43 40.93 44.80
N ASP B 290 19.11 42.17 45.18
CA ASP B 290 19.53 42.65 46.49
C ASP B 290 19.00 41.76 47.61
N HIS B 291 17.75 41.30 47.48
CA HIS B 291 17.16 40.46 48.50
C HIS B 291 17.77 39.06 48.48
N MET B 292 17.98 38.50 47.29
CA MET B 292 18.53 37.15 47.19
C MET B 292 19.96 37.08 47.70
N LEU B 293 20.74 38.15 47.53
CA LEU B 293 22.14 38.16 47.93
C LEU B 293 22.32 38.82 49.29
N THR B 294 21.32 38.70 50.16
CA THR B 294 21.44 39.18 51.53
C THR B 294 22.37 38.28 52.33
N LEU B 295 23.21 38.89 53.16
CA LEU B 295 24.22 38.13 53.87
C LEU B 295 23.60 37.14 54.85
N ASP B 296 22.66 37.62 55.66
CA ASP B 296 22.09 36.81 56.74
C ASP B 296 21.15 35.75 56.18
N PRO B 297 21.39 34.46 56.46
CA PRO B 297 20.49 33.43 55.92
C PRO B 297 19.04 33.62 56.35
N SER B 298 18.81 34.25 57.49
CA SER B 298 17.47 34.43 58.01
C SER B 298 16.73 35.57 57.33
N LYS B 299 17.45 36.58 56.84
CA LYS B 299 16.86 37.70 56.14
C LYS B 299 16.84 37.52 54.63
N ARG B 300 17.51 36.49 54.11
CA ARG B 300 17.52 36.22 52.69
C ARG B 300 16.16 35.68 52.25
N CYS B 301 15.63 36.23 51.17
CA CYS B 301 14.30 35.88 50.69
C CYS B 301 14.19 34.38 50.41
N THR B 302 12.94 33.90 50.42
CA THR B 302 12.64 32.51 50.10
C THR B 302 12.27 32.41 48.62
N ALA B 303 12.10 31.17 48.15
CA ALA B 303 11.67 30.97 46.76
C ALA B 303 10.27 31.55 46.52
N GLU B 304 9.33 31.27 47.42
CA GLU B 304 7.97 31.78 47.25
C GLU B 304 7.96 33.30 47.17
N GLN B 305 8.81 33.96 47.96
CA GLN B 305 8.85 35.41 47.95
C GLN B 305 9.38 35.95 46.62
N THR B 306 10.33 35.23 46.00
CA THR B 306 10.82 35.65 44.69
C THR B 306 9.72 35.58 43.65
N LEU B 307 8.85 34.58 43.74
CA LEU B 307 7.74 34.46 42.81
C LEU B 307 6.69 35.54 43.04
N GLN B 308 6.60 36.06 44.27
CA GLN B 308 5.73 37.18 44.61
C GLN B 308 6.54 38.47 44.65
N SER B 309 7.31 38.68 43.58
CA SER B 309 8.08 39.89 43.36
C SER B 309 7.53 40.62 42.16
N ASP B 310 7.74 41.93 42.12
CA ASP B 310 7.33 42.71 40.97
C ASP B 310 7.95 42.15 39.69
N PHE B 311 9.11 41.49 39.80
CA PHE B 311 9.82 41.02 38.63
C PHE B 311 9.27 39.71 38.08
N LEU B 312 8.96 38.75 38.97
CA LEU B 312 8.56 37.42 38.52
C LEU B 312 7.08 37.13 38.72
N LYS B 313 6.38 37.97 39.47
CA LYS B 313 4.99 37.65 39.77
C LYS B 313 4.11 37.70 38.52
N ASP B 314 4.24 38.74 37.71
CA ASP B 314 3.32 38.95 36.62
C ASP B 314 3.79 38.33 35.31
N VAL B 315 4.85 37.54 35.34
CA VAL B 315 5.29 36.84 34.15
C VAL B 315 4.31 35.73 33.83
N GLU B 316 3.90 35.63 32.56
CA GLU B 316 3.04 34.56 32.09
C GLU B 316 3.97 33.52 31.49
N LEU B 317 4.02 32.33 32.08
CA LEU B 317 4.89 31.31 31.52
C LEU B 317 4.31 30.67 30.26
N SER B 318 3.03 30.89 29.99
CA SER B 318 2.46 30.56 28.70
C SER B 318 3.23 31.25 27.58
N LYS B 319 3.65 32.49 27.80
CA LYS B 319 4.44 33.21 26.83
C LYS B 319 5.93 32.98 27.07
N THR C 24 3.76 4.15 37.04
CA THR C 24 4.45 5.18 37.81
C THR C 24 5.18 4.57 39.01
N LYS C 25 4.43 4.29 40.08
CA LYS C 25 4.94 3.70 41.31
C LYS C 25 4.35 2.30 41.55
N PRO C 26 5.11 1.39 42.15
CA PRO C 26 4.60 0.03 42.37
C PRO C 26 3.70 -0.02 43.60
N CYS C 27 2.93 -1.10 43.68
CA CYS C 27 2.06 -1.37 44.82
C CYS C 27 2.79 -2.33 45.74
N TRP C 28 2.91 -1.96 47.02
CA TRP C 28 3.69 -2.75 47.96
C TRP C 28 2.85 -3.43 49.03
N TYR C 29 1.56 -3.62 48.80
CA TYR C 29 0.67 -4.16 49.81
C TYR C 29 -0.10 -5.38 49.29
N TRP C 30 -0.05 -6.46 50.05
CA TRP C 30 -0.72 -7.71 49.73
C TRP C 30 -1.78 -8.00 50.78
N ASP C 31 -2.69 -8.92 50.46
CA ASP C 31 -3.69 -9.39 51.40
C ASP C 31 -3.14 -10.55 52.25
N LYS C 32 -3.63 -10.64 53.49
CA LYS C 32 -3.19 -11.69 54.39
C LYS C 32 -3.24 -13.04 53.69
N LYS C 33 -4.35 -13.31 53.00
CA LYS C 33 -4.51 -14.58 52.31
C LYS C 33 -3.38 -14.84 51.33
N ASP C 34 -2.81 -13.79 50.74
CA ASP C 34 -1.78 -13.98 49.73
C ASP C 34 -0.47 -14.48 50.33
N LEU C 35 -0.27 -14.29 51.64
CA LEU C 35 0.98 -14.66 52.28
C LEU C 35 1.21 -16.15 52.35
N ALA C 36 0.17 -16.97 52.15
CA ALA C 36 0.33 -18.41 52.14
C ALA C 36 0.98 -18.91 50.86
N HIS C 37 1.35 -17.99 49.96
CA HIS C 37 1.94 -18.31 48.66
C HIS C 37 3.23 -17.53 48.45
N THR C 38 3.98 -17.27 49.52
CA THR C 38 5.32 -16.73 49.33
C THR C 38 6.22 -17.84 48.81
N PRO C 39 7.29 -17.49 48.11
CA PRO C 39 8.25 -18.53 47.68
C PRO C 39 8.64 -19.46 48.82
N SER C 40 8.81 -18.90 50.02
CA SER C 40 9.18 -19.70 51.18
C SER C 40 8.13 -20.76 51.45
N GLN C 41 6.85 -20.36 51.44
CA GLN C 41 5.79 -21.33 51.66
C GLN C 41 5.81 -22.43 50.62
N LEU C 42 6.00 -22.06 49.35
CA LEU C 42 5.92 -23.01 48.25
C LEU C 42 7.16 -23.89 48.12
N GLU C 43 8.25 -23.59 48.82
CA GLU C 43 9.39 -24.47 48.91
C GLU C 43 9.33 -25.38 50.14
N GLY C 44 8.16 -25.51 50.74
CA GLY C 44 7.97 -26.43 51.84
C GLY C 44 8.06 -25.82 53.22
N LEU C 45 8.34 -24.53 53.31
CA LEU C 45 8.37 -23.86 54.59
C LEU C 45 6.95 -23.65 55.10
N ASP C 46 6.69 -23.99 56.35
CA ASP C 46 5.37 -23.85 56.90
C ASP C 46 5.15 -22.43 57.40
N PRO C 47 3.89 -22.01 57.59
CA PRO C 47 3.63 -20.61 57.94
C PRO C 47 4.32 -20.16 59.22
N ALA C 48 4.31 -21.02 60.25
CA ALA C 48 4.95 -20.64 61.50
C ALA C 48 6.43 -20.35 61.30
N THR C 49 7.10 -21.18 60.51
CA THR C 49 8.54 -21.03 60.31
C THR C 49 8.86 -19.72 59.59
N GLU C 50 8.13 -19.40 58.53
CA GLU C 50 8.40 -18.14 57.84
C GLU C 50 8.17 -16.96 58.78
N ALA C 51 7.11 -17.03 59.59
CA ALA C 51 6.87 -15.98 60.58
C ALA C 51 8.03 -15.88 61.57
N ARG C 52 8.51 -17.02 62.07
CA ARG C 52 9.66 -17.00 62.97
C ARG C 52 10.88 -16.40 62.28
N TYR C 53 11.17 -16.87 61.06
CA TYR C 53 12.31 -16.32 60.32
C TYR C 53 12.15 -14.82 60.15
N ARG C 54 10.91 -14.37 59.88
CA ARG C 54 10.67 -12.95 59.69
C ARG C 54 10.99 -12.17 60.96
N ARG C 55 10.49 -12.63 62.11
CA ARG C 55 10.78 -11.90 63.34
C ARG C 55 12.27 -11.89 63.63
N GLU C 56 12.94 -13.01 63.39
CA GLU C 56 14.36 -13.10 63.69
C GLU C 56 15.17 -12.17 62.79
N GLY C 57 14.85 -12.11 61.50
CA GLY C 57 15.53 -11.18 60.63
C GLY C 57 15.27 -9.75 61.02
N ALA C 58 14.03 -9.43 61.38
CA ALA C 58 13.69 -8.08 61.79
C ALA C 58 14.41 -7.68 63.09
N ARG C 59 14.31 -8.52 64.12
CA ARG C 59 14.98 -8.23 65.38
C ARG C 59 16.49 -8.15 65.19
N PHE C 60 17.03 -8.88 64.20
CA PHE C 60 18.45 -8.80 63.87
C PHE C 60 18.80 -7.43 63.31
N ILE C 61 18.04 -6.99 62.30
CA ILE C 61 18.22 -5.63 61.79
C ILE C 61 18.04 -4.63 62.93
N PHE C 62 16.98 -4.80 63.72
CA PHE C 62 16.70 -3.88 64.82
C PHE C 62 17.86 -3.85 65.80
N ASP C 63 18.34 -5.02 66.20
CA ASP C 63 19.40 -5.08 67.20
C ASP C 63 20.73 -4.62 66.61
N VAL C 64 21.04 -5.01 65.37
CA VAL C 64 22.31 -4.60 64.78
C VAL C 64 22.39 -3.09 64.66
N GLY C 65 21.37 -2.47 64.07
CA GLY C 65 21.40 -1.03 63.89
C GLY C 65 21.38 -0.28 65.20
N THR C 66 20.68 -0.81 66.20
CA THR C 66 20.66 -0.15 67.49
C THR C 66 22.06 -0.10 68.10
N ARG C 67 22.82 -1.19 67.98
CA ARG C 67 24.19 -1.20 68.49
C ARG C 67 25.05 -0.17 67.77
N LEU C 68 24.76 0.10 66.50
CA LEU C 68 25.50 1.09 65.72
C LEU C 68 24.99 2.52 65.90
N GLY C 69 23.94 2.73 66.69
CA GLY C 69 23.47 4.07 66.97
C GLY C 69 22.59 4.69 65.91
N LEU C 70 21.81 3.89 65.20
CA LEU C 70 21.06 4.37 64.05
C LEU C 70 19.69 4.93 64.42
N HIS C 71 19.29 5.97 63.68
CA HIS C 71 17.96 6.56 63.78
C HIS C 71 16.89 5.50 63.60
N TYR C 72 15.74 5.71 64.24
CA TYR C 72 14.69 4.69 64.22
C TYR C 72 14.16 4.47 62.80
N ASP C 73 14.10 5.54 62.00
CA ASP C 73 13.65 5.39 60.62
C ASP C 73 14.57 4.45 59.85
N THR C 74 15.89 4.56 60.05
CA THR C 74 16.82 3.72 59.31
C THR C 74 16.59 2.25 59.63
N LEU C 75 16.36 1.93 60.90
CA LEU C 75 16.04 0.55 61.26
C LEU C 75 14.78 0.10 60.54
N ALA C 76 13.72 0.90 60.60
CA ALA C 76 12.46 0.52 59.98
C ALA C 76 12.63 0.35 58.48
N THR C 77 13.30 1.30 57.83
CA THR C 77 13.50 1.20 56.39
C THR C 77 14.19 -0.11 56.03
N GLY C 78 15.24 -0.46 56.77
CA GLY C 78 15.86 -1.76 56.54
C GLY C 78 14.88 -2.90 56.73
N ILE C 79 14.07 -2.84 57.78
CA ILE C 79 13.11 -3.92 58.04
C ILE C 79 12.08 -4.00 56.92
N ILE C 80 11.64 -2.85 56.42
CA ILE C 80 10.63 -2.86 55.37
C ILE C 80 11.18 -3.48 54.10
N TYR C 81 12.41 -3.10 53.71
CA TYR C 81 13.06 -3.75 52.58
C TYR C 81 13.14 -5.25 52.78
N PHE C 82 13.49 -5.68 53.99
CA PHE C 82 13.64 -7.09 54.30
C PHE C 82 12.32 -7.83 54.14
N HIS C 83 11.26 -7.31 54.75
CA HIS C 83 9.95 -7.93 54.60
C HIS C 83 9.55 -7.97 53.14
N ARG C 84 9.77 -6.88 52.40
CA ARG C 84 9.42 -6.86 50.98
C ARG C 84 10.25 -7.87 50.20
N PHE C 85 11.52 -8.02 50.54
CA PHE C 85 12.40 -8.95 49.81
C PHE C 85 11.81 -10.36 49.78
N TYR C 86 11.41 -10.88 50.94
CA TYR C 86 10.95 -12.26 51.04
C TYR C 86 9.51 -12.44 50.61
N MET C 87 8.93 -11.43 49.97
CA MET C 87 7.75 -11.62 49.13
C MET C 87 8.11 -12.00 47.70
N PHE C 88 9.36 -11.80 47.30
CA PHE C 88 9.85 -12.11 45.96
C PHE C 88 10.89 -13.23 45.98
N HIS C 89 11.31 -13.70 47.15
CA HIS C 89 12.38 -14.70 47.26
C HIS C 89 12.09 -15.65 48.41
N SER C 90 12.81 -16.77 48.40
CA SER C 90 12.62 -17.84 49.37
C SER C 90 13.71 -17.81 50.44
N PHE C 91 13.29 -18.06 51.68
CA PHE C 91 14.24 -18.11 52.79
C PHE C 91 15.23 -19.27 52.68
N LYS C 92 14.91 -20.32 51.91
CA LYS C 92 15.82 -21.44 51.79
C LYS C 92 16.95 -21.19 50.82
N GLN C 93 16.79 -20.24 49.89
CA GLN C 93 17.82 -19.93 48.91
C GLN C 93 18.58 -18.64 49.22
N PHE C 94 18.01 -17.74 49.99
CA PHE C 94 18.68 -16.49 50.40
C PHE C 94 18.73 -16.44 51.93
N PRO C 95 19.89 -16.61 52.56
CA PRO C 95 19.95 -16.61 54.04
C PRO C 95 19.42 -15.30 54.62
N ARG C 96 18.77 -15.40 55.77
CA ARG C 96 18.03 -14.23 56.25
C ARG C 96 18.97 -13.20 56.87
N TYR C 97 19.96 -13.62 57.66
CA TYR C 97 20.80 -12.63 58.34
C TYR C 97 21.72 -11.91 57.37
N VAL C 98 22.13 -12.59 56.29
CA VAL C 98 22.83 -11.88 55.23
C VAL C 98 21.91 -10.83 54.62
N THR C 99 20.70 -11.26 54.25
CA THR C 99 19.72 -10.33 53.71
C THR C 99 19.49 -9.14 54.63
N GLY C 100 19.23 -9.42 55.92
CA GLY C 100 19.04 -8.34 56.87
C GLY C 100 20.17 -7.35 56.86
N ALA C 101 21.41 -7.84 56.94
CA ALA C 101 22.57 -6.94 56.95
C ALA C 101 22.59 -6.07 55.71
N CYS C 102 22.33 -6.65 54.54
CA CYS C 102 22.29 -5.87 53.31
C CYS C 102 21.21 -4.81 53.36
N CYS C 103 20.02 -5.17 53.84
CA CYS C 103 18.93 -4.20 53.96
C CYS C 103 19.36 -3.01 54.81
N LEU C 104 19.91 -3.28 55.99
CA LEU C 104 20.35 -2.20 56.86
C LEU C 104 21.43 -1.36 56.18
N PHE C 105 22.34 -2.01 55.44
CA PHE C 105 23.38 -1.27 54.73
C PHE C 105 22.78 -0.28 53.75
N LEU C 106 21.90 -0.74 52.85
CA LEU C 106 21.27 0.17 51.90
C LEU C 106 20.41 1.20 52.63
N ALA C 107 19.68 0.77 53.66
CA ALA C 107 18.82 1.70 54.39
C ALA C 107 19.63 2.87 54.92
N GLY C 108 20.83 2.61 55.42
CA GLY C 108 21.68 3.68 55.90
C GLY C 108 21.99 4.70 54.82
N LYS C 109 22.28 4.24 53.61
CA LYS C 109 22.55 5.18 52.52
C LYS C 109 21.29 5.91 52.08
N VAL C 110 20.16 5.22 52.09
CA VAL C 110 18.91 5.87 51.68
C VAL C 110 18.53 6.97 52.65
N GLU C 111 18.49 6.67 53.94
CA GLU C 111 18.03 7.58 54.98
C GLU C 111 19.14 8.50 55.53
N GLU C 112 20.30 8.54 54.88
CA GLU C 112 21.41 9.43 55.25
C GLU C 112 21.94 9.19 56.66
N THR C 113 21.93 7.92 57.08
CA THR C 113 22.62 7.47 58.28
C THR C 113 23.61 6.37 57.89
N PRO C 114 24.55 6.67 56.99
CA PRO C 114 25.33 5.59 56.37
C PRO C 114 26.32 4.95 57.32
N LYS C 115 26.63 3.68 57.04
CA LYS C 115 27.64 2.94 57.79
C LYS C 115 28.47 2.12 56.82
N LYS C 116 29.75 1.91 57.16
CA LYS C 116 30.59 1.07 56.32
C LYS C 116 30.15 -0.37 56.48
N CYS C 117 30.19 -1.12 55.38
CA CYS C 117 29.76 -2.51 55.45
C CYS C 117 30.55 -3.28 56.50
N LYS C 118 31.86 -3.01 56.61
CA LYS C 118 32.67 -3.76 57.57
C LYS C 118 32.16 -3.57 58.99
N ASP C 119 31.64 -2.38 59.32
CA ASP C 119 31.14 -2.15 60.67
C ASP C 119 29.87 -2.96 60.93
N ILE C 120 28.99 -3.07 59.93
CA ILE C 120 27.79 -3.88 60.09
C ILE C 120 28.18 -5.34 60.34
N ILE C 121 29.14 -5.85 59.58
CA ILE C 121 29.60 -7.22 59.77
C ILE C 121 30.16 -7.37 61.19
N LYS C 122 31.00 -6.43 61.61
CA LYS C 122 31.57 -6.48 62.95
C LYS C 122 30.49 -6.62 64.00
N THR C 123 29.44 -5.80 63.90
CA THR C 123 28.35 -5.86 64.87
C THR C 123 27.57 -7.15 64.73
N ALA C 124 27.29 -7.58 63.49
CA ALA C 124 26.56 -8.83 63.30
C ALA C 124 27.30 -10.01 63.91
N ARG C 125 28.64 -10.01 63.80
CA ARG C 125 29.40 -11.08 64.42
C ARG C 125 29.32 -11.02 65.93
N SER C 126 29.30 -9.82 66.49
CA SER C 126 29.19 -9.69 67.95
C SER C 126 27.88 -10.28 68.45
N LEU C 127 26.81 -10.16 67.66
CA LEU C 127 25.49 -10.54 68.13
C LEU C 127 25.07 -11.95 67.71
N LEU C 128 25.65 -12.50 66.63
CA LEU C 128 25.29 -13.83 66.15
C LEU C 128 26.26 -14.87 66.71
N ASN C 129 25.74 -16.07 66.97
CA ASN C 129 26.61 -17.17 67.41
C ASN C 129 27.41 -17.67 66.20
N ASP C 130 28.12 -18.77 66.38
CA ASP C 130 28.98 -19.30 65.33
C ASP C 130 28.17 -19.95 64.22
N VAL C 131 27.12 -20.68 64.57
CA VAL C 131 26.26 -21.29 63.56
C VAL C 131 25.60 -20.21 62.71
N GLN C 132 24.97 -19.24 63.37
CA GLN C 132 24.24 -18.19 62.66
C GLN C 132 25.16 -17.42 61.72
N PHE C 133 26.33 -17.01 62.20
CA PHE C 133 27.24 -16.27 61.34
C PHE C 133 27.73 -17.11 60.18
N GLY C 134 27.52 -18.43 60.22
CA GLY C 134 27.84 -19.26 59.07
C GLY C 134 27.14 -18.83 57.80
N GLN C 135 25.97 -18.21 57.92
CA GLN C 135 25.26 -17.75 56.73
C GLN C 135 26.11 -16.81 55.89
N PHE C 136 27.02 -16.06 56.52
CA PHE C 136 27.86 -15.10 55.82
C PHE C 136 29.00 -15.76 55.07
N GLY C 137 29.18 -17.06 55.23
CA GLY C 137 30.17 -17.77 54.44
C GLY C 137 31.59 -17.35 54.79
N ASP C 138 32.47 -17.56 53.81
CA ASP C 138 33.89 -17.36 54.05
C ASP C 138 34.26 -15.87 54.04
N ASP C 139 33.52 -15.06 53.29
CA ASP C 139 33.78 -13.63 53.16
C ASP C 139 32.48 -12.91 53.46
N PRO C 140 32.24 -12.59 54.74
CA PRO C 140 30.96 -11.93 55.08
C PRO C 140 30.68 -10.68 54.28
N LYS C 141 31.63 -9.73 54.23
CA LYS C 141 31.39 -8.48 53.51
C LYS C 141 30.99 -8.73 52.05
N GLU C 142 31.75 -9.57 51.34
CA GLU C 142 31.45 -9.78 49.93
C GLU C 142 30.05 -10.33 49.73
N GLU C 143 29.68 -11.34 50.51
CA GLU C 143 28.36 -11.93 50.38
C GLU C 143 27.26 -10.87 50.56
N VAL C 144 27.48 -9.91 51.46
CA VAL C 144 26.50 -8.85 51.69
C VAL C 144 26.50 -7.87 50.53
N MET C 145 27.68 -7.33 50.19
CA MET C 145 27.75 -6.33 49.12
C MET C 145 27.17 -6.87 47.82
N VAL C 146 27.29 -8.18 47.60
CA VAL C 146 26.82 -8.79 46.37
C VAL C 146 25.31 -8.75 46.25
N LEU C 147 24.60 -8.76 47.38
CA LEU C 147 23.16 -8.83 47.35
C LEU C 147 22.54 -7.49 46.97
N GLU C 148 23.28 -6.38 47.14
CA GLU C 148 22.71 -5.06 46.90
C GLU C 148 22.07 -4.96 45.52
N ARG C 149 22.74 -5.49 44.49
CA ARG C 149 22.15 -5.48 43.16
C ARG C 149 20.78 -6.13 43.15
N ILE C 150 20.69 -7.31 43.76
CA ILE C 150 19.42 -8.02 43.81
C ILE C 150 18.40 -7.23 44.63
N LEU C 151 18.80 -6.76 45.81
CA LEU C 151 17.88 -6.00 46.64
C LEU C 151 17.32 -4.81 45.89
N LEU C 152 18.19 -4.05 45.22
CA LEU C 152 17.75 -2.84 44.52
C LEU C 152 16.75 -3.18 43.42
N GLN C 153 17.00 -4.28 42.69
CA GLN C 153 16.05 -4.72 41.67
C GLN C 153 14.76 -5.23 42.29
N THR C 154 14.87 -5.94 43.42
CA THR C 154 13.67 -6.49 44.05
C THR C 154 12.76 -5.38 44.56
N ILE C 155 13.33 -4.36 45.19
CA ILE C 155 12.53 -3.25 45.69
C ILE C 155 12.18 -2.31 44.55
N LYS C 156 12.53 -2.70 43.32
CA LYS C 156 12.15 -1.96 42.12
C LYS C 156 12.67 -0.52 42.16
N PHE C 157 13.68 -0.26 42.99
CA PHE C 157 14.28 1.06 43.14
C PHE C 157 13.31 2.09 43.72
N ASP C 158 12.27 1.65 44.44
CA ASP C 158 11.39 2.54 45.19
C ASP C 158 11.95 2.72 46.59
N LEU C 159 13.01 3.54 46.68
CA LEU C 159 13.77 3.65 47.92
C LEU C 159 13.01 4.37 49.02
N GLN C 160 12.23 5.39 48.67
CA GLN C 160 11.56 6.19 49.69
C GLN C 160 10.52 5.34 50.41
N VAL C 161 10.50 5.43 51.73
CA VAL C 161 9.56 4.68 52.55
C VAL C 161 9.08 5.58 53.68
N GLU C 162 7.78 5.51 53.98
CA GLU C 162 7.19 6.19 55.12
C GLU C 162 6.88 5.16 56.19
N HIS C 163 6.93 5.59 57.45
CA HIS C 163 6.79 4.69 58.58
C HIS C 163 5.76 5.21 59.56
N PRO C 164 5.14 4.31 60.34
CA PRO C 164 4.10 4.75 61.28
C PRO C 164 4.53 5.84 62.25
N TYR C 165 5.83 5.98 62.48
CA TYR C 165 6.28 6.93 63.49
C TYR C 165 5.83 8.36 63.16
N GLN C 166 6.09 8.81 61.93
CA GLN C 166 5.82 10.22 61.63
C GLN C 166 4.35 10.55 61.77
N PHE C 167 3.46 9.60 61.45
CA PHE C 167 2.03 9.86 61.56
C PHE C 167 1.55 9.80 63.02
N LEU C 168 2.13 8.90 63.81
CA LEU C 168 1.82 8.88 65.24
C LEU C 168 2.07 10.25 65.85
N LEU C 169 3.13 10.93 65.42
CA LEU C 169 3.42 12.27 65.93
C LEU C 169 2.58 13.34 65.25
N LYS C 170 2.41 13.26 63.93
CA LYS C 170 1.57 14.25 63.26
C LYS C 170 0.15 14.23 63.83
N TYR C 171 -0.39 13.03 64.10
CA TYR C 171 -1.75 12.95 64.63
C TYR C 171 -1.80 13.31 66.11
N ALA C 172 -0.81 12.87 66.90
CA ALA C 172 -0.80 13.19 68.32
C ALA C 172 -0.71 14.69 68.54
N LYS C 173 -0.04 15.42 67.64
CA LYS C 173 0.10 16.86 67.81
C LYS C 173 -1.23 17.58 67.75
N GLN C 174 -2.25 16.96 67.14
CA GLN C 174 -3.58 17.55 67.03
C GLN C 174 -4.54 17.00 68.09
N LEU C 175 -4.03 16.27 69.07
CA LEU C 175 -4.78 15.86 70.25
C LEU C 175 -4.41 16.78 71.41
N LYS C 176 -5.42 17.32 72.07
CA LYS C 176 -5.21 18.27 73.16
C LYS C 176 -6.04 17.87 74.37
N GLY C 177 -5.43 18.01 75.53
CA GLY C 177 -6.01 17.58 76.80
C GLY C 177 -4.88 17.31 77.79
N ASP C 178 -5.12 16.35 78.68
CA ASP C 178 -4.18 15.97 79.73
C ASP C 178 -2.83 15.58 79.14
N LYS C 179 -1.81 16.41 79.36
CA LYS C 179 -0.49 16.18 78.76
C LYS C 179 0.02 14.78 79.07
N ASN C 180 -0.17 14.33 80.30
CA ASN C 180 0.37 13.05 80.73
C ASN C 180 -0.38 11.86 80.15
N LYS C 181 -1.70 11.99 79.97
CA LYS C 181 -2.46 10.90 79.37
C LYS C 181 -2.12 10.73 77.90
N ILE C 182 -1.98 11.83 77.16
CA ILE C 182 -1.63 11.75 75.74
C ILE C 182 -0.21 11.20 75.58
N GLN C 183 0.70 11.57 76.48
CA GLN C 183 2.06 11.06 76.37
C GLN C 183 2.09 9.56 76.65
N LYS C 184 1.28 9.09 77.61
CA LYS C 184 1.20 7.65 77.84
C LYS C 184 0.74 6.91 76.59
N LEU C 185 -0.26 7.46 75.89
CA LEU C 185 -0.75 6.84 74.66
C LEU C 185 0.36 6.74 73.64
N VAL C 186 1.09 7.85 73.43
CA VAL C 186 2.08 7.90 72.37
C VAL C 186 3.19 6.88 72.62
N GLN C 187 3.73 6.85 73.84
CA GLN C 187 4.79 5.88 74.12
C GLN C 187 4.27 4.44 74.00
N MET C 188 3.08 4.17 74.56
CA MET C 188 2.53 2.82 74.42
C MET C 188 2.38 2.45 72.95
N ALA C 189 1.88 3.38 72.15
CA ALA C 189 1.70 3.13 70.72
C ALA C 189 3.06 2.99 70.03
N TRP C 190 4.00 3.89 70.33
CA TRP C 190 5.35 3.78 69.78
C TRP C 190 5.92 2.38 70.01
N THR C 191 5.73 1.83 71.22
CA THR C 191 6.16 0.46 71.46
C THR C 191 5.47 -0.51 70.50
N PHE C 192 4.16 -0.31 70.26
CA PHE C 192 3.44 -1.19 69.36
C PHE C 192 3.96 -1.08 67.93
N VAL C 193 4.43 0.10 67.52
CA VAL C 193 5.00 0.24 66.18
C VAL C 193 6.28 -0.59 66.07
N ASN C 194 7.18 -0.43 67.04
CA ASN C 194 8.41 -1.22 67.04
C ASN C 194 8.10 -2.71 66.96
N ASP C 195 7.06 -3.16 67.66
CA ASP C 195 6.70 -4.57 67.64
C ASP C 195 6.09 -5.00 66.32
N SER C 196 5.33 -4.12 65.67
CA SER C 196 4.69 -4.48 64.41
C SER C 196 5.70 -4.68 63.28
N LEU C 197 6.93 -4.16 63.43
CA LEU C 197 7.98 -4.39 62.44
C LEU C 197 8.35 -5.87 62.34
N CYS C 198 8.07 -6.65 63.38
CA CYS C 198 8.31 -8.09 63.37
C CYS C 198 7.24 -8.86 62.59
N THR C 199 6.20 -8.18 62.13
CA THR C 199 5.08 -8.78 61.44
C THR C 199 4.98 -8.37 59.98
N THR C 200 4.08 -9.07 59.28
CA THR C 200 3.75 -8.78 57.89
C THR C 200 2.78 -7.61 57.74
N LEU C 201 2.41 -6.95 58.84
CA LEU C 201 1.52 -5.79 58.75
C LEU C 201 2.13 -4.70 57.88
N SER C 202 3.45 -4.55 57.92
CA SER C 202 4.12 -3.59 57.07
C SER C 202 3.80 -3.82 55.60
N LEU C 203 3.50 -5.07 55.24
CA LEU C 203 3.16 -5.45 53.88
C LEU C 203 1.65 -5.43 53.63
N GLN C 204 0.82 -5.35 54.67
CA GLN C 204 -0.62 -5.41 54.46
C GLN C 204 -1.30 -4.05 54.37
N TRP C 205 -0.93 -3.11 55.23
CA TRP C 205 -1.66 -1.85 55.35
C TRP C 205 -0.66 -0.71 55.28
N GLU C 206 -1.09 0.42 54.69
CA GLU C 206 -0.25 1.60 54.64
C GLU C 206 0.16 2.03 56.05
N PRO C 207 1.29 2.75 56.17
CA PRO C 207 1.73 3.15 57.52
C PRO C 207 0.73 4.03 58.24
N GLU C 208 0.02 4.91 57.52
CA GLU C 208 -0.96 5.77 58.17
C GLU C 208 -1.98 4.98 58.99
N ILE C 209 -2.44 3.85 58.45
CA ILE C 209 -3.42 3.02 59.17
C ILE C 209 -2.77 2.43 60.42
N ILE C 210 -1.52 2.00 60.30
CA ILE C 210 -0.81 1.44 61.45
C ILE C 210 -0.78 2.44 62.59
N ALA C 211 -0.41 3.69 62.28
CA ALA C 211 -0.33 4.71 63.32
C ALA C 211 -1.67 4.85 64.02
N VAL C 212 -2.76 4.89 63.25
CA VAL C 212 -4.09 4.96 63.84
C VAL C 212 -4.38 3.70 64.65
N ALA C 213 -4.09 2.54 64.06
CA ALA C 213 -4.38 1.27 64.73
C ALA C 213 -3.69 1.22 66.09
N VAL C 214 -2.44 1.69 66.15
CA VAL C 214 -1.72 1.64 67.43
C VAL C 214 -2.32 2.62 68.41
N MET C 215 -2.76 3.79 67.94
CA MET C 215 -3.48 4.73 68.80
C MET C 215 -4.78 4.10 69.30
N TYR C 216 -5.55 3.49 68.38
CA TYR C 216 -6.80 2.81 68.74
C TYR C 216 -6.55 1.77 69.83
N LEU C 217 -5.47 0.99 69.71
CA LEU C 217 -5.19 -0.06 70.70
C LEU C 217 -4.78 0.54 72.04
N ALA C 218 -3.80 1.44 72.04
CA ALA C 218 -3.38 2.08 73.28
C ALA C 218 -4.56 2.71 74.01
N GLY C 219 -5.46 3.36 73.25
CA GLY C 219 -6.64 3.94 73.88
C GLY C 219 -7.50 2.89 74.56
N ARG C 220 -7.71 1.75 73.92
CA ARG C 220 -8.50 0.69 74.52
C ARG C 220 -7.82 0.12 75.76
N LEU C 221 -6.49 0.01 75.74
CA LEU C 221 -5.78 -0.54 76.89
C LEU C 221 -5.73 0.46 78.06
N CYS C 222 -5.59 1.75 77.78
CA CYS C 222 -5.52 2.75 78.84
C CYS C 222 -6.88 3.27 79.28
N LYS C 223 -7.97 2.71 78.75
CA LYS C 223 -9.33 3.18 79.04
C LYS C 223 -9.48 4.65 78.65
N PHE C 224 -8.60 5.16 77.79
CA PHE C 224 -8.68 6.54 77.33
C PHE C 224 -9.65 6.56 76.15
N GLU C 225 -10.45 7.60 76.09
CA GLU C 225 -11.37 7.83 74.96
C GLU C 225 -10.79 8.94 74.09
N ILE C 226 -10.07 8.55 73.05
CA ILE C 226 -9.29 9.52 72.28
C ILE C 226 -10.20 10.59 71.67
N GLN C 227 -11.47 10.26 71.44
CA GLN C 227 -12.35 11.22 70.78
C GLN C 227 -12.36 12.57 71.47
N GLU C 228 -12.30 12.60 72.79
CA GLU C 228 -12.47 13.85 73.51
C GLU C 228 -11.38 14.85 73.17
N TRP C 229 -10.18 14.36 72.89
CA TRP C 229 -9.05 15.24 72.62
C TRP C 229 -9.04 15.77 71.19
N THR C 230 -9.96 15.31 70.35
CA THR C 230 -9.99 15.75 68.97
C THR C 230 -10.74 17.09 68.87
N SER C 231 -10.57 17.76 67.72
CA SER C 231 -11.35 18.97 67.47
C SER C 231 -12.82 18.67 67.22
N LYS C 232 -13.19 17.39 67.16
CA LYS C 232 -14.57 16.94 66.93
C LYS C 232 -14.92 15.97 68.04
N PRO C 233 -15.11 16.47 69.27
CA PRO C 233 -15.15 15.58 70.45
C PRO C 233 -16.35 14.65 70.51
N MET C 234 -17.35 14.83 69.64
CA MET C 234 -18.51 13.96 69.58
C MET C 234 -18.48 13.10 68.34
N TYR C 235 -17.38 13.14 67.60
CA TYR C 235 -17.13 12.25 66.47
C TYR C 235 -16.49 11.01 67.07
N ARG C 236 -17.30 9.98 67.31
CA ARG C 236 -16.75 8.78 67.94
C ARG C 236 -15.63 8.19 67.09
N ARG C 237 -15.82 8.19 65.76
CA ARG C 237 -14.83 7.70 64.81
C ARG C 237 -13.81 8.82 64.58
N TRP C 238 -12.94 8.96 65.58
CA TRP C 238 -11.95 10.04 65.54
C TRP C 238 -10.95 9.85 64.41
N TRP C 239 -10.62 8.61 64.04
CA TRP C 239 -9.60 8.40 63.02
C TRP C 239 -10.00 9.05 61.69
N GLU C 240 -11.30 9.11 61.40
CA GLU C 240 -11.73 9.51 60.07
C GLU C 240 -11.30 10.92 59.71
N GLN C 241 -10.95 11.74 60.71
CA GLN C 241 -10.37 13.05 60.45
C GLN C 241 -8.87 12.98 60.18
N PHE C 242 -8.26 11.84 60.44
CA PHE C 242 -6.86 11.58 60.12
C PHE C 242 -6.69 10.68 58.91
N VAL C 243 -7.45 9.60 58.84
CA VAL C 243 -7.34 8.61 57.79
C VAL C 243 -8.75 8.31 57.30
N GLN C 244 -9.07 8.75 56.10
CA GLN C 244 -10.40 8.54 55.56
C GLN C 244 -10.56 7.08 55.13
N ASP C 245 -11.76 6.56 55.35
CA ASP C 245 -12.17 5.27 54.79
C ASP C 245 -11.40 4.11 55.41
N VAL C 246 -11.25 4.12 56.73
CA VAL C 246 -10.69 2.97 57.44
C VAL C 246 -11.79 2.36 58.29
N PRO C 247 -12.25 1.15 57.98
CA PRO C 247 -13.27 0.52 58.81
C PRO C 247 -12.66 0.08 60.13
N VAL C 248 -13.51 0.02 61.16
CA VAL C 248 -13.04 -0.45 62.45
C VAL C 248 -12.50 -1.87 62.30
N ASP C 249 -13.07 -2.63 61.36
CA ASP C 249 -12.61 -3.99 61.11
C ASP C 249 -11.11 -4.04 60.89
N VAL C 250 -10.59 -3.12 60.06
CA VAL C 250 -9.16 -3.12 59.76
C VAL C 250 -8.36 -2.82 61.02
N LEU C 251 -8.76 -1.78 61.75
CA LEU C 251 -8.06 -1.45 62.98
C LEU C 251 -8.09 -2.61 63.97
N GLU C 252 -9.22 -3.32 64.05
CA GLU C 252 -9.31 -4.46 64.96
C GLU C 252 -8.44 -5.61 64.50
N ASP C 253 -8.43 -5.89 63.19
CA ASP C 253 -7.54 -6.93 62.67
C ASP C 253 -6.09 -6.64 63.03
N ILE C 254 -5.66 -5.38 62.83
CA ILE C 254 -4.29 -5.01 63.14
C ILE C 254 -4.03 -5.21 64.62
N CYS C 255 -4.95 -4.73 65.46
CA CYS C 255 -4.81 -4.92 66.91
C CYS C 255 -4.63 -6.39 67.23
N HIS C 256 -5.44 -7.25 66.64
CA HIS C 256 -5.35 -8.68 66.92
C HIS C 256 -3.96 -9.21 66.57
N GLN C 257 -3.42 -8.78 65.44
CA GLN C 257 -2.10 -9.26 65.02
C GLN C 257 -1.00 -8.74 65.93
N ILE C 258 -1.10 -7.50 66.38
CA ILE C 258 -0.08 -6.99 67.30
C ILE C 258 -0.17 -7.74 68.63
N LEU C 259 -1.40 -7.99 69.11
CA LEU C 259 -1.52 -8.65 70.41
C LEU C 259 -1.06 -10.09 70.38
N ASP C 260 -1.20 -10.80 69.26
CA ASP C 260 -0.78 -12.20 69.22
C ASP C 260 0.70 -12.35 69.57
N LEU C 261 1.54 -11.44 69.08
CA LEU C 261 2.95 -11.49 69.41
C LEU C 261 3.16 -11.38 70.90
N TYR C 262 2.39 -10.50 71.57
CA TYR C 262 2.51 -10.38 73.02
C TYR C 262 1.95 -11.59 73.75
N SER C 263 0.90 -12.22 73.23
CA SER C 263 0.33 -13.36 73.94
C SER C 263 1.23 -14.57 73.81
N GLN C 264 1.78 -14.81 72.61
CA GLN C 264 2.64 -15.97 72.42
C GLN C 264 3.96 -15.82 73.18
N GLY C 265 4.57 -14.63 73.15
CA GLY C 265 5.78 -14.45 73.91
C GLY C 265 5.49 -14.27 75.39
N LYS C 266 6.52 -14.43 76.21
CA LYS C 266 6.35 -14.22 77.65
C LYS C 266 6.05 -12.75 77.96
N GLN C 267 6.37 -11.84 77.04
CA GLN C 267 6.16 -10.41 77.21
C GLN C 267 4.67 -10.04 77.19
N GLN C 268 4.30 -9.07 78.03
CA GLN C 268 2.92 -8.60 78.19
C GLN C 268 2.76 -7.15 77.70
N MET C 269 1.50 -6.72 77.63
CA MET C 269 1.20 -5.37 77.12
C MET C 269 1.93 -4.33 77.97
N PRO C 270 2.55 -3.30 77.37
CA PRO C 270 3.42 -2.41 78.17
C PRO C 270 2.71 -1.73 79.34
N HIS C 271 1.58 -1.09 79.07
CA HIS C 271 0.82 -0.30 80.06
C HIS C 271 1.76 0.40 81.06
N MET D 5 -6.63 -62.82 6.51
CA MET D 5 -6.58 -62.59 7.97
C MET D 5 -5.13 -62.55 8.47
N SER D 6 -4.95 -62.04 9.67
CA SER D 6 -3.64 -61.93 10.31
C SER D 6 -3.65 -62.70 11.61
N TYR D 7 -2.47 -63.13 12.03
CA TYR D 7 -2.32 -64.02 13.18
C TYR D 7 -1.20 -63.49 14.07
N ASN D 8 -1.51 -63.30 15.35
CA ASN D 8 -0.58 -62.70 16.29
C ASN D 8 -0.70 -63.37 17.66
N TYR D 9 0.36 -63.17 18.47
CA TYR D 9 0.59 -63.82 19.76
C TYR D 9 0.99 -62.71 20.74
N VAL D 10 0.42 -62.75 21.94
CA VAL D 10 0.61 -61.68 22.92
C VAL D 10 0.98 -62.30 24.26
N VAL D 11 2.13 -61.91 24.80
CA VAL D 11 2.59 -62.41 26.09
C VAL D 11 2.92 -61.25 27.01
N THR D 12 2.89 -61.54 28.31
CA THR D 12 3.37 -60.63 29.33
C THR D 12 4.86 -60.87 29.57
N ALA D 13 5.66 -59.81 29.47
CA ALA D 13 7.07 -59.87 29.82
C ALA D 13 7.31 -59.43 31.25
N GLN D 14 6.62 -58.38 31.69
CA GLN D 14 6.60 -57.94 33.08
C GLN D 14 5.16 -57.76 33.52
N LYS D 15 4.80 -58.35 34.66
CA LYS D 15 3.43 -58.24 35.15
C LYS D 15 3.14 -56.84 35.67
N PRO D 16 1.86 -56.49 35.80
CA PRO D 16 1.50 -55.17 36.31
C PRO D 16 2.18 -54.90 37.65
N THR D 17 2.73 -53.69 37.79
CA THR D 17 3.45 -53.34 39.01
C THR D 17 2.74 -52.29 39.85
N ALA D 18 1.64 -51.73 39.35
CA ALA D 18 0.99 -50.61 40.03
C ALA D 18 -0.08 -51.13 40.97
N VAL D 19 -0.10 -50.59 42.18
CA VAL D 19 -1.08 -50.99 43.19
C VAL D 19 -2.39 -50.25 42.92
N ASN D 20 -3.43 -51.01 42.61
CA ASN D 20 -4.76 -50.47 42.42
C ASN D 20 -5.60 -50.49 43.69
N GLY D 21 -5.24 -51.34 44.65
CA GLY D 21 -5.96 -51.40 45.91
C GLY D 21 -5.31 -52.39 46.84
N CYS D 22 -5.59 -52.22 48.13
CA CYS D 22 -5.05 -53.11 49.15
C CYS D 22 -6.03 -53.20 50.31
N VAL D 23 -6.19 -54.40 50.86
CA VAL D 23 -7.00 -54.63 52.05
C VAL D 23 -6.23 -55.53 53.02
N THR D 24 -6.64 -55.47 54.28
CA THR D 24 -6.08 -56.29 55.35
C THR D 24 -7.20 -57.04 56.05
N GLY D 25 -6.91 -58.27 56.47
CA GLY D 25 -7.90 -59.07 57.16
C GLY D 25 -7.38 -60.41 57.64
N HIS D 26 -8.29 -61.38 57.78
CA HIS D 26 -7.93 -62.73 58.22
C HIS D 26 -8.48 -63.74 57.21
N PHE D 27 -7.80 -63.82 56.06
CA PHE D 27 -8.28 -64.57 54.90
C PHE D 27 -7.75 -66.00 54.87
N THR D 28 -6.47 -66.20 55.13
CA THR D 28 -5.89 -67.54 55.05
C THR D 28 -6.16 -68.38 56.30
N SER D 29 -6.19 -67.74 57.47
CA SER D 29 -6.51 -68.40 58.72
C SER D 29 -7.11 -67.37 59.65
N ALA D 30 -7.98 -67.82 60.56
CA ALA D 30 -8.52 -66.90 61.54
C ALA D 30 -7.42 -66.29 62.39
N GLU D 31 -6.23 -66.87 62.36
CA GLU D 31 -5.08 -66.45 63.17
C GLU D 31 -4.15 -65.51 62.42
N ASP D 32 -3.90 -65.77 61.15
CA ASP D 32 -2.95 -64.97 60.39
C ASP D 32 -3.56 -63.62 60.02
N LEU D 33 -2.75 -62.57 60.05
CA LEU D 33 -3.12 -61.27 59.53
C LEU D 33 -2.57 -61.16 58.10
N ASN D 34 -3.45 -60.98 57.13
CA ASN D 34 -3.06 -60.99 55.73
C ASN D 34 -3.24 -59.61 55.14
N LEU D 35 -2.32 -59.22 54.26
CA LEU D 35 -2.45 -58.02 53.43
C LEU D 35 -2.59 -58.49 51.98
N LEU D 36 -3.73 -58.18 51.38
CA LEU D 36 -3.97 -58.51 49.98
C LEU D 36 -3.74 -57.27 49.12
N ILE D 37 -2.87 -57.38 48.13
CA ILE D 37 -2.54 -56.29 47.22
C ILE D 37 -3.09 -56.66 45.85
N ALA D 38 -3.76 -55.71 45.20
CA ALA D 38 -4.44 -55.95 43.94
C ALA D 38 -3.79 -55.14 42.81
N LYS D 39 -3.00 -55.80 41.96
CA LYS D 39 -2.61 -55.31 40.65
C LYS D 39 -3.67 -55.66 39.61
N ASN D 40 -3.62 -54.96 38.47
CA ASN D 40 -4.75 -54.93 37.56
C ASN D 40 -5.40 -56.30 37.37
N THR D 41 -4.62 -57.29 36.98
CA THR D 41 -5.12 -58.66 36.83
C THR D 41 -4.54 -59.61 37.86
N ARG D 42 -3.68 -59.15 38.76
CA ARG D 42 -2.97 -60.03 39.68
C ARG D 42 -3.38 -59.71 41.11
N LEU D 43 -3.67 -60.77 41.87
CA LEU D 43 -4.01 -60.69 43.29
C LEU D 43 -2.87 -61.32 44.08
N GLU D 44 -2.28 -60.54 44.99
CA GLU D 44 -1.18 -60.99 45.83
C GLU D 44 -1.64 -61.12 47.27
N ILE D 45 -1.30 -62.25 47.91
CA ILE D 45 -1.65 -62.51 49.30
C ILE D 45 -0.35 -62.60 50.11
N TYR D 46 -0.26 -61.79 51.16
CA TYR D 46 0.90 -61.77 52.06
C TYR D 46 0.45 -62.06 53.49
N VAL D 47 1.43 -62.38 54.36
CA VAL D 47 1.20 -62.60 55.79
C VAL D 47 2.10 -61.68 56.59
N VAL D 48 1.52 -61.01 57.60
CA VAL D 48 2.25 -60.00 58.36
C VAL D 48 3.22 -60.63 59.33
N THR D 49 4.47 -60.16 59.30
CA THR D 49 5.52 -60.48 60.25
C THR D 49 6.12 -59.17 60.78
N ALA D 50 6.84 -59.26 61.90
CA ALA D 50 7.49 -58.08 62.46
C ALA D 50 8.56 -57.53 61.52
N GLU D 51 9.02 -58.34 60.58
CA GLU D 51 10.09 -58.06 59.64
C GLU D 51 9.61 -57.34 58.39
N GLY D 52 8.43 -57.70 57.92
CA GLY D 52 7.92 -57.25 56.64
C GLY D 52 6.70 -58.07 56.28
N LEU D 53 6.66 -58.60 55.06
CA LEU D 53 5.56 -59.42 54.58
C LEU D 53 6.07 -60.79 54.11
N ARG D 54 5.32 -61.84 54.42
CA ARG D 54 5.67 -63.17 53.93
C ARG D 54 4.70 -63.59 52.82
N PRO D 55 5.17 -63.72 51.58
CA PRO D 55 4.25 -64.14 50.50
C PRO D 55 3.78 -65.58 50.71
N VAL D 56 2.55 -65.84 50.26
CA VAL D 56 1.97 -67.17 50.43
C VAL D 56 1.41 -67.72 49.13
N LYS D 57 0.79 -66.86 48.31
CA LYS D 57 0.12 -67.33 47.11
C LYS D 57 -0.15 -66.14 46.20
N GLU D 58 0.02 -66.34 44.90
CA GLU D 58 -0.36 -65.35 43.90
C GLU D 58 -1.18 -66.01 42.79
N VAL D 59 -2.29 -65.38 42.44
CA VAL D 59 -3.17 -65.87 41.37
C VAL D 59 -3.43 -64.76 40.38
N GLY D 60 -3.69 -65.15 39.13
CA GLY D 60 -4.22 -64.25 38.13
C GLY D 60 -5.70 -64.49 37.94
N MET D 61 -6.41 -63.44 37.52
CA MET D 61 -7.84 -63.53 37.23
C MET D 61 -8.12 -63.09 35.81
N TYR D 62 -9.15 -63.70 35.22
CA TYR D 62 -9.60 -63.33 33.88
C TYR D 62 -10.52 -62.11 33.97
N GLY D 63 -9.93 -61.00 34.43
CA GLY D 63 -10.65 -59.78 34.69
C GLY D 63 -9.84 -58.69 35.36
N LYS D 64 -10.22 -57.43 35.13
CA LYS D 64 -9.66 -56.31 35.88
C LYS D 64 -10.36 -56.21 37.23
N ILE D 65 -9.57 -56.10 38.30
CA ILE D 65 -10.13 -56.10 39.65
C ILE D 65 -10.66 -54.70 39.94
N ALA D 66 -11.98 -54.57 40.06
CA ALA D 66 -12.61 -53.29 40.39
C ALA D 66 -12.88 -53.17 41.89
N VAL D 67 -13.49 -54.18 42.49
CA VAL D 67 -13.80 -54.19 43.91
C VAL D 67 -13.07 -55.37 44.56
N MET D 68 -12.49 -55.12 45.73
CA MET D 68 -11.83 -56.17 46.51
C MET D 68 -12.04 -55.86 47.98
N GLU D 69 -12.78 -56.72 48.69
CA GLU D 69 -13.08 -56.51 50.11
C GLU D 69 -13.13 -57.84 50.83
N LEU D 70 -12.78 -57.79 52.12
CA LEU D 70 -12.77 -58.96 52.99
C LEU D 70 -13.94 -58.83 53.96
N PHE D 71 -14.73 -59.89 54.08
CA PHE D 71 -15.90 -59.90 54.94
C PHE D 71 -15.94 -61.24 55.66
N ARG D 72 -16.46 -61.23 56.89
CA ARG D 72 -16.54 -62.45 57.70
C ARG D 72 -18.00 -62.79 57.88
N PRO D 73 -18.55 -63.72 57.09
CA PRO D 73 -19.97 -64.06 57.26
C PRO D 73 -20.19 -64.67 58.63
N LYS D 74 -21.37 -64.42 59.19
CA LYS D 74 -21.65 -64.96 60.51
C LYS D 74 -21.55 -66.47 60.49
N GLY D 75 -20.77 -67.01 61.42
CA GLY D 75 -20.52 -68.42 61.48
C GLY D 75 -19.19 -68.86 60.89
N GLU D 76 -18.63 -68.08 59.99
CA GLU D 76 -17.43 -68.50 59.29
C GLU D 76 -16.22 -68.48 60.20
N SER D 77 -15.30 -69.41 59.94
CA SER D 77 -14.10 -69.51 60.76
C SER D 77 -13.16 -68.35 60.50
N LYS D 78 -13.15 -67.82 59.27
CA LYS D 78 -12.20 -66.80 58.85
C LYS D 78 -12.83 -65.99 57.74
N ASP D 79 -12.27 -64.82 57.50
CA ASP D 79 -12.85 -63.89 56.54
C ASP D 79 -12.81 -64.48 55.13
N LEU D 80 -13.82 -64.15 54.33
CA LEU D 80 -13.83 -64.47 52.91
C LEU D 80 -13.60 -63.23 52.07
N LEU D 81 -13.36 -63.43 50.77
CA LEU D 81 -12.96 -62.36 49.87
C LEU D 81 -13.97 -62.17 48.75
N PHE D 82 -14.42 -60.93 48.56
CA PHE D 82 -15.28 -60.56 47.45
C PHE D 82 -14.51 -59.78 46.39
N ILE D 83 -14.72 -60.11 45.11
CA ILE D 83 -14.09 -59.38 44.00
C ILE D 83 -15.11 -59.19 42.87
N LEU D 84 -15.09 -57.99 42.29
CA LEU D 84 -15.90 -57.63 41.14
C LEU D 84 -15.01 -57.03 40.06
N THR D 85 -15.12 -57.54 38.84
CA THR D 85 -14.28 -57.05 37.76
C THR D 85 -14.92 -55.90 36.99
N ALA D 86 -14.10 -55.25 36.15
CA ALA D 86 -14.58 -54.17 35.31
C ALA D 86 -15.56 -54.66 34.25
N LYS D 87 -15.52 -55.94 33.91
CA LYS D 87 -16.54 -56.55 33.07
C LYS D 87 -17.70 -57.08 33.89
N TYR D 88 -17.77 -56.72 35.17
CA TYR D 88 -18.88 -57.03 36.05
C TYR D 88 -18.93 -58.51 36.40
N ASN D 89 -17.78 -59.17 36.41
CA ASN D 89 -17.68 -60.54 36.91
C ASN D 89 -17.56 -60.47 38.43
N ALA D 90 -18.54 -61.04 39.13
CA ALA D 90 -18.55 -61.07 40.58
C ALA D 90 -18.23 -62.48 41.08
N CYS D 91 -17.59 -62.55 42.24
CA CYS D 91 -17.25 -63.84 42.84
C CYS D 91 -16.88 -63.65 44.30
N ILE D 92 -17.09 -64.70 45.08
CA ILE D 92 -16.63 -64.78 46.46
C ILE D 92 -15.62 -65.93 46.55
N LEU D 93 -14.47 -65.66 47.16
CA LEU D 93 -13.35 -66.59 47.16
C LEU D 93 -12.99 -67.01 48.57
N GLU D 94 -12.48 -68.24 48.69
CA GLU D 94 -12.02 -68.78 49.95
C GLU D 94 -10.60 -69.32 49.81
N TYR D 95 -9.77 -69.04 50.80
CA TYR D 95 -8.45 -69.65 50.89
C TYR D 95 -8.57 -71.01 51.57
N LYS D 96 -8.08 -72.05 50.90
CA LYS D 96 -8.06 -73.40 51.45
C LYS D 96 -6.69 -74.03 51.21
N GLN D 97 -6.05 -74.48 52.29
CA GLN D 97 -4.73 -75.10 52.22
C GLN D 97 -4.71 -76.42 52.98
N SER D 98 -4.34 -77.49 52.29
CA SER D 98 -4.10 -78.81 52.88
C SER D 98 -2.62 -79.16 52.69
N GLY D 99 -1.81 -78.91 53.72
CA GLY D 99 -0.38 -79.10 53.58
C GLY D 99 0.21 -78.08 52.61
N GLU D 100 0.92 -78.57 51.59
CA GLU D 100 1.53 -77.68 50.60
C GLU D 100 0.57 -77.29 49.48
N SER D 101 -0.54 -78.00 49.30
CA SER D 101 -1.46 -77.71 48.20
C SER D 101 -2.28 -76.47 48.58
N ILE D 102 -2.14 -75.40 47.80
CA ILE D 102 -2.89 -74.16 48.02
C ILE D 102 -3.85 -73.94 46.86
N ASP D 103 -5.12 -73.71 47.19
CA ASP D 103 -6.14 -73.46 46.19
C ASP D 103 -7.00 -72.29 46.65
N ILE D 104 -7.57 -71.57 45.68
CA ILE D 104 -8.52 -70.50 45.93
C ILE D 104 -9.87 -70.98 45.42
N ILE D 105 -10.81 -71.20 46.33
CA ILE D 105 -12.09 -71.81 45.98
C ILE D 105 -13.09 -70.74 45.61
N THR D 106 -13.85 -71.01 44.54
CA THR D 106 -14.92 -70.13 44.10
C THR D 106 -16.19 -70.55 44.84
N ARG D 107 -16.57 -69.77 45.86
CA ARG D 107 -17.76 -70.10 46.63
C ARG D 107 -19.02 -69.61 45.93
N ALA D 108 -18.93 -68.49 45.23
CA ALA D 108 -20.06 -67.92 44.50
C ALA D 108 -19.51 -67.12 43.33
N HIS D 109 -20.30 -67.04 42.26
CA HIS D 109 -19.86 -66.27 41.09
C HIS D 109 -21.03 -65.98 40.17
N GLY D 110 -20.89 -64.90 39.42
CA GLY D 110 -21.89 -64.48 38.46
C GLY D 110 -21.53 -63.11 37.92
N ASN D 111 -22.25 -62.72 36.87
CA ASN D 111 -22.07 -61.42 36.23
C ASN D 111 -23.24 -60.52 36.59
N VAL D 112 -22.93 -59.33 37.07
CA VAL D 112 -23.92 -58.42 37.62
C VAL D 112 -24.21 -57.24 36.71
N GLN D 113 -23.89 -57.36 35.42
CA GLN D 113 -24.17 -56.28 34.47
C GLN D 113 -25.67 -56.14 34.28
N ASP D 114 -26.15 -54.89 34.20
CA ASP D 114 -27.54 -54.62 33.88
C ASP D 114 -27.66 -54.28 32.39
N ARG D 115 -28.73 -54.77 31.75
CA ARG D 115 -28.89 -54.53 30.33
C ARG D 115 -29.03 -53.04 30.02
N ILE D 116 -29.73 -52.32 30.88
CA ILE D 116 -29.91 -50.88 30.72
C ILE D 116 -29.34 -50.21 31.97
N GLY D 117 -28.35 -49.36 31.75
CA GLY D 117 -27.77 -48.59 32.83
C GLY D 117 -26.77 -47.59 32.29
N ARG D 118 -26.55 -46.54 33.08
CA ARG D 118 -25.54 -45.54 32.76
C ARG D 118 -24.35 -45.72 33.69
N PRO D 119 -23.19 -46.18 33.21
CA PRO D 119 -22.03 -46.27 34.09
C PRO D 119 -21.76 -44.94 34.79
N SER D 120 -21.49 -45.01 36.09
CA SER D 120 -21.38 -43.80 36.88
C SER D 120 -20.06 -43.09 36.59
N GLU D 121 -20.04 -41.80 36.90
CA GLU D 121 -18.86 -40.98 36.60
C GLU D 121 -17.68 -41.38 37.48
N THR D 122 -17.92 -41.55 38.78
CA THR D 122 -16.84 -41.86 39.71
C THR D 122 -16.51 -43.35 39.78
N GLY D 123 -17.01 -44.15 38.85
CA GLY D 123 -16.58 -45.54 38.71
C GLY D 123 -17.29 -46.49 39.66
N ILE D 124 -17.00 -47.78 39.48
CA ILE D 124 -17.64 -48.80 40.30
C ILE D 124 -17.28 -48.59 41.76
N ILE D 125 -18.28 -48.68 42.63
CA ILE D 125 -18.08 -48.67 44.08
C ILE D 125 -18.70 -49.93 44.65
N GLY D 126 -17.97 -50.58 45.57
CA GLY D 126 -18.46 -51.78 46.25
C GLY D 126 -18.30 -51.72 47.75
N ILE D 127 -19.37 -52.04 48.49
CA ILE D 127 -19.38 -51.99 49.95
C ILE D 127 -20.17 -53.18 50.50
N ILE D 128 -19.87 -53.53 51.75
CA ILE D 128 -20.48 -54.69 52.41
C ILE D 128 -21.04 -54.26 53.76
N ASP D 129 -22.19 -54.81 54.11
CA ASP D 129 -22.84 -54.49 55.36
C ASP D 129 -21.94 -54.85 56.54
N PRO D 130 -21.91 -54.03 57.61
CA PRO D 130 -21.12 -54.44 58.79
C PRO D 130 -21.60 -55.75 59.36
N GLU D 131 -22.90 -55.99 59.30
CA GLU D 131 -23.51 -57.23 59.73
C GLU D 131 -23.32 -58.33 58.70
N CYS D 132 -22.68 -58.00 57.58
CA CYS D 132 -22.45 -58.95 56.50
C CYS D 132 -23.76 -59.54 55.99
N ARG D 133 -24.82 -58.72 55.98
CA ARG D 133 -26.10 -59.21 55.48
C ARG D 133 -26.20 -59.08 53.96
N MET D 134 -25.53 -58.08 53.38
CA MET D 134 -25.67 -57.82 51.96
C MET D 134 -24.41 -57.15 51.43
N ILE D 135 -24.22 -57.25 50.12
CA ILE D 135 -23.19 -56.52 49.39
C ILE D 135 -23.84 -55.43 48.55
N GLY D 136 -23.33 -54.22 48.68
CA GLY D 136 -23.79 -53.09 47.89
C GLY D 136 -22.89 -52.82 46.71
N LEU D 137 -23.50 -52.51 45.57
CA LEU D 137 -22.79 -52.15 44.35
C LEU D 137 -23.40 -50.90 43.75
N ARG D 138 -22.58 -49.91 43.45
CA ARG D 138 -22.99 -48.72 42.70
C ARG D 138 -22.37 -48.87 41.32
N LEU D 139 -23.13 -49.43 40.39
CA LEU D 139 -22.64 -49.65 39.04
C LEU D 139 -23.13 -48.61 38.04
N TYR D 140 -24.35 -48.11 38.20
CA TYR D 140 -24.95 -47.19 37.25
C TYR D 140 -25.57 -46.00 37.98
N ASP D 141 -25.53 -44.85 37.32
CA ASP D 141 -26.20 -43.67 37.86
C ASP D 141 -27.66 -44.00 38.14
N GLY D 142 -28.15 -43.54 39.28
CA GLY D 142 -29.55 -43.73 39.61
C GLY D 142 -29.95 -45.12 40.04
N LEU D 143 -29.00 -46.04 40.20
CA LEU D 143 -29.33 -47.39 40.61
C LEU D 143 -28.35 -47.87 41.66
N PHE D 144 -28.88 -48.61 42.63
CA PHE D 144 -28.12 -49.25 43.70
C PHE D 144 -28.45 -50.73 43.66
N LYS D 145 -27.44 -51.57 43.43
CA LYS D 145 -27.61 -53.00 43.30
C LYS D 145 -27.25 -53.67 44.63
N VAL D 146 -28.10 -54.59 45.07
CA VAL D 146 -27.90 -55.29 46.34
C VAL D 146 -27.75 -56.76 46.03
N ILE D 147 -26.62 -57.34 46.42
CA ILE D 147 -26.41 -58.78 46.42
C ILE D 147 -26.61 -59.27 47.85
N PRO D 148 -27.71 -59.95 48.15
CA PRO D 148 -27.90 -60.45 49.52
C PRO D 148 -26.91 -61.56 49.83
N LEU D 149 -26.29 -61.48 51.02
CA LEU D 149 -25.31 -62.48 51.44
C LEU D 149 -26.06 -63.62 52.14
N ASP D 150 -26.83 -64.34 51.34
CA ASP D 150 -27.52 -65.54 51.78
C ASP D 150 -26.64 -66.76 51.55
N ARG D 151 -26.73 -67.72 52.46
CA ARG D 151 -25.89 -68.91 52.38
C ARG D 151 -26.09 -69.61 51.05
N ASP D 152 -27.30 -69.54 50.51
CA ASP D 152 -27.66 -70.22 49.27
C ASP D 152 -27.41 -69.37 48.02
N ASN D 153 -27.08 -68.09 48.19
CA ASN D 153 -26.94 -67.18 47.05
C ASN D 153 -25.61 -67.45 46.36
N LYS D 154 -25.53 -68.64 45.77
CA LYS D 154 -24.32 -69.10 45.11
C LYS D 154 -24.13 -68.51 43.72
N GLU D 155 -25.18 -67.96 43.12
CA GLU D 155 -25.08 -67.30 41.83
C GLU D 155 -24.93 -65.78 41.95
N LEU D 156 -24.93 -65.25 43.16
CA LEU D 156 -24.83 -63.80 43.38
C LEU D 156 -25.93 -63.06 42.63
N LYS D 157 -27.17 -63.53 42.80
CA LYS D 157 -28.34 -62.84 42.26
C LYS D 157 -28.55 -61.53 43.01
N ALA D 158 -29.14 -60.55 42.32
CA ALA D 158 -29.22 -59.21 42.90
C ALA D 158 -30.49 -58.50 42.47
N PHE D 159 -30.84 -57.47 43.24
CA PHE D 159 -31.96 -56.57 42.95
C PHE D 159 -31.45 -55.13 43.04
N ASN D 160 -32.08 -54.26 42.27
CA ASN D 160 -31.70 -52.85 42.18
C ASN D 160 -32.74 -52.00 42.91
N ILE D 161 -32.29 -51.01 43.67
CA ILE D 161 -33.18 -50.04 44.31
C ILE D 161 -33.04 -48.70 43.58
N ARG D 162 -34.17 -48.12 43.19
CA ARG D 162 -34.11 -46.86 42.45
C ARG D 162 -33.59 -45.77 43.37
N LEU D 163 -32.65 -44.95 42.86
CA LEU D 163 -32.00 -43.89 43.60
C LEU D 163 -32.28 -42.54 42.95
N GLU D 164 -32.91 -41.63 43.70
CA GLU D 164 -33.19 -40.31 43.15
C GLU D 164 -31.92 -39.55 42.81
N GLU D 165 -30.90 -39.64 43.68
CA GLU D 165 -29.67 -38.86 43.50
C GLU D 165 -28.85 -39.53 42.40
N LEU D 166 -28.86 -38.93 41.21
CA LEU D 166 -28.29 -39.59 40.04
C LEU D 166 -26.76 -39.56 40.06
N HIS D 167 -26.18 -38.47 40.53
CA HIS D 167 -24.73 -38.28 40.53
C HIS D 167 -24.22 -38.44 41.96
N VAL D 168 -23.75 -39.64 42.31
CA VAL D 168 -23.22 -39.92 43.62
C VAL D 168 -21.70 -39.87 43.56
N ILE D 169 -21.10 -39.24 44.56
CA ILE D 169 -19.65 -39.12 44.62
C ILE D 169 -19.04 -40.30 45.35
N ASP D 170 -19.50 -40.59 46.56
CA ASP D 170 -18.98 -41.70 47.34
C ASP D 170 -20.05 -42.19 48.32
N VAL D 171 -19.99 -43.48 48.65
CA VAL D 171 -20.96 -44.10 49.55
C VAL D 171 -20.28 -45.16 50.41
N LYS D 172 -20.79 -45.31 51.64
CA LYS D 172 -20.31 -46.31 52.58
C LYS D 172 -21.49 -46.80 53.41
N PHE D 173 -21.40 -48.05 53.91
CA PHE D 173 -22.36 -48.58 54.88
C PHE D 173 -21.95 -48.11 56.28
N LEU D 174 -22.90 -47.58 57.05
CA LEU D 174 -22.60 -47.00 58.35
C LEU D 174 -22.61 -48.03 59.47
N TYR D 175 -21.76 -47.78 60.48
CA TYR D 175 -21.71 -48.60 61.67
C TYR D 175 -22.75 -48.16 62.70
N GLY D 176 -23.10 -49.08 63.59
CA GLY D 176 -23.92 -48.78 64.73
C GLY D 176 -25.35 -48.43 64.43
N CYS D 177 -25.88 -48.90 63.30
CA CYS D 177 -27.26 -48.66 62.95
C CYS D 177 -27.96 -50.00 63.01
N GLN D 178 -29.17 -50.02 63.57
CA GLN D 178 -29.91 -51.27 63.71
C GLN D 178 -30.31 -51.84 62.36
N ALA D 179 -30.56 -51.00 61.38
CA ALA D 179 -30.86 -51.45 60.05
C ALA D 179 -29.68 -51.16 59.14
N PRO D 180 -29.54 -51.89 58.03
CA PRO D 180 -28.47 -51.55 57.08
C PRO D 180 -28.65 -50.10 56.62
N THR D 181 -27.61 -49.30 56.82
CA THR D 181 -27.69 -47.86 56.54
C THR D 181 -26.54 -47.46 55.64
N ILE D 182 -26.85 -46.68 54.61
CA ILE D 182 -25.84 -46.15 53.69
C ILE D 182 -25.75 -44.66 53.90
N CYS D 183 -24.52 -44.14 53.84
CA CYS D 183 -24.25 -42.70 53.91
C CYS D 183 -23.46 -42.32 52.67
N PHE D 184 -23.94 -41.33 51.92
CA PHE D 184 -23.31 -40.96 50.66
C PHE D 184 -23.27 -39.44 50.49
N VAL D 185 -22.23 -38.99 49.78
CA VAL D 185 -22.11 -37.62 49.31
C VAL D 185 -22.55 -37.61 47.85
N TYR D 186 -23.50 -36.73 47.53
CA TYR D 186 -24.04 -36.64 46.19
C TYR D 186 -23.98 -35.21 45.69
N GLN D 187 -24.02 -35.07 44.37
CA GLN D 187 -23.95 -33.77 43.72
C GLN D 187 -25.23 -33.56 42.93
N ASP D 188 -25.84 -32.39 43.10
CA ASP D 188 -27.00 -31.94 42.35
C ASP D 188 -26.70 -30.50 41.98
N PRO D 189 -27.59 -29.79 41.28
CA PRO D 189 -27.30 -28.39 40.93
C PRO D 189 -27.16 -27.48 42.13
N GLN D 190 -27.56 -27.91 43.32
CA GLN D 190 -27.52 -27.06 44.51
C GLN D 190 -26.21 -27.18 45.29
N GLY D 191 -25.21 -27.87 44.72
CA GLY D 191 -23.97 -28.10 45.44
C GLY D 191 -23.80 -29.58 45.74
N ARG D 192 -23.05 -29.92 46.79
CA ARG D 192 -22.93 -31.29 47.22
C ARG D 192 -23.52 -31.44 48.61
N HIS D 193 -24.09 -32.62 48.86
CA HIS D 193 -24.81 -32.88 50.09
C HIS D 193 -24.52 -34.31 50.51
N VAL D 194 -24.58 -34.55 51.82
CA VAL D 194 -24.48 -35.87 52.41
C VAL D 194 -25.86 -36.28 52.90
N LYS D 195 -26.26 -37.51 52.58
CA LYS D 195 -27.60 -38.01 52.87
C LYS D 195 -27.47 -39.47 53.31
N THR D 196 -28.52 -39.95 53.97
CA THR D 196 -28.55 -41.34 54.42
C THR D 196 -29.82 -42.02 53.94
N TYR D 197 -29.72 -43.32 53.70
CA TYR D 197 -30.86 -44.18 53.45
C TYR D 197 -30.68 -45.47 54.23
N GLU D 198 -31.79 -46.15 54.49
CA GLU D 198 -31.79 -47.49 55.08
C GLU D 198 -32.22 -48.51 54.03
N VAL D 199 -31.63 -49.70 54.07
CA VAL D 199 -31.87 -50.74 53.06
C VAL D 199 -32.60 -51.91 53.71
N SER D 200 -33.77 -52.27 53.15
CA SER D 200 -34.56 -53.40 53.60
C SER D 200 -34.60 -54.47 52.51
N LEU D 201 -34.00 -55.64 52.81
CA LEU D 201 -34.01 -56.75 51.87
C LEU D 201 -35.41 -57.33 51.69
N ARG D 202 -36.20 -57.38 52.76
CA ARG D 202 -37.56 -57.91 52.66
C ARG D 202 -38.43 -56.97 51.83
N GLU D 203 -38.31 -55.67 52.08
CA GLU D 203 -39.04 -54.68 51.31
C GLU D 203 -38.38 -54.37 49.97
N LYS D 204 -37.11 -54.75 49.79
CA LYS D 204 -36.38 -54.52 48.55
C LYS D 204 -36.46 -53.05 48.14
N GLU D 205 -36.17 -52.17 49.09
CA GLU D 205 -36.19 -50.74 48.79
C GLU D 205 -35.54 -49.95 49.92
N PHE D 206 -35.38 -48.65 49.67
CA PHE D 206 -34.88 -47.74 50.68
C PHE D 206 -35.98 -47.31 51.63
N ASN D 207 -35.60 -47.07 52.88
CA ASN D 207 -36.43 -46.41 53.87
C ASN D 207 -35.71 -45.15 54.36
N LYS D 208 -36.47 -44.26 54.99
CA LYS D 208 -35.95 -43.01 55.50
C LYS D 208 -34.67 -43.27 56.29
N GLY D 209 -33.68 -42.41 56.08
CA GLY D 209 -32.38 -42.63 56.68
C GLY D 209 -32.30 -42.09 58.09
N PRO D 210 -31.31 -42.56 58.87
CA PRO D 210 -31.28 -42.19 60.29
C PRO D 210 -31.03 -40.71 60.53
N TRP D 211 -30.23 -40.04 59.69
CA TRP D 211 -29.97 -38.63 59.94
C TRP D 211 -30.10 -37.81 58.66
N LYS D 212 -30.40 -36.52 58.87
CA LYS D 212 -30.80 -35.62 57.80
C LYS D 212 -29.63 -35.36 56.85
N GLN D 213 -29.97 -34.82 55.69
CA GLN D 213 -28.96 -34.35 54.76
C GLN D 213 -28.36 -33.05 55.27
N GLU D 214 -27.13 -32.79 54.85
CA GLU D 214 -26.47 -31.53 55.13
C GLU D 214 -25.87 -30.96 53.85
N ASN D 215 -25.77 -29.64 53.75
CA ASN D 215 -25.01 -29.02 52.67
C ASN D 215 -23.52 -29.11 53.03
N VAL D 216 -22.71 -29.72 52.14
CA VAL D 216 -21.31 -30.00 52.47
C VAL D 216 -20.41 -29.33 51.44
N GLU D 217 -19.11 -29.43 51.70
CA GLU D 217 -18.11 -28.79 50.85
C GLU D 217 -18.30 -29.17 49.40
N ALA D 218 -18.09 -28.20 48.51
CA ALA D 218 -18.28 -28.43 47.08
C ALA D 218 -17.38 -29.54 46.57
N GLU D 219 -16.18 -29.66 47.11
CA GLU D 219 -15.22 -30.67 46.67
C GLU D 219 -15.07 -31.81 47.66
N ALA D 220 -16.12 -32.08 48.41
CA ALA D 220 -16.16 -33.27 49.26
C ALA D 220 -15.96 -34.52 48.42
N SER D 221 -14.95 -35.31 48.76
CA SER D 221 -14.52 -36.43 47.92
C SER D 221 -14.80 -37.79 48.52
N MET D 222 -14.51 -38.02 49.80
CA MET D 222 -14.55 -39.36 50.36
C MET D 222 -15.41 -39.41 51.61
N VAL D 223 -16.04 -40.57 51.80
CA VAL D 223 -16.86 -40.88 52.97
C VAL D 223 -16.17 -41.94 53.81
N ILE D 224 -16.01 -41.64 55.10
CA ILE D 224 -15.42 -42.58 56.08
C ILE D 224 -16.50 -43.02 57.05
N ALA D 225 -16.71 -44.33 57.13
CA ALA D 225 -17.54 -44.90 58.19
C ALA D 225 -16.74 -44.88 59.49
N VAL D 226 -17.33 -44.38 60.57
CA VAL D 226 -16.61 -44.28 61.84
C VAL D 226 -17.12 -45.43 62.71
N PRO D 227 -16.23 -46.15 63.40
CA PRO D 227 -16.66 -47.35 64.14
C PRO D 227 -17.59 -47.03 65.30
N GLU D 228 -18.11 -48.10 65.88
CA GLU D 228 -19.21 -47.99 66.84
C GLU D 228 -18.93 -47.10 68.04
N PRO D 229 -17.72 -47.07 68.63
CA PRO D 229 -17.52 -46.20 69.81
C PRO D 229 -18.10 -44.81 69.65
N PHE D 230 -17.85 -44.17 68.50
CA PHE D 230 -18.46 -42.88 68.20
C PHE D 230 -19.67 -43.00 67.27
N GLY D 231 -19.55 -43.81 66.22
CA GLY D 231 -20.56 -43.90 65.19
C GLY D 231 -20.46 -42.71 64.25
N GLY D 232 -21.27 -42.77 63.19
CA GLY D 232 -21.32 -41.69 62.22
C GLY D 232 -20.30 -41.82 61.10
N ALA D 233 -20.06 -40.70 60.42
CA ALA D 233 -19.19 -40.67 59.25
C ALA D 233 -18.36 -39.39 59.23
N ILE D 234 -17.23 -39.47 58.54
CA ILE D 234 -16.36 -38.32 58.30
C ILE D 234 -16.31 -38.07 56.80
N ILE D 235 -16.36 -36.80 56.41
CA ILE D 235 -16.33 -36.39 55.01
C ILE D 235 -15.04 -35.64 54.76
N ILE D 236 -14.26 -36.15 53.80
CA ILE D 236 -12.97 -35.54 53.44
C ILE D 236 -13.20 -34.66 52.23
N GLY D 237 -12.69 -33.43 52.29
CA GLY D 237 -12.82 -32.55 51.16
C GLY D 237 -11.51 -32.02 50.64
N GLN D 238 -11.54 -30.84 50.02
CA GLN D 238 -10.33 -30.19 49.53
C GLN D 238 -9.76 -29.27 50.61
N GLU D 239 -10.64 -28.59 51.35
CA GLU D 239 -10.25 -27.65 52.39
C GLU D 239 -10.64 -28.08 53.79
N SER D 240 -11.65 -28.94 53.94
CA SER D 240 -12.19 -29.23 55.26
C SER D 240 -12.50 -30.71 55.42
N ILE D 241 -12.45 -31.15 56.68
CA ILE D 241 -12.84 -32.50 57.11
C ILE D 241 -14.02 -32.34 58.05
N THR D 242 -15.10 -33.08 57.81
CA THR D 242 -16.32 -32.89 58.58
C THR D 242 -16.81 -34.22 59.14
N TYR D 243 -17.35 -34.15 60.36
CA TYR D 243 -17.93 -35.32 61.03
C TYR D 243 -19.43 -35.14 61.20
N HIS D 244 -20.20 -36.13 60.73
CA HIS D 244 -21.65 -36.11 60.83
C HIS D 244 -22.10 -37.39 61.51
N ASN D 245 -22.86 -37.25 62.61
CA ASN D 245 -23.52 -38.40 63.24
C ASN D 245 -24.83 -37.87 63.82
N GLY D 246 -25.88 -37.88 63.00
CA GLY D 246 -27.12 -37.33 63.47
C GLY D 246 -26.95 -35.88 63.90
N ASP D 247 -27.12 -35.62 65.20
CA ASP D 247 -27.04 -34.25 65.68
C ASP D 247 -25.61 -33.75 65.84
N LYS D 248 -24.65 -34.63 66.17
CA LYS D 248 -23.28 -34.14 66.32
C LYS D 248 -22.77 -33.62 64.98
N TYR D 249 -22.16 -32.43 65.00
CA TYR D 249 -21.58 -31.84 63.79
C TYR D 249 -20.27 -31.18 64.18
N LEU D 250 -19.19 -31.58 63.51
CA LEU D 250 -17.87 -31.01 63.71
C LEU D 250 -17.27 -30.67 62.35
N ALA D 251 -16.45 -29.62 62.30
CA ALA D 251 -15.82 -29.23 61.04
C ALA D 251 -14.46 -28.61 61.34
N ILE D 252 -13.39 -29.28 60.90
CA ILE D 252 -12.04 -28.74 60.98
C ILE D 252 -11.56 -28.46 59.57
N ALA D 253 -10.95 -27.29 59.39
CA ALA D 253 -10.49 -26.83 58.07
C ALA D 253 -9.05 -26.35 58.18
N PRO D 254 -8.12 -27.23 58.51
CA PRO D 254 -6.73 -26.79 58.74
C PRO D 254 -6.09 -26.34 57.45
N PRO D 255 -5.34 -25.24 57.48
CA PRO D 255 -4.80 -24.70 56.22
C PRO D 255 -3.89 -25.67 55.47
N ILE D 256 -3.41 -26.70 56.15
CA ILE D 256 -2.35 -27.55 55.60
C ILE D 256 -2.86 -28.42 54.47
N ILE D 257 -4.08 -28.97 54.62
CA ILE D 257 -4.59 -29.91 53.63
C ILE D 257 -5.04 -29.21 52.35
N LYS D 258 -5.36 -27.93 52.42
CA LYS D 258 -5.75 -27.19 51.22
C LYS D 258 -4.63 -27.20 50.19
N GLN D 259 -3.38 -27.32 50.63
CA GLN D 259 -2.26 -27.23 49.70
C GLN D 259 -2.29 -28.35 48.67
N SER D 260 -2.78 -29.54 49.03
CA SER D 260 -2.79 -30.66 48.10
C SER D 260 -3.99 -31.54 48.40
N THR D 261 -4.65 -32.00 47.34
CA THR D 261 -5.85 -32.80 47.50
C THR D 261 -5.54 -34.10 48.24
N ILE D 262 -6.41 -34.44 49.20
CA ILE D 262 -6.30 -35.70 49.93
C ILE D 262 -7.09 -36.75 49.16
N VAL D 263 -6.47 -37.90 48.92
CA VAL D 263 -7.06 -38.87 48.01
C VAL D 263 -7.33 -40.22 48.65
N CYS D 264 -6.61 -40.57 49.70
CA CYS D 264 -6.77 -41.88 50.32
C CYS D 264 -6.78 -41.79 51.85
N HIS D 265 -7.36 -42.81 52.48
CA HIS D 265 -7.52 -42.87 53.93
C HIS D 265 -7.45 -44.31 54.42
N ASN D 266 -7.05 -44.47 55.68
CA ASN D 266 -7.08 -45.78 56.32
C ASN D 266 -7.26 -45.60 57.82
N ARG D 267 -7.81 -46.62 58.47
CA ARG D 267 -8.09 -46.59 59.91
C ARG D 267 -6.91 -47.22 60.66
N VAL D 268 -6.24 -46.41 61.47
CA VAL D 268 -5.13 -46.92 62.26
C VAL D 268 -5.63 -47.70 63.47
N ASP D 269 -6.56 -47.09 64.22
CA ASP D 269 -7.07 -47.65 65.47
C ASP D 269 -8.47 -48.19 65.29
N PRO D 270 -8.74 -49.41 65.73
CA PRO D 270 -10.11 -49.96 65.54
C PRO D 270 -11.20 -49.20 66.25
N ASN D 271 -10.93 -48.64 67.44
CA ASN D 271 -11.97 -47.84 68.09
C ASN D 271 -12.35 -46.61 67.27
N GLY D 272 -11.60 -46.30 66.22
CA GLY D 272 -11.87 -45.17 65.35
C GLY D 272 -11.22 -43.87 65.78
N SER D 273 -10.26 -43.92 66.70
CA SER D 273 -9.64 -42.71 67.20
C SER D 273 -8.65 -42.09 66.21
N ARG D 274 -7.88 -42.89 65.50
CA ARG D 274 -6.80 -42.42 64.64
C ARG D 274 -7.03 -42.92 63.22
N TYR D 275 -6.90 -42.01 62.26
CA TYR D 275 -7.07 -42.32 60.85
C TYR D 275 -5.87 -41.78 60.07
N LEU D 276 -5.56 -42.44 58.96
CA LEU D 276 -4.43 -42.09 58.11
C LEU D 276 -4.96 -41.47 56.82
N LEU D 277 -4.32 -40.38 56.40
CA LEU D 277 -4.72 -39.67 55.19
C LEU D 277 -3.51 -39.42 54.30
N GLY D 278 -3.71 -39.60 53.00
CA GLY D 278 -2.66 -39.34 52.01
C GLY D 278 -3.17 -38.37 50.95
N ASP D 279 -2.25 -37.58 50.42
CA ASP D 279 -2.58 -36.53 49.44
C ASP D 279 -1.61 -36.63 48.26
N MET D 280 -1.90 -35.84 47.24
CA MET D 280 -1.22 -36.00 45.96
C MET D 280 0.26 -35.64 46.00
N GLU D 281 0.68 -34.79 46.93
CA GLU D 281 2.10 -34.49 47.08
C GLU D 281 2.84 -35.53 47.92
N GLY D 282 2.19 -36.64 48.22
CA GLY D 282 2.86 -37.71 48.94
C GLY D 282 2.91 -37.50 50.43
N ARG D 283 2.23 -36.48 50.94
CA ARG D 283 2.24 -36.22 52.36
C ARG D 283 1.35 -37.23 53.07
N LEU D 284 1.72 -37.53 54.32
CA LEU D 284 1.01 -38.50 55.13
C LEU D 284 0.54 -37.81 56.40
N PHE D 285 -0.75 -37.87 56.66
CA PHE D 285 -1.34 -37.25 57.83
C PHE D 285 -1.94 -38.29 58.76
N MET D 286 -2.08 -37.88 60.02
CA MET D 286 -2.83 -38.62 61.03
C MET D 286 -4.09 -37.82 61.35
N LEU D 287 -5.25 -38.45 61.19
CA LEU D 287 -6.52 -37.84 61.57
C LEU D 287 -6.93 -38.40 62.92
N LEU D 288 -7.06 -37.51 63.91
CA LEU D 288 -7.29 -37.90 65.30
C LEU D 288 -8.72 -37.53 65.69
N LEU D 289 -9.44 -38.49 66.28
CA LEU D 289 -10.77 -38.25 66.81
C LEU D 289 -10.67 -38.20 68.33
N GLU D 290 -10.81 -36.99 68.91
CA GLU D 290 -10.73 -36.83 70.36
C GLU D 290 -12.07 -37.15 71.01
N LYS D 291 -12.01 -37.97 72.06
CA LYS D 291 -13.23 -38.56 72.62
C LYS D 291 -13.57 -37.84 73.91
N GLU D 292 -14.87 -37.64 74.15
CA GLU D 292 -15.36 -37.09 75.41
C GLU D 292 -16.33 -38.06 76.04
N GLU D 293 -15.93 -38.72 77.11
CA GLU D 293 -16.88 -39.55 77.84
C GLU D 293 -17.89 -38.64 78.54
N GLN D 294 -19.14 -39.09 78.60
CA GLN D 294 -20.20 -38.30 79.20
C GLN D 294 -20.44 -38.86 80.60
N MET D 295 -21.13 -38.09 81.43
CA MET D 295 -21.51 -38.63 82.74
C MET D 295 -22.35 -39.89 82.60
N ASP D 296 -23.03 -40.04 81.46
CA ASP D 296 -23.79 -41.26 81.17
C ASP D 296 -22.93 -42.52 81.08
N GLY D 297 -21.62 -42.38 80.85
CA GLY D 297 -20.77 -43.49 80.52
C GLY D 297 -20.65 -43.73 79.02
N THR D 298 -21.44 -43.03 78.22
CA THR D 298 -21.39 -43.03 76.77
C THR D 298 -20.30 -42.08 76.26
N VAL D 299 -19.82 -42.36 75.05
CA VAL D 299 -18.72 -41.61 74.45
C VAL D 299 -19.18 -40.84 73.23
N THR D 300 -18.86 -39.55 73.21
CA THR D 300 -19.15 -38.65 72.10
C THR D 300 -17.84 -38.07 71.56
N LEU D 301 -17.88 -37.64 70.30
CA LEU D 301 -16.75 -36.98 69.68
C LEU D 301 -16.67 -35.52 70.11
N LYS D 302 -15.55 -35.14 70.73
CA LYS D 302 -15.35 -33.76 71.15
C LYS D 302 -14.77 -32.90 70.03
N ASP D 303 -13.73 -33.38 69.35
CA ASP D 303 -13.04 -32.54 68.38
C ASP D 303 -12.23 -33.40 67.43
N LEU D 304 -11.77 -32.76 66.35
CA LEU D 304 -10.93 -33.38 65.35
C LEU D 304 -9.58 -32.67 65.27
N ARG D 305 -8.54 -33.43 64.95
CA ARG D 305 -7.17 -32.91 64.85
C ARG D 305 -6.48 -33.60 63.69
N VAL D 306 -5.57 -32.88 63.03
CA VAL D 306 -4.77 -33.41 61.94
C VAL D 306 -3.30 -33.14 62.24
N GLU D 307 -2.48 -34.17 62.13
CA GLU D 307 -1.04 -34.06 62.35
C GLU D 307 -0.30 -34.58 61.12
N LEU D 308 0.67 -33.80 60.65
CA LEU D 308 1.52 -34.22 59.55
C LEU D 308 2.55 -35.22 60.04
N LEU D 309 2.61 -36.39 59.41
CA LEU D 309 3.58 -37.40 59.82
C LEU D 309 4.87 -37.31 59.02
N GLY D 310 4.77 -37.04 57.73
CA GLY D 310 5.95 -36.95 56.89
C GLY D 310 5.62 -37.04 55.42
N GLU D 311 6.49 -37.69 54.66
CA GLU D 311 6.31 -37.86 53.23
C GLU D 311 6.42 -39.35 52.88
N THR D 312 5.54 -39.79 51.99
CA THR D 312 5.58 -41.11 51.42
C THR D 312 5.55 -40.98 49.90
N SER D 313 5.56 -42.11 49.21
CA SER D 313 5.22 -42.11 47.80
C SER D 313 3.75 -41.76 47.64
N ILE D 314 3.42 -41.06 46.54
CA ILE D 314 2.05 -40.69 46.25
C ILE D 314 1.18 -41.94 46.33
N ALA D 315 0.19 -41.94 47.20
CA ALA D 315 -0.51 -43.17 47.57
C ALA D 315 -1.86 -43.27 46.89
N GLU D 316 -2.08 -44.39 46.19
CA GLU D 316 -3.42 -44.73 45.75
C GLU D 316 -4.25 -45.22 46.93
N CYS D 317 -3.66 -46.04 47.78
CA CYS D 317 -4.31 -46.61 48.95
C CYS D 317 -3.27 -46.78 50.06
N LEU D 318 -3.75 -46.74 51.30
CA LEU D 318 -2.92 -46.90 52.50
C LEU D 318 -3.55 -47.95 53.40
N THR D 319 -2.72 -48.78 54.02
CA THR D 319 -3.22 -49.75 54.98
C THR D 319 -2.26 -49.85 56.16
N TYR D 320 -2.80 -49.88 57.37
CA TYR D 320 -1.98 -49.93 58.58
C TYR D 320 -1.74 -51.39 59.00
N LEU D 321 -0.50 -51.70 59.35
CA LEU D 321 -0.08 -52.97 59.91
C LEU D 321 0.39 -52.68 61.33
N ASP D 322 0.16 -53.60 62.27
CA ASP D 322 0.48 -53.29 63.64
C ASP D 322 1.98 -53.03 63.79
N ASN D 323 2.34 -52.35 64.89
CA ASN D 323 3.69 -51.93 65.23
C ASN D 323 4.17 -50.74 64.41
N GLY D 324 3.27 -49.98 63.82
CA GLY D 324 3.64 -48.78 63.11
C GLY D 324 4.05 -48.95 61.67
N VAL D 325 3.89 -50.15 61.12
CA VAL D 325 4.25 -50.41 59.73
C VAL D 325 3.03 -50.04 58.89
N VAL D 326 3.24 -49.25 57.84
CA VAL D 326 2.18 -48.88 56.91
C VAL D 326 2.62 -49.27 55.51
N PHE D 327 1.73 -49.94 54.79
CA PHE D 327 1.96 -50.26 53.39
C PHE D 327 1.39 -49.12 52.55
N VAL D 328 2.24 -48.49 51.74
CA VAL D 328 1.86 -47.39 50.88
C VAL D 328 1.68 -48.00 49.49
N GLY D 329 0.44 -48.07 49.02
CA GLY D 329 0.17 -48.64 47.71
C GLY D 329 0.09 -47.54 46.67
N SER D 330 1.02 -47.55 45.72
CA SER D 330 1.20 -46.46 44.79
C SER D 330 1.01 -46.92 43.35
N ARG D 331 0.31 -46.10 42.57
CA ARG D 331 0.13 -46.34 41.15
C ARG D 331 1.02 -45.47 40.29
N LEU D 332 1.60 -44.40 40.85
CA LEU D 332 2.45 -43.49 40.10
C LEU D 332 3.93 -43.63 40.42
N GLY D 333 4.29 -44.44 41.40
CA GLY D 333 5.66 -44.58 41.82
C GLY D 333 5.83 -45.83 42.64
N ASP D 334 6.99 -45.96 43.27
CA ASP D 334 7.29 -47.15 44.06
C ASP D 334 6.38 -47.24 45.28
N SER D 335 5.85 -48.45 45.52
CA SER D 335 5.13 -48.76 46.74
C SER D 335 6.12 -48.98 47.88
N GLN D 336 5.64 -48.83 49.11
CA GLN D 336 6.54 -48.77 50.25
C GLN D 336 5.95 -49.44 51.48
N LEU D 337 6.87 -49.82 52.37
CA LEU D 337 6.57 -50.16 53.75
C LEU D 337 7.22 -49.07 54.60
N VAL D 338 6.45 -48.41 55.44
CA VAL D 338 6.99 -47.32 56.24
C VAL D 338 6.71 -47.54 57.70
N LYS D 339 7.64 -47.07 58.52
CA LYS D 339 7.54 -47.17 59.98
C LYS D 339 7.15 -45.80 60.53
N LEU D 340 6.10 -45.78 61.34
CA LEU D 340 5.64 -44.57 62.01
C LEU D 340 6.20 -44.60 63.42
N ASN D 341 6.97 -43.57 63.77
CA ASN D 341 7.62 -43.47 65.07
C ASN D 341 6.87 -42.48 65.94
N VAL D 342 6.91 -42.73 67.26
CA VAL D 342 6.28 -41.81 68.20
C VAL D 342 7.05 -40.51 68.29
N ASP D 343 8.38 -40.58 68.30
CA ASP D 343 9.24 -39.40 68.32
C ASP D 343 9.67 -39.10 66.89
N SER D 344 9.68 -37.81 66.55
CA SER D 344 10.15 -37.39 65.23
C SER D 344 11.67 -37.49 65.15
N ASN D 345 12.17 -37.58 63.91
CA ASN D 345 13.60 -37.63 63.69
C ASN D 345 14.15 -36.20 63.65
N GLU D 346 15.42 -36.05 63.30
CA GLU D 346 16.04 -34.74 63.31
C GLU D 346 15.44 -33.79 62.28
N GLN D 347 14.67 -34.31 61.33
CA GLN D 347 14.06 -33.50 60.28
C GLN D 347 12.62 -33.10 60.58
N GLY D 348 12.05 -33.56 61.69
CA GLY D 348 10.66 -33.30 61.99
C GLY D 348 9.71 -34.33 61.45
N SER D 349 10.22 -35.39 60.83
CA SER D 349 9.40 -36.44 60.24
C SER D 349 9.25 -37.59 61.23
N TYR D 350 8.07 -38.18 61.27
CA TYR D 350 7.81 -39.38 62.07
C TYR D 350 7.84 -40.64 61.22
N VAL D 351 8.14 -40.52 59.92
CA VAL D 351 8.03 -41.62 58.96
C VAL D 351 9.42 -42.01 58.49
N VAL D 352 9.71 -43.30 58.52
CA VAL D 352 10.97 -43.85 58.03
C VAL D 352 10.64 -44.99 57.08
N ALA D 353 11.21 -44.95 55.88
CA ALA D 353 10.96 -46.00 54.91
C ALA D 353 11.62 -47.30 55.35
N MET D 354 10.87 -48.39 55.25
CA MET D 354 11.43 -49.71 55.52
C MET D 354 11.88 -50.35 54.22
N GLU D 355 10.95 -50.57 53.30
CA GLU D 355 11.21 -51.27 52.06
C GLU D 355 10.67 -50.49 50.87
N THR D 356 11.23 -50.78 49.70
CA THR D 356 10.76 -50.18 48.45
C THR D 356 10.45 -51.27 47.43
N PHE D 357 9.17 -51.33 47.03
CA PHE D 357 8.70 -52.30 46.04
C PHE D 357 8.75 -51.63 44.68
N THR D 358 9.44 -52.24 43.71
CA THR D 358 9.57 -51.62 42.41
C THR D 358 8.20 -51.49 41.75
N ASN D 359 7.90 -50.29 41.26
CA ASN D 359 6.71 -50.03 40.46
C ASN D 359 7.16 -49.29 39.22
N LEU D 360 7.00 -49.91 38.05
CA LEU D 360 7.29 -49.20 36.82
C LEU D 360 6.33 -48.05 36.58
N GLY D 361 5.25 -47.97 37.36
CA GLY D 361 4.36 -46.84 37.32
C GLY D 361 3.82 -46.66 35.93
N PRO D 362 3.24 -45.50 35.66
CA PRO D 362 2.88 -45.16 34.28
C PRO D 362 4.13 -45.11 33.40
N ILE D 363 4.08 -45.81 32.27
CA ILE D 363 5.17 -45.80 31.28
C ILE D 363 4.71 -44.87 30.18
N VAL D 364 5.13 -43.61 30.25
CA VAL D 364 4.69 -42.64 29.24
C VAL D 364 5.34 -42.94 27.90
N ASP D 365 6.62 -43.33 27.90
CA ASP D 365 7.37 -43.63 26.69
C ASP D 365 8.50 -44.57 27.05
N MET D 366 9.14 -45.13 26.03
CA MET D 366 10.25 -46.05 26.24
C MET D 366 11.03 -46.23 24.95
N CYS D 367 12.30 -46.60 25.10
CA CYS D 367 13.16 -46.93 23.97
C CYS D 367 13.99 -48.16 24.31
N VAL D 368 14.34 -48.93 23.28
CA VAL D 368 15.16 -50.13 23.40
C VAL D 368 16.53 -49.81 22.82
N VAL D 369 17.58 -50.13 23.57
CA VAL D 369 18.93 -49.77 23.14
C VAL D 369 19.91 -50.83 23.65
N ASP D 370 20.86 -51.20 22.79
CA ASP D 370 21.92 -52.15 23.14
C ASP D 370 23.12 -51.37 23.67
N LEU D 371 23.10 -51.03 24.95
CA LEU D 371 24.13 -50.17 25.48
C LEU D 371 25.50 -50.85 25.43
N GLU D 372 25.53 -52.16 25.67
CA GLU D 372 26.78 -52.90 25.72
C GLU D 372 27.15 -53.49 24.36
N ARG D 373 26.43 -53.11 23.30
CA ARG D 373 26.64 -53.49 21.92
C ARG D 373 26.51 -54.98 21.65
N GLN D 374 25.97 -55.75 22.59
CA GLN D 374 25.70 -57.15 22.35
C GLN D 374 24.25 -57.30 21.87
N GLY D 375 23.87 -58.51 21.51
CA GLY D 375 22.52 -58.69 21.02
C GLY D 375 21.45 -58.40 22.06
N GLN D 376 21.82 -58.46 23.34
CA GLN D 376 20.86 -58.19 24.40
C GLN D 376 20.50 -56.71 24.39
N GLY D 377 19.20 -56.43 24.40
CA GLY D 377 18.69 -55.07 24.37
C GLY D 377 18.18 -54.69 25.74
N GLN D 378 18.24 -53.41 26.05
CA GLN D 378 17.83 -52.90 27.34
C GLN D 378 16.73 -51.87 27.09
N LEU D 379 15.78 -51.79 28.02
CA LEU D 379 14.62 -50.92 27.87
C LEU D 379 14.70 -49.83 28.91
N VAL D 380 14.76 -48.57 28.45
CA VAL D 380 14.78 -47.41 29.31
C VAL D 380 13.41 -46.75 29.17
N THR D 381 12.68 -46.68 30.27
CA THR D 381 11.31 -46.20 30.26
C THR D 381 11.19 -44.87 31.01
N CYS D 382 10.35 -43.98 30.51
CA CYS D 382 9.91 -42.80 31.25
C CYS D 382 8.79 -43.24 32.18
N SER D 383 9.09 -43.37 33.47
CA SER D 383 8.15 -43.98 34.41
C SER D 383 7.81 -43.05 35.55
N GLY D 384 6.56 -43.11 35.99
CA GLY D 384 6.11 -42.33 37.12
C GLY D 384 5.64 -40.95 36.72
N ALA D 385 5.12 -40.24 37.72
CA ALA D 385 4.69 -38.87 37.54
C ALA D 385 5.09 -38.06 38.76
N PHE D 386 5.22 -36.75 38.56
CA PHE D 386 5.46 -35.78 39.63
C PHE D 386 6.75 -36.18 40.36
N LYS D 387 6.77 -36.17 41.70
CA LYS D 387 8.02 -36.41 42.41
C LYS D 387 8.52 -37.83 42.19
N GLU D 388 7.64 -38.76 41.81
CA GLU D 388 8.03 -40.14 41.55
C GLU D 388 8.64 -40.34 40.17
N GLY D 389 8.78 -39.27 39.38
CA GLY D 389 9.26 -39.42 38.02
C GLY D 389 10.65 -40.03 37.97
N SER D 390 10.86 -40.90 37.00
CA SER D 390 12.11 -41.65 36.90
C SER D 390 12.30 -42.22 35.51
N LEU D 391 13.55 -42.60 35.23
CA LEU D 391 13.88 -43.47 34.11
C LEU D 391 14.18 -44.84 34.71
N ARG D 392 13.75 -45.91 34.03
CA ARG D 392 13.96 -47.27 34.51
C ARG D 392 14.60 -48.08 33.39
N ILE D 393 15.80 -48.61 33.66
CA ILE D 393 16.54 -49.42 32.70
C ILE D 393 16.26 -50.88 33.02
N ILE D 394 15.66 -51.58 32.06
CA ILE D 394 15.18 -52.93 32.25
C ILE D 394 15.89 -53.83 31.26
N ARG D 395 16.45 -54.92 31.76
CA ARG D 395 17.18 -55.88 30.94
C ARG D 395 16.84 -57.27 31.42
N ASN D 396 16.73 -58.20 30.46
CA ASN D 396 16.52 -59.60 30.79
C ASN D 396 17.87 -60.19 31.19
N GLY D 397 18.32 -59.80 32.38
CA GLY D 397 19.58 -60.29 32.87
C GLY D 397 19.46 -61.72 33.35
N ILE D 398 20.56 -62.46 33.22
CA ILE D 398 20.62 -63.84 33.66
C ILE D 398 21.58 -63.86 34.85
N GLN D 408 14.30 -66.45 37.11
CA GLN D 408 14.49 -65.52 36.01
C GLN D 408 13.56 -64.31 36.22
N LYS D 409 14.16 -63.11 36.23
CA LYS D 409 13.46 -61.86 36.51
C LYS D 409 14.26 -60.73 35.86
N LEU D 410 13.55 -59.67 35.50
CA LEU D 410 14.16 -58.55 34.78
C LEU D 410 14.88 -57.68 35.78
N HIS D 411 16.12 -57.29 35.46
CA HIS D 411 16.89 -56.42 36.35
C HIS D 411 16.54 -54.96 36.03
N ILE D 412 16.12 -54.23 37.04
CA ILE D 412 15.58 -52.88 36.87
C ILE D 412 16.44 -51.94 37.69
N ARG D 413 17.20 -51.09 37.02
CA ARG D 413 17.93 -50.02 37.65
C ARG D 413 17.05 -48.78 37.59
N THR D 414 17.03 -48.01 38.67
CA THR D 414 16.11 -46.89 38.82
C THR D 414 16.87 -45.57 38.81
N VAL D 415 16.41 -44.64 38.00
CA VAL D 415 16.99 -43.31 37.88
C VAL D 415 15.93 -42.27 38.23
N PRO D 416 15.91 -41.80 39.48
CA PRO D 416 14.89 -40.80 39.86
C PRO D 416 15.12 -39.44 39.21
N LEU D 417 14.00 -38.84 38.76
CA LEU D 417 14.00 -37.51 38.19
C LEU D 417 13.29 -36.46 39.05
N TYR D 418 12.43 -36.88 39.96
CA TYR D 418 11.65 -36.02 40.84
C TYR D 418 10.75 -35.06 40.08
N GLU D 419 10.53 -35.29 38.79
CA GLU D 419 9.62 -34.51 37.96
C GLU D 419 9.07 -35.45 36.90
N SER D 420 7.97 -35.04 36.28
CA SER D 420 7.28 -35.96 35.39
C SER D 420 8.08 -36.13 34.10
N PRO D 421 8.53 -37.34 33.77
CA PRO D 421 9.15 -37.58 32.46
C PRO D 421 8.06 -37.87 31.44
N ARG D 422 8.22 -37.35 30.23
CA ARG D 422 7.16 -37.49 29.22
C ARG D 422 7.57 -38.31 28.02
N LYS D 423 8.66 -37.98 27.34
CA LYS D 423 9.10 -38.73 26.17
C LYS D 423 10.61 -38.89 26.23
N ILE D 424 11.09 -40.02 25.73
CA ILE D 424 12.52 -40.32 25.75
C ILE D 424 12.99 -40.65 24.34
N CYS D 425 14.22 -40.27 24.04
CA CYS D 425 14.82 -40.58 22.75
C CYS D 425 16.31 -40.81 22.96
N TYR D 426 16.86 -41.76 22.21
CA TYR D 426 18.26 -42.12 22.31
C TYR D 426 19.03 -41.53 21.14
N GLN D 427 20.17 -40.91 21.44
CA GLN D 427 21.05 -40.30 20.44
C GLN D 427 22.40 -40.98 20.61
N GLU D 428 22.68 -41.97 19.76
CA GLU D 428 23.91 -42.73 19.90
C GLU D 428 25.14 -41.86 19.73
N VAL D 429 25.12 -40.96 18.74
CA VAL D 429 26.29 -40.14 18.44
C VAL D 429 26.81 -39.45 19.69
N SER D 430 25.92 -39.04 20.59
CA SER D 430 26.31 -38.33 21.80
C SER D 430 26.28 -39.22 23.04
N GLN D 431 26.11 -40.53 22.86
CA GLN D 431 26.09 -41.48 23.97
C GLN D 431 25.18 -41.01 25.09
N CYS D 432 24.00 -40.51 24.71
CA CYS D 432 23.11 -39.93 25.70
C CYS D 432 21.67 -40.04 25.21
N PHE D 433 20.75 -39.84 26.16
CA PHE D 433 19.32 -39.82 25.86
C PHE D 433 18.82 -38.39 25.88
N GLY D 434 17.79 -38.13 25.09
CA GLY D 434 16.98 -36.94 25.25
C GLY D 434 15.68 -37.35 25.98
N VAL D 435 15.33 -36.55 26.97
CA VAL D 435 14.13 -36.82 27.74
C VAL D 435 13.37 -35.51 27.94
N LEU D 436 12.12 -35.47 27.47
CA LEU D 436 11.23 -34.36 27.79
C LEU D 436 10.59 -34.60 29.14
N SER D 437 10.48 -33.53 29.94
CA SER D 437 9.94 -33.64 31.28
C SER D 437 9.20 -32.35 31.64
N SER D 438 8.32 -32.44 32.63
CA SER D 438 7.59 -31.28 33.13
C SER D 438 7.50 -31.34 34.64
N ARG D 439 7.78 -30.22 35.28
CA ARG D 439 7.65 -30.03 36.73
C ARG D 439 6.54 -29.02 37.04
N ILE D 440 5.95 -29.16 38.23
CA ILE D 440 4.89 -28.26 38.66
C ILE D 440 5.51 -27.11 39.45
N GLU D 441 5.22 -25.88 39.04
CA GLU D 441 5.52 -24.69 39.82
C GLU D 441 4.20 -23.99 40.14
N VAL D 442 4.22 -23.19 41.19
CA VAL D 442 3.00 -22.56 41.72
C VAL D 442 3.15 -21.05 41.71
N GLN D 443 2.07 -20.37 41.34
CA GLN D 443 2.07 -18.91 41.30
C GLN D 443 2.31 -18.34 42.70
N ASP D 444 3.32 -17.50 42.83
CA ASP D 444 3.74 -16.94 44.10
C ASP D 444 3.52 -15.43 44.11
N THR D 445 3.77 -14.83 45.28
CA THR D 445 3.53 -13.41 45.49
C THR D 445 4.42 -12.52 44.65
N SER D 446 5.55 -13.02 44.16
CA SER D 446 6.44 -12.22 43.33
C SER D 446 5.87 -11.95 41.95
N GLY D 447 4.81 -12.67 41.56
CA GLY D 447 4.30 -12.65 40.21
C GLY D 447 4.81 -13.78 39.34
N GLY D 448 5.92 -14.39 39.70
CA GLY D 448 6.43 -15.56 39.01
C GLY D 448 5.88 -16.84 39.60
N THR D 449 6.69 -17.89 39.55
CA THR D 449 6.31 -19.19 40.10
C THR D 449 7.50 -19.78 40.86
N THR D 450 7.19 -20.72 41.75
CA THR D 450 8.18 -21.37 42.60
C THR D 450 7.99 -22.87 42.54
N ALA D 451 9.09 -23.60 42.38
CA ALA D 451 9.02 -25.06 42.34
C ALA D 451 8.78 -25.61 43.72
N LEU D 452 7.96 -26.65 43.80
CA LEU D 452 7.64 -27.23 45.11
C LEU D 452 8.83 -27.97 45.69
N ARG D 453 9.69 -28.52 44.85
CA ARG D 453 10.85 -29.29 45.28
C ARG D 453 11.90 -29.24 44.19
N PRO D 454 13.18 -29.38 44.54
CA PRO D 454 14.21 -29.52 43.51
C PRO D 454 14.04 -30.82 42.74
N SER D 455 14.36 -30.78 41.46
CA SER D 455 14.20 -31.94 40.58
C SER D 455 15.19 -31.84 39.43
N ALA D 456 15.14 -32.83 38.54
CA ALA D 456 16.18 -33.00 37.54
C ALA D 456 16.44 -31.71 36.76
N SER D 457 15.38 -31.06 36.28
CA SER D 457 15.56 -29.89 35.42
C SER D 457 16.11 -28.69 36.18
N THR D 458 16.03 -28.68 37.51
CA THR D 458 16.53 -27.56 38.30
C THR D 458 17.91 -27.80 38.89
N GLN D 459 18.36 -29.05 38.95
CA GLN D 459 19.65 -29.40 39.53
C GLN D 459 20.64 -29.81 38.45
N ALA D 460 20.36 -29.44 37.21
CA ALA D 460 21.22 -29.82 36.09
C ALA D 460 22.56 -29.09 36.14
N LEU D 461 23.57 -29.77 35.58
CA LEU D 461 24.92 -29.20 35.50
C LEU D 461 24.94 -27.95 34.63
N SER D 462 24.45 -28.06 33.40
CA SER D 462 24.32 -26.93 32.50
C SER D 462 22.83 -26.69 32.24
N SER D 463 22.45 -25.42 32.13
CA SER D 463 21.04 -25.07 31.99
C SER D 463 20.91 -23.93 30.99
N SER D 464 19.74 -23.85 30.36
CA SER D 464 19.44 -22.83 29.36
C SER D 464 17.94 -22.61 29.31
N VAL D 465 17.55 -21.49 28.73
CA VAL D 465 16.13 -21.15 28.58
C VAL D 465 15.91 -20.59 27.19
N SER D 466 14.77 -20.94 26.59
CA SER D 466 14.45 -20.45 25.26
C SER D 466 14.28 -18.93 25.28
N SER D 467 14.90 -18.27 24.30
CA SER D 467 14.75 -16.83 24.11
C SER D 467 13.92 -16.52 22.89
N SER D 468 13.16 -17.50 22.39
CA SER D 468 12.41 -17.31 21.17
C SER D 468 11.41 -16.18 21.35
N LYS D 469 11.36 -15.29 20.35
CA LYS D 469 10.40 -14.21 20.33
C LYS D 469 9.29 -14.49 19.33
N LEU D 470 9.21 -15.73 18.82
CA LEU D 470 8.24 -16.05 17.77
C LEU D 470 6.82 -15.69 18.19
N PHE D 471 6.46 -15.96 19.44
CA PHE D 471 5.13 -15.64 19.91
C PHE D 471 5.07 -14.25 20.53
N SER D 472 6.23 -13.61 20.72
CA SER D 472 6.32 -12.19 21.05
C SER D 472 5.12 -11.67 21.83
N SER D 473 4.44 -10.68 21.27
CA SER D 473 3.24 -10.12 21.86
C SER D 473 1.98 -10.75 21.25
N SER D 474 2.16 -11.79 20.44
CA SER D 474 1.01 -12.40 19.74
C SER D 474 -0.16 -12.73 20.66
N THR D 475 0.11 -13.26 21.85
CA THR D 475 -0.97 -13.70 22.74
C THR D 475 -1.02 -12.79 23.98
N ALA D 476 -2.14 -12.06 24.12
CA ALA D 476 -2.48 -11.26 25.29
C ALA D 476 -2.23 -12.04 26.57
N PRO D 477 -1.65 -11.44 27.61
CA PRO D 477 -1.34 -12.23 28.80
C PRO D 477 -2.62 -12.55 29.55
N HIS D 478 -2.66 -13.74 30.12
CA HIS D 478 -3.81 -14.24 30.84
C HIS D 478 -3.64 -14.00 32.33
N GLU D 479 -4.77 -13.90 33.01
CA GLU D 479 -4.74 -13.53 34.41
C GLU D 479 -4.14 -14.68 35.21
N THR D 480 -3.27 -14.35 36.17
CA THR D 480 -2.67 -15.33 37.06
C THR D 480 -3.09 -14.99 38.48
N SER D 481 -3.51 -16.01 39.23
CA SER D 481 -3.90 -15.88 40.63
C SER D 481 -2.93 -16.69 41.46
N PHE D 482 -2.58 -16.15 42.63
CA PHE D 482 -1.64 -16.83 43.51
C PHE D 482 -2.19 -18.21 43.86
N GLY D 483 -1.29 -19.20 43.87
CA GLY D 483 -1.64 -20.56 44.22
C GLY D 483 -1.95 -21.49 43.08
N GLU D 484 -2.06 -21.00 41.85
CA GLU D 484 -2.40 -21.84 40.72
C GLU D 484 -1.18 -22.58 40.19
N GLU D 485 -1.36 -23.86 39.88
CA GLU D 485 -0.27 -24.68 39.35
C GLU D 485 -0.07 -24.44 37.86
N VAL D 486 1.19 -24.54 37.43
CA VAL D 486 1.54 -24.46 36.02
C VAL D 486 2.62 -25.51 35.74
N GLU D 487 2.67 -25.96 34.50
CA GLU D 487 3.68 -26.93 34.07
C GLU D 487 4.83 -26.19 33.40
N VAL D 488 6.05 -26.53 33.80
CA VAL D 488 7.27 -26.04 33.15
C VAL D 488 7.94 -27.23 32.49
N HIS D 489 8.12 -27.15 31.19
CA HIS D 489 8.63 -28.25 30.38
C HIS D 489 10.10 -28.02 30.05
N ASN D 490 10.88 -29.10 30.03
CA ASN D 490 12.31 -29.00 29.84
C ASN D 490 12.77 -30.13 28.93
N LEU D 491 13.88 -29.89 28.23
CA LEU D 491 14.58 -30.93 27.50
C LEU D 491 15.83 -31.30 28.30
N LEU D 492 15.91 -32.56 28.72
CA LEU D 492 17.03 -33.06 29.50
C LEU D 492 17.94 -33.91 28.62
N ILE D 493 19.23 -33.62 28.67
CA ILE D 493 20.25 -34.44 28.02
C ILE D 493 20.93 -35.26 29.11
N ILE D 494 20.84 -36.59 29.01
CA ILE D 494 21.25 -37.49 30.08
C ILE D 494 22.26 -38.49 29.55
N ASP D 495 23.36 -38.66 30.29
CA ASP D 495 24.44 -39.52 29.83
C ASP D 495 23.98 -40.98 29.86
N GLN D 496 24.42 -41.76 28.87
CA GLN D 496 23.85 -43.09 28.67
C GLN D 496 24.38 -44.13 29.65
N HIS D 497 25.49 -43.85 30.32
CA HIS D 497 26.07 -44.77 31.29
C HIS D 497 25.88 -44.35 32.73
N THR D 498 26.04 -43.06 33.03
CA THR D 498 25.90 -42.57 34.39
C THR D 498 24.50 -42.05 34.68
N PHE D 499 23.75 -41.66 33.65
CA PHE D 499 22.45 -41.01 33.82
C PHE D 499 22.58 -39.77 34.68
N GLU D 500 23.73 -39.12 34.57
CA GLU D 500 23.90 -37.75 35.07
C GLU D 500 23.18 -36.81 34.12
N VAL D 501 22.47 -35.83 34.67
CA VAL D 501 21.81 -34.82 33.85
C VAL D 501 22.87 -33.83 33.41
N LEU D 502 23.27 -33.93 32.15
CA LEU D 502 24.34 -33.11 31.61
C LEU D 502 23.85 -31.70 31.32
N HIS D 503 22.61 -31.56 30.89
CA HIS D 503 22.07 -30.28 30.47
C HIS D 503 20.55 -30.26 30.57
N ALA D 504 20.00 -29.06 30.77
CA ALA D 504 18.55 -28.87 30.82
C ALA D 504 18.17 -27.59 30.09
N HIS D 505 17.17 -27.68 29.22
CA HIS D 505 16.66 -26.54 28.49
C HIS D 505 15.21 -26.31 28.92
N GLN D 506 14.90 -25.11 29.41
CA GLN D 506 13.54 -24.76 29.80
C GLN D 506 12.85 -24.07 28.64
N PHE D 507 11.71 -24.61 28.21
CA PHE D 507 10.98 -24.05 27.09
C PHE D 507 10.18 -22.83 27.55
N LEU D 508 9.51 -22.19 26.59
CA LEU D 508 8.86 -20.93 26.89
C LEU D 508 7.77 -21.10 27.93
N GLN D 509 7.42 -19.99 28.58
CA GLN D 509 6.32 -19.98 29.51
C GLN D 509 5.03 -20.43 28.82
N ASN D 510 4.39 -21.43 29.40
CA ASN D 510 3.16 -22.02 28.89
C ASN D 510 3.38 -22.85 27.64
N GLU D 511 4.61 -23.23 27.34
CA GLU D 511 4.92 -24.09 26.21
C GLU D 511 5.07 -25.52 26.71
N TYR D 512 4.30 -26.43 26.11
CA TYR D 512 4.40 -27.85 26.42
C TYR D 512 5.23 -28.54 25.34
N ALA D 513 6.10 -29.45 25.76
CA ALA D 513 6.87 -30.27 24.84
C ALA D 513 6.10 -31.56 24.61
N LEU D 514 5.71 -31.82 23.36
CA LEU D 514 4.88 -32.98 23.07
C LEU D 514 5.60 -34.07 22.31
N SER D 515 6.62 -33.74 21.53
CA SER D 515 7.27 -34.73 20.67
C SER D 515 8.78 -34.53 20.66
N LEU D 516 9.51 -35.62 20.47
CA LEU D 516 10.97 -35.59 20.47
C LEU D 516 11.51 -36.65 19.53
N VAL D 517 12.53 -36.28 18.74
CA VAL D 517 13.20 -37.23 17.86
C VAL D 517 14.70 -36.95 17.85
N SER D 518 15.47 -37.98 17.53
CA SER D 518 16.91 -37.87 17.30
C SER D 518 17.20 -38.43 15.91
N CYS D 519 17.83 -37.63 15.05
CA CYS D 519 18.05 -38.08 13.69
C CYS D 519 18.97 -37.10 12.96
N LYS D 520 19.50 -37.58 11.84
CA LYS D 520 20.14 -36.75 10.83
C LYS D 520 19.07 -36.40 9.81
N LEU D 521 19.19 -35.22 9.21
CA LEU D 521 18.24 -34.81 8.18
C LEU D 521 18.95 -34.37 6.91
N GLY D 522 18.27 -34.56 5.78
CA GLY D 522 18.78 -34.07 4.51
C GLY D 522 20.20 -34.48 4.28
N LYS D 523 21.00 -33.53 3.81
CA LYS D 523 22.43 -33.72 3.59
C LYS D 523 23.27 -33.25 4.77
N ASP D 524 22.65 -32.94 5.90
CA ASP D 524 23.38 -32.51 7.09
C ASP D 524 23.88 -33.70 7.89
N PRO D 525 25.18 -33.86 8.08
CA PRO D 525 25.67 -35.00 8.88
C PRO D 525 25.48 -34.81 10.38
N ASN D 526 25.20 -33.60 10.85
CA ASN D 526 25.05 -33.38 12.28
C ASN D 526 23.78 -34.05 12.78
N THR D 527 23.89 -34.71 13.93
CA THR D 527 22.76 -35.40 14.54
C THR D 527 22.07 -34.50 15.57
N TYR D 528 20.78 -34.30 15.39
CA TYR D 528 20.05 -33.32 16.18
C TYR D 528 19.01 -33.98 17.09
N PHE D 529 18.70 -33.27 18.18
CA PHE D 529 17.49 -33.52 18.97
C PHE D 529 16.44 -32.53 18.49
N ILE D 530 15.25 -33.02 18.13
CA ILE D 530 14.18 -32.17 17.62
C ILE D 530 12.95 -32.36 18.49
N VAL D 531 12.34 -31.24 18.90
CA VAL D 531 11.22 -31.23 19.82
C VAL D 531 10.05 -30.51 19.18
N GLY D 532 8.87 -31.09 19.31
CA GLY D 532 7.62 -30.49 18.86
C GLY D 532 6.82 -30.01 20.06
N THR D 533 6.34 -28.78 19.98
CA THR D 533 5.75 -28.12 21.13
C THR D 533 4.36 -27.58 20.81
N ALA D 534 3.65 -27.17 21.85
CA ALA D 534 2.34 -26.55 21.73
C ALA D 534 2.24 -25.43 22.76
N MET D 535 1.62 -24.33 22.38
CA MET D 535 1.37 -23.24 23.31
C MET D 535 0.03 -23.49 23.98
N VAL D 536 0.05 -23.73 25.27
CA VAL D 536 -1.11 -24.18 26.03
C VAL D 536 -1.58 -22.99 26.85
N TYR D 537 -2.76 -22.48 26.50
CA TYR D 537 -3.44 -21.46 27.29
C TYR D 537 -4.78 -22.01 27.75
N PRO D 538 -5.13 -21.82 29.01
CA PRO D 538 -6.34 -22.48 29.55
C PRO D 538 -7.62 -22.18 28.79
N GLU D 539 -7.73 -21.02 28.15
CA GLU D 539 -8.98 -20.64 27.49
C GLU D 539 -9.20 -21.39 26.19
N GLU D 540 -8.13 -21.75 25.50
CA GLU D 540 -8.24 -22.30 24.17
C GLU D 540 -8.55 -23.79 24.31
N ALA D 541 -9.63 -24.23 23.65
CA ALA D 541 -9.93 -25.66 23.65
C ALA D 541 -8.80 -26.44 23.00
N GLU D 542 -8.27 -25.93 21.89
CA GLU D 542 -7.21 -26.60 21.13
C GLU D 542 -6.07 -25.62 20.93
N PRO D 543 -4.82 -26.03 21.13
CA PRO D 543 -3.69 -25.11 20.92
C PRO D 543 -3.67 -24.61 19.48
N LYS D 544 -3.44 -23.31 19.33
CA LYS D 544 -3.39 -22.70 18.01
C LYS D 544 -1.99 -22.23 17.66
N GLN D 545 -1.03 -22.37 18.57
CA GLN D 545 0.36 -22.01 18.32
C GLN D 545 1.30 -23.12 18.75
N GLY D 546 2.45 -23.20 18.09
CA GLY D 546 3.43 -24.22 18.43
C GLY D 546 4.73 -23.98 17.72
N ARG D 547 5.74 -24.73 18.15
CA ARG D 547 7.08 -24.66 17.60
C ARG D 547 7.62 -26.05 17.34
N ILE D 548 8.45 -26.17 16.29
CA ILE D 548 9.36 -27.28 16.11
C ILE D 548 10.77 -26.74 16.27
N VAL D 549 11.52 -27.28 17.23
CA VAL D 549 12.80 -26.73 17.62
C VAL D 549 13.88 -27.79 17.38
N VAL D 550 14.97 -27.38 16.73
CA VAL D 550 16.09 -28.25 16.39
C VAL D 550 17.26 -27.90 17.30
N PHE D 551 17.73 -28.89 18.06
CA PHE D 551 18.85 -28.71 18.99
C PHE D 551 20.01 -29.58 18.53
N GLN D 552 21.23 -29.17 18.89
CA GLN D 552 22.39 -30.04 18.76
C GLN D 552 23.17 -30.07 20.06
N TYR D 553 23.42 -31.27 20.60
CA TYR D 553 24.27 -31.43 21.77
C TYR D 553 25.66 -31.87 21.31
N SER D 554 26.64 -30.97 21.40
CA SER D 554 28.01 -31.28 21.03
C SER D 554 28.97 -30.53 21.95
N ASP D 555 30.03 -31.22 22.36
CA ASP D 555 31.03 -30.66 23.28
C ASP D 555 30.36 -30.15 24.54
N GLY D 556 29.44 -30.94 25.08
CA GLY D 556 28.88 -30.63 26.38
C GLY D 556 27.88 -29.49 26.39
N LYS D 557 27.65 -28.83 25.26
CA LYS D 557 26.72 -27.71 25.18
C LYS D 557 25.65 -27.96 24.12
N LEU D 558 24.42 -27.57 24.46
CA LEU D 558 23.30 -27.63 23.55
C LEU D 558 23.16 -26.29 22.84
N GLN D 559 23.05 -26.32 21.52
CA GLN D 559 22.85 -25.10 20.75
C GLN D 559 21.51 -25.20 20.04
N THR D 560 20.72 -24.13 20.11
CA THR D 560 19.48 -24.09 19.37
C THR D 560 19.85 -23.83 17.92
N VAL D 561 19.49 -24.76 17.04
CA VAL D 561 19.91 -24.68 15.65
C VAL D 561 18.90 -23.93 14.80
N ALA D 562 17.62 -24.27 14.96
CA ALA D 562 16.59 -23.64 14.15
C ALA D 562 15.24 -23.82 14.84
N GLU D 563 14.34 -22.88 14.56
CA GLU D 563 12.97 -22.94 15.06
C GLU D 563 12.02 -22.68 13.92
N LYS D 564 10.95 -23.48 13.88
CA LYS D 564 9.91 -23.40 12.87
C LYS D 564 8.58 -23.17 13.59
N GLU D 565 7.88 -22.11 13.20
CA GLU D 565 6.57 -21.84 13.78
C GLU D 565 5.50 -22.63 13.05
N VAL D 566 4.61 -23.23 13.82
CA VAL D 566 3.45 -23.94 13.30
C VAL D 566 2.23 -23.39 14.04
N LYS D 567 1.05 -23.67 13.50
CA LYS D 567 -0.20 -23.11 14.00
C LYS D 567 -0.99 -24.16 14.80
N GLY D 568 -0.32 -24.92 15.65
CA GLY D 568 -0.99 -25.94 16.42
C GLY D 568 -0.04 -26.68 17.34
N ALA D 569 -0.49 -27.81 17.84
CA ALA D 569 0.30 -28.64 18.75
C ALA D 569 0.98 -29.75 17.96
N VAL D 570 2.28 -29.89 18.14
CA VAL D 570 3.07 -30.89 17.39
C VAL D 570 3.05 -32.17 18.22
N TYR D 571 1.96 -32.93 18.08
CA TYR D 571 1.78 -34.11 18.90
C TYR D 571 2.81 -35.19 18.57
N SER D 572 3.10 -35.40 17.29
CA SER D 572 4.01 -36.47 16.92
C SER D 572 4.94 -36.07 15.78
N MET D 573 6.15 -36.59 15.85
CA MET D 573 7.16 -36.43 14.82
C MET D 573 7.88 -37.75 14.62
N VAL D 574 8.40 -37.96 13.42
CA VAL D 574 9.20 -39.14 13.14
C VAL D 574 10.07 -38.85 11.93
N GLU D 575 11.31 -39.36 11.97
CA GLU D 575 12.21 -39.23 10.83
C GLU D 575 11.69 -40.09 9.68
N PHE D 576 11.69 -39.53 8.47
CA PHE D 576 11.05 -40.14 7.30
C PHE D 576 11.97 -39.91 6.10
N ASN D 577 12.88 -40.87 5.88
CA ASN D 577 13.75 -40.88 4.72
C ASN D 577 14.46 -39.53 4.56
N GLY D 578 15.11 -39.11 5.65
CA GLY D 578 15.85 -37.87 5.67
C GLY D 578 15.02 -36.62 5.84
N LYS D 579 13.70 -36.72 5.85
CA LYS D 579 12.81 -35.59 6.04
C LYS D 579 12.12 -35.72 7.38
N LEU D 580 11.53 -34.61 7.84
CA LEU D 580 10.87 -34.57 9.13
C LEU D 580 9.37 -34.66 8.91
N LEU D 581 8.76 -35.72 9.43
CA LEU D 581 7.32 -35.92 9.35
C LEU D 581 6.72 -35.51 10.69
N ALA D 582 5.85 -34.51 10.67
CA ALA D 582 5.28 -33.95 11.89
C ALA D 582 3.77 -33.78 11.74
N SER D 583 3.07 -33.96 12.85
CA SER D 583 1.62 -33.81 12.92
C SER D 583 1.31 -32.58 13.74
N ILE D 584 0.66 -31.61 13.11
CA ILE D 584 0.23 -30.37 13.77
C ILE D 584 -1.30 -30.39 13.76
N ASN D 585 -1.90 -30.72 14.91
CA ASN D 585 -3.36 -30.83 15.07
C ASN D 585 -3.90 -31.80 14.02
N SER D 586 -4.80 -31.36 13.12
CA SER D 586 -5.31 -32.23 12.08
C SER D 586 -4.29 -32.49 10.97
N THR D 587 -3.41 -31.53 10.71
CA THR D 587 -2.52 -31.61 9.57
C THR D 587 -1.35 -32.54 9.83
N VAL D 588 -0.95 -33.30 8.81
CA VAL D 588 0.28 -34.08 8.80
C VAL D 588 1.20 -33.49 7.74
N ARG D 589 2.39 -33.05 8.15
CA ARG D 589 3.28 -32.31 7.27
C ARG D 589 4.60 -33.06 7.12
N LEU D 590 5.20 -32.94 5.94
CA LEU D 590 6.54 -33.44 5.67
C LEU D 590 7.43 -32.24 5.44
N TYR D 591 8.45 -32.08 6.27
CA TYR D 591 9.39 -30.98 6.18
C TYR D 591 10.69 -31.49 5.57
N GLU D 592 11.33 -30.64 4.77
CA GLU D 592 12.67 -30.89 4.28
C GLU D 592 13.65 -29.97 5.02
N TRP D 593 14.90 -30.43 5.12
CA TRP D 593 15.96 -29.73 5.83
C TRP D 593 16.87 -29.08 4.81
N THR D 594 16.81 -27.76 4.70
CA THR D 594 17.51 -27.07 3.63
C THR D 594 19.01 -27.04 3.92
N THR D 595 19.79 -26.65 2.91
CA THR D 595 21.21 -26.43 3.13
C THR D 595 21.48 -25.21 4.01
N GLU D 596 20.50 -24.35 4.24
CA GLU D 596 20.63 -23.25 5.18
C GLU D 596 20.20 -23.62 6.61
N LYS D 597 20.05 -24.92 6.88
CA LYS D 597 19.70 -25.43 8.21
C LYS D 597 18.37 -24.85 8.72
N GLU D 598 17.32 -24.96 7.90
CA GLU D 598 15.97 -24.60 8.33
C GLU D 598 14.97 -25.53 7.66
N LEU D 599 13.79 -25.66 8.28
CA LEU D 599 12.75 -26.56 7.81
C LEU D 599 11.83 -25.88 6.79
N ARG D 600 11.58 -26.58 5.68
CA ARG D 600 10.72 -26.09 4.61
C ARG D 600 9.63 -27.13 4.36
N THR D 601 8.37 -26.67 4.30
CA THR D 601 7.25 -27.58 4.09
C THR D 601 7.25 -28.10 2.66
N GLU D 602 7.20 -29.42 2.52
CA GLU D 602 7.08 -30.02 1.20
C GLU D 602 5.63 -30.26 0.83
N CYS D 603 4.89 -30.94 1.72
CA CYS D 603 3.53 -31.33 1.42
C CYS D 603 2.79 -31.55 2.73
N ASN D 604 1.48 -31.53 2.64
CA ASN D 604 0.61 -31.62 3.80
C ASN D 604 -0.48 -32.64 3.53
N HIS D 605 -1.01 -33.22 4.61
CA HIS D 605 -2.21 -34.02 4.56
C HIS D 605 -3.12 -33.54 5.68
N TYR D 606 -4.39 -33.31 5.36
CA TYR D 606 -5.27 -32.65 6.31
C TYR D 606 -6.48 -33.46 6.74
N ASN D 607 -6.70 -34.66 6.23
CA ASN D 607 -7.93 -35.40 6.55
C ASN D 607 -7.77 -36.12 7.88
N ASN D 608 -7.81 -35.34 8.95
CA ASN D 608 -7.68 -35.88 10.30
C ASN D 608 -8.39 -34.98 11.29
N ILE D 609 -8.94 -35.59 12.33
CA ILE D 609 -9.47 -34.80 13.44
C ILE D 609 -8.34 -34.35 14.36
N MET D 610 -7.50 -35.29 14.79
CA MET D 610 -6.32 -34.98 15.58
C MET D 610 -5.29 -36.08 15.32
N ALA D 611 -4.16 -35.70 14.73
CA ALA D 611 -3.14 -36.66 14.33
C ALA D 611 -2.19 -36.89 15.50
N LEU D 612 -2.69 -37.65 16.47
CA LEU D 612 -1.96 -37.81 17.73
C LEU D 612 -0.71 -38.64 17.56
N TYR D 613 -0.76 -39.70 16.74
CA TYR D 613 0.34 -40.64 16.65
C TYR D 613 0.79 -40.89 15.22
N LEU D 614 2.11 -41.02 15.03
CA LEU D 614 2.71 -41.25 13.72
C LEU D 614 3.75 -42.36 13.81
N LYS D 615 3.78 -43.20 12.79
CA LYS D 615 4.75 -44.28 12.63
C LYS D 615 4.99 -44.46 11.13
N THR D 616 6.16 -44.98 10.78
CA THR D 616 6.51 -45.10 9.37
C THR D 616 7.21 -46.40 9.03
N LYS D 617 7.18 -46.74 7.74
CA LYS D 617 7.95 -47.84 7.16
C LYS D 617 8.10 -47.57 5.67
N GLY D 618 9.34 -47.38 5.20
CA GLY D 618 9.54 -47.03 3.79
C GLY D 618 8.90 -45.68 3.49
N ASP D 619 8.12 -45.62 2.42
CA ASP D 619 7.39 -44.42 2.07
C ASP D 619 5.96 -44.43 2.61
N PHE D 620 5.63 -45.42 3.44
CA PHE D 620 4.30 -45.55 4.01
C PHE D 620 4.26 -44.92 5.40
N ILE D 621 3.13 -44.33 5.73
CA ILE D 621 2.93 -43.65 7.01
C ILE D 621 1.62 -44.13 7.61
N LEU D 622 1.64 -44.45 8.90
CA LEU D 622 0.44 -44.82 9.64
C LEU D 622 0.12 -43.70 10.62
N VAL D 623 -1.07 -43.14 10.49
CA VAL D 623 -1.52 -42.01 11.30
C VAL D 623 -2.51 -42.54 12.33
N GLY D 624 -2.32 -42.16 13.59
CA GLY D 624 -3.25 -42.49 14.65
C GLY D 624 -4.05 -41.25 15.05
N ASP D 625 -5.35 -41.43 15.19
CA ASP D 625 -6.25 -40.31 15.39
C ASP D 625 -7.05 -40.48 16.68
N LEU D 626 -7.50 -39.35 17.21
CA LEU D 626 -8.31 -39.37 18.43
C LEU D 626 -9.56 -40.21 18.28
N MET D 627 -10.20 -40.15 17.12
CA MET D 627 -11.28 -40.99 16.67
C MET D 627 -10.97 -41.26 15.21
N ARG D 628 -11.62 -42.26 14.63
CA ARG D 628 -11.41 -42.67 13.25
C ARG D 628 -10.19 -43.59 13.10
N SER D 629 -9.65 -44.12 14.20
CA SER D 629 -8.67 -45.22 14.21
C SER D 629 -7.44 -44.80 13.40
N VAL D 630 -7.00 -45.57 12.42
CA VAL D 630 -5.72 -45.40 11.76
C VAL D 630 -5.92 -45.19 10.27
N LEU D 631 -4.96 -44.49 9.66
CA LEU D 631 -4.95 -44.21 8.23
C LEU D 631 -3.56 -44.54 7.71
N LEU D 632 -3.50 -45.28 6.60
CA LEU D 632 -2.24 -45.58 5.95
C LEU D 632 -2.01 -44.56 4.85
N LEU D 633 -1.11 -43.62 5.10
CA LEU D 633 -0.70 -42.71 4.04
C LEU D 633 0.46 -43.32 3.28
N ALA D 634 0.70 -42.78 2.09
CA ALA D 634 1.91 -43.12 1.35
C ALA D 634 2.46 -41.82 0.76
N TYR D 635 3.77 -41.68 0.83
CA TYR D 635 4.47 -40.63 0.12
C TYR D 635 4.71 -41.11 -1.31
N LYS D 636 4.30 -40.31 -2.28
CA LYS D 636 4.48 -40.65 -3.69
C LYS D 636 5.60 -39.73 -4.19
N PRO D 637 6.85 -40.18 -4.14
CA PRO D 637 7.97 -39.26 -4.42
C PRO D 637 7.93 -38.63 -5.80
N MET D 638 7.33 -39.30 -6.79
CA MET D 638 7.27 -38.70 -8.12
C MET D 638 6.46 -37.42 -8.11
N GLU D 639 5.50 -37.28 -7.19
CA GLU D 639 4.64 -36.11 -7.15
C GLU D 639 4.93 -35.17 -5.99
N GLY D 640 5.58 -35.66 -4.93
CA GLY D 640 5.94 -34.79 -3.84
C GLY D 640 4.76 -34.39 -2.99
N ASN D 641 3.97 -35.37 -2.58
CA ASN D 641 2.75 -35.15 -1.83
C ASN D 641 2.37 -36.48 -1.19
N PHE D 642 1.25 -36.48 -0.47
CA PHE D 642 0.76 -37.71 0.12
C PHE D 642 -0.39 -38.26 -0.74
N GLU D 643 -0.67 -39.54 -0.55
CA GLU D 643 -1.83 -40.19 -1.16
C GLU D 643 -2.40 -41.11 -0.09
N GLU D 644 -3.71 -41.01 0.13
CA GLU D 644 -4.36 -41.87 1.12
C GLU D 644 -4.48 -43.28 0.55
N ILE D 645 -3.85 -44.24 1.22
CA ILE D 645 -3.93 -45.63 0.75
C ILE D 645 -5.14 -46.35 1.31
N ALA D 646 -5.36 -46.27 2.63
CA ALA D 646 -6.50 -46.97 3.21
C ALA D 646 -6.73 -46.51 4.64
N ARG D 647 -8.01 -46.47 5.04
CA ARG D 647 -8.43 -46.04 6.37
C ARG D 647 -9.31 -47.08 7.01
N ASP D 648 -9.20 -47.20 8.33
CA ASP D 648 -10.08 -48.05 9.12
C ASP D 648 -11.29 -47.20 9.51
N PHE D 649 -12.40 -47.37 8.80
CA PHE D 649 -13.54 -46.49 9.01
C PHE D 649 -14.21 -46.73 10.36
N ASN D 650 -14.07 -47.92 10.91
CA ASN D 650 -14.58 -48.18 12.25
C ASN D 650 -13.96 -47.17 13.23
N PRO D 651 -14.76 -46.46 14.02
CA PRO D 651 -14.20 -45.41 14.90
C PRO D 651 -13.63 -46.02 16.18
N ASN D 652 -12.43 -45.60 16.56
CA ASN D 652 -11.84 -46.00 17.82
C ASN D 652 -11.05 -44.84 18.40
N TRP D 653 -10.99 -44.80 19.73
CA TRP D 653 -10.18 -43.80 20.45
C TRP D 653 -8.80 -44.43 20.67
N MET D 654 -7.81 -43.91 19.97
CA MET D 654 -6.50 -44.54 19.90
C MET D 654 -5.60 -44.05 21.03
N SER D 655 -4.76 -44.95 21.54
CA SER D 655 -3.73 -44.61 22.51
C SER D 655 -2.33 -44.80 21.98
N ALA D 656 -2.14 -45.65 20.97
CA ALA D 656 -0.83 -45.87 20.35
C ALA D 656 -1.04 -46.73 19.12
N VAL D 657 -0.13 -46.62 18.16
CA VAL D 657 -0.19 -47.38 16.93
C VAL D 657 1.19 -47.92 16.60
N GLU D 658 1.23 -48.98 15.80
CA GLU D 658 2.50 -49.51 15.34
C GLU D 658 2.27 -50.25 14.03
N ILE D 659 3.31 -50.27 13.20
CA ILE D 659 3.33 -51.00 11.95
C ILE D 659 4.00 -52.34 12.22
N LEU D 660 3.32 -53.43 11.89
CA LEU D 660 3.90 -54.77 12.05
C LEU D 660 4.69 -55.17 10.82
N ASP D 661 4.10 -54.97 9.64
CA ASP D 661 4.74 -55.27 8.36
C ASP D 661 4.02 -54.45 7.30
N ASP D 662 4.35 -54.70 6.04
CA ASP D 662 3.83 -53.86 4.96
C ASP D 662 2.31 -53.94 4.83
N ASP D 663 1.68 -54.96 5.40
CA ASP D 663 0.25 -55.15 5.26
C ASP D 663 -0.52 -55.11 6.57
N ASN D 664 0.12 -55.36 7.70
CA ASN D 664 -0.53 -55.41 9.00
C ASN D 664 -0.21 -54.16 9.82
N PHE D 665 -1.21 -53.66 10.55
CA PHE D 665 -1.05 -52.46 11.37
C PHE D 665 -1.68 -52.72 12.72
N LEU D 666 -0.98 -52.33 13.78
CA LEU D 666 -1.38 -52.63 15.14
C LEU D 666 -1.84 -51.36 15.85
N GLY D 667 -2.91 -51.47 16.62
CA GLY D 667 -3.48 -50.32 17.31
C GLY D 667 -3.91 -50.68 18.72
N ALA D 668 -4.02 -49.64 19.55
CA ALA D 668 -4.43 -49.78 20.94
C ALA D 668 -5.48 -48.74 21.27
N GLU D 669 -6.59 -49.17 21.85
CA GLU D 669 -7.74 -48.33 22.14
C GLU D 669 -7.78 -47.92 23.61
N ASN D 670 -8.56 -46.88 23.89
CA ASN D 670 -8.79 -46.46 25.27
C ASN D 670 -9.70 -47.42 26.01
N ALA D 671 -10.28 -48.39 25.33
CA ALA D 671 -11.11 -49.41 25.95
C ALA D 671 -10.27 -50.59 26.44
N PHE D 672 -8.95 -50.45 26.43
CA PHE D 672 -8.03 -51.52 26.79
C PHE D 672 -8.05 -52.65 25.77
N ASN D 673 -8.27 -52.33 24.50
CA ASN D 673 -8.34 -53.36 23.47
C ASN D 673 -7.21 -53.14 22.47
N LEU D 674 -6.77 -54.24 21.86
CA LEU D 674 -5.79 -54.23 20.79
C LEU D 674 -6.46 -54.69 19.50
N PHE D 675 -6.10 -54.09 18.38
CA PHE D 675 -6.65 -54.55 17.11
C PHE D 675 -5.61 -54.41 16.01
N VAL D 676 -5.74 -55.25 14.99
CA VAL D 676 -4.87 -55.23 13.83
C VAL D 676 -5.76 -55.15 12.59
N CYS D 677 -5.54 -54.14 11.75
CA CYS D 677 -6.24 -54.02 10.48
C CYS D 677 -5.22 -54.13 9.36
N GLN D 678 -5.65 -54.71 8.23
CA GLN D 678 -4.78 -54.94 7.09
C GLN D 678 -5.46 -54.53 5.80
N LYS D 679 -4.64 -54.09 4.86
CA LYS D 679 -5.11 -53.80 3.51
C LYS D 679 -5.76 -55.02 2.88
N ASP D 680 -6.89 -54.80 2.20
CA ASP D 680 -7.52 -55.89 1.46
C ASP D 680 -6.70 -56.23 0.22
N SER D 681 -6.24 -55.20 -0.51
CA SER D 681 -5.42 -55.37 -1.71
C SER D 681 -5.93 -56.55 -2.51
N ALA D 682 -7.25 -56.63 -2.69
CA ALA D 682 -7.88 -57.66 -3.51
C ALA D 682 -9.20 -57.12 -4.02
N ALA D 683 -9.88 -57.94 -4.82
CA ALA D 683 -11.22 -57.68 -5.34
C ALA D 683 -11.22 -56.56 -6.36
N THR D 684 -10.04 -56.16 -6.87
CA THR D 684 -9.88 -55.12 -7.89
C THR D 684 -10.89 -53.99 -7.76
N THR D 685 -11.37 -53.71 -6.56
CA THR D 685 -12.25 -52.60 -6.28
C THR D 685 -11.43 -51.47 -5.69
N ASP D 686 -11.59 -50.25 -6.22
CA ASP D 686 -10.92 -49.11 -5.59
C ASP D 686 -11.45 -48.93 -4.17
N GLU D 687 -12.74 -49.16 -3.98
CA GLU D 687 -13.38 -49.02 -2.67
C GLU D 687 -12.83 -50.05 -1.69
N GLU D 688 -12.63 -51.29 -2.14
CA GLU D 688 -12.08 -52.31 -1.27
C GLU D 688 -10.61 -52.06 -0.94
N ARG D 689 -9.85 -51.51 -1.88
CA ARG D 689 -8.46 -51.18 -1.59
C ARG D 689 -8.36 -50.18 -0.44
N GLN D 690 -9.26 -49.20 -0.41
CA GLN D 690 -9.18 -48.11 0.56
C GLN D 690 -9.83 -48.45 1.89
N HIS D 691 -10.29 -49.68 2.08
CA HIS D 691 -10.93 -50.10 3.33
C HIS D 691 -9.94 -50.97 4.10
N LEU D 692 -9.38 -50.41 5.17
CA LEU D 692 -8.61 -51.21 6.12
C LEU D 692 -9.60 -52.02 6.95
N GLN D 693 -9.43 -53.33 6.95
CA GLN D 693 -10.37 -54.23 7.62
C GLN D 693 -9.73 -54.79 8.87
N GLU D 694 -10.44 -54.64 9.99
CA GLU D 694 -9.98 -55.17 11.27
C GLU D 694 -9.98 -56.69 11.20
N VAL D 695 -8.79 -57.28 11.20
CA VAL D 695 -8.62 -58.72 11.11
C VAL D 695 -8.21 -59.32 12.44
N GLY D 696 -8.00 -58.50 13.47
CA GLY D 696 -7.71 -58.96 14.81
C GLY D 696 -8.35 -58.12 15.90
N LEU D 697 -8.95 -58.77 16.90
CA LEU D 697 -9.52 -58.09 18.05
C LEU D 697 -9.14 -58.84 19.32
N PHE D 698 -8.70 -58.11 20.34
CA PHE D 698 -8.22 -58.74 21.58
C PHE D 698 -8.35 -57.75 22.73
N HIS D 699 -9.01 -58.19 23.81
CA HIS D 699 -9.10 -57.38 25.02
C HIS D 699 -7.85 -57.61 25.84
N LEU D 700 -7.00 -56.58 25.95
CA LEU D 700 -5.72 -56.72 26.63
C LEU D 700 -5.88 -56.58 28.13
N GLY D 701 -6.66 -55.60 28.58
CA GLY D 701 -6.83 -55.32 29.98
C GLY D 701 -5.86 -54.30 30.54
N GLU D 702 -5.03 -53.70 29.69
CA GLU D 702 -4.06 -52.69 30.08
C GLU D 702 -4.17 -51.54 29.09
N PHE D 703 -3.71 -50.37 29.52
CA PHE D 703 -3.72 -49.16 28.70
C PHE D 703 -2.34 -48.98 28.08
N VAL D 704 -2.26 -49.04 26.75
CA VAL D 704 -0.99 -49.00 26.04
C VAL D 704 -0.65 -47.57 25.66
N ASN D 705 0.46 -47.07 26.19
CA ASN D 705 0.91 -45.73 25.84
C ASN D 705 1.91 -45.72 24.70
N VAL D 706 2.74 -46.75 24.54
CA VAL D 706 3.84 -46.71 23.58
C VAL D 706 4.06 -48.10 22.99
N PHE D 707 4.16 -48.17 21.66
CA PHE D 707 4.64 -49.36 20.97
C PHE D 707 6.09 -49.12 20.54
N CYS D 708 6.89 -50.17 20.57
CA CYS D 708 8.33 -50.05 20.31
C CYS D 708 8.86 -51.38 19.79
N HIS D 709 9.43 -51.35 18.58
CA HIS D 709 10.04 -52.53 18.00
C HIS D 709 11.31 -52.89 18.76
N GLY D 710 11.50 -54.18 19.00
CA GLY D 710 12.70 -54.66 19.67
C GLY D 710 12.41 -55.88 20.52
N SER D 711 13.48 -56.44 21.09
CA SER D 711 13.35 -57.57 22.00
C SER D 711 14.47 -57.51 23.03
N LEU D 712 14.14 -57.89 24.26
CA LEU D 712 15.09 -57.89 25.36
C LEU D 712 15.95 -59.14 25.40
N VAL D 713 15.53 -60.18 24.70
CA VAL D 713 16.28 -61.42 24.68
C VAL D 713 17.49 -61.26 23.77
N MET D 714 18.47 -62.12 23.99
CA MET D 714 19.70 -62.09 23.21
C MET D 714 19.44 -62.56 21.79
N GLN D 715 19.66 -61.65 20.84
CA GLN D 715 19.53 -61.99 19.42
C GLN D 715 20.86 -62.48 18.86
N ASN D 716 20.98 -63.78 18.64
CA ASN D 716 22.18 -64.35 18.04
C ASN D 716 22.15 -64.12 16.54
N LEU D 717 23.19 -63.47 15.99
CA LEU D 717 23.23 -63.22 14.56
C LEU D 717 23.08 -64.51 13.75
N GLY D 718 23.25 -65.66 14.40
CA GLY D 718 23.07 -66.93 13.70
C GLY D 718 21.59 -67.23 13.59
N GLU D 719 21.17 -67.62 12.38
CA GLU D 719 19.75 -67.76 12.09
C GLU D 719 19.17 -68.91 12.91
N THR D 720 18.09 -68.63 13.62
CA THR D 720 17.37 -69.65 14.38
C THR D 720 15.92 -69.61 13.92
N SER D 721 15.39 -70.74 13.46
CA SER D 721 14.01 -70.75 12.99
C SER D 721 13.17 -70.67 14.26
N THR D 722 12.57 -69.50 14.47
CA THR D 722 11.71 -69.32 15.62
C THR D 722 10.28 -69.28 15.12
N PRO D 723 9.34 -69.96 15.77
CA PRO D 723 7.96 -69.95 15.24
C PRO D 723 7.40 -68.54 15.13
N THR D 724 7.75 -67.68 16.08
CA THR D 724 7.34 -66.29 16.07
C THR D 724 8.13 -65.47 15.05
N GLN D 725 7.44 -64.53 14.42
CA GLN D 725 8.04 -63.61 13.46
C GLN D 725 7.74 -62.19 13.92
N GLY D 726 8.79 -61.39 14.09
CA GLY D 726 8.64 -60.02 14.54
C GLY D 726 8.67 -59.91 16.06
N SER D 727 8.82 -58.67 16.53
CA SER D 727 8.85 -58.41 17.97
C SER D 727 8.52 -56.96 18.24
N VAL D 728 7.40 -56.71 18.91
CA VAL D 728 6.99 -55.38 19.34
C VAL D 728 6.76 -55.39 20.85
N LEU D 729 7.43 -54.49 21.57
CA LEU D 729 7.22 -54.31 22.99
C LEU D 729 6.24 -53.17 23.22
N PHE D 730 5.51 -53.22 24.34
CA PHE D 730 4.63 -52.11 24.69
C PHE D 730 4.60 -51.88 26.19
N GLY D 731 4.43 -50.61 26.59
CA GLY D 731 4.35 -50.22 27.98
C GLY D 731 2.96 -49.73 28.31
N THR D 732 2.59 -49.83 29.58
CA THR D 732 1.23 -49.52 30.00
C THR D 732 1.19 -48.68 31.25
N VAL D 733 -0.02 -48.23 31.59
CA VAL D 733 -0.23 -47.34 32.73
C VAL D 733 0.07 -48.02 34.05
N ASN D 734 -0.17 -49.32 34.14
CA ASN D 734 0.04 -50.06 35.38
C ASN D 734 1.44 -50.64 35.51
N GLY D 735 2.34 -50.34 34.57
CA GLY D 735 3.70 -50.82 34.65
C GLY D 735 3.94 -52.11 33.90
N MET D 736 2.88 -52.76 33.42
CA MET D 736 2.98 -53.97 32.64
C MET D 736 3.74 -53.71 31.35
N ILE D 737 4.64 -54.63 31.00
CA ILE D 737 5.36 -54.61 29.73
C ILE D 737 5.05 -55.89 28.99
N GLY D 738 4.44 -55.77 27.81
CA GLY D 738 4.07 -56.90 26.98
C GLY D 738 4.84 -56.96 25.66
N LEU D 739 4.55 -58.02 24.90
CA LEU D 739 5.24 -58.28 23.64
C LEU D 739 4.26 -58.86 22.64
N VAL D 740 4.27 -58.30 21.42
CA VAL D 740 3.43 -58.75 20.32
C VAL D 740 4.31 -59.34 19.23
N THR D 741 3.85 -60.44 18.63
CA THR D 741 4.55 -61.05 17.50
C THR D 741 3.50 -61.70 16.60
N SER D 742 3.90 -61.98 15.37
CA SER D 742 3.03 -62.57 14.37
C SER D 742 3.38 -64.04 14.16
N LEU D 743 2.39 -64.83 13.75
CA LEU D 743 2.54 -66.26 13.58
C LEU D 743 2.26 -66.66 12.14
N SER D 744 2.79 -67.82 11.75
CA SER D 744 2.34 -68.40 10.51
C SER D 744 0.94 -68.99 10.72
N GLU D 745 0.19 -69.11 9.62
CA GLU D 745 -1.14 -69.69 9.74
C GLU D 745 -1.05 -71.07 10.38
N SER D 746 -0.05 -71.86 10.01
CA SER D 746 0.14 -73.16 10.62
C SER D 746 0.21 -73.02 12.13
N TRP D 747 1.00 -72.05 12.61
CA TRP D 747 1.17 -71.90 14.04
C TRP D 747 -0.08 -71.36 14.74
N TYR D 748 -0.80 -70.43 14.12
CA TYR D 748 -1.94 -69.83 14.79
C TYR D 748 -2.98 -70.90 15.13
N ASN D 749 -3.35 -71.73 14.16
CA ASN D 749 -4.41 -72.71 14.41
C ASN D 749 -4.03 -73.67 15.54
N LEU D 750 -2.79 -74.15 15.56
CA LEU D 750 -2.37 -75.13 16.55
C LEU D 750 -2.52 -74.58 17.97
N LEU D 751 -2.11 -73.33 18.19
CA LEU D 751 -2.18 -72.75 19.53
C LEU D 751 -3.61 -72.41 19.93
N LEU D 752 -4.41 -71.94 18.98
CA LEU D 752 -5.82 -71.66 19.26
C LEU D 752 -6.53 -72.89 19.79
N ASP D 753 -6.37 -74.03 19.12
CA ASP D 753 -6.97 -75.27 19.59
C ASP D 753 -6.61 -75.56 21.04
N MET D 754 -5.34 -75.31 21.42
CA MET D 754 -4.92 -75.62 22.78
C MET D 754 -5.62 -74.71 23.78
N GLN D 755 -5.84 -73.45 23.42
CA GLN D 755 -6.59 -72.55 24.28
C GLN D 755 -7.97 -73.13 24.60
N ASN D 756 -8.71 -73.52 23.56
CA ASN D 756 -10.03 -74.12 23.79
C ASN D 756 -9.90 -75.39 24.64
N ARG D 757 -8.84 -76.18 24.40
CA ARG D 757 -8.62 -77.37 25.21
C ARG D 757 -8.18 -77.01 26.63
N LEU D 758 -7.25 -76.07 26.75
CA LEU D 758 -6.77 -75.66 28.06
C LEU D 758 -7.85 -74.96 28.87
N ASN D 759 -8.74 -74.23 28.20
CA ASN D 759 -9.82 -73.56 28.92
C ASN D 759 -10.74 -74.59 29.56
N LYS D 760 -10.86 -75.77 28.96
CA LYS D 760 -11.64 -76.84 29.57
C LYS D 760 -10.93 -77.41 30.80
N VAL D 761 -9.60 -77.39 30.81
CA VAL D 761 -8.85 -78.06 31.87
C VAL D 761 -8.62 -77.15 33.07
N ILE D 762 -8.30 -75.88 32.84
CA ILE D 762 -7.85 -74.99 33.89
C ILE D 762 -9.05 -74.39 34.63
N LYS D 763 -8.95 -74.35 35.96
CA LYS D 763 -9.96 -73.72 36.80
C LYS D 763 -9.54 -72.27 37.03
N SER D 764 -10.39 -71.33 36.65
CA SER D 764 -10.07 -69.92 36.83
C SER D 764 -10.63 -69.41 38.16
N VAL D 765 -9.95 -68.41 38.72
CA VAL D 765 -10.43 -67.79 39.95
C VAL D 765 -11.74 -67.08 39.67
N GLY D 766 -12.76 -67.37 40.49
CA GLY D 766 -14.08 -66.85 40.25
C GLY D 766 -14.83 -67.54 39.14
N LYS D 767 -14.22 -68.54 38.52
CA LYS D 767 -14.84 -69.27 37.41
C LYS D 767 -15.30 -68.33 36.31
N ILE D 768 -14.39 -67.45 35.87
CA ILE D 768 -14.63 -66.52 34.78
C ILE D 768 -14.21 -67.21 33.47
N GLU D 769 -15.14 -67.31 32.52
CA GLU D 769 -14.85 -67.91 31.23
C GLU D 769 -13.76 -67.13 30.51
N HIS D 770 -12.71 -67.84 30.09
CA HIS D 770 -11.59 -67.16 29.43
C HIS D 770 -12.03 -66.44 28.16
N SER D 771 -12.86 -67.10 27.34
CA SER D 771 -13.30 -66.48 26.10
C SER D 771 -14.00 -65.14 26.36
N PHE D 772 -14.78 -65.06 27.44
CA PHE D 772 -15.45 -63.80 27.79
C PHE D 772 -14.42 -62.73 28.13
N TRP D 773 -13.45 -63.06 28.98
CA TRP D 773 -12.47 -62.09 29.45
C TRP D 773 -11.71 -61.43 28.32
N ARG D 774 -11.18 -62.22 27.39
CA ARG D 774 -10.40 -61.67 26.29
C ARG D 774 -11.25 -61.15 25.14
N SER D 775 -12.57 -61.17 25.26
CA SER D 775 -13.43 -60.64 24.21
C SER D 775 -13.32 -59.12 24.13
N PHE D 776 -13.19 -58.61 22.90
CA PHE D 776 -13.24 -57.17 22.65
C PHE D 776 -14.43 -56.54 23.36
N HIS D 777 -14.18 -55.42 24.05
CA HIS D 777 -15.23 -54.80 24.85
C HIS D 777 -15.05 -53.29 24.95
N THR D 778 -16.05 -52.55 24.50
CA THR D 778 -16.28 -51.15 24.84
C THR D 778 -17.65 -51.07 25.51
N GLU D 779 -17.98 -49.91 26.07
CA GLU D 779 -19.32 -49.79 26.64
C GLU D 779 -20.39 -50.14 25.61
N ARG D 780 -20.10 -49.94 24.32
CA ARG D 780 -21.09 -50.12 23.27
C ARG D 780 -20.99 -51.46 22.57
N LYS D 781 -19.82 -52.08 22.49
CA LYS D 781 -19.68 -53.34 21.79
C LYS D 781 -18.98 -54.39 22.64
N THR D 782 -19.30 -55.65 22.34
CA THR D 782 -18.59 -56.81 22.87
C THR D 782 -18.52 -57.80 21.71
N GLU D 783 -17.31 -58.06 21.22
CA GLU D 783 -17.09 -59.01 20.14
C GLU D 783 -16.14 -60.10 20.57
N PRO D 784 -16.26 -61.31 20.01
CA PRO D 784 -15.30 -62.36 20.36
C PRO D 784 -13.93 -62.03 19.82
N ALA D 785 -12.90 -62.36 20.58
CA ALA D 785 -11.54 -62.10 20.14
C ALA D 785 -11.26 -62.88 18.85
N THR D 786 -10.37 -62.35 18.03
CA THR D 786 -9.99 -63.01 16.78
C THR D 786 -8.59 -62.57 16.40
N GLY D 787 -7.82 -63.51 15.86
CA GLY D 787 -6.49 -63.24 15.36
C GLY D 787 -5.39 -63.09 16.40
N PHE D 788 -5.67 -63.40 17.67
CA PHE D 788 -4.69 -63.23 18.74
C PHE D 788 -4.61 -64.50 19.58
N ILE D 789 -3.39 -64.87 19.95
CA ILE D 789 -3.17 -65.97 20.87
C ILE D 789 -2.78 -65.39 22.22
N ASP D 790 -3.55 -65.72 23.26
CA ASP D 790 -3.24 -65.30 24.62
C ASP D 790 -2.01 -66.07 25.09
N GLY D 791 -0.83 -65.54 24.80
CA GLY D 791 0.40 -66.27 25.10
C GLY D 791 0.53 -66.65 26.56
N ASP D 792 -0.05 -65.85 27.46
CA ASP D 792 0.02 -66.18 28.88
C ASP D 792 -0.76 -67.44 29.22
N LEU D 793 -1.81 -67.74 28.45
CA LEU D 793 -2.52 -69.00 28.62
C LEU D 793 -1.71 -70.16 28.09
N ILE D 794 -1.12 -70.00 26.90
CA ILE D 794 -0.27 -71.05 26.34
C ILE D 794 0.85 -71.40 27.31
N GLU D 795 1.53 -70.38 27.84
CA GLU D 795 2.66 -70.60 28.72
C GLU D 795 2.29 -71.21 30.07
N SER D 796 0.99 -71.28 30.39
CA SER D 796 0.57 -71.97 31.61
C SER D 796 0.47 -73.48 31.43
N PHE D 797 0.50 -73.96 30.19
CA PHE D 797 0.54 -75.40 29.93
C PHE D 797 1.71 -76.05 30.66
N LEU D 798 2.84 -75.34 30.74
CA LEU D 798 4.02 -75.86 31.41
C LEU D 798 3.88 -75.92 32.92
N ASP D 799 2.79 -75.40 33.48
CA ASP D 799 2.61 -75.35 34.92
C ASP D 799 1.50 -76.24 35.43
N ILE D 800 0.79 -76.94 34.54
CA ILE D 800 -0.27 -77.84 34.98
C ILE D 800 0.33 -79.22 35.17
N SER D 801 -0.26 -79.99 36.09
CA SER D 801 0.30 -81.29 36.44
C SER D 801 0.28 -82.21 35.22
N ARG D 802 1.15 -83.21 35.26
CA ARG D 802 1.24 -84.15 34.14
C ARG D 802 -0.11 -84.70 33.74
N PRO D 803 -0.96 -85.15 34.68
CA PRO D 803 -2.28 -85.69 34.27
C PRO D 803 -3.10 -84.75 33.40
N LYS D 804 -3.08 -83.46 33.69
CA LYS D 804 -3.89 -82.52 32.92
C LYS D 804 -3.27 -82.24 31.57
N MET D 805 -1.93 -82.26 31.50
CA MET D 805 -1.26 -82.14 30.21
C MET D 805 -1.70 -83.24 29.26
N GLN D 806 -1.73 -84.49 29.75
CA GLN D 806 -2.16 -85.62 28.94
C GLN D 806 -3.62 -85.44 28.54
N GLU D 807 -4.43 -84.86 29.41
CA GLU D 807 -5.81 -84.54 29.06
C GLU D 807 -5.88 -83.51 27.94
N VAL D 808 -4.98 -82.53 27.97
CA VAL D 808 -5.05 -81.44 27.00
C VAL D 808 -4.72 -81.93 25.60
N VAL D 809 -3.73 -82.80 25.47
CA VAL D 809 -3.18 -83.14 24.16
C VAL D 809 -3.97 -84.23 23.43
N ALA D 810 -5.11 -84.62 24.00
CA ALA D 810 -5.88 -85.71 23.41
C ALA D 810 -6.30 -85.41 21.97
N ASN D 811 -6.18 -86.43 21.12
CA ASN D 811 -6.65 -86.41 19.74
C ASN D 811 -5.99 -85.29 18.92
N LEU D 812 -4.69 -85.08 19.09
CA LEU D 812 -4.03 -83.95 18.45
C LEU D 812 -3.12 -84.41 17.31
N GLN D 813 -3.07 -83.56 16.27
CA GLN D 813 -2.27 -83.82 15.08
C GLN D 813 -0.80 -83.55 15.37
N TYR D 814 -0.51 -82.40 15.98
CA TYR D 814 0.79 -81.91 16.43
C TYR D 814 1.56 -81.11 15.37
N ASP D 815 1.13 -81.09 14.11
CA ASP D 815 1.89 -80.38 13.08
C ASP D 815 3.36 -80.83 13.16
N ASP D 816 3.52 -82.15 13.25
CA ASP D 816 4.84 -82.76 13.45
C ASP D 816 5.89 -82.29 12.48
N GLY D 817 5.50 -81.75 11.33
CA GLY D 817 6.47 -81.36 10.34
C GLY D 817 7.14 -82.51 9.62
N SER D 818 6.83 -83.74 10.00
CA SER D 818 7.31 -84.92 9.30
C SER D 818 6.38 -85.30 8.18
N GLY D 819 5.57 -84.36 7.71
CA GLY D 819 4.58 -84.64 6.71
C GLY D 819 3.40 -85.42 7.21
N MET D 820 3.46 -85.93 8.44
CA MET D 820 2.44 -86.77 9.03
C MET D 820 1.87 -86.05 10.25
N LYS D 821 0.59 -86.26 10.49
CA LYS D 821 -0.07 -85.79 11.72
C LYS D 821 -0.33 -87.03 12.55
N ARG D 822 0.30 -87.09 13.72
CA ARG D 822 0.23 -88.22 14.63
C ARG D 822 -0.24 -87.71 15.99
N GLU D 823 -0.78 -88.64 16.79
CA GLU D 823 -1.23 -88.26 18.11
C GLU D 823 -0.10 -87.56 18.86
N ALA D 824 -0.42 -86.42 19.47
CA ALA D 824 0.64 -85.61 20.04
C ALA D 824 0.97 -86.14 21.42
N THR D 825 2.23 -86.02 21.80
CA THR D 825 2.64 -86.40 23.13
C THR D 825 2.69 -85.14 23.97
N ALA D 826 2.47 -85.30 25.28
CA ALA D 826 2.61 -84.15 26.16
C ALA D 826 3.98 -83.53 26.01
N ASP D 827 5.02 -84.38 25.94
CA ASP D 827 6.38 -83.87 25.79
C ASP D 827 6.55 -83.11 24.49
N ASP D 828 5.89 -83.56 23.41
CA ASP D 828 5.97 -82.84 22.15
C ASP D 828 5.50 -81.40 22.29
N LEU D 829 4.38 -81.18 22.98
CA LEU D 829 3.89 -79.82 23.17
C LEU D 829 4.77 -79.05 24.15
N ILE D 830 5.31 -79.73 25.17
CA ILE D 830 6.18 -79.06 26.12
C ILE D 830 7.34 -78.37 25.40
N LYS D 831 7.87 -79.03 24.36
CA LYS D 831 8.91 -78.41 23.54
C LYS D 831 8.37 -77.18 22.81
N VAL D 832 7.17 -77.28 22.26
CA VAL D 832 6.60 -76.16 21.50
C VAL D 832 6.40 -74.96 22.40
N VAL D 833 5.86 -75.17 23.60
CA VAL D 833 5.60 -74.04 24.50
C VAL D 833 6.93 -73.46 24.98
N GLU D 834 7.87 -74.32 25.37
CA GLU D 834 9.15 -73.83 25.88
C GLU D 834 9.86 -72.97 24.85
N GLU D 835 9.71 -73.29 23.56
CA GLU D 835 10.24 -72.42 22.51
C GLU D 835 9.59 -71.04 22.55
N LEU D 836 8.30 -70.99 22.89
CA LEU D 836 7.61 -69.71 22.95
C LEU D 836 8.03 -68.88 24.15
N THR D 837 8.47 -69.52 25.24
CA THR D 837 8.89 -68.73 26.39
C THR D 837 10.22 -68.01 26.16
N ARG D 838 10.95 -68.36 25.11
CA ARG D 838 12.27 -67.79 24.86
C ARG D 838 12.21 -66.47 24.13
N ILE D 839 11.03 -66.07 23.66
CA ILE D 839 10.94 -64.81 22.92
C ILE D 839 10.98 -63.58 23.81
N HIS D 840 10.69 -63.73 25.09
CA HIS D 840 10.74 -62.63 26.05
C HIS D 840 11.58 -62.92 27.29
N THR E 7 -25.33 -19.28 -13.56
CA THR E 7 -26.06 -18.91 -12.35
C THR E 7 -25.94 -20.03 -11.31
N GLU E 8 -26.50 -19.78 -10.13
CA GLU E 8 -26.40 -20.71 -9.02
C GLU E 8 -27.22 -21.99 -9.21
N SER E 9 -28.16 -21.99 -10.15
CA SER E 9 -29.11 -23.10 -10.28
C SER E 9 -28.68 -24.15 -11.29
N ASP E 10 -27.65 -23.86 -12.10
CA ASP E 10 -27.30 -24.70 -13.24
C ASP E 10 -26.39 -25.83 -12.77
N TRP E 11 -27.02 -26.85 -12.20
CA TRP E 11 -26.28 -27.97 -11.63
C TRP E 11 -25.85 -28.95 -12.71
N GLY E 12 -24.82 -29.73 -12.39
CA GLY E 12 -24.33 -30.77 -13.27
C GLY E 12 -23.31 -30.31 -14.30
N LYS E 13 -23.06 -29.01 -14.41
CA LYS E 13 -22.16 -28.49 -15.42
C LYS E 13 -20.77 -28.15 -14.89
N ARG E 14 -20.67 -27.76 -13.63
CA ARG E 14 -19.38 -27.34 -13.10
C ARG E 14 -18.50 -28.55 -12.83
N CYS E 15 -17.20 -28.38 -13.05
CA CYS E 15 -16.27 -29.48 -12.98
C CYS E 15 -15.77 -29.67 -11.55
N VAL E 16 -15.54 -30.93 -11.18
CA VAL E 16 -15.01 -31.20 -9.86
C VAL E 16 -13.59 -30.69 -9.69
N ASP E 17 -12.94 -30.28 -10.79
CA ASP E 17 -11.64 -29.62 -10.67
C ASP E 17 -11.70 -28.41 -9.76
N LYS E 18 -12.87 -27.81 -9.60
CA LYS E 18 -13.01 -26.63 -8.75
C LYS E 18 -12.99 -26.97 -7.26
N PHE E 19 -12.90 -28.25 -6.92
CA PHE E 19 -12.80 -28.71 -5.54
C PHE E 19 -11.49 -29.45 -5.37
N ASP E 20 -10.75 -29.10 -4.33
CA ASP E 20 -9.56 -29.83 -3.92
C ASP E 20 -9.95 -30.91 -2.91
N ILE E 21 -9.66 -32.15 -3.27
CA ILE E 21 -10.02 -33.28 -2.41
C ILE E 21 -9.08 -33.32 -1.21
N ILE E 22 -9.65 -33.50 -0.01
CA ILE E 22 -8.84 -33.53 1.21
C ILE E 22 -8.64 -34.98 1.68
N GLY E 23 -9.63 -35.84 1.45
CA GLY E 23 -9.51 -37.23 1.84
C GLY E 23 -10.83 -37.94 1.72
N ILE E 24 -10.82 -39.22 2.06
CA ILE E 24 -12.02 -40.05 1.98
C ILE E 24 -12.62 -40.14 3.38
N ILE E 25 -13.75 -39.45 3.59
CA ILE E 25 -14.41 -39.48 4.89
C ILE E 25 -15.19 -40.77 5.07
N GLY E 26 -15.84 -41.26 4.03
CA GLY E 26 -16.65 -42.47 4.19
C GLY E 26 -16.95 -43.16 2.89
N GLU E 27 -17.42 -44.40 3.04
CA GLU E 27 -17.89 -45.22 1.93
C GLU E 27 -19.41 -45.15 1.85
N GLY E 28 -19.91 -44.74 0.68
CA GLY E 28 -21.31 -44.52 0.48
C GLY E 28 -21.98 -45.71 -0.20
N THR E 29 -23.28 -45.54 -0.45
CA THR E 29 -24.04 -46.58 -1.12
C THR E 29 -23.66 -46.69 -2.59
N TYR E 30 -23.79 -45.58 -3.32
CA TYR E 30 -23.54 -45.49 -4.75
C TYR E 30 -22.12 -45.06 -5.09
N GLY E 31 -21.34 -44.66 -4.11
CA GLY E 31 -19.94 -44.35 -4.33
C GLY E 31 -19.25 -44.11 -3.00
N GLN E 32 -18.09 -43.48 -3.07
CA GLN E 32 -17.34 -43.10 -1.88
C GLN E 32 -17.64 -41.65 -1.54
N VAL E 33 -17.55 -41.32 -0.25
CA VAL E 33 -17.80 -39.96 0.22
C VAL E 33 -16.46 -39.31 0.55
N TYR E 34 -16.24 -38.11 0.03
CA TYR E 34 -14.98 -37.40 0.16
C TYR E 34 -15.21 -36.00 0.75
N LYS E 35 -14.18 -35.51 1.48
CA LYS E 35 -14.12 -34.15 2.00
C LYS E 35 -13.30 -33.30 1.03
N ALA E 36 -13.73 -32.06 0.81
CA ALA E 36 -13.08 -31.22 -0.19
C ALA E 36 -13.24 -29.74 0.13
N LYS E 37 -12.33 -28.94 -0.42
CA LYS E 37 -12.38 -27.49 -0.28
C LYS E 37 -12.64 -26.86 -1.64
N ASP E 38 -13.62 -25.95 -1.70
CA ASP E 38 -13.85 -25.19 -2.91
C ASP E 38 -12.66 -24.28 -3.14
N LYS E 39 -12.08 -24.33 -4.34
CA LYS E 39 -10.92 -23.48 -4.60
C LYS E 39 -11.33 -22.02 -4.61
N ASP E 40 -12.55 -21.73 -5.05
CA ASP E 40 -12.97 -20.35 -5.24
C ASP E 40 -13.47 -19.72 -3.95
N THR E 41 -14.21 -20.48 -3.14
CA THR E 41 -14.86 -19.89 -1.96
C THR E 41 -14.14 -20.20 -0.67
N GLY E 42 -13.26 -21.21 -0.66
CA GLY E 42 -12.62 -21.64 0.57
C GLY E 42 -13.49 -22.44 1.51
N GLU E 43 -14.60 -22.97 1.02
CA GLU E 43 -15.52 -23.76 1.83
C GLU E 43 -15.17 -25.24 1.89
N LEU E 44 -15.27 -25.79 3.09
CA LEU E 44 -15.22 -27.23 3.26
C LEU E 44 -16.56 -27.83 2.83
N VAL E 45 -16.51 -28.84 1.99
CA VAL E 45 -17.70 -29.54 1.51
C VAL E 45 -17.45 -31.04 1.63
N ALA E 46 -18.51 -31.81 1.35
CA ALA E 46 -18.41 -33.27 1.30
C ALA E 46 -19.03 -33.72 -0.01
N LEU E 47 -18.24 -34.41 -0.82
CA LEU E 47 -18.67 -34.84 -2.14
C LEU E 47 -19.03 -36.32 -2.08
N LYS E 48 -20.24 -36.65 -2.50
CA LYS E 48 -20.68 -38.03 -2.63
C LYS E 48 -20.48 -38.45 -4.09
N LYS E 49 -19.62 -39.43 -4.32
CA LYS E 49 -19.37 -39.86 -5.70
C LYS E 49 -20.54 -40.70 -6.17
N VAL E 50 -21.06 -40.39 -7.36
CA VAL E 50 -22.09 -41.19 -7.98
C VAL E 50 -21.48 -41.83 -9.22
N ARG E 51 -21.36 -43.14 -9.19
CA ARG E 51 -20.75 -43.92 -10.27
C ARG E 51 -21.86 -44.51 -11.12
N LEU E 52 -21.93 -44.09 -12.38
CA LEU E 52 -22.78 -44.76 -13.36
C LEU E 52 -21.97 -45.52 -14.40
N ASP E 53 -20.66 -45.69 -14.17
CA ASP E 53 -19.84 -46.46 -15.09
C ASP E 53 -20.27 -47.93 -15.14
N ASN E 54 -20.90 -48.43 -14.07
CA ASN E 54 -21.46 -49.78 -14.13
C ASN E 54 -22.59 -49.85 -15.15
N GLU E 55 -23.47 -48.86 -15.16
CA GLU E 55 -24.53 -48.75 -16.16
C GLU E 55 -25.43 -49.99 -16.19
N LYS E 56 -25.50 -50.75 -15.09
CA LYS E 56 -26.49 -51.82 -15.03
C LYS E 56 -27.88 -51.26 -15.30
N GLU E 57 -28.24 -50.17 -14.60
CA GLU E 57 -29.46 -49.43 -14.86
C GLU E 57 -29.20 -47.92 -14.85
N GLY E 58 -27.96 -47.50 -15.11
CA GLY E 58 -27.64 -46.09 -15.18
C GLY E 58 -27.54 -45.43 -13.81
N PHE E 59 -27.89 -44.15 -13.78
CA PHE E 59 -27.79 -43.36 -12.57
C PHE E 59 -28.52 -44.09 -11.43
N PRO E 60 -27.86 -44.36 -10.30
CA PRO E 60 -28.54 -45.11 -9.25
C PRO E 60 -29.79 -44.37 -8.81
N ILE E 61 -30.83 -45.15 -8.47
CA ILE E 61 -32.04 -44.52 -7.96
C ILE E 61 -31.77 -43.95 -6.59
N THR E 62 -30.88 -44.60 -5.83
CA THR E 62 -30.52 -44.11 -4.50
C THR E 62 -30.12 -42.64 -4.56
N ALA E 63 -29.28 -42.28 -5.52
CA ALA E 63 -28.90 -40.87 -5.68
C ALA E 63 -30.08 -40.04 -6.15
N ILE E 64 -30.92 -40.59 -7.03
CA ILE E 64 -32.02 -39.83 -7.58
C ILE E 64 -33.00 -39.44 -6.47
N ARG E 65 -33.20 -40.32 -5.50
CA ARG E 65 -34.06 -39.94 -4.38
C ARG E 65 -33.45 -38.81 -3.58
N GLU E 66 -32.15 -38.89 -3.29
CA GLU E 66 -31.55 -37.87 -2.44
C GLU E 66 -31.48 -36.54 -3.16
N ILE E 67 -31.37 -36.56 -4.49
CA ILE E 67 -31.31 -35.32 -5.26
C ILE E 67 -32.70 -34.71 -5.39
N LYS E 68 -33.69 -35.56 -5.64
CA LYS E 68 -35.08 -35.10 -5.72
C LYS E 68 -35.55 -34.56 -4.38
N ILE E 69 -35.20 -35.24 -3.29
CA ILE E 69 -35.77 -34.87 -2.00
C ILE E 69 -35.01 -33.72 -1.36
N LEU E 70 -33.69 -33.74 -1.43
CA LEU E 70 -32.92 -32.70 -0.76
C LEU E 70 -32.95 -31.37 -1.49
N ARG E 71 -33.29 -31.34 -2.79
CA ARG E 71 -33.54 -30.04 -3.42
C ARG E 71 -34.89 -29.45 -2.98
N GLN E 72 -35.79 -30.30 -2.48
CA GLN E 72 -37.06 -29.80 -1.95
C GLN E 72 -36.95 -29.35 -0.50
N LEU E 73 -36.09 -30.00 0.29
CA LEU E 73 -36.05 -29.80 1.73
C LEU E 73 -34.98 -28.78 2.07
N ILE E 74 -35.39 -27.68 2.70
CA ILE E 74 -34.49 -26.66 3.22
C ILE E 74 -34.87 -26.47 4.69
N HIS E 75 -34.05 -27.03 5.58
CA HIS E 75 -34.25 -26.88 7.01
C HIS E 75 -32.90 -26.91 7.70
N ARG E 76 -32.85 -26.26 8.85
CA ARG E 76 -31.60 -26.18 9.60
C ARG E 76 -31.13 -27.58 10.02
N SER E 77 -32.08 -28.47 10.26
CA SER E 77 -31.80 -29.79 10.81
C SER E 77 -31.79 -30.88 9.74
N VAL E 78 -31.73 -30.49 8.47
CA VAL E 78 -31.59 -31.42 7.35
C VAL E 78 -30.32 -31.08 6.61
N VAL E 79 -29.56 -32.10 6.22
CA VAL E 79 -28.28 -31.84 5.56
C VAL E 79 -28.55 -31.18 4.22
N ASN E 80 -27.74 -30.18 3.90
CA ASN E 80 -27.93 -29.34 2.72
C ASN E 80 -27.12 -29.85 1.55
N MET E 81 -27.79 -30.10 0.43
CA MET E 81 -27.11 -30.37 -0.83
C MET E 81 -26.88 -29.04 -1.55
N LYS E 82 -25.62 -28.73 -1.84
CA LYS E 82 -25.28 -27.43 -2.38
C LYS E 82 -25.28 -27.43 -3.91
N GLU E 83 -24.74 -28.47 -4.53
CA GLU E 83 -24.74 -28.57 -5.98
C GLU E 83 -24.29 -29.97 -6.39
N ILE E 84 -24.23 -30.19 -7.70
CA ILE E 84 -23.74 -31.42 -8.27
C ILE E 84 -22.71 -31.05 -9.33
N VAL E 85 -21.55 -31.71 -9.28
CA VAL E 85 -20.47 -31.44 -10.21
C VAL E 85 -20.14 -32.73 -10.95
N THR E 86 -19.48 -32.57 -12.09
CA THR E 86 -19.20 -33.68 -12.98
C THR E 86 -17.70 -33.91 -13.05
N ASP E 87 -17.32 -35.16 -13.30
CA ASP E 87 -15.94 -35.47 -13.63
C ASP E 87 -15.60 -34.77 -14.94
N LYS E 88 -14.33 -34.39 -15.10
CA LYS E 88 -13.97 -33.67 -16.31
C LYS E 88 -14.42 -34.45 -17.53
N GLN E 89 -15.14 -33.77 -18.43
CA GLN E 89 -15.60 -34.43 -19.65
C GLN E 89 -14.45 -34.31 -20.64
N ASP E 90 -13.47 -35.21 -20.46
CA ASP E 90 -12.27 -35.20 -21.30
C ASP E 90 -12.60 -35.57 -22.75
N ALA E 91 -13.40 -36.60 -22.96
CA ALA E 91 -13.86 -36.94 -24.31
C ALA E 91 -14.95 -35.96 -24.71
N LEU E 92 -15.00 -35.58 -25.99
CA LEU E 92 -16.01 -34.61 -26.40
C LEU E 92 -17.36 -35.23 -26.75
N ASP E 93 -17.34 -36.42 -27.33
CA ASP E 93 -18.59 -37.08 -27.72
C ASP E 93 -19.35 -37.54 -26.48
N PHE E 94 -20.61 -37.13 -26.36
CA PHE E 94 -21.38 -37.49 -25.16
C PHE E 94 -21.49 -39.00 -24.98
N LYS E 95 -21.43 -39.78 -26.07
CA LYS E 95 -21.50 -41.22 -25.92
C LYS E 95 -20.27 -41.75 -25.20
N LYS E 96 -19.09 -41.28 -25.60
CA LYS E 96 -17.85 -41.79 -25.00
C LYS E 96 -17.48 -41.14 -23.66
N ASP E 97 -18.47 -40.71 -22.87
CA ASP E 97 -18.24 -40.16 -21.55
C ASP E 97 -18.65 -41.21 -20.52
N LYS E 98 -17.71 -41.61 -19.66
CA LYS E 98 -18.02 -42.50 -18.54
C LYS E 98 -17.70 -41.85 -17.19
N GLY E 99 -17.42 -40.55 -17.17
CA GLY E 99 -17.12 -39.88 -15.93
C GLY E 99 -18.25 -40.00 -14.92
N ALA E 100 -17.91 -39.68 -13.68
CA ALA E 100 -18.83 -39.80 -12.55
C ALA E 100 -19.34 -38.43 -12.14
N PHE E 101 -20.45 -38.43 -11.44
CA PHE E 101 -20.98 -37.23 -10.81
C PHE E 101 -20.71 -37.22 -9.31
N TYR E 102 -20.71 -36.02 -8.74
CA TYR E 102 -20.47 -35.83 -7.32
C TYR E 102 -21.57 -34.95 -6.75
N LEU E 103 -22.15 -35.38 -5.63
CA LEU E 103 -23.15 -34.60 -4.93
C LEU E 103 -22.44 -33.78 -3.86
N VAL E 104 -22.45 -32.46 -4.01
CA VAL E 104 -21.78 -31.58 -3.07
C VAL E 104 -22.74 -31.31 -1.92
N PHE E 105 -22.30 -31.63 -0.71
CA PHE E 105 -23.05 -31.38 0.51
C PHE E 105 -22.28 -30.45 1.44
N GLU E 106 -23.00 -29.90 2.42
CA GLU E 106 -22.36 -29.23 3.54
C GLU E 106 -21.53 -30.24 4.33
N TYR E 107 -20.41 -29.79 4.90
CA TYR E 107 -19.54 -30.69 5.67
C TYR E 107 -19.82 -30.54 7.16
N MET E 108 -20.13 -31.66 7.82
CA MET E 108 -20.35 -31.74 9.25
C MET E 108 -19.17 -32.44 9.90
N ASP E 109 -18.63 -31.85 10.97
CA ASP E 109 -17.38 -32.34 11.53
C ASP E 109 -17.48 -33.80 11.95
N HIS E 110 -18.48 -34.16 12.74
CA HIS E 110 -18.56 -35.51 13.29
C HIS E 110 -19.95 -36.09 13.06
N ASP E 111 -20.04 -37.40 13.18
CA ASP E 111 -21.31 -38.12 13.21
C ASP E 111 -21.54 -38.63 14.63
N LEU E 112 -22.81 -38.74 15.02
CA LEU E 112 -23.09 -39.13 16.40
C LEU E 112 -22.42 -40.45 16.74
N MET E 113 -22.44 -41.40 15.81
CA MET E 113 -21.89 -42.73 16.10
C MET E 113 -20.41 -42.63 16.46
N GLY E 114 -19.64 -41.86 15.69
CA GLY E 114 -18.23 -41.76 15.96
C GLY E 114 -17.93 -41.14 17.31
N LEU E 115 -18.64 -40.06 17.66
CA LEU E 115 -18.42 -39.43 18.95
C LEU E 115 -18.76 -40.37 20.11
N LEU E 116 -19.82 -41.15 19.97
CA LEU E 116 -20.22 -42.06 21.04
C LEU E 116 -19.35 -43.30 21.10
N GLU E 117 -19.01 -43.89 19.95
CA GLU E 117 -18.26 -45.15 19.98
C GLU E 117 -16.91 -44.96 20.67
N SER E 118 -16.21 -43.86 20.38
CA SER E 118 -14.94 -43.58 21.04
C SER E 118 -15.11 -43.30 22.52
N GLY E 119 -16.35 -43.08 22.98
CA GLY E 119 -16.52 -42.78 24.38
C GLY E 119 -16.03 -41.40 24.77
N LEU E 120 -15.95 -40.49 23.79
CA LEU E 120 -15.29 -39.21 23.99
C LEU E 120 -16.21 -38.11 24.47
N VAL E 121 -17.52 -38.27 24.31
CA VAL E 121 -18.45 -37.17 24.55
C VAL E 121 -19.31 -37.58 25.73
N HIS E 122 -19.79 -36.58 26.48
CA HIS E 122 -20.73 -36.77 27.56
C HIS E 122 -21.87 -35.78 27.36
N PHE E 123 -23.10 -36.30 27.35
CA PHE E 123 -24.29 -35.49 27.09
C PHE E 123 -25.01 -35.23 28.42
N SER E 124 -25.13 -33.96 28.79
CA SER E 124 -25.94 -33.58 29.94
C SER E 124 -27.41 -33.51 29.53
N GLU E 125 -28.30 -33.32 30.51
CA GLU E 125 -29.71 -33.30 30.16
C GLU E 125 -30.00 -32.22 29.14
N ASP E 126 -29.41 -31.03 29.31
CA ASP E 126 -29.69 -29.93 28.40
C ASP E 126 -29.12 -30.18 27.01
N HIS E 127 -27.97 -30.85 26.90
CA HIS E 127 -27.46 -31.15 25.57
C HIS E 127 -28.44 -32.04 24.81
N ILE E 128 -29.00 -33.05 25.49
CA ILE E 128 -29.94 -33.96 24.86
C ILE E 128 -31.20 -33.22 24.44
N LYS E 129 -31.60 -32.21 25.21
CA LYS E 129 -32.75 -31.41 24.80
C LYS E 129 -32.48 -30.70 23.49
N SER E 130 -31.31 -30.06 23.38
CA SER E 130 -30.97 -29.37 22.13
C SER E 130 -30.88 -30.34 20.96
N PHE E 131 -30.26 -31.50 21.16
CA PHE E 131 -30.14 -32.51 20.11
C PHE E 131 -31.51 -33.00 19.64
N MET E 132 -32.31 -33.52 20.56
CA MET E 132 -33.61 -34.08 20.18
C MET E 132 -34.53 -33.00 19.63
N LYS E 133 -34.48 -31.79 20.21
CA LYS E 133 -35.30 -30.71 19.69
C LYS E 133 -35.00 -30.45 18.23
N GLN E 134 -33.72 -30.40 17.87
CA GLN E 134 -33.33 -30.21 16.49
C GLN E 134 -33.71 -31.42 15.65
N LEU E 135 -33.34 -32.63 16.11
CA LEU E 135 -33.58 -33.82 15.31
C LEU E 135 -35.08 -33.97 15.01
N MET E 136 -35.91 -33.86 16.04
CA MET E 136 -37.34 -34.05 15.83
C MET E 136 -37.93 -32.90 15.04
N GLU E 137 -37.39 -31.68 15.20
CA GLU E 137 -37.85 -30.58 14.37
C GLU E 137 -37.59 -30.86 12.90
N GLY E 138 -36.45 -31.47 12.59
CA GLY E 138 -36.17 -31.82 11.21
C GLY E 138 -37.09 -32.91 10.70
N LEU E 139 -37.34 -33.93 11.52
CA LEU E 139 -38.27 -34.98 11.15
C LEU E 139 -39.66 -34.41 10.90
N GLU E 140 -40.10 -33.43 11.71
CA GLU E 140 -41.43 -32.86 11.49
C GLU E 140 -41.49 -32.19 10.13
N TYR E 141 -40.42 -31.49 9.74
CA TYR E 141 -40.38 -30.87 8.42
C TYR E 141 -40.47 -31.94 7.34
N CYS E 142 -39.70 -33.01 7.49
CA CYS E 142 -39.72 -34.09 6.51
C CYS E 142 -41.06 -34.80 6.50
N HIS E 143 -41.65 -35.05 7.67
CA HIS E 143 -42.95 -35.71 7.70
C HIS E 143 -44.06 -34.79 7.20
N LYS E 144 -44.00 -33.50 7.52
CA LYS E 144 -45.00 -32.58 6.98
C LYS E 144 -44.92 -32.50 5.45
N LYS E 145 -43.73 -32.67 4.88
CA LYS E 145 -43.58 -32.73 3.43
C LYS E 145 -43.84 -34.13 2.88
N ASN E 146 -44.33 -35.04 3.74
CA ASN E 146 -44.74 -36.38 3.34
C ASN E 146 -43.56 -37.24 2.87
N PHE E 147 -42.37 -36.97 3.39
CA PHE E 147 -41.20 -37.78 3.09
C PHE E 147 -40.83 -38.57 4.32
N LEU E 148 -40.65 -39.87 4.15
CA LEU E 148 -40.18 -40.72 5.24
C LEU E 148 -38.73 -41.06 5.02
N HIS E 149 -37.88 -40.63 5.93
CA HIS E 149 -36.48 -41.04 5.96
C HIS E 149 -36.33 -42.34 6.73
N ARG E 150 -36.07 -43.42 6.02
CA ARG E 150 -35.78 -44.67 6.67
C ARG E 150 -34.28 -44.72 6.94
N ASP E 151 -33.85 -45.68 7.74
CA ASP E 151 -32.44 -45.78 8.10
C ASP E 151 -32.04 -44.60 8.98
N ILE E 152 -32.82 -44.37 10.04
CA ILE E 152 -32.47 -43.34 11.02
C ILE E 152 -31.60 -44.09 12.03
N LYS E 153 -30.29 -43.89 11.93
CA LYS E 153 -29.33 -44.52 12.80
C LYS E 153 -28.36 -43.45 13.29
N CYS E 154 -27.46 -43.88 14.18
CA CYS E 154 -26.47 -42.94 14.71
C CYS E 154 -25.55 -42.44 13.62
N SER E 155 -25.17 -43.32 12.69
CA SER E 155 -24.24 -42.93 11.64
C SER E 155 -24.80 -41.84 10.73
N ASN E 156 -26.12 -41.79 10.57
CA ASN E 156 -26.74 -40.82 9.66
C ASN E 156 -27.14 -39.51 10.33
N ILE E 157 -26.95 -39.37 11.64
CA ILE E 157 -27.17 -38.12 12.36
C ILE E 157 -25.81 -37.46 12.51
N LEU E 158 -25.63 -36.32 11.87
CA LEU E 158 -24.36 -35.62 11.84
C LEU E 158 -24.36 -34.45 12.81
N LEU E 159 -23.18 -34.19 13.38
CA LEU E 159 -23.03 -33.17 14.41
C LEU E 159 -21.71 -32.45 14.23
N ASN E 160 -21.78 -31.12 14.04
CA ASN E 160 -20.61 -30.26 14.05
C ASN E 160 -20.50 -29.55 15.40
N ASN E 161 -19.34 -28.93 15.63
CA ASN E 161 -18.97 -28.49 16.97
C ASN E 161 -19.91 -27.43 17.56
N SER E 162 -20.55 -26.61 16.73
CA SER E 162 -21.40 -25.57 17.29
C SER E 162 -22.56 -26.13 18.10
N GLY E 163 -22.88 -27.42 17.94
CA GLY E 163 -24.06 -28.00 18.54
C GLY E 163 -25.21 -28.20 17.58
N GLN E 164 -25.02 -27.83 16.31
CA GLN E 164 -26.02 -28.06 15.29
C GLN E 164 -26.09 -29.54 14.89
N ILE E 165 -27.29 -30.05 14.76
CA ILE E 165 -27.55 -31.42 14.33
C ILE E 165 -28.14 -31.38 12.92
N LYS E 166 -27.72 -32.34 12.09
CA LYS E 166 -28.30 -32.46 10.75
C LYS E 166 -28.51 -33.93 10.40
N LEU E 167 -29.68 -34.21 9.82
CA LEU E 167 -30.05 -35.54 9.36
C LEU E 167 -29.55 -35.73 7.93
N ALA E 168 -29.16 -36.97 7.61
CA ALA E 168 -28.50 -37.18 6.33
C ALA E 168 -28.84 -38.57 5.76
N ASP E 169 -28.26 -38.84 4.58
CA ASP E 169 -28.46 -40.08 3.84
C ASP E 169 -29.96 -40.37 3.66
N PHE E 170 -30.63 -39.45 2.98
CA PHE E 170 -32.03 -39.61 2.62
C PHE E 170 -32.12 -40.53 1.41
N GLY E 171 -31.16 -41.45 1.27
CA GLY E 171 -31.09 -42.35 0.13
C GLY E 171 -32.14 -43.42 0.07
N LEU E 172 -32.84 -43.65 1.16
CA LEU E 172 -33.89 -44.65 1.20
C LEU E 172 -35.21 -43.99 1.59
N ALA E 173 -35.38 -42.72 1.21
CA ALA E 173 -36.52 -41.92 1.62
C ALA E 173 -37.51 -41.84 0.47
N ARG E 174 -38.79 -42.05 0.78
CA ARG E 174 -39.87 -42.13 -0.19
C ARG E 174 -41.05 -41.34 0.37
N LEU E 175 -41.94 -40.93 -0.52
CA LEU E 175 -43.12 -40.17 -0.13
C LEU E 175 -44.16 -41.14 0.43
N TYR E 176 -45.03 -40.64 1.31
CA TYR E 176 -46.05 -41.46 1.97
C TYR E 176 -47.44 -40.84 1.82
N ASN E 177 -48.33 -41.56 1.15
CA ASN E 177 -49.75 -41.24 1.12
C ASN E 177 -50.53 -42.06 2.14
N SER E 178 -51.29 -41.38 3.02
CA SER E 178 -52.03 -42.13 4.03
C SER E 178 -53.13 -42.95 3.38
N GLU E 179 -53.91 -42.34 2.50
CA GLU E 179 -54.83 -43.03 1.61
C GLU E 179 -54.02 -43.46 0.37
N GLU E 180 -54.64 -44.28 -0.47
CA GLU E 180 -53.95 -44.83 -1.65
C GLU E 180 -52.69 -45.60 -1.22
N SER E 181 -52.83 -46.40 -0.18
CA SER E 181 -51.68 -47.16 0.34
C SER E 181 -51.26 -48.20 -0.69
N ARG E 182 -49.98 -48.17 -1.05
CA ARG E 182 -49.37 -49.08 -2.01
C ARG E 182 -48.21 -49.86 -1.39
N PRO E 183 -47.82 -50.97 -2.00
CA PRO E 183 -46.72 -51.76 -1.45
C PRO E 183 -45.43 -50.96 -1.31
N TYR E 184 -44.83 -51.06 -0.13
CA TYR E 184 -43.55 -50.42 0.17
C TYR E 184 -42.47 -51.46 0.51
N TPO E 185 -41.21 -51.13 0.21
CA TPO E 185 -40.07 -52.03 0.40
CB TPO E 185 -38.82 -51.48 -0.32
CG2 TPO E 185 -38.45 -52.36 -1.51
OG1 TPO E 185 -39.15 -50.14 -0.71
P TPO E 185 -37.94 -49.43 -1.52
O1P TPO E 185 -38.15 -47.96 -1.50
O2P TPO E 185 -37.99 -49.92 -3.06
O3P TPO E 185 -36.52 -49.81 -0.89
C TPO E 185 -39.81 -52.21 1.91
O TPO E 185 -39.67 -51.23 2.63
H TPO E 185 -40.98 -50.36 -0.12
HA TPO E 185 -40.27 -52.92 0.01
HB TPO E 185 -37.94 -51.49 0.32
HG21 TPO E 185 -37.48 -52.04 -1.90
HG22 TPO E 185 -39.21 -52.25 -2.28
HG23 TPO E 185 -38.40 -53.39 -1.18
N ASN E 186 -39.78 -53.46 2.38
CA ASN E 186 -39.56 -53.73 3.80
C ASN E 186 -38.04 -53.72 3.99
N LYS E 187 -37.57 -54.18 5.15
CA LYS E 187 -36.15 -54.17 5.47
C LYS E 187 -35.52 -52.83 5.10
N VAL E 188 -35.95 -51.78 5.78
CA VAL E 188 -35.70 -50.41 5.35
C VAL E 188 -35.05 -49.57 6.44
N ILE E 189 -34.88 -50.11 7.66
CA ILE E 189 -34.11 -49.45 8.71
C ILE E 189 -33.09 -50.45 9.23
N THR E 190 -31.97 -49.95 9.78
CA THR E 190 -30.95 -50.85 10.29
C THR E 190 -31.50 -51.56 11.53
N LEU E 191 -31.12 -52.83 11.69
CA LEU E 191 -31.83 -53.69 12.63
C LEU E 191 -31.88 -53.09 14.03
N TRP E 192 -30.78 -52.50 14.49
CA TRP E 192 -30.77 -52.02 15.87
C TRP E 192 -31.84 -50.96 16.11
N TYR E 193 -32.17 -50.17 15.09
CA TYR E 193 -33.16 -49.10 15.21
C TYR E 193 -34.43 -49.39 14.41
N ARG E 194 -34.78 -50.67 14.23
CA ARG E 194 -35.97 -50.97 13.46
C ARG E 194 -37.19 -51.16 14.37
N PRO E 195 -38.35 -50.62 13.99
CA PRO E 195 -39.54 -50.75 14.85
C PRO E 195 -40.11 -52.15 14.80
N PRO E 196 -40.93 -52.54 15.78
CA PRO E 196 -41.51 -53.90 15.75
C PRO E 196 -42.39 -54.15 14.53
N GLU E 197 -43.11 -53.14 14.04
CA GLU E 197 -43.98 -53.34 12.89
C GLU E 197 -43.21 -53.90 11.69
N LEU E 198 -42.03 -53.35 11.40
CA LEU E 198 -41.26 -53.80 10.26
C LEU E 198 -40.69 -55.20 10.49
N LEU E 199 -40.37 -55.52 11.75
CA LEU E 199 -39.89 -56.87 12.07
C LEU E 199 -40.98 -57.92 11.85
N LEU E 200 -42.21 -57.58 12.20
CA LEU E 200 -43.35 -58.47 12.01
C LEU E 200 -43.88 -58.42 10.59
N GLY E 201 -43.23 -57.67 9.69
CA GLY E 201 -43.50 -57.78 8.28
C GLY E 201 -44.47 -56.78 7.69
N GLU E 202 -44.64 -55.61 8.31
CA GLU E 202 -45.54 -54.61 7.76
C GLU E 202 -44.97 -54.09 6.43
N GLU E 203 -45.78 -54.16 5.37
CA GLU E 203 -45.33 -53.76 4.05
C GLU E 203 -45.75 -52.34 3.71
N ARG E 204 -46.74 -51.79 4.40
CA ARG E 204 -47.22 -50.42 4.23
C ARG E 204 -47.01 -49.70 5.55
N TYR E 205 -45.82 -49.10 5.71
CA TYR E 205 -45.44 -48.53 7.00
C TYR E 205 -45.79 -47.05 7.15
N THR E 206 -46.04 -46.66 8.41
CA THR E 206 -46.34 -45.29 8.79
C THR E 206 -45.04 -44.49 8.91
N PRO E 207 -45.15 -43.17 9.02
CA PRO E 207 -43.95 -42.37 9.39
C PRO E 207 -43.44 -42.68 10.78
N ALA E 208 -44.23 -43.38 11.60
CA ALA E 208 -43.81 -43.68 12.96
C ALA E 208 -42.61 -44.60 13.01
N ILE E 209 -42.23 -45.20 11.88
CA ILE E 209 -40.98 -45.94 11.82
C ILE E 209 -39.82 -45.03 12.17
N ASP E 210 -39.88 -43.77 11.72
CA ASP E 210 -38.81 -42.83 12.00
C ASP E 210 -38.82 -42.39 13.46
N VAL E 211 -40.01 -42.17 14.03
CA VAL E 211 -40.09 -41.79 15.43
C VAL E 211 -39.48 -42.88 16.31
N TRP E 212 -39.77 -44.14 16.00
CA TRP E 212 -39.22 -45.25 16.79
C TRP E 212 -37.70 -45.19 16.82
N SER E 213 -37.08 -44.98 15.66
CA SER E 213 -35.62 -44.90 15.61
C SER E 213 -35.11 -43.76 16.48
N CYS E 214 -35.72 -42.59 16.33
CA CYS E 214 -35.31 -41.44 17.12
C CYS E 214 -35.56 -41.64 18.61
N GLY E 215 -36.48 -42.54 18.97
CA GLY E 215 -36.69 -42.86 20.36
C GLY E 215 -35.56 -43.73 20.88
N CYS E 216 -35.21 -44.75 20.10
CA CYS E 216 -34.05 -45.56 20.41
C CYS E 216 -32.81 -44.69 20.64
N ILE E 217 -32.66 -43.64 19.83
CA ILE E 217 -31.51 -42.76 19.98
C ILE E 217 -31.59 -42.02 21.31
N LEU E 218 -32.80 -41.61 21.70
CA LEU E 218 -32.95 -40.90 22.95
C LEU E 218 -32.44 -41.76 24.12
N GLY E 219 -32.74 -43.05 24.09
CA GLY E 219 -32.23 -43.93 25.12
C GLY E 219 -30.72 -44.09 25.03
N GLU E 220 -30.18 -44.12 23.82
CA GLU E 220 -28.74 -44.26 23.66
C GLU E 220 -28.02 -43.06 24.27
N LEU E 221 -28.63 -41.86 24.16
CA LEU E 221 -28.00 -40.67 24.70
C LEU E 221 -27.99 -40.64 26.22
N PHE E 222 -28.86 -41.40 26.88
CA PHE E 222 -28.90 -41.44 28.35
C PHE E 222 -28.09 -42.60 28.92
N THR E 223 -27.75 -43.60 28.10
CA THR E 223 -26.93 -44.70 28.55
C THR E 223 -25.58 -44.78 27.85
N LYS E 224 -25.41 -44.10 26.72
CA LYS E 224 -24.24 -44.19 25.87
C LYS E 224 -24.12 -45.56 25.20
N LYS E 225 -25.13 -46.42 25.32
CA LYS E 225 -25.15 -47.74 24.69
C LYS E 225 -26.48 -47.92 23.97
N PRO E 226 -26.47 -48.46 22.75
CA PRO E 226 -27.74 -48.70 22.05
C PRO E 226 -28.65 -49.61 22.86
N ILE E 227 -29.96 -49.38 22.70
CA ILE E 227 -30.93 -50.09 23.53
C ILE E 227 -31.14 -51.51 23.03
N PHE E 228 -31.32 -51.67 21.71
CA PHE E 228 -31.63 -52.97 21.12
C PHE E 228 -30.47 -53.35 20.20
N GLN E 229 -29.63 -54.26 20.67
CA GLN E 229 -28.46 -54.74 19.95
C GLN E 229 -28.70 -56.22 19.67
N ALA E 230 -28.93 -56.57 18.41
CA ALA E 230 -29.23 -57.95 18.04
C ALA E 230 -28.68 -58.23 16.66
N ASN E 231 -28.66 -59.52 16.30
CA ASN E 231 -28.13 -59.96 15.02
C ASN E 231 -29.19 -60.43 14.04
N LEU E 232 -30.30 -60.97 14.51
CA LEU E 232 -31.35 -61.50 13.66
C LEU E 232 -32.69 -60.91 14.07
N GLU E 233 -33.61 -60.82 13.11
CA GLU E 233 -34.86 -60.12 13.38
C GLU E 233 -35.57 -60.68 14.61
N LEU E 234 -35.51 -62.01 14.82
CA LEU E 234 -36.18 -62.58 15.99
C LEU E 234 -35.51 -62.11 17.29
N ALA E 235 -34.18 -62.23 17.37
CA ALA E 235 -33.48 -61.78 18.56
C ALA E 235 -33.79 -60.32 18.86
N GLN E 236 -33.96 -59.51 17.82
CA GLN E 236 -34.30 -58.11 18.00
C GLN E 236 -35.70 -57.97 18.60
N LEU E 237 -36.68 -58.67 18.03
CA LEU E 237 -38.03 -58.62 18.57
C LEU E 237 -38.08 -59.07 20.01
N GLU E 238 -37.24 -60.04 20.39
CA GLU E 238 -37.20 -60.51 21.77
C GLU E 238 -36.72 -59.42 22.73
N LEU E 239 -35.68 -58.68 22.35
CA LEU E 239 -35.21 -57.60 23.21
C LEU E 239 -36.25 -56.50 23.35
N ILE E 240 -36.89 -56.12 22.26
CA ILE E 240 -37.98 -55.14 22.32
C ILE E 240 -39.06 -55.63 23.28
N SER E 241 -39.36 -56.92 23.25
CA SER E 241 -40.47 -57.42 24.06
C SER E 241 -40.13 -57.37 25.54
N ARG E 242 -38.88 -57.63 25.89
CA ARG E 242 -38.45 -57.57 27.28
C ARG E 242 -38.64 -56.19 27.88
N LEU E 243 -38.45 -55.15 27.08
CA LEU E 243 -38.54 -53.78 27.57
C LEU E 243 -39.91 -53.17 27.32
N CYS E 244 -40.42 -53.23 26.10
CA CYS E 244 -41.66 -52.56 25.74
C CYS E 244 -42.89 -53.44 25.92
N GLY E 245 -42.72 -54.70 26.30
CA GLY E 245 -43.84 -55.64 26.35
C GLY E 245 -44.00 -56.41 25.06
N SER E 246 -44.53 -57.63 25.18
CA SER E 246 -44.67 -58.45 23.99
C SER E 246 -45.78 -57.89 23.11
N PRO E 247 -45.58 -57.81 21.80
CA PRO E 247 -46.69 -57.43 20.92
C PRO E 247 -47.84 -58.40 21.10
N CYS E 248 -49.03 -57.85 21.36
CA CYS E 248 -50.22 -58.67 21.53
C CYS E 248 -51.42 -57.77 21.29
N PRO E 249 -52.54 -58.31 20.83
CA PRO E 249 -53.71 -57.47 20.58
C PRO E 249 -54.12 -56.63 21.79
N ALA E 250 -53.71 -57.01 23.00
CA ALA E 250 -54.10 -56.26 24.18
C ALA E 250 -53.65 -54.82 24.10
N VAL E 251 -52.48 -54.58 23.52
CA VAL E 251 -51.92 -53.24 23.39
C VAL E 251 -51.78 -52.78 21.95
N TRP E 252 -51.98 -53.67 20.98
CA TRP E 252 -51.72 -53.40 19.57
C TRP E 252 -52.77 -54.13 18.77
N PRO E 253 -53.99 -53.58 18.70
CA PRO E 253 -55.11 -54.35 18.14
C PRO E 253 -54.83 -54.94 16.78
N ASP E 254 -54.17 -54.21 15.88
CA ASP E 254 -53.96 -54.67 14.51
C ASP E 254 -52.71 -55.53 14.35
N VAL E 255 -52.06 -55.93 15.45
CA VAL E 255 -50.87 -56.75 15.33
C VAL E 255 -51.21 -58.09 14.67
N ILE E 256 -52.46 -58.54 14.82
CA ILE E 256 -52.85 -59.83 14.27
C ILE E 256 -52.93 -59.80 12.76
N ARG E 257 -52.98 -58.61 12.16
CA ARG E 257 -52.94 -58.50 10.70
C ARG E 257 -51.55 -58.68 10.12
N LEU E 258 -50.53 -58.72 10.93
CA LEU E 258 -49.17 -58.71 10.44
C LEU E 258 -48.72 -60.11 10.02
N PRO E 259 -47.98 -60.23 8.92
CA PRO E 259 -47.55 -61.57 8.45
C PRO E 259 -46.86 -62.41 9.51
N TYR E 260 -45.86 -61.85 10.20
CA TYR E 260 -45.03 -62.65 11.11
C TYR E 260 -45.44 -62.54 12.57
N PHE E 261 -46.68 -62.12 12.85
CA PHE E 261 -47.10 -62.02 14.24
C PHE E 261 -47.01 -63.37 14.93
N ASN E 262 -47.58 -64.40 14.31
CA ASN E 262 -47.48 -65.76 14.83
C ASN E 262 -46.11 -66.35 14.60
N THR E 263 -45.49 -66.04 13.45
CA THR E 263 -44.19 -66.64 13.14
C THR E 263 -43.15 -66.22 14.17
N MET E 264 -43.07 -64.93 14.45
CA MET E 264 -42.06 -64.39 15.35
C MET E 264 -42.72 -64.07 16.68
N LYS E 265 -43.01 -65.14 17.43
CA LYS E 265 -43.52 -64.93 18.77
C LYS E 265 -42.33 -64.74 19.71
N PRO E 266 -42.42 -63.84 20.67
CA PRO E 266 -41.35 -63.75 21.67
C PRO E 266 -41.38 -64.94 22.62
N LYS E 267 -40.25 -65.17 23.28
CA LYS E 267 -40.13 -66.31 24.18
C LYS E 267 -41.28 -66.35 25.18
N LYS E 268 -41.66 -65.19 25.71
CA LYS E 268 -42.74 -65.06 26.67
C LYS E 268 -43.66 -63.96 26.20
N GLN E 269 -44.77 -63.79 26.92
CA GLN E 269 -45.61 -62.61 26.79
C GLN E 269 -45.19 -61.66 27.92
N TYR E 270 -44.15 -60.88 27.66
CA TYR E 270 -43.60 -60.00 28.68
C TYR E 270 -44.56 -58.84 28.96
N ARG E 271 -44.36 -58.22 30.11
CA ARG E 271 -45.05 -56.98 30.44
C ARG E 271 -44.08 -55.84 30.19
N ARG E 272 -44.63 -54.66 29.92
CA ARG E 272 -43.79 -53.51 29.64
C ARG E 272 -43.09 -53.05 30.91
N ARG E 273 -41.77 -52.89 30.83
CA ARG E 273 -40.95 -52.46 31.96
C ARG E 273 -40.19 -51.18 31.66
N LEU E 274 -40.48 -50.53 30.53
CA LEU E 274 -39.64 -49.43 30.06
C LEU E 274 -39.37 -48.43 31.18
N ARG E 275 -40.43 -48.05 31.91
CA ARG E 275 -40.30 -47.04 32.95
C ARG E 275 -39.39 -47.52 34.07
N GLU E 276 -39.46 -48.81 34.42
CA GLU E 276 -38.63 -49.34 35.49
C GLU E 276 -37.16 -49.35 35.06
N GLU E 277 -36.90 -49.83 33.85
CA GLU E 277 -35.52 -50.01 33.39
C GLU E 277 -34.85 -48.67 33.10
N PHE E 278 -35.62 -47.66 32.72
CA PHE E 278 -35.11 -46.31 32.46
C PHE E 278 -35.44 -45.36 33.60
N SER E 279 -35.46 -45.87 34.83
CA SER E 279 -35.86 -45.05 35.98
C SER E 279 -34.92 -43.89 36.22
N PHE E 280 -33.65 -44.01 35.82
CA PHE E 280 -32.68 -42.94 36.04
C PHE E 280 -32.92 -41.75 35.14
N ILE E 281 -33.69 -41.91 34.08
CA ILE E 281 -33.94 -40.79 33.16
C ILE E 281 -34.81 -39.75 33.87
N PRO E 282 -34.61 -38.46 33.64
CA PRO E 282 -35.55 -37.47 34.17
C PRO E 282 -36.97 -37.73 33.67
N SER E 283 -37.94 -37.43 34.52
CA SER E 283 -39.33 -37.80 34.22
C SER E 283 -39.81 -37.14 32.94
N ALA E 284 -39.50 -35.85 32.75
CA ALA E 284 -39.91 -35.18 31.52
C ALA E 284 -39.43 -35.95 30.29
N ALA E 285 -38.16 -36.36 30.30
CA ALA E 285 -37.63 -37.16 29.21
C ALA E 285 -38.22 -38.56 29.19
N LEU E 286 -38.31 -39.20 30.37
CA LEU E 286 -38.81 -40.57 30.40
C LEU E 286 -40.19 -40.69 29.78
N ASP E 287 -41.06 -39.71 30.06
CA ASP E 287 -42.37 -39.69 29.42
C ASP E 287 -42.23 -39.69 27.91
N LEU E 288 -41.29 -38.88 27.39
CA LEU E 288 -41.08 -38.83 25.95
C LEU E 288 -40.62 -40.18 25.41
N LEU E 289 -39.63 -40.79 26.08
CA LEU E 289 -39.14 -42.10 25.65
C LEU E 289 -40.28 -43.11 25.59
N ASP E 290 -41.11 -43.13 26.63
CA ASP E 290 -42.18 -44.12 26.69
C ASP E 290 -43.09 -44.01 25.48
N HIS E 291 -43.39 -42.79 25.05
CA HIS E 291 -44.32 -42.59 23.94
C HIS E 291 -43.69 -42.93 22.59
N MET E 292 -42.44 -42.53 22.37
CA MET E 292 -41.78 -42.83 21.11
C MET E 292 -41.59 -44.32 20.91
N LEU E 293 -41.39 -45.06 22.00
CA LEU E 293 -41.16 -46.50 21.97
C LEU E 293 -42.43 -47.30 22.28
N THR E 294 -43.60 -46.73 21.95
CA THR E 294 -44.86 -47.45 22.04
C THR E 294 -44.95 -48.46 20.90
N LEU E 295 -45.45 -49.65 21.21
CA LEU E 295 -45.41 -50.75 20.25
C LEU E 295 -46.28 -50.46 19.03
N ASP E 296 -47.53 -50.11 19.25
CA ASP E 296 -48.47 -49.92 18.15
C ASP E 296 -48.15 -48.63 17.41
N PRO E 297 -47.83 -48.68 16.12
CA PRO E 297 -47.50 -47.42 15.41
C PRO E 297 -48.63 -46.40 15.44
N SER E 298 -49.89 -46.84 15.56
CA SER E 298 -51.00 -45.89 15.61
C SER E 298 -51.11 -45.22 16.97
N LYS E 299 -50.60 -45.86 18.04
CA LYS E 299 -50.57 -45.24 19.36
C LYS E 299 -49.25 -44.53 19.64
N ARG E 300 -48.23 -44.73 18.82
CA ARG E 300 -46.95 -44.05 18.99
C ARG E 300 -47.02 -42.58 18.60
N CYS E 301 -46.45 -41.72 19.43
CA CYS E 301 -46.49 -40.28 19.17
C CYS E 301 -45.82 -39.95 17.84
N THR E 302 -46.22 -38.80 17.28
CA THR E 302 -45.65 -38.28 16.05
C THR E 302 -44.53 -37.29 16.37
N ALA E 303 -43.90 -36.77 15.33
CA ALA E 303 -42.83 -35.79 15.53
C ALA E 303 -43.37 -34.52 16.19
N GLU E 304 -44.48 -33.99 15.68
CA GLU E 304 -45.03 -32.76 16.24
C GLU E 304 -45.31 -32.91 17.72
N GLN E 305 -45.83 -34.08 18.12
CA GLN E 305 -46.16 -34.30 19.53
C GLN E 305 -44.93 -34.29 20.41
N THR E 306 -43.80 -34.81 19.89
CA THR E 306 -42.57 -34.76 20.69
C THR E 306 -42.13 -33.33 20.96
N LEU E 307 -42.34 -32.44 19.98
CA LEU E 307 -42.01 -31.04 20.17
C LEU E 307 -42.94 -30.37 21.18
N GLN E 308 -44.13 -30.93 21.38
CA GLN E 308 -45.04 -30.45 22.42
C GLN E 308 -45.01 -31.36 23.66
N SER E 309 -43.81 -31.70 24.11
CA SER E 309 -43.61 -32.48 25.32
C SER E 309 -42.92 -31.58 26.36
N ASP E 310 -43.18 -31.85 27.64
CA ASP E 310 -42.49 -31.09 28.67
C ASP E 310 -40.98 -31.12 28.52
N PHE E 311 -40.45 -32.14 27.85
CA PHE E 311 -39.01 -32.24 27.71
C PHE E 311 -38.48 -31.26 26.67
N LEU E 312 -39.18 -31.11 25.54
CA LEU E 312 -38.69 -30.29 24.45
C LEU E 312 -39.49 -29.01 24.21
N LYS E 313 -40.64 -28.85 24.86
CA LYS E 313 -41.58 -27.79 24.51
C LYS E 313 -40.92 -26.42 24.63
N ASP E 314 -40.28 -26.14 25.77
CA ASP E 314 -39.69 -24.83 26.00
C ASP E 314 -38.18 -24.80 25.77
N VAL E 315 -37.63 -25.82 25.10
CA VAL E 315 -36.22 -25.76 24.76
C VAL E 315 -36.01 -24.70 23.68
N GLU E 316 -35.10 -23.78 23.95
CA GLU E 316 -34.74 -22.71 23.03
C GLU E 316 -33.37 -22.97 22.44
N LEU E 317 -33.29 -23.11 21.12
CA LEU E 317 -32.00 -23.28 20.48
C LEU E 317 -31.24 -21.96 20.33
N SER E 318 -31.88 -20.81 20.56
CA SER E 318 -31.13 -19.57 20.67
C SER E 318 -30.03 -19.72 21.73
N LYS E 319 -30.37 -20.37 22.84
CA LYS E 319 -29.42 -20.78 23.86
C LYS E 319 -28.86 -22.16 23.54
N THR F 24 -32.01 -19.83 -6.37
CA THR F 24 -32.14 -21.14 -5.73
C THR F 24 -32.43 -22.21 -6.78
N LYS F 25 -33.73 -22.23 -7.33
CA LYS F 25 -34.22 -23.16 -8.33
C LYS F 25 -34.30 -22.47 -9.68
N PRO F 26 -34.10 -23.17 -10.79
CA PRO F 26 -34.12 -22.49 -12.10
C PRO F 26 -35.56 -22.18 -12.54
N CYS F 27 -35.63 -21.26 -13.51
CA CYS F 27 -36.90 -20.87 -14.11
C CYS F 27 -37.13 -21.73 -15.35
N TRP F 28 -38.28 -22.41 -15.40
CA TRP F 28 -38.57 -23.34 -16.49
C TRP F 28 -39.69 -22.85 -17.39
N TYR F 29 -40.00 -21.56 -17.37
CA TYR F 29 -41.12 -21.02 -18.12
C TYR F 29 -40.63 -19.91 -19.05
N TRP F 30 -40.98 -20.02 -20.33
CA TRP F 30 -40.62 -19.07 -21.38
C TRP F 30 -41.92 -18.45 -21.90
N ASP F 31 -41.79 -17.31 -22.59
CA ASP F 31 -42.94 -16.72 -23.28
C ASP F 31 -43.05 -17.28 -24.69
N LYS F 32 -44.27 -17.38 -25.20
CA LYS F 32 -44.45 -17.98 -26.52
C LYS F 32 -43.52 -17.37 -27.56
N LYS F 33 -43.43 -16.03 -27.59
CA LYS F 33 -42.60 -15.38 -28.61
C LYS F 33 -41.19 -15.95 -28.63
N ASP F 34 -40.73 -16.49 -27.50
CA ASP F 34 -39.37 -17.03 -27.45
C ASP F 34 -39.25 -18.35 -28.21
N LEU F 35 -40.36 -19.07 -28.41
CA LEU F 35 -40.29 -20.40 -29.02
C LEU F 35 -39.84 -20.36 -30.47
N ALA F 36 -39.89 -19.20 -31.12
CA ALA F 36 -39.37 -19.06 -32.46
C ALA F 36 -37.85 -18.98 -32.49
N HIS F 37 -37.20 -19.13 -31.32
CA HIS F 37 -35.75 -19.07 -31.20
C HIS F 37 -35.21 -20.27 -30.44
N THR F 38 -35.89 -21.41 -30.55
CA THR F 38 -35.35 -22.65 -30.01
C THR F 38 -34.19 -23.12 -30.88
N PRO F 39 -33.27 -23.90 -30.32
CA PRO F 39 -32.21 -24.49 -31.17
C PRO F 39 -32.77 -25.15 -32.42
N SER F 40 -33.92 -25.82 -32.29
CA SER F 40 -34.52 -26.49 -33.45
C SER F 40 -34.89 -25.49 -34.54
N GLN F 41 -35.55 -24.38 -34.16
CA GLN F 41 -35.88 -23.35 -35.14
C GLN F 41 -34.63 -22.78 -35.81
N LEU F 42 -33.59 -22.48 -35.02
CA LEU F 42 -32.42 -21.81 -35.56
C LEU F 42 -31.53 -22.71 -36.39
N GLU F 43 -31.75 -24.03 -36.36
CA GLU F 43 -31.10 -24.93 -37.29
C GLU F 43 -31.95 -25.19 -38.53
N GLY F 44 -32.98 -24.37 -38.75
CA GLY F 44 -33.77 -24.43 -39.96
C GLY F 44 -35.08 -25.19 -39.85
N LEU F 45 -35.41 -25.74 -38.69
CA LEU F 45 -36.69 -26.38 -38.51
C LEU F 45 -37.79 -25.33 -38.42
N ASP F 46 -38.87 -25.52 -39.16
CA ASP F 46 -39.94 -24.53 -39.20
C ASP F 46 -40.89 -24.71 -38.03
N PRO F 47 -41.69 -23.69 -37.73
CA PRO F 47 -42.53 -23.77 -36.52
C PRO F 47 -43.48 -24.97 -36.51
N ALA F 48 -44.11 -25.28 -37.64
CA ALA F 48 -45.04 -26.42 -37.65
C ALA F 48 -44.32 -27.72 -37.33
N THR F 49 -43.14 -27.93 -37.91
CA THR F 49 -42.44 -29.20 -37.74
C THR F 49 -42.06 -29.43 -36.29
N GLU F 50 -41.53 -28.41 -35.62
CA GLU F 50 -41.14 -28.61 -34.23
C GLU F 50 -42.35 -29.00 -33.39
N ALA F 51 -43.48 -28.34 -33.60
CA ALA F 51 -44.69 -28.70 -32.88
C ALA F 51 -45.11 -30.13 -33.18
N ARG F 52 -45.07 -30.52 -34.46
CA ARG F 52 -45.38 -31.90 -34.80
C ARG F 52 -44.43 -32.85 -34.09
N TYR F 53 -43.13 -32.56 -34.15
CA TYR F 53 -42.18 -33.42 -33.45
C TYR F 53 -42.47 -33.49 -31.96
N ARG F 54 -42.89 -32.37 -31.36
CA ARG F 54 -43.19 -32.37 -29.94
C ARG F 54 -44.40 -33.25 -29.64
N ARG F 55 -45.51 -33.04 -30.36
CA ARG F 55 -46.71 -33.84 -30.09
C ARG F 55 -46.46 -35.30 -30.41
N GLU F 56 -45.65 -35.59 -31.44
CA GLU F 56 -45.32 -36.98 -31.72
C GLU F 56 -44.51 -37.57 -30.57
N GLY F 57 -43.55 -36.80 -30.05
CA GLY F 57 -42.79 -37.25 -28.90
C GLY F 57 -43.64 -37.42 -27.66
N ALA F 58 -44.58 -36.52 -27.45
CA ALA F 58 -45.46 -36.64 -26.29
C ALA F 58 -46.32 -37.90 -26.39
N ARG F 59 -46.99 -38.08 -27.54
CA ARG F 59 -47.83 -39.28 -27.70
C ARG F 59 -46.98 -40.55 -27.64
N PHE F 60 -45.71 -40.49 -28.05
CA PHE F 60 -44.82 -41.65 -27.95
C PHE F 60 -44.54 -42.01 -26.49
N ILE F 61 -44.11 -41.03 -25.69
CA ILE F 61 -43.92 -41.25 -24.26
C ILE F 61 -45.22 -41.70 -23.62
N PHE F 62 -46.31 -40.99 -23.96
CA PHE F 62 -47.61 -41.31 -23.39
C PHE F 62 -48.02 -42.74 -23.69
N ASP F 63 -47.89 -43.15 -24.95
CA ASP F 63 -48.33 -44.48 -25.35
C ASP F 63 -47.40 -45.56 -24.81
N VAL F 64 -46.09 -45.32 -24.88
CA VAL F 64 -45.15 -46.32 -24.38
C VAL F 64 -45.39 -46.57 -22.90
N GLY F 65 -45.49 -45.48 -22.12
CA GLY F 65 -45.72 -45.64 -20.69
C GLY F 65 -47.09 -46.23 -20.39
N THR F 66 -48.10 -45.88 -21.18
CA THR F 66 -49.41 -46.47 -20.97
C THR F 66 -49.36 -47.98 -21.16
N ARG F 67 -48.65 -48.43 -22.21
CA ARG F 67 -48.50 -49.86 -22.44
C ARG F 67 -47.72 -50.54 -21.31
N LEU F 68 -46.80 -49.82 -20.67
CA LEU F 68 -46.04 -50.40 -19.57
C LEU F 68 -46.77 -50.32 -18.23
N GLY F 69 -47.98 -49.76 -18.20
CA GLY F 69 -48.76 -49.73 -16.98
C GLY F 69 -48.35 -48.65 -16.02
N LEU F 70 -47.87 -47.53 -16.52
CA LEU F 70 -47.27 -46.51 -15.67
C LEU F 70 -48.33 -45.53 -15.18
N HIS F 71 -48.15 -45.08 -13.93
CA HIS F 71 -48.95 -44.03 -13.33
C HIS F 71 -48.94 -42.78 -14.19
N TYR F 72 -50.03 -42.00 -14.10
CA TYR F 72 -50.16 -40.85 -14.99
C TYR F 72 -49.10 -39.80 -14.70
N ASP F 73 -48.73 -39.62 -13.42
CA ASP F 73 -47.66 -38.67 -13.11
C ASP F 73 -46.37 -39.05 -13.83
N THR F 74 -46.07 -40.35 -13.87
CA THR F 74 -44.83 -40.79 -14.50
C THR F 74 -44.79 -40.41 -15.97
N LEU F 75 -45.91 -40.57 -16.68
CA LEU F 75 -45.96 -40.19 -18.08
C LEU F 75 -45.64 -38.70 -18.23
N ALA F 76 -46.30 -37.87 -17.44
CA ALA F 76 -46.14 -36.42 -17.57
C ALA F 76 -44.72 -35.98 -17.28
N THR F 77 -44.13 -36.49 -16.20
CA THR F 77 -42.77 -36.09 -15.84
C THR F 77 -41.82 -36.34 -17.02
N GLY F 78 -41.92 -37.51 -17.63
CA GLY F 78 -41.13 -37.78 -18.82
C GLY F 78 -41.40 -36.79 -19.93
N ILE F 79 -42.68 -36.49 -20.17
CA ILE F 79 -43.02 -35.56 -21.24
C ILE F 79 -42.46 -34.17 -20.91
N ILE F 80 -42.56 -33.77 -19.65
CA ILE F 80 -42.08 -32.43 -19.29
C ILE F 80 -40.57 -32.37 -19.47
N TYR F 81 -39.85 -33.42 -19.07
CA TYR F 81 -38.43 -33.46 -19.36
C TYR F 81 -38.18 -33.34 -20.85
N PHE F 82 -38.97 -34.06 -21.65
CA PHE F 82 -38.82 -34.06 -23.10
C PHE F 82 -38.99 -32.66 -23.67
N HIS F 83 -40.04 -31.97 -23.25
CA HIS F 83 -40.25 -30.61 -23.71
C HIS F 83 -39.08 -29.70 -23.32
N ARG F 84 -38.67 -29.79 -22.05
CA ARG F 84 -37.57 -28.96 -21.59
C ARG F 84 -36.28 -29.27 -22.35
N PHE F 85 -36.05 -30.56 -22.63
CA PHE F 85 -34.83 -30.94 -23.34
C PHE F 85 -34.68 -30.18 -24.64
N TYR F 86 -35.74 -30.13 -25.46
CA TYR F 86 -35.64 -29.52 -26.78
C TYR F 86 -35.79 -28.01 -26.75
N MET F 87 -35.77 -27.41 -25.56
CA MET F 87 -35.50 -26.00 -25.40
C MET F 87 -34.02 -25.70 -25.36
N PHE F 88 -33.19 -26.73 -25.14
CA PHE F 88 -31.75 -26.55 -25.09
C PHE F 88 -31.02 -27.26 -26.21
N HIS F 89 -31.71 -28.06 -27.01
CA HIS F 89 -31.08 -28.87 -28.05
C HIS F 89 -31.99 -28.90 -29.25
N SER F 90 -31.44 -29.34 -30.38
CA SER F 90 -32.16 -29.34 -31.64
C SER F 90 -32.70 -30.73 -31.93
N PHE F 91 -33.91 -30.79 -32.48
CA PHE F 91 -34.47 -32.07 -32.89
C PHE F 91 -33.63 -32.72 -33.98
N LYS F 92 -32.79 -31.94 -34.66
CA LYS F 92 -31.93 -32.50 -35.70
C LYS F 92 -30.70 -33.18 -35.13
N GLN F 93 -30.32 -32.87 -33.89
CA GLN F 93 -29.14 -33.47 -33.29
C GLN F 93 -29.47 -34.60 -32.34
N PHE F 94 -30.66 -34.59 -31.75
CA PHE F 94 -31.09 -35.64 -30.85
C PHE F 94 -32.39 -36.21 -31.40
N PRO F 95 -32.36 -37.37 -32.06
CA PRO F 95 -33.61 -37.92 -32.60
C PRO F 95 -34.62 -38.06 -31.48
N ARG F 96 -35.87 -37.75 -31.78
CA ARG F 96 -36.83 -37.45 -30.73
C ARG F 96 -37.25 -38.69 -29.95
N TYR F 97 -37.46 -39.82 -30.64
CA TYR F 97 -37.97 -40.98 -29.93
C TYR F 97 -36.93 -41.59 -29.00
N VAL F 98 -35.64 -41.47 -29.34
CA VAL F 98 -34.61 -41.88 -28.39
C VAL F 98 -34.69 -41.02 -27.14
N THR F 99 -34.70 -39.70 -27.33
CA THR F 99 -34.87 -38.79 -26.20
C THR F 99 -36.12 -39.14 -25.41
N GLY F 100 -37.23 -39.34 -26.10
CA GLY F 100 -38.46 -39.70 -25.41
C GLY F 100 -38.30 -40.88 -24.48
N ALA F 101 -37.71 -41.97 -24.99
CA ALA F 101 -37.52 -43.16 -24.16
C ALA F 101 -36.68 -42.84 -22.93
N CYS F 102 -35.60 -42.07 -23.11
CA CYS F 102 -34.73 -41.73 -21.98
C CYS F 102 -35.49 -40.95 -20.92
N CYS F 103 -36.30 -39.97 -21.33
CA CYS F 103 -37.10 -39.22 -20.36
C CYS F 103 -37.98 -40.14 -19.55
N LEU F 104 -38.73 -41.02 -20.21
CA LEU F 104 -39.58 -41.96 -19.48
C LEU F 104 -38.74 -42.83 -18.56
N PHE F 105 -37.55 -43.24 -19.04
CA PHE F 105 -36.68 -44.08 -18.22
C PHE F 105 -36.32 -43.36 -16.91
N LEU F 106 -35.79 -42.16 -17.02
CA LEU F 106 -35.44 -41.41 -15.82
C LEU F 106 -36.68 -41.11 -15.00
N ALA F 107 -37.76 -40.72 -15.67
CA ALA F 107 -38.99 -40.37 -14.96
C ALA F 107 -39.45 -41.51 -14.08
N GLY F 108 -39.33 -42.75 -14.57
CA GLY F 108 -39.69 -43.90 -13.75
C GLY F 108 -38.90 -43.94 -12.46
N LYS F 109 -37.61 -43.62 -12.52
CA LYS F 109 -36.79 -43.60 -11.31
C LYS F 109 -37.15 -42.42 -10.41
N VAL F 110 -37.49 -41.27 -11.01
CA VAL F 110 -37.85 -40.11 -10.21
C VAL F 110 -39.14 -40.35 -9.44
N GLU F 111 -40.19 -40.79 -10.16
CA GLU F 111 -41.51 -40.94 -9.55
C GLU F 111 -41.70 -42.30 -8.90
N GLU F 112 -40.64 -43.07 -8.72
CA GLU F 112 -40.69 -44.34 -8.02
C GLU F 112 -41.63 -45.33 -8.70
N THR F 113 -41.70 -45.28 -10.03
CA THR F 113 -42.39 -46.29 -10.84
C THR F 113 -41.40 -46.84 -11.86
N PRO F 114 -40.28 -47.40 -11.41
CA PRO F 114 -39.19 -47.70 -12.34
C PRO F 114 -39.49 -48.90 -13.24
N LYS F 115 -38.88 -48.89 -14.42
CA LYS F 115 -38.93 -50.00 -15.37
C LYS F 115 -37.55 -50.16 -15.99
N LYS F 116 -37.22 -51.40 -16.39
CA LYS F 116 -35.93 -51.67 -16.97
C LYS F 116 -35.80 -51.06 -18.36
N CYS F 117 -34.60 -50.59 -18.69
CA CYS F 117 -34.42 -49.92 -19.98
C CYS F 117 -34.82 -50.83 -21.15
N LYS F 118 -34.47 -52.11 -21.08
CA LYS F 118 -34.80 -53.01 -22.19
C LYS F 118 -36.30 -53.10 -22.42
N ASP F 119 -37.09 -53.03 -21.35
CA ASP F 119 -38.54 -53.13 -21.54
C ASP F 119 -39.07 -51.93 -22.31
N ILE F 120 -38.53 -50.75 -22.04
CA ILE F 120 -38.93 -49.56 -22.77
C ILE F 120 -38.57 -49.73 -24.24
N ILE F 121 -37.35 -50.21 -24.51
CA ILE F 121 -36.91 -50.42 -25.89
C ILE F 121 -37.85 -51.41 -26.58
N LYS F 122 -38.15 -52.53 -25.92
CA LYS F 122 -39.07 -53.49 -26.48
C LYS F 122 -40.41 -52.85 -26.81
N THR F 123 -40.96 -52.07 -25.88
CA THR F 123 -42.26 -51.45 -26.12
C THR F 123 -42.17 -50.43 -27.25
N ALA F 124 -41.09 -49.65 -27.29
CA ALA F 124 -40.91 -48.69 -28.37
C ALA F 124 -40.85 -49.37 -29.72
N ARG F 125 -40.25 -50.57 -29.80
CA ARG F 125 -40.26 -51.31 -31.05
C ARG F 125 -41.68 -51.71 -31.43
N SER F 126 -42.52 -52.00 -30.43
CA SER F 126 -43.91 -52.34 -30.69
C SER F 126 -44.65 -51.19 -31.37
N LEU F 127 -44.32 -49.94 -31.01
CA LEU F 127 -45.08 -48.78 -31.46
C LEU F 127 -44.48 -48.04 -32.66
N LEU F 128 -43.18 -48.15 -32.90
CA LEU F 128 -42.54 -47.43 -33.99
C LEU F 128 -42.39 -48.33 -35.21
N ASN F 129 -42.49 -47.73 -36.40
CA ASN F 129 -42.23 -48.46 -37.64
C ASN F 129 -40.71 -48.64 -37.77
N ASP F 130 -40.26 -49.18 -38.92
CA ASP F 130 -38.83 -49.45 -39.07
C ASP F 130 -38.04 -48.17 -39.24
N VAL F 131 -38.59 -47.21 -39.99
CA VAL F 131 -37.90 -45.93 -40.17
C VAL F 131 -37.70 -45.26 -38.82
N GLN F 132 -38.78 -45.14 -38.04
CA GLN F 132 -38.70 -44.46 -36.76
C GLN F 132 -37.72 -45.16 -35.83
N PHE F 133 -37.82 -46.49 -35.74
CA PHE F 133 -36.92 -47.21 -34.85
C PHE F 133 -35.47 -47.14 -35.33
N GLY F 134 -35.24 -46.71 -36.56
CA GLY F 134 -33.87 -46.51 -37.01
C GLY F 134 -33.13 -45.51 -36.15
N GLN F 135 -33.86 -44.61 -35.50
CA GLN F 135 -33.22 -43.64 -34.62
C GLN F 135 -32.38 -44.30 -33.53
N PHE F 136 -32.77 -45.50 -33.08
CA PHE F 136 -32.09 -46.17 -31.99
C PHE F 136 -30.81 -46.91 -32.41
N GLY F 137 -30.54 -47.01 -33.70
CA GLY F 137 -29.28 -47.59 -34.17
C GLY F 137 -29.12 -49.07 -33.88
N ASP F 138 -27.85 -49.49 -33.85
CA ASP F 138 -27.55 -50.91 -33.70
C ASP F 138 -27.70 -51.39 -32.26
N ASP F 139 -27.52 -50.49 -31.28
CA ASP F 139 -27.66 -50.84 -29.87
C ASP F 139 -28.62 -49.85 -29.22
N PRO F 140 -29.93 -50.10 -29.30
CA PRO F 140 -30.90 -49.14 -28.72
C PRO F 140 -30.69 -48.86 -27.24
N LYS F 141 -30.59 -49.89 -26.40
CA LYS F 141 -30.43 -49.63 -24.97
C LYS F 141 -29.28 -48.66 -24.74
N GLU F 142 -28.16 -48.89 -25.43
CA GLU F 142 -26.99 -48.04 -25.25
C GLU F 142 -27.31 -46.60 -25.65
N GLU F 143 -27.96 -46.40 -26.80
CA GLU F 143 -28.29 -45.04 -27.23
C GLU F 143 -29.14 -44.33 -26.18
N VAL F 144 -30.04 -45.06 -25.51
CA VAL F 144 -30.85 -44.44 -24.47
C VAL F 144 -30.00 -44.20 -23.23
N MET F 145 -29.32 -45.24 -22.72
CA MET F 145 -28.55 -45.07 -21.51
C MET F 145 -27.50 -43.97 -21.66
N VAL F 146 -26.98 -43.79 -22.88
CA VAL F 146 -25.95 -42.78 -23.11
C VAL F 146 -26.53 -41.38 -22.97
N LEU F 147 -27.81 -41.20 -23.29
CA LEU F 147 -28.44 -39.89 -23.24
C LEU F 147 -28.76 -39.45 -21.82
N GLU F 148 -28.89 -40.39 -20.89
CA GLU F 148 -29.26 -40.03 -19.52
C GLU F 148 -28.33 -38.97 -18.94
N ARG F 149 -27.02 -39.09 -19.16
CA ARG F 149 -26.10 -38.09 -18.64
C ARG F 149 -26.46 -36.69 -19.13
N ILE F 150 -26.74 -36.56 -20.42
CA ILE F 150 -27.10 -35.25 -20.98
C ILE F 150 -28.41 -34.76 -20.40
N LEU F 151 -29.42 -35.64 -20.36
CA LEU F 151 -30.72 -35.23 -19.86
C LEU F 151 -30.60 -34.62 -18.48
N LEU F 152 -29.90 -35.31 -17.57
CA LEU F 152 -29.78 -34.82 -16.21
C LEU F 152 -29.06 -33.49 -16.15
N GLN F 153 -28.04 -33.30 -16.99
CA GLN F 153 -27.41 -31.98 -17.03
C GLN F 153 -28.36 -30.94 -17.61
N THR F 154 -29.11 -31.33 -18.65
CA THR F 154 -30.00 -30.36 -19.30
C THR F 154 -31.17 -29.96 -18.41
N ILE F 155 -31.76 -30.91 -17.68
CA ILE F 155 -32.88 -30.55 -16.82
C ILE F 155 -32.35 -29.94 -15.52
N LYS F 156 -31.05 -29.71 -15.46
CA LYS F 156 -30.39 -29.04 -14.33
C LYS F 156 -30.63 -29.75 -12.99
N PHE F 157 -30.96 -31.04 -13.05
CA PHE F 157 -31.20 -31.85 -11.87
C PHE F 157 -32.39 -31.38 -11.05
N ASP F 158 -33.29 -30.61 -11.66
CA ASP F 158 -34.55 -30.26 -11.00
C ASP F 158 -35.52 -31.40 -11.27
N LEU F 159 -35.27 -32.53 -10.58
CA LEU F 159 -35.99 -33.75 -10.88
C LEU F 159 -37.45 -33.63 -10.50
N GLN F 160 -37.73 -32.94 -9.40
CA GLN F 160 -39.12 -32.84 -8.95
C GLN F 160 -39.93 -32.01 -9.95
N VAL F 161 -41.09 -32.53 -10.33
CA VAL F 161 -41.99 -31.84 -11.24
C VAL F 161 -43.41 -32.07 -10.75
N GLU F 162 -44.22 -31.01 -10.75
CA GLU F 162 -45.65 -31.11 -10.46
C GLU F 162 -46.45 -30.91 -11.73
N HIS F 163 -47.65 -31.48 -11.75
CA HIS F 163 -48.49 -31.54 -12.93
C HIS F 163 -49.88 -31.03 -12.61
N PRO F 164 -50.60 -30.51 -13.61
CA PRO F 164 -51.92 -29.94 -13.36
C PRO F 164 -52.89 -30.88 -12.66
N TYR F 165 -52.63 -32.20 -12.74
CA TYR F 165 -53.60 -33.16 -12.22
C TYR F 165 -53.90 -32.92 -10.74
N GLN F 166 -52.84 -32.86 -9.91
CA GLN F 166 -53.08 -32.77 -8.47
C GLN F 166 -53.84 -31.50 -8.11
N PHE F 167 -53.62 -30.42 -8.86
CA PHE F 167 -54.34 -29.19 -8.58
C PHE F 167 -55.78 -29.26 -9.10
N LEU F 168 -55.99 -29.91 -10.25
CA LEU F 168 -57.36 -30.13 -10.72
C LEU F 168 -58.20 -30.82 -9.66
N LEU F 169 -57.61 -31.76 -8.92
CA LEU F 169 -58.34 -32.47 -7.88
C LEU F 169 -58.42 -31.64 -6.61
N LYS F 170 -57.32 -30.98 -6.23
CA LYS F 170 -57.32 -30.16 -5.03
C LYS F 170 -58.42 -29.10 -5.09
N TYR F 171 -58.59 -28.49 -6.25
CA TYR F 171 -59.58 -27.42 -6.38
C TYR F 171 -60.99 -27.99 -6.44
N ALA F 172 -61.16 -29.10 -7.15
CA ALA F 172 -62.49 -29.68 -7.31
C ALA F 172 -63.07 -30.12 -5.97
N LYS F 173 -62.24 -30.59 -5.05
CA LYS F 173 -62.76 -31.07 -3.78
C LYS F 173 -63.44 -29.94 -3.00
N GLN F 174 -63.15 -28.69 -3.37
CA GLN F 174 -63.74 -27.51 -2.76
C GLN F 174 -64.90 -26.94 -3.57
N LEU F 175 -65.33 -27.66 -4.60
CA LEU F 175 -66.56 -27.35 -5.33
C LEU F 175 -67.64 -28.28 -4.80
N LYS F 176 -68.79 -27.71 -4.47
CA LYS F 176 -69.87 -28.45 -3.85
C LYS F 176 -71.13 -28.17 -4.64
N GLY F 177 -71.90 -29.21 -4.90
CA GLY F 177 -73.07 -29.05 -5.73
C GLY F 177 -73.43 -30.36 -6.41
N ASP F 178 -74.03 -30.23 -7.59
CA ASP F 178 -74.46 -31.42 -8.32
C ASP F 178 -73.27 -32.34 -8.54
N LYS F 179 -73.20 -33.45 -7.79
CA LYS F 179 -72.04 -34.32 -7.87
C LYS F 179 -71.79 -34.77 -9.31
N ASN F 180 -72.86 -35.06 -10.07
CA ASN F 180 -72.67 -35.55 -11.43
C ASN F 180 -72.20 -34.45 -12.37
N LYS F 181 -72.62 -33.20 -12.14
CA LYS F 181 -72.09 -32.11 -12.94
C LYS F 181 -70.62 -31.85 -12.61
N ILE F 182 -70.29 -31.83 -11.33
CA ILE F 182 -68.91 -31.55 -10.94
C ILE F 182 -68.02 -32.66 -11.48
N GLN F 183 -68.54 -33.90 -11.56
CA GLN F 183 -67.74 -34.99 -12.11
C GLN F 183 -67.53 -34.85 -13.61
N LYS F 184 -68.58 -34.49 -14.36
CA LYS F 184 -68.39 -34.27 -15.79
C LYS F 184 -67.37 -33.18 -16.03
N LEU F 185 -67.38 -32.15 -15.18
CA LEU F 185 -66.39 -31.10 -15.28
C LEU F 185 -64.99 -31.67 -15.12
N VAL F 186 -64.79 -32.51 -14.12
CA VAL F 186 -63.44 -33.00 -13.84
C VAL F 186 -62.94 -33.87 -14.99
N GLN F 187 -63.74 -34.84 -15.43
CA GLN F 187 -63.26 -35.74 -16.46
C GLN F 187 -62.94 -34.97 -17.74
N MET F 188 -63.84 -34.06 -18.14
CA MET F 188 -63.56 -33.26 -19.31
C MET F 188 -62.29 -32.45 -19.12
N ALA F 189 -62.10 -31.88 -17.92
CA ALA F 189 -60.89 -31.12 -17.65
C ALA F 189 -59.67 -32.03 -17.64
N TRP F 190 -59.77 -33.17 -16.96
CA TRP F 190 -58.68 -34.15 -16.98
C TRP F 190 -58.26 -34.50 -18.41
N THR F 191 -59.24 -34.74 -19.27
CA THR F 191 -58.90 -35.00 -20.67
C THR F 191 -58.14 -33.82 -21.28
N PHE F 192 -58.54 -32.59 -20.96
CA PHE F 192 -57.84 -31.44 -21.50
C PHE F 192 -56.39 -31.39 -21.01
N VAL F 193 -56.15 -31.86 -19.78
CA VAL F 193 -54.78 -31.90 -19.28
C VAL F 193 -53.95 -32.89 -20.08
N ASN F 194 -54.45 -34.12 -20.24
CA ASN F 194 -53.71 -35.11 -21.02
C ASN F 194 -53.36 -34.54 -22.40
N ASP F 195 -54.28 -33.79 -23.00
CA ASP F 195 -54.04 -33.23 -24.33
C ASP F 195 -53.04 -32.09 -24.26
N SER F 196 -53.06 -31.31 -23.17
CA SER F 196 -52.17 -30.16 -23.06
C SER F 196 -50.73 -30.59 -22.93
N LEU F 197 -50.48 -31.86 -22.58
CA LEU F 197 -49.10 -32.33 -22.54
C LEU F 197 -48.46 -32.31 -23.90
N CYS F 198 -49.27 -32.39 -24.97
CA CYS F 198 -48.76 -32.30 -26.33
C CYS F 198 -48.45 -30.87 -26.74
N THR F 199 -48.82 -29.90 -25.93
CA THR F 199 -48.60 -28.51 -26.27
C THR F 199 -47.37 -28.05 -25.51
N THR F 200 -46.87 -26.89 -25.89
CA THR F 200 -45.77 -26.26 -25.16
C THR F 200 -46.26 -25.56 -23.91
N LEU F 201 -47.55 -25.70 -23.59
CA LEU F 201 -48.10 -25.01 -22.43
C LEU F 201 -47.40 -25.38 -21.13
N SER F 202 -46.94 -26.62 -20.98
CA SER F 202 -46.20 -26.99 -19.78
C SER F 202 -45.00 -26.09 -19.57
N LEU F 203 -44.46 -25.52 -20.65
CA LEU F 203 -43.33 -24.60 -20.57
C LEU F 203 -43.75 -23.15 -20.48
N GLN F 204 -45.01 -22.83 -20.77
CA GLN F 204 -45.44 -21.43 -20.76
C GLN F 204 -45.97 -21.01 -19.40
N TRP F 205 -46.73 -21.89 -18.73
CA TRP F 205 -47.41 -21.55 -17.49
C TRP F 205 -47.20 -22.60 -16.41
N GLU F 206 -47.20 -22.15 -15.16
CA GLU F 206 -47.13 -23.05 -14.02
C GLU F 206 -48.27 -24.05 -14.09
N PRO F 207 -48.11 -25.21 -13.45
CA PRO F 207 -49.18 -26.22 -13.53
C PRO F 207 -50.49 -25.76 -12.94
N GLU F 208 -50.44 -25.03 -11.82
CA GLU F 208 -51.67 -24.55 -11.18
C GLU F 208 -52.53 -23.78 -12.16
N ILE F 209 -51.90 -22.96 -13.01
CA ILE F 209 -52.64 -22.16 -13.98
C ILE F 209 -53.32 -23.05 -15.01
N ILE F 210 -52.61 -24.09 -15.49
CA ILE F 210 -53.20 -25.02 -16.44
C ILE F 210 -54.45 -25.65 -15.85
N ALA F 211 -54.37 -26.11 -14.60
CA ALA F 211 -55.49 -26.77 -13.96
C ALA F 211 -56.72 -25.87 -13.96
N VAL F 212 -56.53 -24.59 -13.61
CA VAL F 212 -57.65 -23.66 -13.66
C VAL F 212 -58.16 -23.52 -15.09
N ALA F 213 -57.24 -23.38 -16.03
CA ALA F 213 -57.63 -23.18 -17.43
C ALA F 213 -58.48 -24.34 -17.92
N VAL F 214 -58.10 -25.58 -17.60
CA VAL F 214 -58.87 -26.72 -18.09
C VAL F 214 -60.23 -26.78 -17.39
N MET F 215 -60.28 -26.43 -16.12
CA MET F 215 -61.57 -26.27 -15.46
C MET F 215 -62.39 -25.18 -16.13
N TYR F 216 -61.76 -24.02 -16.35
CA TYR F 216 -62.41 -22.91 -17.03
C TYR F 216 -62.99 -23.33 -18.37
N LEU F 217 -62.21 -24.10 -19.14
CA LEU F 217 -62.68 -24.55 -20.45
C LEU F 217 -63.82 -25.54 -20.31
N ALA F 218 -63.62 -26.59 -19.51
CA ALA F 218 -64.68 -27.56 -19.29
C ALA F 218 -65.95 -26.88 -18.86
N GLY F 219 -65.84 -25.88 -17.99
CA GLY F 219 -67.02 -25.16 -17.56
C GLY F 219 -67.73 -24.48 -18.71
N ARG F 220 -66.98 -23.85 -19.61
CA ARG F 220 -67.61 -23.14 -20.71
C ARG F 220 -68.32 -24.13 -21.64
N LEU F 221 -67.68 -25.27 -21.91
CA LEU F 221 -68.26 -26.21 -22.85
C LEU F 221 -69.50 -26.87 -22.25
N CYS F 222 -69.48 -27.16 -20.96
CA CYS F 222 -70.60 -27.78 -20.27
C CYS F 222 -71.65 -26.77 -19.80
N LYS F 223 -71.49 -25.49 -20.15
CA LYS F 223 -72.45 -24.46 -19.76
C LYS F 223 -72.58 -24.34 -18.24
N PHE F 224 -71.56 -24.76 -17.50
CA PHE F 224 -71.59 -24.69 -16.05
C PHE F 224 -71.15 -23.33 -15.52
N GLU F 225 -71.76 -22.91 -14.41
CA GLU F 225 -71.35 -21.71 -13.69
C GLU F 225 -70.53 -22.18 -12.48
N ILE F 226 -69.21 -22.28 -12.66
CA ILE F 226 -68.42 -22.93 -11.62
C ILE F 226 -68.50 -22.16 -10.30
N GLN F 227 -68.68 -20.84 -10.38
CA GLN F 227 -68.67 -20.03 -9.18
C GLN F 227 -69.69 -20.54 -8.17
N GLU F 228 -70.86 -20.97 -8.64
CA GLU F 228 -71.95 -21.33 -7.74
C GLU F 228 -71.55 -22.45 -6.80
N TRP F 229 -70.64 -23.32 -7.22
CA TRP F 229 -70.21 -24.43 -6.37
C TRP F 229 -69.13 -24.03 -5.38
N THR F 230 -68.59 -22.81 -5.46
CA THR F 230 -67.51 -22.40 -4.58
C THR F 230 -68.06 -21.86 -3.26
N SER F 231 -67.14 -21.61 -2.32
CA SER F 231 -67.51 -20.94 -1.07
C SER F 231 -67.87 -19.48 -1.26
N LYS F 232 -67.70 -18.94 -2.48
CA LYS F 232 -68.04 -17.55 -2.79
C LYS F 232 -68.90 -17.54 -4.06
N PRO F 233 -70.16 -17.95 -3.94
CA PRO F 233 -70.96 -18.26 -5.15
C PRO F 233 -71.33 -17.07 -6.01
N MET F 234 -71.09 -15.84 -5.58
CA MET F 234 -71.36 -14.67 -6.41
C MET F 234 -70.10 -13.94 -6.86
N TYR F 235 -68.93 -14.53 -6.58
CA TYR F 235 -67.65 -14.02 -7.06
C TYR F 235 -67.42 -14.63 -8.44
N ARG F 236 -67.62 -13.86 -9.50
CA ARG F 236 -67.46 -14.42 -10.83
C ARG F 236 -66.07 -15.02 -11.01
N ARG F 237 -65.06 -14.39 -10.40
CA ARG F 237 -63.67 -14.83 -10.53
C ARG F 237 -63.41 -15.94 -9.52
N TRP F 238 -63.90 -17.13 -9.86
CA TRP F 238 -63.71 -18.25 -8.94
C TRP F 238 -62.24 -18.65 -8.81
N TRP F 239 -61.46 -18.49 -9.90
CA TRP F 239 -60.08 -18.96 -9.85
C TRP F 239 -59.26 -18.29 -8.76
N GLU F 240 -59.57 -17.04 -8.41
CA GLU F 240 -58.74 -16.30 -7.46
C GLU F 240 -58.74 -16.94 -6.08
N GLN F 241 -59.72 -17.79 -5.75
CA GLN F 241 -59.58 -18.49 -4.48
C GLN F 241 -58.64 -19.67 -4.57
N PHE F 242 -58.26 -20.08 -5.78
CA PHE F 242 -57.26 -21.12 -6.02
C PHE F 242 -55.94 -20.56 -6.52
N VAL F 243 -56.00 -19.63 -7.48
CA VAL F 243 -54.79 -19.07 -8.08
C VAL F 243 -54.95 -17.57 -8.19
N GLN F 244 -54.22 -16.84 -7.36
CA GLN F 244 -54.30 -15.39 -7.34
C GLN F 244 -53.59 -14.80 -8.55
N ASP F 245 -54.12 -13.69 -9.03
CA ASP F 245 -53.41 -12.87 -10.01
C ASP F 245 -53.29 -13.57 -11.35
N VAL F 246 -54.38 -14.22 -11.77
CA VAL F 246 -54.44 -14.82 -13.10
C VAL F 246 -55.49 -14.06 -13.90
N PRO F 247 -55.09 -13.31 -14.91
CA PRO F 247 -56.07 -12.61 -15.73
C PRO F 247 -56.79 -13.57 -16.66
N VAL F 248 -58.00 -13.16 -17.06
CA VAL F 248 -58.76 -13.98 -18.00
C VAL F 248 -57.99 -14.17 -19.30
N ASP F 249 -57.22 -13.14 -19.71
CA ASP F 249 -56.44 -13.25 -20.94
C ASP F 249 -55.64 -14.54 -20.97
N VAL F 250 -55.00 -14.88 -19.85
CA VAL F 250 -54.19 -16.08 -19.80
C VAL F 250 -55.06 -17.32 -19.95
N LEU F 251 -56.16 -17.40 -19.20
CA LEU F 251 -57.04 -18.55 -19.32
C LEU F 251 -57.54 -18.71 -20.76
N GLU F 252 -57.82 -17.59 -21.44
CA GLU F 252 -58.28 -17.67 -22.82
C GLU F 252 -57.14 -18.10 -23.75
N ASP F 253 -55.93 -17.57 -23.53
CA ASP F 253 -54.79 -18.02 -24.32
C ASP F 253 -54.60 -19.52 -24.19
N ILE F 254 -54.67 -20.04 -22.96
CA ILE F 254 -54.51 -21.47 -22.73
C ILE F 254 -55.65 -22.23 -23.38
N CYS F 255 -56.89 -21.80 -23.13
CA CYS F 255 -58.03 -22.47 -23.77
C CYS F 255 -57.85 -22.51 -25.29
N HIS F 256 -57.42 -21.39 -25.87
CA HIS F 256 -57.27 -21.33 -27.32
C HIS F 256 -56.26 -22.37 -27.80
N GLN F 257 -55.15 -22.53 -27.08
CA GLN F 257 -54.12 -23.49 -27.50
C GLN F 257 -54.62 -24.93 -27.38
N ILE F 258 -55.39 -25.23 -26.34
CA ILE F 258 -55.93 -26.58 -26.19
C ILE F 258 -56.93 -26.90 -27.31
N LEU F 259 -57.83 -25.96 -27.62
CA LEU F 259 -58.85 -26.20 -28.62
C LEU F 259 -58.25 -26.33 -30.02
N ASP F 260 -57.10 -25.69 -30.26
CA ASP F 260 -56.47 -25.79 -31.58
C ASP F 260 -56.22 -27.24 -31.97
N LEU F 261 -55.81 -28.08 -31.02
CA LEU F 261 -55.56 -29.48 -31.30
C LEU F 261 -56.82 -30.17 -31.82
N TYR F 262 -57.97 -29.81 -31.26
CA TYR F 262 -59.22 -30.43 -31.62
C TYR F 262 -59.69 -30.03 -33.01
N SER F 263 -59.30 -28.85 -33.51
CA SER F 263 -59.75 -28.46 -34.85
C SER F 263 -58.99 -29.17 -35.98
N GLN F 264 -57.65 -29.18 -35.91
CA GLN F 264 -56.86 -29.82 -36.96
C GLN F 264 -57.03 -31.34 -36.95
N GLY F 265 -57.04 -31.94 -35.76
CA GLY F 265 -57.19 -33.37 -35.62
C GLY F 265 -58.58 -33.87 -35.94
N LYS F 266 -58.70 -35.19 -36.02
CA LYS F 266 -60.00 -35.78 -36.37
C LYS F 266 -61.04 -35.53 -35.29
N GLN F 267 -60.65 -35.55 -34.02
CA GLN F 267 -61.58 -35.29 -32.93
C GLN F 267 -61.98 -33.82 -32.91
N GLN F 268 -63.24 -33.56 -32.54
CA GLN F 268 -63.81 -32.22 -32.45
C GLN F 268 -63.93 -31.84 -30.96
N MET F 269 -64.23 -30.57 -30.70
CA MET F 269 -64.23 -30.09 -29.32
C MET F 269 -65.12 -31.01 -28.46
N PRO F 270 -64.67 -31.43 -27.28
CA PRO F 270 -65.43 -32.49 -26.56
C PRO F 270 -66.89 -32.14 -26.30
N HIS F 271 -67.17 -30.89 -25.95
CA HIS F 271 -68.52 -30.46 -25.57
C HIS F 271 -69.24 -31.49 -24.70
N MET G 5 5.36 13.66 -61.93
CA MET G 5 6.55 13.29 -61.10
C MET G 5 6.63 11.78 -60.88
N SER G 6 5.49 11.10 -60.83
CA SER G 6 5.44 9.65 -60.73
C SER G 6 4.62 9.10 -61.90
N TYR G 7 4.92 7.86 -62.30
CA TYR G 7 4.32 7.26 -63.48
C TYR G 7 3.93 5.82 -63.24
N ASN G 8 2.66 5.49 -63.49
CA ASN G 8 2.15 4.16 -63.21
C ASN G 8 1.13 3.74 -64.28
N TYR G 9 0.89 2.43 -64.34
CA TYR G 9 0.08 1.74 -65.35
C TYR G 9 -0.86 0.79 -64.62
N VAL G 10 -2.13 0.79 -65.01
CA VAL G 10 -3.16 0.00 -64.33
C VAL G 10 -3.96 -0.76 -65.38
N VAL G 11 -4.00 -2.08 -65.26
CA VAL G 11 -4.75 -2.93 -66.18
C VAL G 11 -5.71 -3.80 -65.37
N THR G 12 -6.76 -4.26 -66.04
CA THR G 12 -7.63 -5.29 -65.49
C THR G 12 -7.08 -6.66 -65.87
N ALA G 13 -6.86 -7.51 -64.86
CA ALA G 13 -6.48 -8.89 -65.13
C ALA G 13 -7.70 -9.81 -65.14
N GLN G 14 -8.64 -9.59 -64.24
CA GLN G 14 -9.91 -10.29 -64.22
C GLN G 14 -11.02 -9.25 -64.16
N LYS G 15 -11.98 -9.37 -65.06
CA LYS G 15 -13.06 -8.40 -65.13
C LYS G 15 -13.98 -8.59 -63.93
N PRO G 16 -14.78 -7.57 -63.60
CA PRO G 16 -15.69 -7.71 -62.47
C PRO G 16 -16.58 -8.95 -62.61
N THR G 17 -16.72 -9.68 -61.50
CA THR G 17 -17.46 -10.93 -61.51
C THR G 17 -18.77 -10.86 -60.75
N ALA G 18 -19.06 -9.77 -60.05
CA ALA G 18 -20.23 -9.66 -59.19
C ALA G 18 -21.36 -9.01 -59.96
N VAL G 19 -22.54 -9.59 -59.85
CA VAL G 19 -23.71 -9.07 -60.54
C VAL G 19 -24.32 -7.94 -59.70
N ASN G 20 -24.37 -6.75 -60.28
CA ASN G 20 -24.98 -5.61 -59.62
C ASN G 20 -26.44 -5.39 -60.00
N GLY G 21 -26.87 -5.90 -61.15
CA GLY G 21 -28.27 -5.79 -61.55
C GLY G 21 -28.49 -6.54 -62.86
N CYS G 22 -29.75 -6.90 -63.09
CA CYS G 22 -30.10 -7.62 -64.32
C CYS G 22 -31.53 -7.31 -64.73
N VAL G 23 -31.75 -7.25 -66.05
CA VAL G 23 -33.07 -7.00 -66.62
C VAL G 23 -33.34 -7.98 -67.76
N THR G 24 -34.64 -8.14 -68.07
CA THR G 24 -35.07 -8.97 -69.18
C THR G 24 -35.95 -8.14 -70.12
N GLY G 25 -35.85 -8.41 -71.41
CA GLY G 25 -36.66 -7.69 -72.38
C GLY G 25 -36.48 -8.14 -73.80
N HIS G 26 -36.75 -7.24 -74.75
CA HIS G 26 -36.62 -7.52 -76.17
C HIS G 26 -35.75 -6.40 -76.77
N PHE G 27 -34.45 -6.48 -76.47
CA PHE G 27 -33.49 -5.41 -76.79
C PHE G 27 -32.81 -5.64 -78.14
N THR G 28 -32.39 -6.87 -78.42
CA THR G 28 -31.69 -7.14 -79.68
C THR G 28 -32.66 -7.31 -80.85
N SER G 29 -33.84 -7.88 -80.62
CA SER G 29 -34.87 -7.98 -81.64
C SER G 29 -36.22 -8.03 -80.95
N ALA G 30 -37.25 -7.56 -81.65
CA ALA G 30 -38.59 -7.61 -81.07
C ALA G 30 -39.04 -9.02 -80.74
N GLU G 31 -38.37 -10.03 -81.29
CA GLU G 31 -38.75 -11.43 -81.14
C GLU G 31 -37.95 -12.15 -80.07
N ASP G 32 -36.65 -11.88 -79.96
CA ASP G 32 -35.81 -12.59 -79.00
C ASP G 32 -36.08 -12.12 -77.58
N LEU G 33 -35.93 -13.05 -76.63
CA LEU G 33 -35.96 -12.74 -75.20
C LEU G 33 -34.52 -12.60 -74.72
N ASN G 34 -34.19 -11.43 -74.16
CA ASN G 34 -32.84 -11.07 -73.75
C ASN G 34 -32.69 -11.00 -72.24
N LEU G 35 -31.50 -11.38 -71.77
CA LEU G 35 -31.07 -11.13 -70.40
C LEU G 35 -29.86 -10.19 -70.43
N LEU G 36 -30.02 -8.99 -69.89
CA LEU G 36 -28.93 -8.03 -69.74
C LEU G 36 -28.43 -8.06 -68.30
N ILE G 37 -27.13 -8.33 -68.13
CA ILE G 37 -26.50 -8.39 -66.82
C ILE G 37 -25.52 -7.23 -66.69
N ALA G 38 -25.57 -6.57 -65.54
CA ALA G 38 -24.71 -5.44 -65.27
C ALA G 38 -23.73 -5.86 -64.19
N LYS G 39 -22.59 -6.41 -64.61
CA LYS G 39 -21.46 -6.46 -63.71
C LYS G 39 -20.81 -5.09 -63.81
N ASN G 40 -20.20 -4.65 -62.72
CA ASN G 40 -19.78 -3.26 -62.64
C ASN G 40 -18.95 -2.86 -63.86
N THR G 41 -19.39 -1.76 -64.50
CA THR G 41 -18.73 -1.16 -65.66
C THR G 41 -18.88 -1.99 -66.93
N ARG G 42 -19.44 -3.19 -66.82
CA ARG G 42 -19.57 -4.11 -67.95
C ARG G 42 -21.04 -4.40 -68.20
N LEU G 43 -21.46 -4.35 -69.47
CA LEU G 43 -22.81 -4.73 -69.84
C LEU G 43 -22.71 -6.03 -70.64
N GLU G 44 -23.38 -7.07 -70.16
CA GLU G 44 -23.40 -8.36 -70.83
C GLU G 44 -24.81 -8.57 -71.40
N ILE G 45 -24.86 -8.93 -72.69
CA ILE G 45 -26.12 -9.16 -73.39
C ILE G 45 -26.20 -10.64 -73.73
N TYR G 46 -27.27 -11.28 -73.30
CA TYR G 46 -27.52 -12.68 -73.58
C TYR G 46 -28.85 -12.81 -74.32
N VAL G 47 -29.05 -13.97 -74.95
CA VAL G 47 -30.33 -14.31 -75.56
C VAL G 47 -30.83 -15.58 -74.90
N VAL G 48 -32.07 -15.56 -74.43
CA VAL G 48 -32.63 -16.69 -73.70
C VAL G 48 -33.01 -17.77 -74.72
N THR G 49 -32.53 -18.98 -74.46
CA THR G 49 -32.84 -20.15 -75.26
C THR G 49 -33.43 -21.23 -74.36
N ALA G 50 -34.01 -22.27 -74.99
CA ALA G 50 -34.58 -23.35 -74.21
C ALA G 50 -33.53 -24.05 -73.36
N GLU G 51 -32.25 -23.93 -73.72
CA GLU G 51 -31.15 -24.58 -73.00
C GLU G 51 -30.55 -23.74 -71.89
N GLY G 52 -30.45 -22.43 -72.10
CA GLY G 52 -29.75 -21.56 -71.18
C GLY G 52 -29.53 -20.21 -71.82
N LEU G 53 -28.41 -19.57 -71.54
CA LEU G 53 -28.11 -18.26 -72.09
C LEU G 53 -27.10 -18.36 -73.23
N ARG G 54 -27.35 -17.64 -74.32
CA ARG G 54 -26.44 -17.51 -75.45
C ARG G 54 -25.84 -16.12 -75.50
N PRO G 55 -24.53 -15.95 -75.31
CA PRO G 55 -23.95 -14.60 -75.35
C PRO G 55 -24.04 -13.96 -76.73
N VAL G 56 -24.16 -12.64 -76.73
CA VAL G 56 -24.35 -11.89 -77.95
C VAL G 56 -23.33 -10.78 -78.11
N LYS G 57 -23.08 -10.05 -77.02
CA LYS G 57 -22.19 -8.90 -77.06
C LYS G 57 -21.87 -8.48 -75.64
N GLU G 58 -20.64 -8.06 -75.41
CA GLU G 58 -20.24 -7.46 -74.14
C GLU G 58 -19.55 -6.15 -74.46
N VAL G 59 -19.98 -5.08 -73.81
CA VAL G 59 -19.37 -3.77 -73.99
C VAL G 59 -18.94 -3.28 -72.62
N GLY G 60 -17.91 -2.45 -72.60
CA GLY G 60 -17.52 -1.73 -71.42
C GLY G 60 -18.06 -0.32 -71.49
N MET G 61 -18.30 0.26 -70.32
CA MET G 61 -18.73 1.64 -70.20
C MET G 61 -17.76 2.38 -69.29
N TYR G 62 -17.55 3.65 -69.59
CA TYR G 62 -16.67 4.52 -68.81
C TYR G 62 -17.44 5.13 -67.64
N GLY G 63 -17.89 4.23 -66.75
CA GLY G 63 -18.71 4.62 -65.62
C GLY G 63 -19.21 3.39 -64.86
N LYS G 64 -19.50 3.54 -63.56
CA LYS G 64 -20.17 2.46 -62.83
C LYS G 64 -21.66 2.48 -63.20
N ILE G 65 -22.21 1.32 -63.55
CA ILE G 65 -23.60 1.24 -64.00
C ILE G 65 -24.50 1.28 -62.76
N ALA G 66 -25.25 2.38 -62.60
CA ALA G 66 -26.13 2.57 -61.46
C ALA G 66 -27.57 2.18 -61.77
N VAL G 67 -28.12 2.69 -62.86
CA VAL G 67 -29.47 2.38 -63.28
C VAL G 67 -29.37 1.63 -64.61
N MET G 68 -30.17 0.57 -64.74
CA MET G 68 -30.23 -0.18 -65.99
C MET G 68 -31.68 -0.61 -66.16
N GLU G 69 -32.34 -0.08 -67.19
CA GLU G 69 -33.75 -0.30 -67.42
C GLU G 69 -34.01 -0.36 -68.91
N LEU G 70 -34.99 -1.18 -69.29
CA LEU G 70 -35.38 -1.35 -70.68
C LEU G 70 -36.78 -0.79 -70.91
N PHE G 71 -36.95 -0.02 -72.00
CA PHE G 71 -38.23 0.57 -72.32
C PHE G 71 -38.45 0.58 -73.83
N ARG G 72 -39.72 0.48 -74.22
CA ARG G 72 -40.15 0.55 -75.62
C ARG G 72 -41.13 1.69 -75.87
N PRO G 73 -40.66 2.85 -76.34
CA PRO G 73 -41.60 3.93 -76.67
C PRO G 73 -42.43 3.61 -77.91
N LYS G 74 -43.62 4.20 -77.97
CA LYS G 74 -44.50 3.97 -79.10
C LYS G 74 -43.80 4.32 -80.40
N GLY G 75 -43.89 3.42 -81.37
CA GLY G 75 -43.23 3.58 -82.65
C GLY G 75 -41.99 2.73 -82.82
N GLU G 76 -41.33 2.34 -81.73
CA GLU G 76 -40.12 1.55 -81.84
C GLU G 76 -40.48 0.09 -82.13
N SER G 77 -39.65 -0.55 -82.96
CA SER G 77 -39.86 -1.97 -83.25
C SER G 77 -39.45 -2.84 -82.08
N LYS G 78 -38.48 -2.37 -81.29
CA LYS G 78 -37.89 -3.18 -80.24
C LYS G 78 -37.44 -2.27 -79.10
N ASP G 79 -37.11 -2.89 -77.98
CA ASP G 79 -36.77 -2.17 -76.76
C ASP G 79 -35.48 -1.35 -76.91
N LEU G 80 -35.45 -0.24 -76.18
CA LEU G 80 -34.25 0.57 -75.98
C LEU G 80 -33.77 0.38 -74.54
N LEU G 81 -32.53 0.82 -74.29
CA LEU G 81 -31.86 0.63 -73.01
C LEU G 81 -31.49 1.97 -72.42
N PHE G 82 -31.89 2.20 -71.16
CA PHE G 82 -31.49 3.38 -70.41
C PHE G 82 -30.46 3.00 -69.37
N ILE G 83 -29.40 3.80 -69.27
CA ILE G 83 -28.35 3.60 -68.28
C ILE G 83 -27.93 4.94 -67.70
N LEU G 84 -27.74 4.97 -66.38
CA LEU G 84 -27.22 6.13 -65.66
C LEU G 84 -26.05 5.65 -64.82
N THR G 85 -24.91 6.33 -64.94
CA THR G 85 -23.73 5.87 -64.21
C THR G 85 -23.69 6.53 -62.83
N ALA G 86 -22.75 6.06 -62.00
CA ALA G 86 -22.61 6.61 -60.66
C ALA G 86 -22.15 8.06 -60.67
N LYS G 87 -21.50 8.51 -61.75
CA LYS G 87 -21.15 9.91 -61.94
C LYS G 87 -22.24 10.70 -62.65
N TYR G 88 -23.44 10.12 -62.79
CA TYR G 88 -24.62 10.80 -63.34
C TYR G 88 -24.52 10.98 -64.87
N ASN G 89 -23.83 10.08 -65.55
CA ASN G 89 -23.83 10.04 -67.01
C ASN G 89 -25.07 9.27 -67.48
N ALA G 90 -25.94 9.92 -68.25
CA ALA G 90 -27.13 9.30 -68.77
C ALA G 90 -27.01 9.06 -70.26
N CYS G 91 -27.66 8.00 -70.73
CA CYS G 91 -27.67 7.69 -72.15
C CYS G 91 -28.81 6.72 -72.45
N ILE G 92 -29.31 6.78 -73.67
CA ILE G 92 -30.27 5.82 -74.20
C ILE G 92 -29.60 5.10 -75.35
N LEU G 93 -29.63 3.77 -75.30
CA LEU G 93 -28.85 2.94 -76.21
C LEU G 93 -29.78 2.09 -77.05
N GLU G 94 -29.34 1.81 -78.28
CA GLU G 94 -30.05 0.95 -79.19
C GLU G 94 -29.09 -0.13 -79.66
N TYR G 95 -29.57 -1.36 -79.71
CA TYR G 95 -28.81 -2.46 -80.29
C TYR G 95 -29.03 -2.45 -81.80
N LYS G 96 -27.93 -2.37 -82.56
CA LYS G 96 -28.01 -2.40 -84.01
C LYS G 96 -26.93 -3.34 -84.56
N GLN G 97 -27.37 -4.32 -85.34
CA GLN G 97 -26.49 -5.32 -85.94
C GLN G 97 -26.78 -5.49 -87.43
N SER G 98 -25.75 -5.31 -88.26
CA SER G 98 -25.80 -5.56 -89.70
C SER G 98 -24.81 -6.68 -90.05
N GLY G 99 -25.32 -7.90 -90.22
CA GLY G 99 -24.47 -9.06 -90.47
C GLY G 99 -23.67 -9.41 -89.23
N GLU G 100 -22.35 -9.49 -89.36
CA GLU G 100 -21.50 -9.81 -88.21
C GLU G 100 -21.17 -8.60 -87.36
N SER G 101 -21.32 -7.39 -87.89
CA SER G 101 -20.95 -6.18 -87.18
C SER G 101 -22.03 -5.84 -86.15
N ILE G 102 -21.63 -5.78 -84.88
CA ILE G 102 -22.53 -5.42 -83.78
C ILE G 102 -22.13 -4.07 -83.24
N ASP G 103 -23.09 -3.18 -83.11
CA ASP G 103 -22.86 -1.84 -82.58
C ASP G 103 -23.93 -1.57 -81.53
N ILE G 104 -23.58 -0.74 -80.54
CA ILE G 104 -24.54 -0.21 -79.59
C ILE G 104 -24.59 1.28 -79.83
N ILE G 105 -25.71 1.75 -80.36
CA ILE G 105 -25.86 3.12 -80.82
C ILE G 105 -26.35 3.98 -79.66
N THR G 106 -25.73 5.15 -79.48
CA THR G 106 -26.14 6.11 -78.47
C THR G 106 -27.11 7.09 -79.12
N ARG G 107 -28.40 6.92 -78.83
CA ARG G 107 -29.42 7.78 -79.42
C ARG G 107 -29.60 9.08 -78.65
N ALA G 108 -29.33 9.07 -77.35
CA ALA G 108 -29.40 10.27 -76.53
C ALA G 108 -28.38 10.11 -75.42
N HIS G 109 -27.83 11.23 -74.96
CA HIS G 109 -26.85 11.16 -73.88
C HIS G 109 -26.75 12.54 -73.23
N GLY G 110 -26.33 12.53 -71.97
CA GLY G 110 -26.16 13.76 -71.23
C GLY G 110 -25.86 13.44 -69.78
N ASN G 111 -25.48 14.49 -69.05
CA ASN G 111 -25.17 14.40 -67.64
C ASN G 111 -26.26 15.12 -66.84
N VAL G 112 -26.80 14.44 -65.82
CA VAL G 112 -27.95 14.98 -65.09
C VAL G 112 -27.55 15.47 -63.70
N GLN G 113 -26.27 15.68 -63.43
CA GLN G 113 -25.88 16.17 -62.12
C GLN G 113 -26.39 17.59 -61.90
N ASP G 114 -26.93 17.84 -60.71
CA ASP G 114 -27.37 19.16 -60.31
C ASP G 114 -26.28 19.81 -59.46
N ARG G 115 -26.06 21.11 -59.67
CA ARG G 115 -24.96 21.79 -59.00
C ARG G 115 -25.12 21.75 -57.48
N ILE G 116 -26.35 21.92 -56.99
CA ILE G 116 -26.65 21.87 -55.57
C ILE G 116 -27.65 20.75 -55.32
N GLY G 117 -27.27 19.82 -54.47
CA GLY G 117 -28.17 18.76 -54.08
C GLY G 117 -27.53 17.94 -52.97
N ARG G 118 -28.38 17.27 -52.20
CA ARG G 118 -27.90 16.35 -51.18
C ARG G 118 -28.12 14.94 -51.70
N PRO G 119 -27.07 14.19 -52.02
CA PRO G 119 -27.26 12.79 -52.42
C PRO G 119 -28.11 12.05 -51.39
N SER G 120 -29.06 11.26 -51.88
CA SER G 120 -30.02 10.61 -51.01
C SER G 120 -29.39 9.41 -50.32
N GLU G 121 -30.00 9.01 -49.21
CA GLU G 121 -29.46 7.91 -48.42
C GLU G 121 -29.60 6.57 -49.13
N THR G 122 -30.78 6.29 -49.69
CA THR G 122 -31.03 4.99 -50.31
C THR G 122 -30.55 4.91 -51.76
N GLY G 123 -29.76 5.88 -52.20
CA GLY G 123 -29.06 5.78 -53.47
C GLY G 123 -29.88 6.19 -54.69
N ILE G 124 -29.18 6.23 -55.83
CA ILE G 124 -29.80 6.60 -57.09
C ILE G 124 -30.92 5.61 -57.39
N ILE G 125 -32.10 6.14 -57.75
CA ILE G 125 -33.22 5.32 -58.18
C ILE G 125 -33.61 5.79 -59.57
N GLY G 126 -33.82 4.84 -60.47
CA GLY G 126 -34.27 5.16 -61.81
C GLY G 126 -35.47 4.32 -62.16
N ILE G 127 -36.53 4.99 -62.63
CA ILE G 127 -37.78 4.33 -62.99
C ILE G 127 -38.28 4.95 -64.27
N ILE G 128 -39.07 4.19 -65.02
CA ILE G 128 -39.60 4.65 -66.30
C ILE G 128 -41.11 4.42 -66.33
N ASP G 129 -41.81 5.38 -66.89
CA ASP G 129 -43.27 5.35 -66.98
C ASP G 129 -43.75 4.15 -67.79
N PRO G 130 -44.89 3.56 -67.43
CA PRO G 130 -45.41 2.46 -68.25
C PRO G 130 -45.69 2.88 -69.68
N GLU G 131 -46.17 4.11 -69.89
CA GLU G 131 -46.41 4.65 -71.21
C GLU G 131 -45.14 5.16 -71.88
N CYS G 132 -43.98 5.08 -71.21
CA CYS G 132 -42.72 5.55 -71.76
C CYS G 132 -42.79 7.05 -72.08
N ARG G 133 -43.49 7.78 -71.21
CA ARG G 133 -43.62 9.22 -71.32
C ARG G 133 -42.44 9.97 -70.73
N MET G 134 -41.84 9.43 -69.67
CA MET G 134 -40.79 10.14 -68.97
C MET G 134 -39.92 9.13 -68.22
N ILE G 135 -38.73 9.57 -67.86
CA ILE G 135 -37.84 8.82 -66.97
C ILE G 135 -37.81 9.56 -65.64
N GLY G 136 -38.04 8.84 -64.55
CA GLY G 136 -37.94 9.42 -63.21
C GLY G 136 -36.61 9.06 -62.57
N LEU G 137 -35.99 10.05 -61.92
CA LEU G 137 -34.74 9.85 -61.21
C LEU G 137 -34.85 10.47 -59.83
N ARG G 138 -34.49 9.70 -58.80
CA ARG G 138 -34.38 10.21 -57.43
C ARG G 138 -32.88 10.27 -57.14
N LEU G 139 -32.28 11.44 -57.37
CA LEU G 139 -30.85 11.64 -57.17
C LEU G 139 -30.52 12.36 -55.87
N TYR G 140 -31.37 13.29 -55.45
CA TYR G 140 -31.12 14.10 -54.27
C TYR G 140 -32.35 14.12 -53.39
N ASP G 141 -32.11 14.19 -52.08
CA ASP G 141 -33.19 14.34 -51.13
C ASP G 141 -34.02 15.57 -51.49
N GLY G 142 -35.34 15.44 -51.39
CA GLY G 142 -36.19 16.58 -51.63
C GLY G 142 -36.33 16.97 -53.07
N LEU G 143 -35.80 16.18 -53.99
CA LEU G 143 -35.91 16.48 -55.41
C LEU G 143 -36.23 15.24 -56.22
N PHE G 144 -37.06 15.45 -57.23
CA PHE G 144 -37.45 14.43 -58.20
C PHE G 144 -37.17 15.00 -59.57
N LYS G 145 -36.31 14.33 -60.34
CA LYS G 145 -35.89 14.81 -61.65
C LYS G 145 -36.66 14.06 -62.73
N VAL G 146 -37.15 14.80 -63.73
CA VAL G 146 -37.93 14.22 -64.83
C VAL G 146 -37.21 14.52 -66.15
N ILE G 147 -36.88 13.47 -66.88
CA ILE G 147 -36.42 13.57 -68.26
C ILE G 147 -37.60 13.20 -69.17
N PRO G 148 -38.24 14.16 -69.83
CA PRO G 148 -39.35 13.79 -70.72
C PRO G 148 -38.86 13.04 -71.94
N LEU G 149 -39.56 11.95 -72.27
CA LEU G 149 -39.18 11.10 -73.39
C LEU G 149 -39.81 11.60 -74.69
N ASP G 150 -39.29 12.74 -75.15
CA ASP G 150 -39.66 13.28 -76.46
C ASP G 150 -38.63 12.76 -77.47
N ARG G 151 -39.09 12.46 -78.69
CA ARG G 151 -38.18 11.90 -79.69
C ARG G 151 -36.98 12.80 -79.93
N ASP G 152 -37.13 14.11 -79.74
CA ASP G 152 -36.05 15.05 -80.02
C ASP G 152 -35.11 15.26 -78.84
N ASN G 153 -35.44 14.77 -77.65
CA ASN G 153 -34.64 15.03 -76.45
C ASN G 153 -33.37 14.17 -76.45
N LYS G 154 -32.51 14.42 -77.44
CA LYS G 154 -31.27 13.68 -77.60
C LYS G 154 -30.19 14.14 -76.63
N GLU G 155 -30.33 15.30 -76.00
CA GLU G 155 -29.41 15.72 -74.95
C GLU G 155 -29.91 15.35 -73.56
N LEU G 156 -31.09 14.74 -73.46
CA LEU G 156 -31.66 14.32 -72.17
C LEU G 156 -31.77 15.50 -71.21
N LYS G 157 -32.31 16.61 -71.70
CA LYS G 157 -32.57 17.75 -70.83
C LYS G 157 -33.65 17.38 -69.83
N ALA G 158 -33.54 17.94 -68.62
CA ALA G 158 -34.42 17.51 -67.55
C ALA G 158 -34.68 18.66 -66.59
N PHE G 159 -35.77 18.52 -65.83
CA PHE G 159 -36.19 19.49 -64.84
C PHE G 159 -36.45 18.76 -63.53
N ASN G 160 -36.37 19.50 -62.43
CA ASN G 160 -36.61 18.93 -61.10
C ASN G 160 -37.96 19.41 -60.57
N ILE G 161 -38.68 18.49 -59.93
CA ILE G 161 -39.91 18.79 -59.21
C ILE G 161 -39.59 18.69 -57.72
N ARG G 162 -40.00 19.69 -56.96
CA ARG G 162 -39.74 19.67 -55.52
C ARG G 162 -40.48 18.50 -54.87
N LEU G 163 -39.79 17.80 -54.00
CA LEU G 163 -40.36 16.64 -53.31
C LEU G 163 -40.45 17.04 -51.84
N GLU G 164 -41.68 17.16 -51.35
CA GLU G 164 -41.90 17.59 -49.97
C GLU G 164 -41.26 16.61 -49.00
N GLU G 165 -41.40 15.32 -49.27
CA GLU G 165 -40.88 14.26 -48.41
C GLU G 165 -39.39 14.11 -48.69
N LEU G 166 -38.57 14.58 -47.75
CA LEU G 166 -37.14 14.68 -48.04
C LEU G 166 -36.47 13.32 -48.07
N HIS G 167 -36.87 12.43 -47.17
CA HIS G 167 -36.24 11.12 -47.01
C HIS G 167 -37.15 10.08 -47.64
N VAL G 168 -36.86 9.76 -48.90
CA VAL G 168 -37.60 8.78 -49.68
C VAL G 168 -36.83 7.47 -49.67
N ILE G 169 -37.56 6.38 -49.47
CA ILE G 169 -36.94 5.06 -49.37
C ILE G 169 -36.86 4.39 -50.73
N ASP G 170 -38.01 4.26 -51.39
CA ASP G 170 -38.05 3.63 -52.70
C ASP G 170 -39.26 4.22 -53.43
N VAL G 171 -39.17 4.25 -54.75
CA VAL G 171 -40.20 4.85 -55.59
C VAL G 171 -40.38 4.00 -56.83
N LYS G 172 -41.62 3.94 -57.29
CA LYS G 172 -42.00 3.20 -58.49
C LYS G 172 -43.07 3.98 -59.24
N PHE G 173 -43.12 3.76 -60.55
CA PHE G 173 -44.21 4.25 -61.38
C PHE G 173 -45.35 3.23 -61.34
N LEU G 174 -46.56 3.70 -61.06
CA LEU G 174 -47.68 2.79 -60.92
C LEU G 174 -48.31 2.52 -62.29
N TYR G 175 -48.80 1.29 -62.46
CA TYR G 175 -49.53 0.90 -63.65
C TYR G 175 -51.01 1.25 -63.48
N GLY G 176 -51.72 1.32 -64.60
CA GLY G 176 -53.17 1.43 -64.49
C GLY G 176 -53.67 2.77 -63.99
N CYS G 177 -53.04 3.85 -64.44
CA CYS G 177 -53.43 5.20 -64.03
C CYS G 177 -53.87 6.08 -65.18
N GLN G 178 -54.81 6.97 -64.87
CA GLN G 178 -55.30 7.93 -65.86
C GLN G 178 -54.19 8.88 -66.31
N ALA G 179 -53.32 9.27 -65.39
CA ALA G 179 -52.13 10.08 -65.64
C ALA G 179 -50.88 9.36 -65.13
N PRO G 180 -49.69 9.75 -65.62
CA PRO G 180 -48.44 9.19 -65.04
C PRO G 180 -48.36 9.46 -63.53
N THR G 181 -48.20 8.38 -62.76
CA THR G 181 -48.26 8.45 -61.30
C THR G 181 -47.12 7.70 -60.63
N ILE G 182 -46.58 8.28 -59.55
CA ILE G 182 -45.55 7.64 -58.74
C ILE G 182 -46.12 7.26 -57.37
N CYS G 183 -45.69 6.11 -56.86
CA CYS G 183 -46.00 5.65 -55.50
C CYS G 183 -44.69 5.40 -54.78
N PHE G 184 -44.53 6.02 -53.60
CA PHE G 184 -43.26 5.90 -52.89
C PHE G 184 -43.49 5.74 -51.39
N VAL G 185 -42.55 5.08 -50.73
CA VAL G 185 -42.49 5.03 -49.27
C VAL G 185 -41.42 6.01 -48.79
N TYR G 186 -41.80 6.89 -47.86
CA TYR G 186 -40.89 7.88 -47.32
C TYR G 186 -40.93 7.79 -45.82
N GLN G 187 -39.89 8.31 -45.18
CA GLN G 187 -39.77 8.27 -43.73
C GLN G 187 -39.67 9.69 -43.18
N ASP G 188 -40.42 9.94 -42.12
CA ASP G 188 -40.38 11.18 -41.36
C ASP G 188 -40.41 10.81 -39.88
N PRO G 189 -40.38 11.79 -38.98
CA PRO G 189 -40.36 11.46 -37.54
C PRO G 189 -41.58 10.71 -37.05
N GLN G 190 -42.67 10.67 -37.82
CA GLN G 190 -43.89 9.99 -37.39
C GLN G 190 -43.95 8.53 -37.84
N GLY G 191 -42.84 8.01 -38.36
CA GLY G 191 -42.80 6.66 -38.89
C GLY G 191 -42.57 6.65 -40.38
N ARG G 192 -43.04 5.62 -41.07
CA ARG G 192 -42.96 5.54 -42.53
C ARG G 192 -44.36 5.51 -43.11
N HIS G 193 -44.46 6.07 -44.30
CA HIS G 193 -45.74 6.24 -44.98
C HIS G 193 -45.60 5.98 -46.47
N VAL G 194 -46.71 5.57 -47.08
CA VAL G 194 -46.82 5.43 -48.53
C VAL G 194 -47.72 6.56 -49.03
N LYS G 195 -47.30 7.22 -50.10
CA LYS G 195 -47.98 8.38 -50.67
C LYS G 195 -47.91 8.27 -52.18
N THR G 196 -48.81 8.99 -52.85
CA THR G 196 -48.81 9.02 -54.31
C THR G 196 -48.84 10.46 -54.80
N TYR G 197 -48.23 10.68 -55.95
CA TYR G 197 -48.33 11.95 -56.66
C TYR G 197 -48.60 11.67 -58.13
N GLU G 198 -49.13 12.68 -58.83
CA GLU G 198 -49.24 12.66 -60.28
C GLU G 198 -48.20 13.61 -60.84
N VAL G 199 -47.62 13.26 -61.99
CA VAL G 199 -46.56 14.03 -62.61
C VAL G 199 -47.13 14.69 -63.85
N SER G 200 -47.01 16.02 -63.91
CA SER G 200 -47.50 16.80 -65.05
C SER G 200 -46.26 17.29 -65.79
N LEU G 201 -46.04 16.74 -66.99
CA LEU G 201 -44.96 17.25 -67.83
C LEU G 201 -45.25 18.66 -68.31
N ARG G 202 -46.53 18.98 -68.53
CA ARG G 202 -46.91 20.32 -68.99
C ARG G 202 -46.68 21.36 -67.91
N GLU G 203 -47.14 21.10 -66.69
CA GLU G 203 -47.01 22.03 -65.58
C GLU G 203 -45.67 21.92 -64.88
N LYS G 204 -44.91 20.85 -65.13
CA LYS G 204 -43.63 20.63 -64.46
C LYS G 204 -43.78 20.68 -62.94
N GLU G 205 -44.75 19.93 -62.42
CA GLU G 205 -44.96 19.85 -60.99
C GLU G 205 -45.83 18.64 -60.69
N PHE G 206 -45.93 18.32 -59.40
CA PHE G 206 -46.81 17.26 -58.93
C PHE G 206 -48.23 17.79 -58.74
N ASN G 207 -49.20 16.90 -58.95
CA ASN G 207 -50.59 17.13 -58.58
C ASN G 207 -51.00 16.07 -57.57
N LYS G 208 -52.07 16.35 -56.82
CA LYS G 208 -52.51 15.41 -55.80
C LYS G 208 -52.62 14.01 -56.38
N GLY G 209 -52.15 13.02 -55.62
CA GLY G 209 -52.04 11.68 -56.13
C GLY G 209 -53.35 10.93 -56.02
N PRO G 210 -53.45 9.79 -56.73
CA PRO G 210 -54.75 9.10 -56.81
C PRO G 210 -55.27 8.60 -55.48
N TRP G 211 -54.42 8.15 -54.55
CA TRP G 211 -54.97 7.72 -53.27
C TRP G 211 -54.14 8.18 -52.08
N LYS G 212 -54.83 8.22 -50.95
CA LYS G 212 -54.36 8.84 -49.73
C LYS G 212 -53.15 8.08 -49.18
N GLN G 213 -52.54 8.69 -48.17
CA GLN G 213 -51.44 8.03 -47.49
C GLN G 213 -51.95 6.92 -46.58
N GLU G 214 -51.06 5.97 -46.33
CA GLU G 214 -51.22 4.94 -45.32
C GLU G 214 -49.93 4.86 -44.50
N ASN G 215 -50.08 4.54 -43.22
CA ASN G 215 -48.92 4.28 -42.37
C ASN G 215 -48.45 2.84 -42.62
N VAL G 216 -47.16 2.67 -42.84
CA VAL G 216 -46.62 1.38 -43.26
C VAL G 216 -45.62 0.91 -42.20
N GLU G 217 -45.14 -0.31 -42.40
CA GLU G 217 -44.17 -0.91 -41.49
C GLU G 217 -42.96 0.01 -41.32
N ALA G 218 -42.43 0.04 -40.09
CA ALA G 218 -41.31 0.92 -39.79
C ALA G 218 -40.13 0.65 -40.69
N GLU G 219 -39.97 -0.61 -41.11
CA GLU G 219 -38.88 -1.01 -41.97
C GLU G 219 -39.36 -1.34 -43.39
N ALA G 220 -40.42 -0.70 -43.84
CA ALA G 220 -40.85 -0.87 -45.22
C ALA G 220 -39.69 -0.54 -46.15
N SER G 221 -39.30 -1.48 -47.01
CA SER G 221 -38.06 -1.37 -47.75
C SER G 221 -38.25 -1.14 -49.24
N MET G 222 -39.12 -1.89 -49.89
CA MET G 222 -39.24 -1.86 -51.34
C MET G 222 -40.70 -1.67 -51.75
N VAL G 223 -40.88 -0.98 -52.87
CA VAL G 223 -42.20 -0.76 -53.45
C VAL G 223 -42.24 -1.59 -54.73
N ILE G 224 -43.25 -2.44 -54.85
CA ILE G 224 -43.47 -3.26 -56.04
C ILE G 224 -44.71 -2.70 -56.72
N ALA G 225 -44.55 -2.21 -57.94
CA ALA G 225 -45.70 -1.82 -58.75
C ALA G 225 -46.38 -3.07 -59.30
N VAL G 226 -47.70 -3.15 -59.16
CA VAL G 226 -48.44 -4.33 -59.60
C VAL G 226 -49.15 -4.04 -60.92
N PRO G 227 -49.14 -4.98 -61.86
CA PRO G 227 -49.65 -4.70 -63.21
C PRO G 227 -51.14 -4.44 -63.21
N GLU G 228 -51.61 -3.98 -64.37
CA GLU G 228 -52.96 -3.42 -64.45
C GLU G 228 -54.08 -4.35 -64.01
N PRO G 229 -54.04 -5.67 -64.29
CA PRO G 229 -55.13 -6.54 -63.81
C PRO G 229 -55.54 -6.26 -62.37
N PHE G 230 -54.55 -6.19 -61.47
CA PHE G 230 -54.79 -5.83 -60.08
C PHE G 230 -54.52 -4.35 -59.84
N GLY G 231 -53.41 -3.85 -60.37
CA GLY G 231 -53.04 -2.46 -60.21
C GLY G 231 -52.59 -2.18 -58.79
N GLY G 232 -52.09 -0.98 -58.56
CA GLY G 232 -51.68 -0.62 -57.22
C GLY G 232 -50.26 -1.09 -56.94
N ALA G 233 -49.95 -1.20 -55.66
CA ALA G 233 -48.60 -1.56 -55.27
C ALA G 233 -48.59 -2.48 -54.06
N ILE G 234 -47.50 -3.24 -53.95
CA ILE G 234 -47.18 -4.08 -52.81
C ILE G 234 -45.94 -3.50 -52.14
N ILE G 235 -45.97 -3.38 -50.82
CA ILE G 235 -44.87 -2.81 -50.05
C ILE G 235 -44.29 -3.90 -49.15
N ILE G 236 -42.98 -4.15 -49.33
CA ILE G 236 -42.28 -5.23 -48.64
C ILE G 236 -41.53 -4.63 -47.46
N GLY G 237 -41.66 -5.28 -46.31
CA GLY G 237 -40.91 -4.86 -45.14
C GLY G 237 -40.07 -5.98 -44.54
N GLN G 238 -39.84 -5.92 -43.22
CA GLN G 238 -39.15 -6.98 -42.50
C GLN G 238 -40.13 -8.01 -41.95
N GLU G 239 -41.30 -7.57 -41.49
CA GLU G 239 -42.28 -8.47 -40.90
C GLU G 239 -43.54 -8.62 -41.72
N SER G 240 -43.88 -7.64 -42.57
CA SER G 240 -45.17 -7.65 -43.22
C SER G 240 -45.05 -7.26 -44.68
N ILE G 241 -45.99 -7.77 -45.48
CA ILE G 241 -46.19 -7.40 -46.88
C ILE G 241 -47.59 -6.81 -46.99
N THR G 242 -47.69 -5.62 -47.58
CA THR G 242 -48.94 -4.90 -47.67
C THR G 242 -49.19 -4.46 -49.11
N TYR G 243 -50.46 -4.55 -49.51
CA TYR G 243 -50.92 -4.14 -50.83
C TYR G 243 -51.86 -2.94 -50.66
N HIS G 244 -51.56 -1.87 -51.38
CA HIS G 244 -52.32 -0.63 -51.26
C HIS G 244 -52.84 -0.21 -52.62
N ASN G 245 -54.16 -0.03 -52.75
CA ASN G 245 -54.70 0.56 -53.97
C ASN G 245 -56.03 1.25 -53.68
N GLY G 246 -55.99 2.57 -53.56
CA GLY G 246 -57.19 3.33 -53.26
C GLY G 246 -57.75 2.88 -51.93
N ASP G 247 -58.94 2.29 -51.97
CA ASP G 247 -59.57 1.85 -50.73
C ASP G 247 -59.00 0.52 -50.24
N LYS G 248 -58.54 -0.33 -51.15
CA LYS G 248 -58.06 -1.66 -50.78
C LYS G 248 -56.79 -1.57 -49.93
N TYR G 249 -56.76 -2.37 -48.85
CA TYR G 249 -55.60 -2.51 -47.98
C TYR G 249 -55.52 -3.97 -47.59
N LEU G 250 -54.38 -4.60 -47.86
CA LEU G 250 -54.13 -5.98 -47.47
C LEU G 250 -52.83 -6.04 -46.70
N ALA G 251 -52.78 -6.96 -45.74
CA ALA G 251 -51.60 -7.10 -44.89
C ALA G 251 -51.47 -8.57 -44.50
N ILE G 252 -50.45 -9.23 -45.03
CA ILE G 252 -50.06 -10.57 -44.62
C ILE G 252 -48.71 -10.42 -43.94
N ALA G 253 -48.57 -11.05 -42.76
CA ALA G 253 -47.38 -10.91 -41.93
C ALA G 253 -46.90 -12.29 -41.49
N PRO G 254 -46.45 -13.11 -42.44
CA PRO G 254 -46.04 -14.48 -42.09
C PRO G 254 -44.76 -14.47 -41.27
N PRO G 255 -44.68 -15.31 -40.23
CA PRO G 255 -43.52 -15.24 -39.34
C PRO G 255 -42.21 -15.57 -40.04
N ILE G 256 -42.29 -16.24 -41.19
CA ILE G 256 -41.08 -16.82 -41.79
C ILE G 256 -40.19 -15.75 -42.38
N ILE G 257 -40.78 -14.70 -42.98
CA ILE G 257 -39.94 -13.68 -43.60
C ILE G 257 -39.23 -12.85 -42.55
N LYS G 258 -39.75 -12.82 -41.32
CA LYS G 258 -39.11 -12.08 -40.24
C LYS G 258 -37.69 -12.59 -39.97
N GLN G 259 -37.43 -13.85 -40.29
CA GLN G 259 -36.15 -14.46 -39.95
C GLN G 259 -34.98 -13.81 -40.68
N SER G 260 -35.18 -13.38 -41.92
CA SER G 260 -34.12 -12.79 -42.73
C SER G 260 -34.74 -11.74 -43.64
N THR G 261 -34.05 -10.61 -43.77
CA THR G 261 -34.54 -9.48 -44.54
C THR G 261 -34.73 -9.84 -46.01
N ILE G 262 -35.84 -9.38 -46.59
CA ILE G 262 -36.11 -9.54 -48.02
C ILE G 262 -35.47 -8.38 -48.75
N VAL G 263 -34.65 -8.69 -49.77
CA VAL G 263 -33.84 -7.66 -50.40
C VAL G 263 -34.10 -7.51 -51.89
N CYS G 264 -34.58 -8.56 -52.55
CA CYS G 264 -34.77 -8.52 -53.99
C CYS G 264 -36.14 -9.08 -54.34
N HIS G 265 -36.64 -8.66 -55.49
CA HIS G 265 -37.96 -9.07 -55.96
C HIS G 265 -37.96 -9.11 -57.49
N ASN G 266 -38.81 -9.96 -58.03
CA ASN G 266 -39.03 -10.03 -59.47
C ASN G 266 -40.46 -10.48 -59.75
N ARG G 267 -40.96 -10.09 -60.91
CA ARG G 267 -42.32 -10.44 -61.32
C ARG G 267 -42.26 -11.68 -62.21
N VAL G 268 -42.88 -12.76 -61.73
CA VAL G 268 -42.88 -14.00 -62.52
C VAL G 268 -43.95 -13.94 -63.61
N ASP G 269 -45.19 -13.59 -63.23
CA ASP G 269 -46.33 -13.63 -64.15
C ASP G 269 -46.66 -12.23 -64.61
N PRO G 270 -46.79 -11.99 -65.91
CA PRO G 270 -47.15 -10.64 -66.36
C PRO G 270 -48.48 -10.16 -65.80
N ASN G 271 -49.46 -11.05 -65.63
CA ASN G 271 -50.73 -10.60 -65.07
C ASN G 271 -50.57 -10.10 -63.65
N GLY G 272 -49.42 -10.35 -63.01
CA GLY G 272 -49.17 -9.87 -61.68
C GLY G 272 -49.62 -10.81 -60.58
N SER G 273 -49.94 -12.06 -60.91
CA SER G 273 -50.41 -13.00 -59.90
C SER G 273 -49.27 -13.48 -59.00
N ARG G 274 -48.08 -13.70 -59.58
CA ARG G 274 -46.95 -14.30 -58.89
C ARG G 274 -45.69 -13.44 -58.99
N TYR G 275 -45.02 -13.28 -57.84
CA TYR G 275 -43.77 -12.52 -57.71
C TYR G 275 -42.75 -13.37 -56.97
N LEU G 276 -41.45 -13.12 -57.22
CA LEU G 276 -40.37 -13.86 -56.57
C LEU G 276 -39.66 -12.96 -55.57
N LEU G 277 -39.35 -13.50 -54.38
CA LEU G 277 -38.73 -12.72 -53.31
C LEU G 277 -37.51 -13.44 -52.74
N GLY G 278 -36.45 -12.68 -52.50
CA GLY G 278 -35.23 -13.24 -51.95
C GLY G 278 -34.76 -12.51 -50.70
N ASP G 279 -33.99 -13.23 -49.87
CA ASP G 279 -33.55 -12.71 -48.58
C ASP G 279 -32.05 -12.90 -48.35
N MET G 280 -31.57 -12.32 -47.24
CA MET G 280 -30.15 -12.27 -46.95
C MET G 280 -29.57 -13.62 -46.58
N GLU G 281 -30.38 -14.56 -46.08
CA GLU G 281 -29.91 -15.91 -45.82
C GLU G 281 -29.99 -16.81 -47.05
N GLY G 282 -30.25 -16.24 -48.22
CA GLY G 282 -30.25 -16.99 -49.47
C GLY G 282 -31.51 -17.73 -49.81
N ARG G 283 -32.59 -17.52 -49.07
CA ARG G 283 -33.87 -18.18 -49.30
C ARG G 283 -34.62 -17.51 -50.44
N LEU G 284 -35.45 -18.30 -51.13
CA LEU G 284 -36.25 -17.83 -52.25
C LEU G 284 -37.71 -18.11 -52.00
N PHE G 285 -38.53 -17.06 -52.09
CA PHE G 285 -39.97 -17.15 -51.84
C PHE G 285 -40.78 -16.81 -53.09
N MET G 286 -42.01 -17.30 -53.12
CA MET G 286 -43.01 -16.95 -54.11
C MET G 286 -44.12 -16.15 -53.43
N LEU G 287 -44.40 -14.96 -53.96
CA LEU G 287 -45.51 -14.13 -53.50
C LEU G 287 -46.67 -14.29 -54.46
N LEU G 288 -47.79 -14.83 -53.96
CA LEU G 288 -48.94 -15.12 -54.79
C LEU G 288 -50.08 -14.16 -54.44
N LEU G 289 -50.65 -13.54 -55.46
CA LEU G 289 -51.74 -12.58 -55.32
C LEU G 289 -53.03 -13.27 -55.72
N GLU G 290 -53.94 -13.45 -54.76
CA GLU G 290 -55.21 -14.09 -55.08
C GLU G 290 -56.14 -13.11 -55.77
N LYS G 291 -56.85 -13.62 -56.77
CA LYS G 291 -57.68 -12.83 -57.67
C LYS G 291 -59.15 -13.03 -57.36
N GLU G 292 -59.92 -11.94 -57.48
CA GLU G 292 -61.37 -11.99 -57.38
C GLU G 292 -61.82 -11.57 -58.77
N GLU G 293 -61.67 -12.49 -59.73
CA GLU G 293 -62.10 -12.22 -61.10
C GLU G 293 -63.63 -12.22 -61.18
N GLN G 294 -64.17 -11.23 -61.88
CA GLN G 294 -65.61 -11.06 -61.99
C GLN G 294 -66.07 -11.01 -63.45
N MET G 295 -67.38 -11.23 -63.63
CA MET G 295 -67.99 -10.97 -64.93
C MET G 295 -67.96 -9.48 -65.24
N ASP G 296 -68.02 -8.64 -64.20
CA ASP G 296 -67.81 -7.21 -64.37
C ASP G 296 -66.43 -6.95 -64.94
N GLY G 297 -65.51 -7.90 -64.77
CA GLY G 297 -64.16 -7.76 -65.23
C GLY G 297 -63.22 -7.02 -64.32
N THR G 298 -63.73 -6.32 -63.31
CA THR G 298 -62.86 -5.64 -62.38
C THR G 298 -62.38 -6.66 -61.35
N VAL G 299 -61.08 -6.66 -61.08
CA VAL G 299 -60.46 -7.67 -60.22
C VAL G 299 -59.91 -6.97 -58.99
N THR G 300 -60.22 -7.52 -57.82
CA THR G 300 -59.71 -7.03 -56.56
C THR G 300 -58.87 -8.15 -55.96
N LEU G 301 -57.89 -7.77 -55.15
CA LEU G 301 -57.03 -8.76 -54.54
C LEU G 301 -57.76 -9.36 -53.35
N LYS G 302 -57.97 -10.69 -53.35
CA LYS G 302 -58.68 -11.29 -52.24
C LYS G 302 -57.74 -11.49 -51.07
N ASP G 303 -56.53 -11.99 -51.34
CA ASP G 303 -55.55 -12.22 -50.30
C ASP G 303 -54.18 -12.36 -50.94
N LEU G 304 -53.17 -12.30 -50.09
CA LEU G 304 -51.76 -12.47 -50.46
C LEU G 304 -51.21 -13.68 -49.72
N ARG G 305 -50.25 -14.35 -50.35
CA ARG G 305 -49.70 -15.57 -49.78
C ARG G 305 -48.21 -15.63 -50.09
N VAL G 306 -47.47 -16.22 -49.16
CA VAL G 306 -46.03 -16.38 -49.29
C VAL G 306 -45.67 -17.86 -49.09
N GLU G 307 -44.91 -18.40 -50.04
CA GLU G 307 -44.48 -19.80 -50.01
C GLU G 307 -42.98 -19.89 -50.22
N LEU G 308 -42.30 -20.67 -49.38
CA LEU G 308 -40.86 -20.87 -49.51
C LEU G 308 -40.57 -21.92 -50.57
N LEU G 309 -39.67 -21.59 -51.51
CA LEU G 309 -39.27 -22.52 -52.56
C LEU G 309 -38.00 -23.30 -52.24
N GLY G 310 -37.00 -22.62 -51.68
CA GLY G 310 -35.73 -23.25 -51.38
C GLY G 310 -34.63 -22.24 -51.12
N GLU G 311 -33.41 -22.56 -51.55
CA GLU G 311 -32.26 -21.68 -51.35
C GLU G 311 -31.54 -21.43 -52.68
N THR G 312 -31.05 -20.20 -52.85
CA THR G 312 -30.16 -19.86 -53.95
C THR G 312 -28.90 -19.25 -53.32
N SER G 313 -27.95 -18.85 -54.15
CA SER G 313 -26.88 -18.00 -53.64
C SER G 313 -27.49 -16.66 -53.20
N ILE G 314 -26.93 -16.08 -52.15
CA ILE G 314 -27.46 -14.82 -51.63
C ILE G 314 -27.58 -13.88 -52.82
N ALA G 315 -28.80 -13.45 -53.12
CA ALA G 315 -29.10 -12.82 -54.40
C ALA G 315 -29.16 -11.30 -54.25
N GLU G 316 -28.39 -10.61 -55.07
CA GLU G 316 -28.56 -9.17 -55.21
C GLU G 316 -29.82 -8.84 -56.01
N CYS G 317 -30.04 -9.57 -57.11
CA CYS G 317 -31.16 -9.37 -58.01
C CYS G 317 -31.62 -10.74 -58.50
N LEU G 318 -32.90 -10.82 -58.83
CA LEU G 318 -33.49 -12.03 -59.37
C LEU G 318 -34.26 -11.66 -60.63
N THR G 319 -34.15 -12.48 -61.67
CA THR G 319 -34.99 -12.25 -62.84
C THR G 319 -35.47 -13.60 -63.35
N TYR G 320 -36.77 -13.68 -63.67
CA TYR G 320 -37.38 -14.92 -64.13
C TYR G 320 -37.28 -14.94 -65.65
N LEU G 321 -36.83 -16.05 -66.20
CA LEU G 321 -36.79 -16.26 -67.64
C LEU G 321 -37.93 -17.20 -68.02
N ASP G 322 -37.91 -17.70 -69.25
CA ASP G 322 -39.03 -18.50 -69.71
C ASP G 322 -38.83 -19.95 -69.32
N ASN G 323 -39.93 -20.67 -69.15
CA ASN G 323 -39.92 -22.10 -68.86
C ASN G 323 -39.37 -22.43 -67.47
N GLY G 324 -39.74 -21.63 -66.48
CA GLY G 324 -39.39 -21.94 -65.10
C GLY G 324 -37.94 -21.74 -64.72
N VAL G 325 -37.13 -21.16 -65.59
CA VAL G 325 -35.73 -20.87 -65.30
C VAL G 325 -35.60 -19.48 -64.69
N VAL G 326 -34.81 -19.38 -63.63
CA VAL G 326 -34.56 -18.11 -62.96
C VAL G 326 -33.06 -17.85 -62.94
N PHE G 327 -32.67 -16.63 -63.31
CA PHE G 327 -31.28 -16.20 -63.18
C PHE G 327 -31.11 -15.48 -61.85
N VAL G 328 -30.20 -15.98 -61.02
CA VAL G 328 -29.91 -15.42 -59.70
C VAL G 328 -28.61 -14.61 -59.80
N GLY G 329 -28.68 -13.29 -59.66
CA GLY G 329 -27.53 -12.43 -59.70
C GLY G 329 -27.03 -12.11 -58.31
N SER G 330 -25.84 -12.57 -58.01
CA SER G 330 -25.27 -12.48 -56.68
C SER G 330 -23.95 -11.69 -56.68
N ARG G 331 -23.83 -10.80 -55.69
CA ARG G 331 -22.63 -10.00 -55.45
C ARG G 331 -21.79 -10.55 -54.32
N LEU G 332 -22.36 -11.41 -53.48
CA LEU G 332 -21.70 -12.02 -52.33
C LEU G 332 -21.31 -13.48 -52.56
N GLY G 333 -21.68 -14.06 -53.69
CA GLY G 333 -21.39 -15.44 -53.98
C GLY G 333 -21.57 -15.70 -55.46
N ASP G 334 -21.49 -16.97 -55.83
CA ASP G 334 -21.60 -17.32 -57.24
C ASP G 334 -22.99 -17.05 -57.77
N SER G 335 -23.06 -16.44 -58.96
CA SER G 335 -24.32 -16.30 -59.67
C SER G 335 -24.68 -17.60 -60.37
N GLN G 336 -25.97 -17.80 -60.57
CA GLN G 336 -26.44 -19.10 -61.04
C GLN G 336 -27.73 -18.97 -61.86
N LEU G 337 -28.00 -20.03 -62.61
CA LEU G 337 -29.30 -20.29 -63.23
C LEU G 337 -29.94 -21.46 -62.49
N VAL G 338 -31.19 -21.28 -62.07
CA VAL G 338 -31.87 -22.31 -61.29
C VAL G 338 -33.16 -22.71 -61.99
N LYS G 339 -33.57 -23.96 -61.74
CA LYS G 339 -34.83 -24.50 -62.26
C LYS G 339 -35.84 -24.48 -61.12
N LEU G 340 -37.00 -23.90 -61.38
CA LEU G 340 -38.12 -23.91 -60.44
C LEU G 340 -39.08 -25.03 -60.84
N ASN G 341 -39.27 -25.98 -59.94
CA ASN G 341 -40.09 -27.15 -60.22
C ASN G 341 -41.42 -27.12 -59.50
N VAL G 342 -42.41 -27.72 -60.13
CA VAL G 342 -43.71 -27.94 -59.50
C VAL G 342 -43.58 -28.98 -58.41
N ASP G 343 -42.70 -29.96 -58.60
CA ASP G 343 -42.46 -31.03 -57.65
C ASP G 343 -41.32 -30.69 -56.70
N SER G 344 -41.50 -31.00 -55.42
CA SER G 344 -40.44 -30.86 -54.44
C SER G 344 -39.45 -32.01 -54.58
N ASN G 345 -38.21 -31.76 -54.16
CA ASN G 345 -37.18 -32.80 -54.21
C ASN G 345 -37.17 -33.58 -52.89
N GLU G 346 -36.13 -34.40 -52.71
CA GLU G 346 -36.03 -35.28 -51.55
C GLU G 346 -35.85 -34.51 -50.25
N GLN G 347 -35.44 -33.24 -50.32
CA GLN G 347 -35.26 -32.40 -49.15
C GLN G 347 -36.45 -31.46 -48.92
N GLY G 348 -37.44 -31.48 -49.80
CA GLY G 348 -38.57 -30.57 -49.72
C GLY G 348 -38.43 -29.28 -50.50
N SER G 349 -37.35 -29.12 -51.27
CA SER G 349 -37.09 -27.91 -52.02
C SER G 349 -37.61 -28.02 -53.45
N TYR G 350 -38.05 -26.88 -53.98
CA TYR G 350 -38.51 -26.77 -55.36
C TYR G 350 -37.44 -26.16 -56.27
N VAL G 351 -36.25 -25.90 -55.77
CA VAL G 351 -35.22 -25.17 -56.50
C VAL G 351 -34.04 -26.10 -56.80
N VAL G 352 -33.62 -26.11 -58.06
CA VAL G 352 -32.50 -26.95 -58.50
C VAL G 352 -31.52 -26.11 -59.32
N ALA G 353 -30.24 -26.17 -58.98
CA ALA G 353 -29.23 -25.42 -59.71
C ALA G 353 -29.00 -26.04 -61.08
N MET G 354 -28.97 -25.18 -62.12
CA MET G 354 -28.60 -25.60 -63.46
C MET G 354 -27.13 -25.32 -63.74
N GLU G 355 -26.76 -24.03 -63.66
CA GLU G 355 -25.42 -23.58 -63.95
C GLU G 355 -24.91 -22.73 -62.80
N THR G 356 -23.59 -22.66 -62.66
CA THR G 356 -22.94 -21.85 -61.64
C THR G 356 -21.94 -20.94 -62.32
N PHE G 357 -22.17 -19.64 -62.24
CA PHE G 357 -21.27 -18.67 -62.82
C PHE G 357 -20.32 -18.22 -61.71
N THR G 358 -19.02 -18.35 -61.96
CA THR G 358 -18.06 -18.04 -60.92
C THR G 358 -18.18 -16.57 -60.55
N ASN G 359 -18.25 -16.29 -59.25
CA ASN G 359 -18.17 -14.94 -58.74
C ASN G 359 -17.04 -14.94 -57.72
N LEU G 360 -15.95 -14.23 -58.01
CA LEU G 360 -14.90 -14.07 -57.01
C LEU G 360 -15.41 -13.29 -55.80
N GLY G 361 -16.62 -12.73 -55.90
CA GLY G 361 -17.32 -12.14 -54.78
C GLY G 361 -16.51 -11.03 -54.15
N PRO G 362 -16.92 -10.61 -52.95
CA PRO G 362 -16.07 -9.70 -52.18
C PRO G 362 -14.73 -10.38 -51.92
N ILE G 363 -13.65 -9.70 -52.24
CA ILE G 363 -12.31 -10.21 -51.96
C ILE G 363 -11.82 -9.50 -50.71
N VAL G 364 -12.00 -10.16 -49.56
CA VAL G 364 -11.63 -9.53 -48.29
C VAL G 364 -10.11 -9.43 -48.17
N ASP G 365 -9.41 -10.48 -48.60
CA ASP G 365 -7.95 -10.52 -48.54
C ASP G 365 -7.47 -11.54 -49.56
N MET G 366 -6.16 -11.51 -49.81
CA MET G 366 -5.57 -12.46 -50.76
C MET G 366 -4.06 -12.51 -50.56
N CYS G 367 -3.46 -13.64 -50.94
CA CYS G 367 -2.01 -13.80 -50.91
C CYS G 367 -1.56 -14.59 -52.14
N VAL G 368 -0.31 -14.35 -52.54
CA VAL G 368 0.30 -15.03 -53.68
C VAL G 368 1.30 -16.06 -53.18
N VAL G 369 1.25 -17.27 -53.76
CA VAL G 369 2.11 -18.37 -53.35
C VAL G 369 2.46 -19.21 -54.58
N ASP G 370 3.71 -19.65 -54.62
CA ASP G 370 4.23 -20.52 -55.67
C ASP G 370 4.03 -21.96 -55.23
N LEU G 371 2.82 -22.49 -55.48
CA LEU G 371 2.47 -23.77 -54.89
C LEU G 371 3.32 -24.91 -55.42
N GLU G 372 3.61 -24.93 -56.72
CA GLU G 372 4.36 -26.03 -57.29
C GLU G 372 5.85 -25.72 -57.44
N ARG G 373 6.33 -24.63 -56.84
CA ARG G 373 7.73 -24.23 -57.03
C ARG G 373 8.02 -24.05 -58.51
N GLN G 374 6.95 -23.75 -59.26
CA GLN G 374 7.01 -23.58 -60.70
C GLN G 374 7.63 -22.24 -61.08
N GLY G 375 7.60 -21.27 -60.17
CA GLY G 375 8.03 -19.94 -60.47
C GLY G 375 6.94 -19.03 -61.00
N GLN G 376 5.84 -19.60 -61.48
CA GLN G 376 4.74 -18.82 -62.03
C GLN G 376 4.06 -17.98 -60.96
N GLY G 377 3.65 -18.60 -59.86
CA GLY G 377 2.92 -17.91 -58.82
C GLY G 377 1.41 -18.10 -58.94
N GLN G 378 0.75 -18.17 -57.78
CA GLN G 378 -0.69 -18.39 -57.70
C GLN G 378 -1.34 -17.44 -56.70
N LEU G 379 -2.62 -17.14 -56.92
CA LEU G 379 -3.36 -16.21 -56.07
C LEU G 379 -4.45 -16.96 -55.33
N VAL G 380 -4.40 -16.93 -54.01
CA VAL G 380 -5.39 -17.56 -53.13
C VAL G 380 -6.19 -16.46 -52.44
N THR G 381 -7.50 -16.42 -52.68
CA THR G 381 -8.33 -15.30 -52.22
C THR G 381 -9.34 -15.72 -51.16
N CYS G 382 -9.53 -14.85 -50.16
CA CYS G 382 -10.67 -14.95 -49.25
C CYS G 382 -11.88 -14.27 -49.88
N SER G 383 -12.81 -15.06 -50.41
CA SER G 383 -13.89 -14.54 -51.23
C SER G 383 -15.25 -14.96 -50.70
N GLY G 384 -16.22 -14.06 -50.87
CA GLY G 384 -17.58 -14.30 -50.47
C GLY G 384 -17.84 -13.94 -49.02
N ALA G 385 -19.11 -14.02 -48.63
CA ALA G 385 -19.51 -13.78 -47.25
C ALA G 385 -20.62 -14.74 -46.86
N PHE G 386 -20.71 -14.98 -45.56
CA PHE G 386 -21.80 -15.79 -44.96
C PHE G 386 -21.76 -17.16 -45.61
N LYS G 387 -22.91 -17.73 -46.01
CA LYS G 387 -22.92 -19.08 -46.55
C LYS G 387 -22.17 -19.20 -47.86
N GLU G 388 -22.05 -18.10 -48.60
CA GLU G 388 -21.34 -18.07 -49.86
C GLU G 388 -19.85 -17.99 -49.67
N GLY G 389 -19.37 -18.07 -48.44
CA GLY G 389 -17.96 -17.95 -48.19
C GLY G 389 -17.16 -18.96 -48.99
N SER G 390 -15.99 -18.54 -49.46
CA SER G 390 -15.19 -19.36 -50.34
C SER G 390 -13.74 -18.92 -50.27
N LEU G 391 -12.85 -19.87 -50.55
CA LEU G 391 -11.46 -19.64 -50.91
C LEU G 391 -11.33 -19.96 -52.39
N ARG G 392 -10.60 -19.13 -53.14
CA ARG G 392 -10.51 -19.29 -54.59
C ARG G 392 -9.07 -19.20 -55.03
N ILE G 393 -8.61 -20.25 -55.71
CA ILE G 393 -7.24 -20.40 -56.17
C ILE G 393 -7.18 -20.01 -57.65
N ILE G 394 -6.35 -19.01 -58.01
CA ILE G 394 -6.32 -18.46 -59.36
C ILE G 394 -4.92 -18.59 -59.96
N ARG G 395 -4.86 -19.14 -61.19
CA ARG G 395 -3.61 -19.29 -61.92
C ARG G 395 -3.82 -19.03 -63.42
N ASN G 396 -2.74 -18.59 -64.07
CA ASN G 396 -2.70 -18.36 -65.51
C ASN G 396 -2.56 -19.66 -66.29
N GLY G 397 -3.49 -19.92 -67.21
CA GLY G 397 -3.39 -21.12 -68.03
C GLY G 397 -2.31 -20.95 -69.08
N ILE G 398 -1.40 -21.92 -69.15
CA ILE G 398 -0.22 -21.83 -70.00
C ILE G 398 -0.15 -23.05 -70.91
N LYS G 409 -6.93 -17.08 -70.59
CA LYS G 409 -7.92 -17.18 -69.53
C LYS G 409 -7.37 -17.83 -68.26
N LEU G 410 -8.03 -17.51 -67.15
CA LEU G 410 -7.68 -17.97 -65.81
C LEU G 410 -8.41 -19.24 -65.36
N HIS G 411 -7.65 -20.15 -64.76
CA HIS G 411 -8.21 -21.33 -64.09
C HIS G 411 -8.51 -20.96 -62.64
N ILE G 412 -9.76 -21.10 -62.22
CA ILE G 412 -10.22 -20.65 -60.90
C ILE G 412 -10.85 -21.85 -60.19
N ARG G 413 -10.21 -22.29 -59.11
CA ARG G 413 -10.76 -23.35 -58.26
C ARG G 413 -11.45 -22.74 -57.04
N THR G 414 -12.58 -23.32 -56.66
CA THR G 414 -13.40 -22.82 -55.56
C THR G 414 -13.31 -23.83 -54.42
N VAL G 415 -13.00 -23.33 -53.23
CA VAL G 415 -12.98 -24.13 -52.00
C VAL G 415 -14.05 -23.55 -51.06
N PRO G 416 -15.24 -24.11 -51.04
CA PRO G 416 -16.30 -23.51 -50.23
C PRO G 416 -15.99 -23.62 -48.74
N LEU G 417 -16.24 -22.52 -48.03
CA LEU G 417 -16.09 -22.51 -46.58
C LEU G 417 -17.42 -22.42 -45.85
N TYR G 418 -18.49 -21.97 -46.51
CA TYR G 418 -19.82 -21.86 -45.91
C TYR G 418 -19.85 -20.91 -44.72
N GLU G 419 -18.78 -20.15 -44.52
CA GLU G 419 -18.73 -19.11 -43.51
C GLU G 419 -17.81 -18.02 -44.04
N SER G 420 -17.88 -16.86 -43.41
CA SER G 420 -17.22 -15.67 -43.92
C SER G 420 -15.70 -15.74 -43.76
N PRO G 421 -14.92 -15.64 -44.84
CA PRO G 421 -13.46 -15.53 -44.72
C PRO G 421 -13.04 -14.08 -44.54
N ARG G 422 -12.02 -13.85 -43.71
CA ARG G 422 -11.60 -12.48 -43.42
C ARG G 422 -10.17 -12.17 -43.85
N LYS G 423 -9.19 -12.95 -43.39
CA LYS G 423 -7.78 -12.74 -43.72
C LYS G 423 -7.15 -14.09 -44.01
N ILE G 424 -6.17 -14.12 -44.91
CA ILE G 424 -5.47 -15.33 -45.28
C ILE G 424 -3.97 -15.14 -45.15
N CYS G 425 -3.27 -16.20 -44.74
CA CYS G 425 -1.81 -16.19 -44.68
C CYS G 425 -1.30 -17.59 -44.99
N TYR G 426 -0.18 -17.65 -45.70
CA TYR G 426 0.45 -18.91 -46.10
C TYR G 426 1.68 -19.16 -45.23
N GLN G 427 1.81 -20.39 -44.73
CA GLN G 427 2.93 -20.81 -43.90
C GLN G 427 3.58 -22.02 -44.58
N GLU G 428 4.69 -21.78 -45.28
CA GLU G 428 5.33 -22.87 -46.00
C GLU G 428 5.80 -23.96 -45.05
N VAL G 429 6.35 -23.57 -43.90
CA VAL G 429 6.88 -24.55 -42.95
C VAL G 429 5.87 -25.64 -42.67
N SER G 430 4.58 -25.28 -42.61
CA SER G 430 3.52 -26.22 -42.29
C SER G 430 2.72 -26.65 -43.52
N GLN G 431 3.15 -26.27 -44.72
CA GLN G 431 2.44 -26.63 -45.95
C GLN G 431 0.94 -26.34 -45.83
N CYS G 432 0.60 -25.19 -45.25
CA CYS G 432 -0.80 -24.87 -45.01
C CYS G 432 -1.02 -23.36 -44.99
N PHE G 433 -2.28 -22.98 -45.17
CA PHE G 433 -2.73 -21.59 -45.08
C PHE G 433 -3.47 -21.38 -43.76
N GLY G 434 -3.40 -20.15 -43.24
CA GLY G 434 -4.30 -19.70 -42.18
C GLY G 434 -5.37 -18.77 -42.74
N VAL G 435 -6.61 -18.98 -42.32
CA VAL G 435 -7.73 -18.15 -42.76
C VAL G 435 -8.59 -17.82 -41.53
N LEU G 436 -8.77 -16.53 -41.25
CA LEU G 436 -9.69 -16.08 -40.23
C LEU G 436 -11.10 -16.11 -40.80
N SER G 437 -12.07 -16.47 -39.96
CA SER G 437 -13.43 -16.68 -40.45
C SER G 437 -14.45 -16.18 -39.44
N SER G 438 -15.68 -15.99 -39.94
CA SER G 438 -16.80 -15.60 -39.10
C SER G 438 -18.01 -16.43 -39.48
N ARG G 439 -18.58 -17.13 -38.52
CA ARG G 439 -19.84 -17.82 -38.73
C ARG G 439 -20.87 -17.07 -37.90
N ILE G 440 -22.09 -16.94 -38.43
CA ILE G 440 -23.15 -16.24 -37.72
C ILE G 440 -23.98 -17.27 -36.96
N GLU G 441 -24.09 -17.08 -35.66
CA GLU G 441 -24.98 -17.85 -34.82
C GLU G 441 -26.02 -16.91 -34.20
N VAL G 442 -27.15 -17.47 -33.83
CA VAL G 442 -28.28 -16.70 -33.32
C VAL G 442 -28.56 -17.18 -31.91
N GLN G 443 -28.81 -16.23 -31.02
CA GLN G 443 -29.07 -16.55 -29.62
C GLN G 443 -30.30 -17.43 -29.48
N ASP G 444 -30.16 -18.53 -28.76
CA ASP G 444 -31.23 -19.51 -28.65
C ASP G 444 -31.84 -19.47 -27.25
N THR G 445 -32.91 -20.26 -27.10
CA THR G 445 -33.64 -20.33 -25.83
C THR G 445 -32.79 -20.93 -24.73
N SER G 446 -31.70 -21.63 -25.10
CA SER G 446 -30.85 -22.22 -24.07
C SER G 446 -30.09 -21.15 -23.30
N GLY G 447 -30.05 -19.93 -23.81
CA GLY G 447 -29.15 -18.91 -23.32
C GLY G 447 -27.86 -18.82 -24.09
N GLY G 448 -27.49 -19.88 -24.80
CA GLY G 448 -26.34 -19.86 -25.67
C GLY G 448 -26.68 -19.40 -27.07
N THR G 449 -26.01 -19.97 -28.07
CA THR G 449 -26.24 -19.64 -29.46
C THR G 449 -26.32 -20.94 -30.24
N THR G 450 -26.97 -20.88 -31.40
CA THR G 450 -27.10 -22.03 -32.26
C THR G 450 -26.78 -21.59 -33.68
N ALA G 451 -25.90 -22.34 -34.33
CA ALA G 451 -25.45 -21.99 -35.68
C ALA G 451 -26.54 -22.36 -36.67
N LEU G 452 -26.69 -21.52 -37.69
CA LEU G 452 -27.74 -21.73 -38.68
C LEU G 452 -27.44 -22.90 -39.60
N ARG G 453 -26.16 -23.18 -39.87
CA ARG G 453 -25.75 -24.24 -40.79
C ARG G 453 -24.35 -24.69 -40.39
N PRO G 454 -23.97 -25.94 -40.65
CA PRO G 454 -22.57 -26.33 -40.41
C PRO G 454 -21.64 -25.63 -41.40
N SER G 455 -20.43 -25.35 -40.93
CA SER G 455 -19.44 -24.64 -41.74
C SER G 455 -18.05 -25.05 -41.28
N ALA G 456 -17.03 -24.49 -41.95
CA ALA G 456 -15.67 -24.98 -41.74
C ALA G 456 -15.32 -25.05 -40.26
N SER G 457 -15.68 -24.02 -39.49
CA SER G 457 -15.28 -23.98 -38.09
C SER G 457 -15.93 -25.09 -37.28
N THR G 458 -17.01 -25.68 -37.78
CA THR G 458 -17.68 -26.79 -37.13
C THR G 458 -17.28 -28.14 -37.72
N GLN G 459 -16.67 -28.14 -38.91
CA GLN G 459 -16.33 -29.37 -39.62
C GLN G 459 -14.83 -29.63 -39.75
N ALA G 460 -14.01 -29.01 -38.91
CA ALA G 460 -12.58 -29.28 -38.94
C ALA G 460 -12.31 -30.68 -38.41
N LEU G 461 -11.18 -31.25 -38.84
CA LEU G 461 -10.81 -32.57 -38.35
C LEU G 461 -10.63 -32.55 -36.83
N SER G 462 -9.73 -31.70 -36.35
CA SER G 462 -9.54 -31.44 -34.93
C SER G 462 -9.82 -29.97 -34.67
N SER G 463 -10.35 -29.65 -33.49
CA SER G 463 -10.75 -28.27 -33.19
C SER G 463 -10.41 -27.94 -31.75
N SER G 464 -10.34 -26.64 -31.48
CA SER G 464 -9.99 -26.16 -30.14
C SER G 464 -10.69 -24.84 -29.88
N VAL G 465 -10.73 -24.48 -28.60
CA VAL G 465 -11.38 -23.26 -28.14
C VAL G 465 -10.46 -22.56 -27.13
N SER G 466 -10.42 -21.23 -27.22
CA SER G 466 -9.58 -20.43 -26.34
C SER G 466 -10.06 -20.52 -24.89
N SER G 467 -9.11 -20.71 -23.97
CA SER G 467 -9.41 -20.71 -22.54
C SER G 467 -8.86 -19.47 -21.84
N SER G 468 -8.50 -18.44 -22.59
CA SER G 468 -7.86 -17.27 -21.99
C SER G 468 -8.81 -16.60 -21.02
N LYS G 469 -8.28 -16.28 -19.85
CA LYS G 469 -8.97 -15.53 -18.81
C LYS G 469 -8.51 -14.08 -18.77
N LEU G 470 -7.74 -13.65 -19.78
CA LEU G 470 -7.09 -12.34 -19.76
C LEU G 470 -8.09 -11.23 -19.50
N PHE G 471 -9.27 -11.30 -20.10
CA PHE G 471 -10.29 -10.30 -19.87
C PHE G 471 -11.18 -10.67 -18.71
N SER G 472 -11.10 -11.91 -18.27
CA SER G 472 -11.76 -12.39 -17.06
C SER G 472 -13.24 -12.08 -16.93
N SER G 473 -13.78 -11.27 -17.83
CA SER G 473 -15.19 -10.87 -17.73
C SER G 473 -15.51 -10.50 -16.29
N SER G 474 -14.58 -9.76 -15.69
CA SER G 474 -14.68 -9.34 -14.30
C SER G 474 -16.06 -8.81 -13.98
N THR G 475 -16.46 -7.69 -14.61
CA THR G 475 -17.72 -7.02 -14.31
C THR G 475 -18.41 -6.53 -15.58
N ALA G 476 -18.91 -7.45 -16.40
CA ALA G 476 -19.72 -7.02 -17.54
C ALA G 476 -21.06 -7.75 -17.57
N PRO G 477 -22.19 -7.01 -17.67
CA PRO G 477 -23.49 -7.70 -17.69
C PRO G 477 -23.77 -8.27 -19.07
N HIS G 478 -23.63 -7.43 -20.10
CA HIS G 478 -23.83 -7.84 -21.48
C HIS G 478 -25.01 -8.80 -21.59
N GLU G 479 -26.21 -8.26 -21.34
CA GLU G 479 -27.42 -9.06 -21.40
C GLU G 479 -27.72 -9.41 -22.86
N THR G 480 -28.20 -10.61 -23.06
CA THR G 480 -28.47 -11.13 -24.39
C THR G 480 -29.97 -11.30 -24.58
N SER G 481 -30.45 -10.97 -25.78
CA SER G 481 -31.86 -11.17 -26.12
C SER G 481 -31.99 -12.19 -27.23
N PHE G 482 -33.01 -13.04 -27.12
CA PHE G 482 -33.21 -14.11 -28.08
C PHE G 482 -33.41 -13.57 -29.48
N GLY G 483 -32.84 -14.26 -30.46
CA GLY G 483 -32.97 -13.87 -31.85
C GLY G 483 -31.85 -13.00 -32.36
N GLU G 484 -30.98 -12.52 -31.47
CA GLU G 484 -29.92 -11.63 -31.87
C GLU G 484 -28.77 -12.42 -32.46
N GLU G 485 -28.25 -11.95 -33.57
CA GLU G 485 -27.13 -12.60 -34.22
C GLU G 485 -25.85 -12.24 -33.48
N VAL G 486 -24.93 -13.19 -33.43
CA VAL G 486 -23.60 -12.97 -32.89
C VAL G 486 -22.63 -13.62 -33.87
N GLU G 487 -21.44 -13.06 -33.98
CA GLU G 487 -20.38 -13.61 -34.82
C GLU G 487 -19.43 -14.39 -33.94
N VAL G 488 -19.09 -15.61 -34.37
CA VAL G 488 -18.11 -16.43 -33.69
C VAL G 488 -16.91 -16.55 -34.63
N HIS G 489 -15.75 -16.14 -34.15
CA HIS G 489 -14.55 -16.06 -34.97
C HIS G 489 -13.60 -17.22 -34.68
N ASN G 490 -12.97 -17.74 -35.73
CA ASN G 490 -12.09 -18.89 -35.62
C ASN G 490 -10.92 -18.70 -36.57
N LEU G 491 -9.80 -19.35 -36.26
CA LEU G 491 -8.68 -19.48 -37.18
C LEU G 491 -8.72 -20.89 -37.77
N LEU G 492 -8.82 -20.98 -39.10
CA LEU G 492 -8.90 -22.25 -39.79
C LEU G 492 -7.52 -22.56 -40.35
N ILE G 493 -7.01 -23.76 -40.07
CA ILE G 493 -5.77 -24.22 -40.68
C ILE G 493 -6.15 -25.17 -41.81
N ILE G 494 -5.74 -24.82 -43.03
CA ILE G 494 -6.21 -25.46 -44.25
C ILE G 494 -5.00 -25.99 -45.01
N ASP G 495 -5.08 -27.25 -45.42
CA ASP G 495 -3.99 -27.89 -46.17
C ASP G 495 -3.87 -27.32 -47.57
N GLN G 496 -2.62 -27.22 -48.05
CA GLN G 496 -2.35 -26.49 -49.28
C GLN G 496 -2.64 -27.30 -50.55
N HIS G 497 -2.85 -28.61 -50.45
CA HIS G 497 -3.10 -29.43 -51.63
C HIS G 497 -4.55 -29.86 -51.75
N THR G 498 -5.15 -30.33 -50.66
CA THR G 498 -6.54 -30.74 -50.62
C THR G 498 -7.47 -29.64 -50.11
N PHE G 499 -6.93 -28.67 -49.39
CA PHE G 499 -7.72 -27.62 -48.75
C PHE G 499 -8.73 -28.21 -47.78
N GLU G 500 -8.33 -29.29 -47.12
CA GLU G 500 -9.06 -29.79 -45.96
C GLU G 500 -8.80 -28.90 -44.75
N VAL G 501 -9.85 -28.66 -43.97
CA VAL G 501 -9.69 -27.89 -42.73
C VAL G 501 -9.05 -28.84 -41.72
N LEU G 502 -7.75 -28.66 -41.47
CA LEU G 502 -7.05 -29.54 -40.55
C LEU G 502 -7.36 -29.20 -39.10
N HIS G 503 -7.53 -27.92 -38.77
CA HIS G 503 -7.77 -27.50 -37.40
C HIS G 503 -8.49 -26.17 -37.43
N ALA G 504 -9.30 -25.92 -36.41
CA ALA G 504 -10.00 -24.66 -36.24
C ALA G 504 -9.94 -24.26 -34.78
N HIS G 505 -9.57 -23.00 -34.53
CA HIS G 505 -9.50 -22.45 -33.18
C HIS G 505 -10.57 -21.38 -33.05
N GLN G 506 -11.47 -21.54 -32.08
CA GLN G 506 -12.53 -20.57 -31.84
C GLN G 506 -12.08 -19.55 -30.80
N PHE G 507 -12.13 -18.28 -31.15
CA PHE G 507 -11.69 -17.24 -30.23
C PHE G 507 -12.77 -16.95 -29.19
N LEU G 508 -12.41 -16.11 -28.22
CA LEU G 508 -13.25 -15.90 -27.06
C LEU G 508 -14.61 -15.32 -27.44
N GLN G 509 -15.58 -15.50 -26.56
CA GLN G 509 -16.91 -14.95 -26.74
C GLN G 509 -16.84 -13.45 -26.95
N ASN G 510 -17.40 -13.00 -28.08
CA ASN G 510 -17.41 -11.60 -28.50
C ASN G 510 -16.05 -11.10 -28.95
N GLU G 511 -15.11 -11.99 -29.27
CA GLU G 511 -13.80 -11.59 -29.76
C GLU G 511 -13.77 -11.69 -31.28
N TYR G 512 -13.40 -10.60 -31.94
CA TYR G 512 -13.26 -10.55 -33.39
C TYR G 512 -11.79 -10.64 -33.78
N ALA G 513 -11.51 -11.43 -34.82
CA ALA G 513 -10.16 -11.56 -35.37
C ALA G 513 -10.00 -10.60 -36.55
N LEU G 514 -9.03 -9.69 -36.44
CA LEU G 514 -8.83 -8.65 -37.43
C LEU G 514 -7.55 -8.79 -38.25
N SER G 515 -6.51 -9.40 -37.71
CA SER G 515 -5.21 -9.44 -38.37
C SER G 515 -4.56 -10.80 -38.22
N LEU G 516 -3.76 -11.16 -39.22
CA LEU G 516 -3.07 -12.44 -39.25
C LEU G 516 -1.74 -12.32 -39.98
N VAL G 517 -0.70 -12.93 -39.41
CA VAL G 517 0.61 -13.04 -40.04
C VAL G 517 1.22 -14.40 -39.71
N SER G 518 2.11 -14.85 -40.60
CA SER G 518 2.91 -16.05 -40.42
C SER G 518 4.37 -15.65 -40.55
N CYS G 519 5.16 -15.91 -39.51
CA CYS G 519 6.53 -15.44 -39.51
C CYS G 519 7.32 -16.04 -38.36
N LYS G 520 8.64 -15.95 -38.46
CA LYS G 520 9.55 -16.19 -37.35
C LYS G 520 9.88 -14.87 -36.67
N LEU G 521 10.12 -14.92 -35.36
CA LEU G 521 10.43 -13.72 -34.60
C LEU G 521 11.71 -13.91 -33.78
N GLY G 522 12.41 -12.80 -33.57
CA GLY G 522 13.63 -12.83 -32.79
C GLY G 522 14.57 -13.89 -33.33
N LYS G 523 15.21 -14.62 -32.41
CA LYS G 523 16.03 -15.77 -32.78
C LYS G 523 15.27 -17.08 -32.64
N ASP G 524 13.94 -17.02 -32.53
CA ASP G 524 13.13 -18.23 -32.36
C ASP G 524 12.96 -18.89 -33.72
N PRO G 525 13.43 -20.13 -33.90
CA PRO G 525 13.34 -20.76 -35.23
C PRO G 525 11.95 -21.23 -35.60
N ASN G 526 11.05 -21.34 -34.62
CA ASN G 526 9.72 -21.85 -34.91
C ASN G 526 8.92 -20.82 -35.70
N THR G 527 8.18 -21.30 -36.69
CA THR G 527 7.32 -20.44 -37.50
C THR G 527 5.94 -20.42 -36.87
N TYR G 528 5.47 -19.23 -36.51
CA TYR G 528 4.23 -19.07 -35.76
C TYR G 528 3.15 -18.41 -36.62
N PHE G 529 1.90 -18.67 -36.23
CA PHE G 529 0.75 -17.86 -36.62
C PHE G 529 0.46 -16.88 -35.48
N ILE G 530 0.35 -15.59 -35.81
CA ILE G 530 0.04 -14.57 -34.82
C ILE G 530 -1.23 -13.88 -35.27
N VAL G 531 -2.19 -13.71 -34.35
CA VAL G 531 -3.48 -13.15 -34.68
C VAL G 531 -3.73 -11.93 -33.79
N GLY G 532 -4.22 -10.86 -34.37
CA GLY G 532 -4.63 -9.68 -33.63
C GLY G 532 -6.15 -9.59 -33.59
N THR G 533 -6.69 -9.42 -32.38
CA THR G 533 -8.11 -9.52 -32.13
C THR G 533 -8.58 -8.27 -31.39
N ALA G 534 -9.91 -8.14 -31.29
CA ALA G 534 -10.53 -7.04 -30.58
C ALA G 534 -11.78 -7.52 -29.87
N MET G 535 -12.03 -7.00 -28.67
CA MET G 535 -13.23 -7.31 -27.91
C MET G 535 -14.34 -6.35 -28.30
N VAL G 536 -15.38 -6.88 -28.93
CA VAL G 536 -16.43 -6.11 -29.59
C VAL G 536 -17.74 -6.23 -28.81
N TYR G 537 -18.20 -5.11 -28.24
CA TYR G 537 -19.52 -5.00 -27.64
C TYR G 537 -20.30 -3.88 -28.28
N PRO G 538 -21.60 -4.06 -28.55
CA PRO G 538 -22.37 -2.97 -29.17
C PRO G 538 -22.25 -1.67 -28.40
N GLU G 539 -21.97 -1.75 -27.09
CA GLU G 539 -21.95 -0.54 -26.27
C GLU G 539 -20.73 0.34 -26.56
N GLU G 540 -19.61 -0.25 -26.95
CA GLU G 540 -18.39 0.52 -27.15
C GLU G 540 -18.35 1.09 -28.57
N ALA G 541 -18.12 2.40 -28.68
CA ALA G 541 -17.90 2.99 -29.99
C ALA G 541 -16.64 2.42 -30.63
N GLU G 542 -15.58 2.31 -29.85
CA GLU G 542 -14.30 1.80 -30.32
C GLU G 542 -13.87 0.71 -29.36
N PRO G 543 -13.45 -0.46 -29.85
CA PRO G 543 -12.98 -1.49 -28.92
C PRO G 543 -11.80 -0.98 -28.10
N LYS G 544 -11.86 -1.24 -26.80
CA LYS G 544 -10.82 -0.81 -25.87
C LYS G 544 -10.03 -1.95 -25.27
N GLN G 545 -10.34 -3.19 -25.62
CA GLN G 545 -9.59 -4.34 -25.16
C GLN G 545 -9.22 -5.18 -26.36
N GLY G 546 -8.11 -5.89 -26.26
CA GLY G 546 -7.70 -6.73 -27.36
C GLY G 546 -6.58 -7.65 -26.97
N ARG G 547 -6.32 -8.61 -27.86
CA ARG G 547 -5.28 -9.60 -27.65
C ARG G 547 -4.44 -9.68 -28.91
N ILE G 548 -3.14 -9.89 -28.71
CA ILE G 548 -2.25 -10.42 -29.74
C ILE G 548 -1.83 -11.79 -29.25
N VAL G 549 -2.16 -12.83 -30.03
CA VAL G 549 -1.98 -14.21 -29.60
C VAL G 549 -1.09 -14.93 -30.63
N VAL G 550 -0.08 -15.65 -30.13
CA VAL G 550 0.93 -16.31 -30.95
C VAL G 550 0.64 -17.80 -30.94
N PHE G 551 0.46 -18.38 -32.13
CA PHE G 551 0.16 -19.80 -32.28
C PHE G 551 1.29 -20.50 -33.03
N GLN G 552 1.40 -21.82 -32.81
CA GLN G 552 2.26 -22.69 -33.63
C GLN G 552 1.44 -23.90 -34.08
N TYR G 553 1.45 -24.18 -35.37
CA TYR G 553 0.83 -25.40 -35.88
C TYR G 553 1.88 -26.50 -35.89
N SER G 554 1.70 -27.50 -35.03
CA SER G 554 2.65 -28.61 -34.96
C SER G 554 1.89 -29.91 -34.76
N ASP G 555 2.21 -30.89 -35.60
CA ASP G 555 1.65 -32.23 -35.48
C ASP G 555 0.12 -32.19 -35.40
N GLY G 556 -0.46 -31.41 -36.31
CA GLY G 556 -1.90 -31.38 -36.54
C GLY G 556 -2.74 -30.56 -35.58
N LYS G 557 -2.19 -30.05 -34.49
CA LYS G 557 -2.94 -29.18 -33.57
C LYS G 557 -2.10 -27.93 -33.34
N LEU G 558 -2.76 -26.77 -33.37
CA LEU G 558 -2.11 -25.49 -33.10
C LEU G 558 -2.31 -25.10 -31.65
N GLN G 559 -1.23 -24.76 -30.97
CA GLN G 559 -1.24 -24.41 -29.56
C GLN G 559 -0.72 -23.00 -29.34
N THR G 560 -1.32 -22.30 -28.38
CA THR G 560 -0.90 -20.94 -28.04
C THR G 560 0.44 -20.91 -27.31
N VAL G 561 1.35 -20.10 -27.82
CA VAL G 561 2.69 -19.97 -27.23
C VAL G 561 2.71 -18.81 -26.24
N ALA G 562 2.10 -17.69 -26.60
CA ALA G 562 2.05 -16.50 -25.75
C ALA G 562 0.91 -15.62 -26.24
N GLU G 563 0.34 -14.85 -25.32
CA GLU G 563 -0.71 -13.89 -25.63
C GLU G 563 -0.31 -12.56 -24.99
N LYS G 564 -0.61 -11.45 -25.68
CA LYS G 564 -0.31 -10.12 -25.18
C LYS G 564 -1.58 -9.30 -25.16
N GLU G 565 -1.88 -8.69 -24.01
CA GLU G 565 -3.07 -7.85 -23.91
C GLU G 565 -2.77 -6.44 -24.39
N VAL G 566 -3.70 -5.86 -25.14
CA VAL G 566 -3.61 -4.50 -25.61
C VAL G 566 -4.90 -3.76 -25.24
N LYS G 567 -4.85 -2.43 -25.30
CA LYS G 567 -5.97 -1.58 -24.92
C LYS G 567 -6.71 -1.06 -26.15
N GLY G 568 -6.92 -1.91 -27.14
CA GLY G 568 -7.59 -1.50 -28.36
C GLY G 568 -7.71 -2.67 -29.31
N ALA G 569 -8.05 -2.36 -30.56
CA ALA G 569 -8.22 -3.38 -31.60
C ALA G 569 -6.97 -3.47 -32.47
N VAL G 570 -6.48 -4.68 -32.69
CA VAL G 570 -5.24 -4.88 -33.44
C VAL G 570 -5.64 -5.02 -34.90
N TYR G 571 -5.86 -3.86 -35.54
CA TYR G 571 -6.38 -3.88 -36.91
C TYR G 571 -5.38 -4.52 -37.86
N SER G 572 -4.10 -4.22 -37.72
CA SER G 572 -3.07 -4.71 -38.62
C SER G 572 -1.79 -5.06 -37.87
N MET G 573 -1.10 -6.09 -38.36
CA MET G 573 0.20 -6.54 -37.87
C MET G 573 1.06 -6.86 -39.09
N VAL G 574 2.38 -6.77 -38.92
CA VAL G 574 3.29 -7.11 -39.99
C VAL G 574 4.64 -7.49 -39.39
N GLU G 575 5.31 -8.46 -40.02
CA GLU G 575 6.65 -8.85 -39.59
C GLU G 575 7.61 -7.72 -39.92
N PHE G 576 8.47 -7.37 -38.97
CA PHE G 576 9.35 -6.20 -39.13
C PHE G 576 10.73 -6.55 -38.58
N ASN G 577 11.58 -7.10 -39.45
CA ASN G 577 12.97 -7.37 -39.14
C ASN G 577 13.10 -8.14 -37.82
N GLY G 578 12.39 -9.26 -37.75
CA GLY G 578 12.38 -10.09 -36.56
C GLY G 578 11.50 -9.58 -35.44
N LYS G 579 10.91 -8.40 -35.59
CA LYS G 579 10.02 -7.81 -34.61
C LYS G 579 8.61 -7.75 -35.17
N LEU G 580 7.63 -7.58 -34.28
CA LEU G 580 6.23 -7.55 -34.65
C LEU G 580 5.72 -6.11 -34.59
N LEU G 581 5.29 -5.59 -35.74
CA LEU G 581 4.71 -4.25 -35.82
C LEU G 581 3.20 -4.39 -35.85
N ALA G 582 2.52 -3.81 -34.86
CA ALA G 582 1.09 -3.97 -34.70
C ALA G 582 0.42 -2.63 -34.47
N SER G 583 -0.83 -2.53 -34.93
CA SER G 583 -1.62 -1.32 -34.81
C SER G 583 -2.71 -1.56 -33.78
N ILE G 584 -2.68 -0.80 -32.69
CA ILE G 584 -3.70 -0.89 -31.65
C ILE G 584 -4.44 0.44 -31.66
N ASN G 585 -5.64 0.47 -32.27
CA ASN G 585 -6.43 1.70 -32.39
C ASN G 585 -5.60 2.81 -33.00
N SER G 586 -5.39 3.89 -32.22
CA SER G 586 -4.57 5.00 -32.69
C SER G 586 -3.08 4.65 -32.69
N THR G 587 -2.66 3.79 -31.79
CA THR G 587 -1.25 3.53 -31.57
C THR G 587 -0.69 2.58 -32.63
N VAL G 588 0.54 2.85 -33.04
CA VAL G 588 1.36 1.94 -33.84
C VAL G 588 2.52 1.50 -32.96
N ARG G 589 2.64 0.19 -32.76
CA ARG G 589 3.57 -0.37 -31.78
C ARG G 589 4.50 -1.37 -32.44
N LEU G 590 5.74 -1.39 -31.95
CA LEU G 590 6.72 -2.39 -32.34
C LEU G 590 7.03 -3.26 -31.13
N TYR G 591 6.77 -4.57 -31.25
CA TYR G 591 7.03 -5.55 -30.21
C TYR G 591 8.29 -6.33 -30.54
N GLU G 592 9.04 -6.72 -29.51
CA GLU G 592 10.17 -7.62 -29.63
C GLU G 592 9.77 -9.00 -29.11
N TRP G 593 10.42 -10.05 -29.65
CA TRP G 593 10.12 -11.43 -29.29
C TRP G 593 11.25 -11.92 -28.39
N THR G 594 10.97 -12.06 -27.10
CA THR G 594 12.02 -12.32 -26.14
C THR G 594 12.47 -13.78 -26.18
N THR G 595 13.55 -14.03 -25.45
CA THR G 595 14.01 -15.39 -25.20
C THR G 595 13.03 -16.17 -24.33
N GLU G 596 12.10 -15.48 -23.69
CA GLU G 596 11.05 -16.09 -22.89
C GLU G 596 9.77 -16.37 -23.68
N LYS G 597 9.84 -16.27 -25.01
CA LYS G 597 8.68 -16.51 -25.87
C LYS G 597 7.48 -15.65 -25.45
N GLU G 598 7.72 -14.35 -25.28
CA GLU G 598 6.64 -13.40 -25.01
C GLU G 598 6.96 -12.08 -25.68
N LEU G 599 5.92 -11.30 -25.96
CA LEU G 599 6.07 -10.04 -26.67
C LEU G 599 6.35 -8.90 -25.71
N ARG G 600 7.37 -8.11 -26.04
CA ARG G 600 7.79 -6.96 -25.25
C ARG G 600 7.77 -5.73 -26.14
N THR G 601 7.12 -4.67 -25.67
CA THR G 601 6.98 -3.44 -26.44
C THR G 601 8.31 -2.72 -26.50
N GLU G 602 8.74 -2.35 -27.71
CA GLU G 602 9.94 -1.53 -27.84
C GLU G 602 9.63 -0.04 -27.95
N CYS G 603 8.75 0.35 -28.87
CA CYS G 603 8.48 1.76 -29.12
C CYS G 603 7.12 1.92 -29.77
N ASN G 604 6.59 3.14 -29.70
CA ASN G 604 5.23 3.44 -30.10
C ASN G 604 5.15 4.70 -30.93
N HIS G 605 4.09 4.81 -31.74
CA HIS G 605 3.72 6.03 -32.44
C HIS G 605 2.24 6.26 -32.26
N TYR G 606 1.87 7.51 -31.87
CA TYR G 606 0.48 7.78 -31.50
C TYR G 606 -0.24 8.80 -32.36
N ASN G 607 0.39 9.38 -33.37
CA ASN G 607 -0.28 10.43 -34.15
C ASN G 607 -1.10 9.77 -35.25
N ASN G 608 -2.21 9.16 -34.84
CA ASN G 608 -3.12 8.53 -35.78
C ASN G 608 -4.52 8.60 -35.21
N ILE G 609 -5.50 8.79 -36.10
CA ILE G 609 -6.90 8.70 -35.70
C ILE G 609 -7.30 7.24 -35.52
N MET G 610 -7.02 6.40 -36.52
CA MET G 610 -7.21 4.96 -36.42
C MET G 610 -6.25 4.30 -37.40
N ALA G 611 -5.35 3.47 -36.87
CA ALA G 611 -4.28 2.89 -37.68
C ALA G 611 -4.75 1.60 -38.37
N LEU G 612 -5.56 1.78 -39.40
CA LEU G 612 -6.22 0.62 -39.99
C LEU G 612 -5.26 -0.27 -40.78
N TYR G 613 -4.35 0.31 -41.55
CA TYR G 613 -3.52 -0.50 -42.46
C TYR G 613 -2.04 -0.18 -42.30
N LEU G 614 -1.22 -1.24 -42.36
CA LEU G 614 0.22 -1.14 -42.17
C LEU G 614 0.96 -1.93 -43.24
N LYS G 615 2.07 -1.36 -43.72
CA LYS G 615 2.96 -2.03 -44.67
C LYS G 615 4.38 -1.55 -44.38
N THR G 616 5.38 -2.37 -44.76
CA THR G 616 6.77 -2.05 -44.47
C THR G 616 7.70 -2.39 -45.62
N LYS G 617 8.88 -1.75 -45.60
CA LYS G 617 9.99 -2.04 -46.51
C LYS G 617 11.25 -1.58 -45.81
N GLY G 618 12.14 -2.52 -45.48
CA GLY G 618 13.32 -2.14 -44.71
C GLY G 618 12.94 -1.62 -43.35
N ASP G 619 13.47 -0.45 -42.98
CA ASP G 619 13.08 0.22 -41.75
C ASP G 619 11.96 1.22 -41.96
N PHE G 620 11.38 1.27 -43.16
CA PHE G 620 10.29 2.20 -43.47
C PHE G 620 8.94 1.53 -43.23
N ILE G 621 7.98 2.34 -42.80
CA ILE G 621 6.62 1.87 -42.50
C ILE G 621 5.64 2.80 -43.18
N LEU G 622 4.62 2.24 -43.82
CA LEU G 622 3.51 3.02 -44.37
C LEU G 622 2.25 2.73 -43.58
N VAL G 623 1.66 3.76 -42.98
CA VAL G 623 0.46 3.63 -42.15
C VAL G 623 -0.71 4.22 -42.92
N GLY G 624 -1.79 3.45 -43.00
CA GLY G 624 -3.05 3.90 -43.62
C GLY G 624 -4.07 4.14 -42.52
N ASP G 625 -4.78 5.27 -42.62
CA ASP G 625 -5.65 5.75 -41.55
C ASP G 625 -7.08 5.90 -42.05
N LEU G 626 -8.01 5.85 -41.11
CA LEU G 626 -9.42 6.03 -41.45
C LEU G 626 -9.65 7.35 -42.18
N MET G 627 -8.96 8.40 -41.74
CA MET G 627 -8.87 9.70 -42.39
C MET G 627 -7.43 10.13 -42.20
N ARG G 628 -7.01 11.16 -42.91
CA ARG G 628 -5.64 11.68 -42.88
C ARG G 628 -4.72 10.87 -43.78
N SER G 629 -5.27 10.05 -44.66
CA SER G 629 -4.53 9.41 -45.75
C SER G 629 -3.39 8.58 -45.15
N VAL G 630 -2.15 8.75 -45.61
CA VAL G 630 -1.05 7.86 -45.28
C VAL G 630 0.09 8.66 -44.67
N LEU G 631 0.89 7.97 -43.86
CA LEU G 631 2.05 8.54 -43.20
C LEU G 631 3.22 7.58 -43.36
N LEU G 632 4.37 8.12 -43.76
CA LEU G 632 5.60 7.35 -43.90
C LEU G 632 6.41 7.51 -42.61
N LEU G 633 6.42 6.45 -41.80
CA LEU G 633 7.26 6.36 -40.62
C LEU G 633 8.62 5.73 -40.94
N ALA G 634 9.54 5.89 -40.01
CA ALA G 634 10.83 5.22 -40.07
C ALA G 634 11.19 4.72 -38.69
N TYR G 635 11.72 3.50 -38.64
CA TYR G 635 12.33 2.95 -37.45
C TYR G 635 13.78 3.41 -37.41
N LYS G 636 14.21 3.94 -36.27
CA LYS G 636 15.58 4.43 -36.12
C LYS G 636 16.36 3.48 -35.22
N PRO G 637 17.08 2.50 -35.77
CA PRO G 637 17.72 1.50 -34.90
C PRO G 637 18.73 2.13 -33.96
N MET G 638 19.28 3.28 -34.34
CA MET G 638 20.25 3.97 -33.49
C MET G 638 19.65 4.40 -32.17
N GLU G 639 18.35 4.70 -32.14
CA GLU G 639 17.70 5.27 -30.98
C GLU G 639 16.68 4.37 -30.32
N GLY G 640 16.14 3.40 -31.04
CA GLY G 640 15.13 2.53 -30.50
C GLY G 640 13.78 3.21 -30.45
N ASN G 641 13.38 3.80 -31.58
CA ASN G 641 12.14 4.57 -31.64
C ASN G 641 11.70 4.69 -33.10
N PHE G 642 10.59 5.40 -33.31
CA PHE G 642 10.08 5.78 -34.63
C PHE G 642 10.40 7.25 -34.92
N GLU G 643 10.34 7.61 -36.21
CA GLU G 643 10.42 9.01 -36.63
C GLU G 643 9.51 9.22 -37.83
N GLU G 644 8.71 10.28 -37.77
CA GLU G 644 7.82 10.63 -38.88
C GLU G 644 8.60 11.25 -40.02
N ILE G 645 8.59 10.60 -41.18
CA ILE G 645 9.28 11.16 -42.34
C ILE G 645 8.39 12.10 -43.12
N ALA G 646 7.17 11.67 -43.44
CA ALA G 646 6.29 12.51 -44.26
C ALA G 646 4.88 11.97 -44.23
N ARG G 647 3.91 12.89 -44.26
CA ARG G 647 2.50 12.55 -44.25
C ARG G 647 1.80 13.26 -45.40
N ASP G 648 0.78 12.62 -45.95
CA ASP G 648 -0.09 13.25 -46.94
C ASP G 648 -1.23 13.94 -46.19
N PHE G 649 -1.17 15.26 -46.08
CA PHE G 649 -2.12 15.98 -45.24
C PHE G 649 -3.52 15.99 -45.83
N ASN G 650 -3.66 15.87 -47.15
CA ASN G 650 -4.99 15.78 -47.75
C ASN G 650 -5.79 14.67 -47.08
N PRO G 651 -7.03 14.91 -46.67
CA PRO G 651 -7.80 13.87 -45.99
C PRO G 651 -8.33 12.86 -47.00
N ASN G 652 -8.16 11.57 -46.69
CA ASN G 652 -8.70 10.49 -47.50
C ASN G 652 -9.20 9.39 -46.57
N TRP G 653 -10.27 8.74 -46.98
CA TRP G 653 -10.80 7.57 -46.27
C TRP G 653 -10.22 6.33 -46.95
N MET G 654 -9.33 5.63 -46.25
CA MET G 654 -8.54 4.58 -46.86
C MET G 654 -9.19 3.21 -46.76
N SER G 655 -8.97 2.40 -47.80
CA SER G 655 -9.37 1.00 -47.83
C SER G 655 -8.19 0.04 -47.90
N ALA G 656 -7.03 0.48 -48.38
CA ALA G 656 -5.83 -0.34 -48.43
C ALA G 656 -4.66 0.54 -48.84
N VAL G 657 -3.45 0.11 -48.47
CA VAL G 657 -2.22 0.83 -48.78
C VAL G 657 -1.17 -0.17 -49.25
N GLU G 658 -0.21 0.32 -50.02
CA GLU G 658 0.90 -0.50 -50.47
C GLU G 658 2.10 0.39 -50.76
N ILE G 659 3.29 -0.19 -50.60
CA ILE G 659 4.55 0.47 -50.93
C ILE G 659 5.00 0.01 -52.31
N LEU G 660 5.28 0.95 -53.20
CA LEU G 660 5.80 0.63 -54.52
C LEU G 660 7.32 0.54 -54.51
N ASP G 661 7.98 1.55 -53.94
CA ASP G 661 9.43 1.61 -53.81
C ASP G 661 9.75 2.59 -52.69
N ASP G 662 11.04 2.88 -52.51
CA ASP G 662 11.45 3.68 -51.34
C ASP G 662 10.88 5.10 -51.35
N ASP G 663 10.41 5.60 -52.50
CA ASP G 663 9.86 6.94 -52.56
C ASP G 663 8.39 7.01 -52.98
N ASN G 664 7.86 6.01 -53.66
CA ASN G 664 6.48 6.04 -54.14
C ASN G 664 5.58 5.14 -53.28
N PHE G 665 4.36 5.62 -53.01
CA PHE G 665 3.40 4.95 -52.16
C PHE G 665 2.02 4.99 -52.80
N LEU G 666 1.32 3.86 -52.78
CA LEU G 666 0.05 3.69 -53.46
C LEU G 666 -1.11 3.58 -52.48
N GLY G 667 -2.23 4.21 -52.82
CA GLY G 667 -3.39 4.19 -51.95
C GLY G 667 -4.70 4.02 -52.69
N ALA G 668 -5.68 3.48 -51.96
CA ALA G 668 -7.04 3.27 -52.46
C ALA G 668 -8.03 3.73 -51.43
N GLU G 669 -8.95 4.61 -51.82
CA GLU G 669 -9.93 5.22 -50.92
C GLU G 669 -11.33 4.69 -51.18
N ASN G 670 -12.24 5.02 -50.26
CA ASN G 670 -13.63 4.60 -50.32
C ASN G 670 -14.42 5.26 -51.44
N ALA G 671 -13.86 6.25 -52.14
CA ALA G 671 -14.52 6.87 -53.27
C ALA G 671 -14.20 6.17 -54.59
N PHE G 672 -13.55 5.01 -54.51
CA PHE G 672 -13.12 4.24 -55.69
C PHE G 672 -11.99 4.95 -56.43
N ASN G 673 -11.09 5.62 -55.70
CA ASN G 673 -9.99 6.31 -56.33
C ASN G 673 -8.66 5.70 -55.89
N LEU G 674 -7.69 5.75 -56.79
CA LEU G 674 -6.31 5.37 -56.54
C LEU G 674 -5.47 6.64 -56.59
N PHE G 675 -4.50 6.73 -55.68
CA PHE G 675 -3.61 7.88 -55.67
C PHE G 675 -2.23 7.40 -55.23
N VAL G 676 -1.22 8.16 -55.65
CA VAL G 676 0.17 7.85 -55.35
C VAL G 676 0.80 9.09 -54.74
N CYS G 677 1.44 8.91 -53.59
CA CYS G 677 2.13 9.99 -52.89
C CYS G 677 3.63 9.73 -53.00
N GLN G 678 4.42 10.80 -53.07
CA GLN G 678 5.86 10.67 -53.26
C GLN G 678 6.56 11.48 -52.18
N LYS G 679 7.60 10.88 -51.60
CA LYS G 679 8.46 11.61 -50.69
C LYS G 679 9.07 12.76 -51.48
N ASP G 680 9.06 13.96 -50.90
CA ASP G 680 9.57 15.09 -51.65
C ASP G 680 11.09 15.02 -51.77
N SER G 681 11.57 13.98 -52.45
CA SER G 681 12.97 13.80 -52.76
C SER G 681 13.83 14.23 -51.58
N ALA G 682 14.79 15.11 -51.83
CA ALA G 682 15.64 15.66 -50.77
C ALA G 682 15.71 17.19 -50.88
N ALA G 683 14.61 17.87 -50.59
CA ALA G 683 14.63 19.33 -50.53
C ALA G 683 15.26 19.77 -49.22
N THR G 684 15.82 20.98 -49.21
CA THR G 684 16.45 21.47 -47.99
C THR G 684 15.40 21.77 -46.92
N THR G 685 14.26 22.32 -47.32
CA THR G 685 13.23 22.64 -46.34
C THR G 685 12.81 21.39 -45.59
N ASP G 686 12.83 21.44 -44.25
CA ASP G 686 12.27 20.34 -43.49
C ASP G 686 10.79 20.18 -43.79
N GLU G 687 10.12 21.30 -44.09
CA GLU G 687 8.71 21.27 -44.43
C GLU G 687 8.48 20.55 -45.75
N GLU G 688 9.34 20.77 -46.75
CA GLU G 688 9.17 20.04 -48.01
C GLU G 688 9.44 18.54 -47.81
N ARG G 689 10.42 18.19 -46.99
CA ARG G 689 10.70 16.78 -46.76
C ARG G 689 9.52 16.08 -46.09
N GLN G 690 8.88 16.76 -45.13
CA GLN G 690 7.83 16.13 -44.33
C GLN G 690 6.48 16.13 -45.02
N HIS G 691 6.42 16.56 -46.27
CA HIS G 691 5.20 16.63 -47.06
C HIS G 691 5.21 15.54 -48.13
N LEU G 692 4.34 14.55 -47.95
CA LEU G 692 4.03 13.64 -49.04
C LEU G 692 3.12 14.33 -50.04
N GLN G 693 3.52 14.31 -51.32
CA GLN G 693 2.79 15.02 -52.36
C GLN G 693 2.08 13.98 -53.23
N GLU G 694 0.76 14.13 -53.36
CA GLU G 694 -0.01 13.24 -54.21
C GLU G 694 0.44 13.47 -55.64
N VAL G 695 1.15 12.50 -56.23
CA VAL G 695 1.70 12.65 -57.57
C VAL G 695 0.96 11.81 -58.60
N GLY G 696 -0.03 11.02 -58.18
CA GLY G 696 -0.84 10.26 -59.09
C GLY G 696 -2.28 10.22 -58.61
N LEU G 697 -3.23 10.45 -59.50
CA LEU G 697 -4.65 10.39 -59.19
C LEU G 697 -5.34 9.59 -60.29
N PHE G 698 -6.18 8.64 -59.91
CA PHE G 698 -6.82 7.77 -60.89
C PHE G 698 -8.12 7.27 -60.29
N HIS G 699 -9.23 7.49 -61.00
CA HIS G 699 -10.52 6.94 -60.59
C HIS G 699 -10.62 5.51 -61.10
N LEU G 700 -10.60 4.55 -60.18
CA LEU G 700 -10.61 3.14 -60.57
C LEU G 700 -12.01 2.63 -60.87
N GLY G 701 -12.98 2.99 -60.04
CA GLY G 701 -14.32 2.47 -60.20
C GLY G 701 -14.61 1.21 -59.44
N GLU G 702 -13.68 0.75 -58.61
CA GLU G 702 -13.85 -0.45 -57.82
C GLU G 702 -13.36 -0.17 -56.40
N PHE G 703 -13.82 -0.99 -55.46
CA PHE G 703 -13.45 -0.87 -54.06
C PHE G 703 -12.31 -1.84 -53.78
N VAL G 704 -11.14 -1.31 -53.45
CA VAL G 704 -9.94 -2.12 -53.26
C VAL G 704 -9.80 -2.45 -51.78
N ASN G 705 -9.85 -3.75 -51.46
CA ASN G 705 -9.68 -4.21 -50.09
C ASN G 705 -8.24 -4.60 -49.77
N VAL G 706 -7.48 -5.05 -50.76
CA VAL G 706 -6.16 -5.64 -50.52
C VAL G 706 -5.19 -5.30 -51.64
N PHE G 707 -4.01 -4.83 -51.27
CA PHE G 707 -2.86 -4.73 -52.17
C PHE G 707 -1.88 -5.85 -51.87
N CYS G 708 -1.26 -6.39 -52.91
CA CYS G 708 -0.41 -7.57 -52.78
C CYS G 708 0.64 -7.58 -53.88
N HIS G 709 1.91 -7.59 -53.51
CA HIS G 709 2.99 -7.71 -54.48
C HIS G 709 3.03 -9.13 -55.04
N GLY G 710 3.25 -9.26 -56.35
CA GLY G 710 3.37 -10.54 -57.00
C GLY G 710 2.81 -10.50 -58.39
N SER G 711 2.99 -11.59 -59.10
CA SER G 711 2.42 -11.72 -60.42
C SER G 711 2.12 -13.17 -60.79
N LEU G 712 1.05 -13.37 -61.58
CA LEU G 712 0.67 -14.70 -62.01
C LEU G 712 1.43 -15.16 -63.25
N VAL G 713 2.15 -14.26 -63.95
CA VAL G 713 2.96 -14.65 -65.11
C VAL G 713 4.28 -15.26 -64.65
N MET G 714 4.86 -16.10 -65.51
CA MET G 714 6.16 -16.71 -65.22
C MET G 714 7.21 -15.62 -65.38
N GLN G 715 7.85 -15.23 -64.28
CA GLN G 715 8.90 -14.21 -64.31
C GLN G 715 10.18 -14.84 -64.85
N ASN G 716 10.72 -14.29 -65.95
CA ASN G 716 11.92 -14.92 -66.53
C ASN G 716 13.08 -14.75 -65.57
N LEU G 717 13.77 -15.87 -65.29
CA LEU G 717 14.91 -15.81 -64.37
C LEU G 717 16.08 -15.01 -64.93
N GLY G 718 16.12 -14.84 -66.26
CA GLY G 718 17.15 -14.02 -66.90
C GLY G 718 16.66 -12.60 -67.14
N GLU G 719 17.57 -11.65 -66.96
CA GLU G 719 17.22 -10.24 -67.09
C GLU G 719 16.66 -9.93 -68.47
N THR G 720 15.47 -9.33 -68.47
CA THR G 720 14.82 -8.84 -69.68
C THR G 720 14.42 -7.39 -69.47
N SER G 721 14.84 -6.52 -70.39
CA SER G 721 14.54 -5.10 -70.24
C SER G 721 13.06 -4.92 -70.56
N THR G 722 12.21 -4.95 -69.52
CA THR G 722 10.78 -4.72 -69.68
C THR G 722 10.48 -3.31 -69.21
N PRO G 723 9.72 -2.53 -69.99
CA PRO G 723 9.47 -1.13 -69.57
C PRO G 723 8.73 -1.06 -68.24
N THR G 724 7.83 -2.00 -68.00
CA THR G 724 7.13 -2.07 -66.74
C THR G 724 8.08 -2.54 -65.64
N GLN G 725 8.00 -1.89 -64.49
CA GLN G 725 8.81 -2.24 -63.33
C GLN G 725 7.93 -2.45 -62.12
N GLY G 726 8.08 -3.59 -61.46
CA GLY G 726 7.28 -3.91 -60.29
C GLY G 726 5.99 -4.62 -60.65
N SER G 727 5.34 -5.17 -59.63
CA SER G 727 4.07 -5.87 -59.84
C SER G 727 3.29 -5.89 -58.54
N VAL G 728 2.14 -5.22 -58.52
CA VAL G 728 1.22 -5.21 -57.40
C VAL G 728 -0.15 -5.66 -57.86
N LEU G 729 -0.68 -6.70 -57.24
CA LEU G 729 -2.01 -7.20 -57.48
C LEU G 729 -2.97 -6.64 -56.43
N PHE G 730 -4.22 -6.44 -56.81
CA PHE G 730 -5.22 -5.98 -55.86
C PHE G 730 -6.59 -6.60 -56.17
N GLY G 731 -7.36 -6.81 -55.10
CA GLY G 731 -8.70 -7.35 -55.21
C GLY G 731 -9.79 -6.36 -54.85
N THR G 732 -11.01 -6.57 -55.37
CA THR G 732 -12.11 -5.62 -55.20
C THR G 732 -13.34 -6.33 -54.66
N VAL G 733 -14.31 -5.52 -54.22
CA VAL G 733 -15.52 -6.08 -53.66
C VAL G 733 -16.36 -6.73 -54.76
N ASN G 734 -16.26 -6.23 -55.99
CA ASN G 734 -17.03 -6.75 -57.11
C ASN G 734 -16.34 -7.91 -57.82
N GLY G 735 -15.17 -8.34 -57.34
CA GLY G 735 -14.47 -9.48 -57.91
C GLY G 735 -13.38 -9.17 -58.91
N MET G 736 -13.27 -7.93 -59.34
CA MET G 736 -12.21 -7.53 -60.26
C MET G 736 -10.84 -7.71 -59.61
N ILE G 737 -9.89 -8.20 -60.40
CA ILE G 737 -8.48 -8.33 -59.97
C ILE G 737 -7.63 -7.47 -60.90
N GLY G 738 -6.97 -6.48 -60.31
CA GLY G 738 -6.16 -5.54 -61.05
C GLY G 738 -4.67 -5.64 -60.76
N LEU G 739 -3.91 -4.83 -61.50
CA LEU G 739 -2.45 -4.83 -61.47
C LEU G 739 -1.94 -3.41 -61.63
N VAL G 740 -1.02 -3.01 -60.75
CA VAL G 740 -0.38 -1.71 -60.80
C VAL G 740 1.10 -1.92 -61.07
N THR G 741 1.66 -1.09 -61.95
CA THR G 741 3.10 -1.14 -62.21
C THR G 741 3.59 0.27 -62.50
N SER G 742 4.90 0.44 -62.44
CA SER G 742 5.55 1.72 -62.67
C SER G 742 6.23 1.71 -64.04
N LEU G 743 6.25 2.87 -64.68
CA LEU G 743 6.80 3.04 -66.02
C LEU G 743 7.90 4.08 -66.02
N SER G 744 8.74 4.03 -67.05
CA SER G 744 9.72 5.09 -67.26
C SER G 744 9.04 6.33 -67.84
N GLU G 745 9.69 7.48 -67.64
CA GLU G 745 9.11 8.73 -68.13
C GLU G 745 8.88 8.67 -69.64
N SER G 746 9.87 8.18 -70.39
CA SER G 746 9.72 8.08 -71.84
C SER G 746 8.47 7.30 -72.22
N TRP G 747 8.28 6.15 -71.58
CA TRP G 747 7.15 5.27 -71.87
C TRP G 747 5.84 5.91 -71.43
N TYR G 748 5.85 6.62 -70.31
CA TYR G 748 4.62 7.26 -69.85
C TYR G 748 4.11 8.25 -70.88
N ASN G 749 4.97 9.17 -71.33
CA ASN G 749 4.53 10.18 -72.28
C ASN G 749 4.06 9.55 -73.58
N LEU G 750 4.81 8.55 -74.09
CA LEU G 750 4.39 7.87 -75.31
C LEU G 750 3.04 7.22 -75.12
N LEU G 751 2.85 6.53 -74.00
CA LEU G 751 1.59 5.82 -73.75
C LEU G 751 0.48 6.82 -73.46
N LEU G 752 0.76 7.88 -72.71
CA LEU G 752 -0.22 8.94 -72.53
C LEU G 752 -0.62 9.52 -73.88
N ASP G 753 0.38 9.87 -74.69
CA ASP G 753 0.11 10.39 -76.03
C ASP G 753 -0.80 9.45 -76.79
N MET G 754 -0.62 8.14 -76.62
CA MET G 754 -1.47 7.20 -77.32
C MET G 754 -2.89 7.21 -76.78
N GLN G 755 -3.04 7.35 -75.45
CA GLN G 755 -4.38 7.41 -74.88
C GLN G 755 -5.18 8.57 -75.46
N ASN G 756 -4.64 9.79 -75.36
CA ASN G 756 -5.32 10.96 -75.91
C ASN G 756 -5.60 10.77 -77.39
N ARG G 757 -4.69 10.12 -78.12
CA ARG G 757 -4.98 9.76 -79.50
C ARG G 757 -6.05 8.68 -79.58
N LEU G 758 -5.97 7.68 -78.71
CA LEU G 758 -6.94 6.59 -78.77
C LEU G 758 -8.35 7.09 -78.45
N ASN G 759 -8.47 8.05 -77.55
CA ASN G 759 -9.77 8.57 -77.16
C ASN G 759 -10.46 9.34 -78.27
N LYS G 760 -9.70 10.01 -79.14
CA LYS G 760 -10.32 10.70 -80.27
C LYS G 760 -10.90 9.68 -81.24
N VAL G 761 -10.34 8.48 -81.27
CA VAL G 761 -10.74 7.45 -82.22
C VAL G 761 -11.88 6.58 -81.69
N ILE G 762 -11.80 6.18 -80.43
CA ILE G 762 -12.68 5.15 -79.89
C ILE G 762 -14.02 5.75 -79.48
N LYS G 763 -15.10 5.07 -79.85
CA LYS G 763 -16.46 5.43 -79.42
C LYS G 763 -16.83 4.61 -78.20
N SER G 764 -17.18 5.29 -77.11
CA SER G 764 -17.62 4.65 -75.87
C SER G 764 -19.14 4.54 -75.87
N VAL G 765 -19.66 3.53 -75.16
CA VAL G 765 -21.09 3.43 -75.01
C VAL G 765 -21.60 4.58 -74.16
N GLY G 766 -22.65 5.26 -74.63
CA GLY G 766 -23.16 6.46 -74.00
C GLY G 766 -22.43 7.74 -74.34
N LYS G 767 -21.43 7.69 -75.22
CA LYS G 767 -20.65 8.87 -75.59
C LYS G 767 -20.06 9.54 -74.34
N ILE G 768 -19.45 8.72 -73.50
CA ILE G 768 -18.80 9.19 -72.27
C ILE G 768 -17.31 9.46 -72.52
N GLU G 769 -16.88 10.68 -72.21
CA GLU G 769 -15.46 11.03 -72.31
C GLU G 769 -14.62 10.22 -71.34
N HIS G 770 -13.54 9.61 -71.86
CA HIS G 770 -12.64 8.83 -71.03
C HIS G 770 -12.01 9.67 -69.93
N SER G 771 -11.57 10.88 -70.27
CA SER G 771 -10.91 11.73 -69.29
C SER G 771 -11.80 11.98 -68.07
N PHE G 772 -13.10 12.16 -68.30
CA PHE G 772 -14.05 12.38 -67.20
C PHE G 772 -14.17 11.14 -66.32
N TRP G 773 -14.38 9.98 -66.94
CA TRP G 773 -14.58 8.74 -66.18
C TRP G 773 -13.42 8.48 -65.25
N ARG G 774 -12.19 8.59 -65.75
CA ARG G 774 -11.02 8.33 -64.93
C ARG G 774 -10.62 9.52 -64.09
N SER G 775 -11.35 10.63 -64.15
CA SER G 775 -11.04 11.76 -63.30
C SER G 775 -11.32 11.39 -61.85
N PHE G 776 -10.34 11.70 -60.98
CA PHE G 776 -10.53 11.56 -59.54
C PHE G 776 -11.85 12.19 -59.14
N HIS G 777 -12.63 11.47 -58.34
CA HIS G 777 -13.96 11.96 -58.01
C HIS G 777 -14.37 11.54 -56.61
N THR G 778 -14.65 12.54 -55.78
CA THR G 778 -15.40 12.42 -54.54
C THR G 778 -16.62 13.32 -54.70
N GLU G 779 -17.60 13.18 -53.80
CA GLU G 779 -18.74 14.08 -53.88
C GLU G 779 -18.31 15.53 -53.75
N ARG G 780 -17.19 15.78 -53.07
CA ARG G 780 -16.77 17.15 -52.80
C ARG G 780 -15.74 17.67 -53.79
N LYS G 781 -14.92 16.80 -54.37
CA LYS G 781 -13.92 17.22 -55.35
C LYS G 781 -14.00 16.35 -56.60
N THR G 782 -13.58 16.93 -57.72
CA THR G 782 -13.37 16.18 -58.96
C THR G 782 -12.14 16.75 -59.65
N GLU G 783 -11.08 15.96 -59.76
CA GLU G 783 -9.85 16.38 -60.40
C GLU G 783 -9.47 15.41 -61.52
N PRO G 784 -8.80 15.89 -62.56
CA PRO G 784 -8.38 14.99 -63.64
C PRO G 784 -7.27 14.03 -63.21
N ALA G 785 -7.32 12.83 -63.79
CA ALA G 785 -6.31 11.82 -63.51
C ALA G 785 -4.92 12.33 -63.87
N THR G 786 -3.91 11.82 -63.17
CA THR G 786 -2.53 12.18 -63.45
C THR G 786 -1.62 11.06 -62.98
N GLY G 787 -0.56 10.81 -63.74
CA GLY G 787 0.43 9.81 -63.37
C GLY G 787 0.00 8.39 -63.58
N PHE G 788 -1.14 8.17 -64.24
CA PHE G 788 -1.70 6.84 -64.43
C PHE G 788 -2.05 6.63 -65.89
N ILE G 789 -1.70 5.46 -66.41
CA ILE G 789 -2.07 5.05 -67.76
C ILE G 789 -3.19 4.03 -67.65
N ASP G 790 -4.33 4.31 -68.27
CA ASP G 790 -5.43 3.34 -68.28
C ASP G 790 -5.04 2.19 -69.21
N GLY G 791 -4.38 1.17 -68.64
CA GLY G 791 -3.86 0.10 -69.47
C GLY G 791 -4.93 -0.59 -70.29
N ASP G 792 -6.16 -0.65 -69.77
CA ASP G 792 -7.24 -1.26 -70.54
C ASP G 792 -7.56 -0.43 -71.78
N LEU G 793 -7.28 0.87 -71.73
CA LEU G 793 -7.40 1.69 -72.93
C LEU G 793 -6.23 1.44 -73.87
N ILE G 794 -5.01 1.45 -73.33
CA ILE G 794 -3.84 1.16 -74.16
C ILE G 794 -3.99 -0.21 -74.83
N GLU G 795 -4.38 -1.22 -74.06
CA GLU G 795 -4.50 -2.56 -74.62
C GLU G 795 -5.64 -2.70 -75.63
N SER G 796 -6.50 -1.69 -75.77
CA SER G 796 -7.55 -1.75 -76.78
C SER G 796 -7.07 -1.41 -78.18
N PHE G 797 -5.86 -0.87 -78.32
CA PHE G 797 -5.27 -0.59 -79.63
C PHE G 797 -5.18 -1.83 -80.49
N LEU G 798 -4.91 -2.99 -79.90
CA LEU G 798 -4.75 -4.19 -80.69
C LEU G 798 -6.06 -4.71 -81.27
N ASP G 799 -7.20 -4.11 -80.92
CA ASP G 799 -8.49 -4.57 -81.39
C ASP G 799 -9.14 -3.60 -82.36
N ILE G 800 -8.50 -2.47 -82.66
CA ILE G 800 -9.10 -1.48 -83.56
C ILE G 800 -8.65 -1.76 -84.99
N SER G 801 -9.52 -1.39 -85.94
CA SER G 801 -9.26 -1.67 -87.34
C SER G 801 -8.04 -0.91 -87.83
N ARG G 802 -7.45 -1.43 -88.91
CA ARG G 802 -6.24 -0.84 -89.48
C ARG G 802 -6.37 0.64 -89.79
N PRO G 803 -7.47 1.11 -90.39
CA PRO G 803 -7.56 2.56 -90.69
C PRO G 803 -7.31 3.43 -89.47
N LYS G 804 -7.82 3.02 -88.32
CA LYS G 804 -7.68 3.80 -87.09
C LYS G 804 -6.29 3.67 -86.48
N MET G 805 -5.63 2.52 -86.61
CA MET G 805 -4.23 2.46 -86.20
C MET G 805 -3.43 3.54 -86.91
N GLN G 806 -3.70 3.75 -88.19
CA GLN G 806 -3.04 4.82 -88.92
C GLN G 806 -3.37 6.18 -88.34
N GLU G 807 -4.62 6.39 -87.90
CA GLU G 807 -4.94 7.66 -87.26
C GLU G 807 -4.11 7.85 -86.01
N VAL G 808 -3.85 6.78 -85.27
CA VAL G 808 -3.11 6.90 -84.02
C VAL G 808 -1.65 7.21 -84.27
N VAL G 809 -1.02 6.54 -85.24
CA VAL G 809 0.43 6.70 -85.39
C VAL G 809 0.80 7.91 -86.22
N ALA G 810 -0.17 8.64 -86.75
CA ALA G 810 0.16 9.84 -87.51
C ALA G 810 0.87 10.81 -86.58
N ASN G 811 1.97 11.37 -87.05
CA ASN G 811 2.63 12.44 -86.31
C ASN G 811 3.07 11.96 -84.93
N LEU G 812 3.56 10.74 -84.85
CA LEU G 812 3.93 10.09 -83.61
C LEU G 812 5.43 10.21 -83.44
N GLN G 813 5.91 10.06 -82.22
CA GLN G 813 7.33 10.03 -81.92
C GLN G 813 7.65 8.79 -81.08
N TYR G 814 8.60 7.99 -81.53
CA TYR G 814 8.92 6.72 -80.86
C TYR G 814 10.27 6.72 -80.17
N ASP G 815 10.30 6.17 -78.96
CA ASP G 815 11.48 6.10 -78.11
C ASP G 815 12.18 4.76 -78.31
N ASP G 816 13.32 4.78 -78.99
CA ASP G 816 14.16 3.60 -79.22
C ASP G 816 15.14 3.52 -78.06
N GLY G 817 14.86 2.67 -77.07
CA GLY G 817 15.70 2.59 -75.89
C GLY G 817 15.74 3.88 -75.10
N SER G 818 16.90 4.53 -75.06
CA SER G 818 17.05 5.85 -74.47
C SER G 818 17.86 6.70 -75.44
N GLY G 819 17.24 7.76 -75.96
CA GLY G 819 17.94 8.74 -76.77
C GLY G 819 17.50 8.88 -78.21
N MET G 820 16.20 9.00 -78.44
CA MET G 820 15.70 9.12 -79.80
C MET G 820 14.19 9.28 -79.86
N LYS G 821 13.70 10.14 -80.76
CA LYS G 821 12.28 10.21 -81.11
C LYS G 821 12.12 10.15 -82.62
N ARG G 822 11.39 9.14 -83.09
CA ARG G 822 11.18 8.89 -84.50
C ARG G 822 9.68 8.74 -84.77
N GLU G 823 9.18 9.28 -85.88
CA GLU G 823 7.78 8.97 -86.19
C GLU G 823 7.63 7.47 -86.36
N ALA G 824 6.68 6.88 -85.63
CA ALA G 824 6.48 5.44 -85.54
C ALA G 824 5.35 4.97 -86.45
N THR G 825 5.41 3.67 -86.75
CA THR G 825 4.40 2.94 -87.51
C THR G 825 3.47 2.10 -86.62
N ALA G 826 2.34 1.73 -87.21
CA ALA G 826 1.41 0.85 -86.53
C ALA G 826 2.12 -0.38 -85.98
N ASP G 827 3.07 -0.93 -86.74
CA ASP G 827 3.80 -2.10 -86.24
C ASP G 827 4.65 -1.75 -85.01
N ASP G 828 5.25 -0.54 -84.99
CA ASP G 828 6.02 -0.16 -83.82
C ASP G 828 5.15 -0.21 -82.57
N LEU G 829 3.94 0.33 -82.67
CA LEU G 829 3.04 0.37 -81.53
C LEU G 829 2.45 -1.00 -81.20
N ILE G 830 2.09 -1.79 -82.21
CA ILE G 830 1.60 -3.14 -81.90
C ILE G 830 2.63 -3.88 -81.05
N LYS G 831 3.92 -3.68 -81.33
CA LYS G 831 4.94 -4.30 -80.49
C LYS G 831 4.88 -3.74 -79.07
N VAL G 832 4.73 -2.43 -78.95
CA VAL G 832 4.70 -1.81 -77.63
C VAL G 832 3.52 -2.33 -76.82
N VAL G 833 2.34 -2.41 -77.45
CA VAL G 833 1.15 -2.82 -76.73
C VAL G 833 1.25 -4.29 -76.32
N GLU G 834 1.69 -5.14 -77.25
CA GLU G 834 1.77 -6.57 -76.97
C GLU G 834 2.76 -6.89 -75.85
N GLU G 835 3.89 -6.19 -75.81
CA GLU G 835 4.83 -6.43 -74.71
C GLU G 835 4.22 -6.02 -73.37
N LEU G 836 3.34 -5.01 -73.38
CA LEU G 836 2.64 -4.63 -72.16
C LEU G 836 1.58 -5.65 -71.79
N THR G 837 1.03 -6.37 -72.77
CA THR G 837 0.03 -7.38 -72.44
C THR G 837 0.63 -8.56 -71.68
N ARG G 838 1.96 -8.62 -71.54
CA ARG G 838 2.56 -9.79 -70.92
C ARG G 838 2.51 -9.76 -69.40
N ILE G 839 2.29 -8.59 -68.80
CA ILE G 839 2.24 -8.55 -67.33
C ILE G 839 0.84 -8.95 -66.83
N HIS G 840 -0.18 -8.80 -67.66
CA HIS G 840 -1.56 -9.08 -67.26
C HIS G 840 -1.85 -10.56 -67.47
N THR H 7 5.35 32.85 -13.27
CA THR H 7 3.92 33.04 -13.06
C THR H 7 3.13 32.60 -14.29
N GLU H 8 1.79 32.69 -14.20
CA GLU H 8 0.92 32.25 -15.27
C GLU H 8 1.02 33.14 -16.50
N SER H 9 1.55 34.36 -16.35
CA SER H 9 1.56 35.36 -17.40
C SER H 9 2.87 35.44 -18.18
N ASP H 10 3.93 34.81 -17.70
CA ASP H 10 5.28 35.02 -18.24
C ASP H 10 5.50 34.08 -19.43
N TRP H 11 4.97 34.49 -20.58
CA TRP H 11 5.06 33.70 -21.79
C TRP H 11 6.41 33.90 -22.47
N GLY H 12 6.78 32.92 -23.28
CA GLY H 12 7.99 33.00 -24.06
C GLY H 12 9.24 32.56 -23.31
N LYS H 13 9.14 32.32 -22.01
CA LYS H 13 10.27 31.97 -21.18
C LYS H 13 10.36 30.47 -20.95
N ARG H 14 9.24 29.75 -21.02
CA ARG H 14 9.23 28.30 -20.83
C ARG H 14 9.66 27.53 -22.07
N CYS H 15 10.38 26.43 -21.84
CA CYS H 15 10.95 25.66 -22.92
C CYS H 15 9.97 24.58 -23.42
N VAL H 16 10.04 24.32 -24.72
CA VAL H 16 9.22 23.26 -25.33
C VAL H 16 9.60 21.87 -24.85
N ASP H 17 10.71 21.75 -24.09
CA ASP H 17 11.06 20.48 -23.49
C ASP H 17 9.93 19.93 -22.64
N LYS H 18 9.07 20.80 -22.13
CA LYS H 18 7.97 20.43 -21.26
C LYS H 18 6.87 19.72 -22.02
N PHE H 19 7.03 19.55 -23.33
CA PHE H 19 6.09 18.83 -24.18
C PHE H 19 6.76 17.66 -24.89
N ASP H 20 6.08 16.52 -24.92
CA ASP H 20 6.49 15.40 -25.76
C ASP H 20 5.78 15.54 -27.11
N ILE H 21 6.56 15.68 -28.18
CA ILE H 21 5.98 15.84 -29.52
C ILE H 21 5.44 14.50 -29.99
N ILE H 22 4.19 14.50 -30.46
CA ILE H 22 3.52 13.28 -30.88
C ILE H 22 3.52 13.12 -32.39
N GLY H 23 3.43 14.22 -33.13
CA GLY H 23 3.41 14.13 -34.57
C GLY H 23 3.01 15.47 -35.17
N ILE H 24 3.02 15.49 -36.50
CA ILE H 24 2.75 16.69 -37.27
C ILE H 24 1.30 16.64 -37.75
N ILE H 25 0.45 17.49 -37.16
CA ILE H 25 -0.96 17.47 -37.53
C ILE H 25 -1.20 18.16 -38.86
N GLY H 26 -0.54 19.29 -39.10
CA GLY H 26 -0.82 20.00 -40.32
C GLY H 26 0.25 20.99 -40.69
N GLU H 27 0.17 21.47 -41.93
CA GLU H 27 1.02 22.55 -42.42
C GLU H 27 0.26 23.85 -42.26
N GLY H 28 0.83 24.79 -41.51
CA GLY H 28 0.18 26.04 -41.23
C GLY H 28 0.69 27.13 -42.15
N THR H 29 0.15 28.32 -41.93
CA THR H 29 0.54 29.46 -42.76
C THR H 29 1.96 29.89 -42.44
N TYR H 30 2.27 30.13 -41.16
CA TYR H 30 3.59 30.62 -40.76
C TYR H 30 4.57 29.52 -40.38
N GLY H 31 4.13 28.27 -40.29
CA GLY H 31 5.03 27.17 -39.94
C GLY H 31 4.34 25.82 -40.04
N GLN H 32 4.86 24.84 -39.31
CA GLN H 32 4.17 23.57 -39.16
C GLN H 32 3.42 23.50 -37.82
N VAL H 33 2.29 22.78 -37.84
CA VAL H 33 1.45 22.61 -36.66
C VAL H 33 1.67 21.20 -36.15
N TYR H 34 1.98 21.07 -34.86
CA TYR H 34 2.30 19.76 -34.28
C TYR H 34 1.37 19.45 -33.10
N LYS H 35 1.17 18.15 -32.87
CA LYS H 35 0.45 17.63 -31.71
C LYS H 35 1.44 17.18 -30.64
N ALA H 36 1.10 17.43 -29.38
CA ALA H 36 2.04 17.15 -28.29
C ALA H 36 1.30 16.89 -26.98
N LYS H 37 1.99 16.20 -26.07
CA LYS H 37 1.50 15.91 -24.73
C LYS H 37 2.35 16.69 -23.72
N ASP H 38 1.68 17.43 -22.83
CA ASP H 38 2.37 18.14 -21.76
C ASP H 38 2.92 17.16 -20.73
N LYS H 39 4.20 17.31 -20.40
CA LYS H 39 4.84 16.36 -19.49
C LYS H 39 4.32 16.47 -18.05
N ASP H 40 3.95 17.67 -17.59
CA ASP H 40 3.52 17.79 -16.19
C ASP H 40 2.07 17.42 -16.00
N THR H 41 1.20 17.81 -16.93
CA THR H 41 -0.24 17.66 -16.80
C THR H 41 -0.84 16.55 -17.65
N GLY H 42 -0.13 16.10 -18.68
CA GLY H 42 -0.69 15.09 -19.57
C GLY H 42 -1.76 15.63 -20.50
N GLU H 43 -1.85 16.94 -20.66
CA GLU H 43 -2.87 17.53 -21.52
C GLU H 43 -2.38 17.47 -22.97
N LEU H 44 -3.27 17.08 -23.88
CA LEU H 44 -2.95 17.18 -25.29
C LEU H 44 -3.04 18.65 -25.70
N VAL H 45 -2.01 19.12 -26.42
CA VAL H 45 -1.93 20.49 -26.90
C VAL H 45 -1.64 20.41 -28.39
N ALA H 46 -1.67 21.56 -29.05
CA ALA H 46 -1.24 21.67 -30.44
C ALA H 46 -0.31 22.87 -30.54
N LEU H 47 0.91 22.63 -30.99
CA LEU H 47 1.93 23.68 -31.06
C LEU H 47 2.08 24.15 -32.50
N LYS H 48 1.97 25.46 -32.70
CA LYS H 48 2.20 26.08 -33.99
C LYS H 48 3.63 26.62 -34.00
N LYS H 49 4.46 26.10 -34.89
CA LYS H 49 5.86 26.51 -34.90
C LYS H 49 5.97 27.87 -35.58
N VAL H 50 6.66 28.79 -34.93
CA VAL H 50 6.94 30.11 -35.50
C VAL H 50 8.43 30.14 -35.79
N ARG H 51 8.78 30.15 -37.07
CA ARG H 51 10.17 30.13 -37.51
C ARG H 51 10.59 31.54 -37.89
N LEU H 52 11.57 32.08 -37.17
CA LEU H 52 12.23 33.32 -37.61
C LEU H 52 13.64 33.04 -38.10
N ASP H 53 14.00 31.77 -38.32
CA ASP H 53 15.32 31.47 -38.85
C ASP H 53 15.50 32.05 -40.25
N ASN H 54 14.38 32.23 -40.99
CA ASN H 54 14.48 32.94 -42.26
C ASN H 54 14.81 34.41 -42.02
N GLU H 55 14.17 35.04 -41.04
CA GLU H 55 14.50 36.41 -40.62
C GLU H 55 14.40 37.39 -41.79
N LYS H 56 13.61 37.06 -42.81
CA LYS H 56 13.37 38.02 -43.88
C LYS H 56 12.90 39.34 -43.31
N GLU H 57 11.91 39.30 -42.41
CA GLU H 57 11.48 40.46 -41.64
C GLU H 57 11.26 40.10 -40.17
N GLY H 58 11.92 39.05 -39.68
CA GLY H 58 11.79 38.70 -38.28
C GLY H 58 10.47 37.99 -37.99
N PHE H 59 9.98 38.20 -36.77
CA PHE H 59 8.76 37.53 -36.33
C PHE H 59 7.63 37.78 -37.32
N PRO H 60 6.99 36.73 -37.85
CA PRO H 60 5.92 36.94 -38.82
C PRO H 60 4.74 37.70 -38.23
N ILE H 61 4.10 38.51 -39.08
CA ILE H 61 2.93 39.24 -38.63
C ILE H 61 1.73 38.30 -38.49
N THR H 62 1.61 37.30 -39.37
CA THR H 62 0.47 36.38 -39.27
C THR H 62 0.37 35.84 -37.86
N ALA H 63 1.52 35.47 -37.27
CA ALA H 63 1.53 35.06 -35.87
C ALA H 63 1.27 36.25 -34.95
N ILE H 64 1.82 37.42 -35.28
CA ILE H 64 1.63 38.59 -34.43
C ILE H 64 0.15 38.97 -34.34
N ARG H 65 -0.58 38.83 -35.45
CA ARG H 65 -2.02 39.09 -35.35
C ARG H 65 -2.68 38.06 -34.44
N GLU H 66 -2.32 36.79 -34.60
CA GLU H 66 -2.93 35.73 -33.82
C GLU H 66 -2.55 35.78 -32.34
N ILE H 67 -1.34 36.30 -32.02
CA ILE H 67 -0.96 36.40 -30.61
C ILE H 67 -1.63 37.62 -29.99
N LYS H 68 -1.68 38.72 -30.72
CA LYS H 68 -2.33 39.93 -30.24
C LYS H 68 -3.82 39.70 -30.02
N ILE H 69 -4.46 38.98 -30.92
CA ILE H 69 -5.92 38.89 -30.90
C ILE H 69 -6.40 37.82 -29.95
N LEU H 70 -5.76 36.65 -29.93
CA LEU H 70 -6.26 35.56 -29.12
C LEU H 70 -5.97 35.71 -27.64
N ARG H 71 -5.00 36.54 -27.24
CA ARG H 71 -4.87 36.86 -25.82
C ARG H 71 -5.97 37.80 -25.37
N GLN H 72 -6.63 38.48 -26.31
CA GLN H 72 -7.77 39.32 -26.01
C GLN H 72 -9.07 38.53 -25.99
N LEU H 73 -9.18 37.49 -26.81
CA LEU H 73 -10.44 36.77 -27.03
C LEU H 73 -10.50 35.55 -26.15
N ILE H 74 -11.54 35.48 -25.31
CA ILE H 74 -11.79 34.36 -24.43
C ILE H 74 -13.25 33.96 -24.66
N HIS H 75 -13.48 32.92 -25.46
CA HIS H 75 -14.83 32.43 -25.71
C HIS H 75 -14.77 30.93 -25.95
N ARG H 76 -15.89 30.25 -25.64
CA ARG H 76 -15.94 28.80 -25.79
C ARG H 76 -15.78 28.38 -27.24
N SER H 77 -16.20 29.21 -28.18
CA SER H 77 -16.17 28.86 -29.59
C SER H 77 -14.96 29.45 -30.32
N VAL H 78 -13.99 29.97 -29.57
CA VAL H 78 -12.75 30.50 -30.12
C VAL H 78 -11.60 29.68 -29.55
N VAL H 79 -10.68 29.28 -30.42
CA VAL H 79 -9.61 28.41 -29.98
C VAL H 79 -8.75 29.16 -28.97
N ASN H 80 -8.35 28.47 -27.91
CA ASN H 80 -7.64 29.13 -26.83
C ASN H 80 -6.14 28.94 -27.03
N MET H 81 -5.41 30.06 -27.04
CA MET H 81 -3.94 30.02 -26.99
C MET H 81 -3.56 29.95 -25.52
N LYS H 82 -2.83 28.89 -25.15
CA LYS H 82 -2.54 28.62 -23.74
C LYS H 82 -1.26 29.31 -23.27
N GLU H 83 -0.20 29.26 -24.07
CA GLU H 83 1.03 29.94 -23.71
C GLU H 83 1.94 29.94 -24.93
N ILE H 84 3.13 30.51 -24.75
CA ILE H 84 4.16 30.51 -25.78
C ILE H 84 5.46 30.03 -25.14
N VAL H 85 6.10 29.07 -25.79
CA VAL H 85 7.33 28.46 -25.32
C VAL H 85 8.38 28.70 -26.39
N THR H 86 9.63 28.57 -25.99
CA THR H 86 10.74 28.87 -26.87
C THR H 86 11.51 27.58 -27.16
N ASP H 87 12.12 27.52 -28.34
CA ASP H 87 13.08 26.46 -28.60
C ASP H 87 14.25 26.64 -27.65
N LYS H 88 14.96 25.55 -27.38
CA LYS H 88 15.99 25.59 -26.36
C LYS H 88 16.88 26.82 -26.58
N GLN H 89 17.05 27.61 -25.52
CA GLN H 89 17.86 28.82 -25.60
C GLN H 89 19.32 28.45 -25.31
N ASP H 90 19.80 27.53 -26.15
CA ASP H 90 21.16 27.02 -25.99
C ASP H 90 22.19 28.09 -26.26
N ALA H 91 21.85 29.08 -27.08
CA ALA H 91 22.82 30.08 -27.45
C ALA H 91 23.18 30.91 -26.22
N LEU H 92 24.47 31.18 -26.07
CA LEU H 92 24.90 31.99 -24.95
C LEU H 92 24.53 33.44 -25.18
N ASP H 93 24.79 33.90 -26.39
CA ASP H 93 24.48 35.24 -26.84
C ASP H 93 23.20 35.18 -27.64
N PHE H 94 22.27 36.08 -27.34
CA PHE H 94 20.99 36.09 -28.04
C PHE H 94 21.16 36.16 -29.56
N LYS H 95 22.30 36.67 -30.02
CA LYS H 95 22.57 36.74 -31.46
C LYS H 95 22.68 35.34 -32.04
N LYS H 96 23.36 34.44 -31.33
CA LYS H 96 23.58 33.10 -31.85
C LYS H 96 22.28 32.31 -31.83
N ASP H 97 21.22 32.89 -31.28
CA ASP H 97 19.95 32.19 -31.13
C ASP H 97 19.19 32.30 -32.43
N LYS H 98 18.93 31.15 -33.04
CA LYS H 98 18.08 31.03 -34.22
C LYS H 98 16.88 30.15 -33.89
N GLY H 99 16.73 29.79 -32.62
CA GLY H 99 15.63 28.97 -32.20
C GLY H 99 14.29 29.61 -32.49
N ALA H 100 13.27 28.76 -32.47
CA ALA H 100 11.91 29.14 -32.82
C ALA H 100 11.03 29.24 -31.58
N PHE H 101 9.90 29.92 -31.73
CA PHE H 101 8.85 29.95 -30.72
C PHE H 101 7.71 29.02 -31.13
N TYR H 102 6.94 28.60 -30.13
CA TYR H 102 5.78 27.73 -30.34
C TYR H 102 4.57 28.33 -29.66
N LEU H 103 3.45 28.37 -30.37
CA LEU H 103 2.19 28.84 -29.82
C LEU H 103 1.39 27.64 -29.34
N VAL H 104 1.17 27.57 -28.02
CA VAL H 104 0.46 26.44 -27.46
C VAL H 104 -1.03 26.70 -27.56
N PHE H 105 -1.74 25.78 -28.20
CA PHE H 105 -3.19 25.83 -28.30
C PHE H 105 -3.75 24.55 -27.69
N GLU H 106 -5.04 24.59 -27.38
CA GLU H 106 -5.81 23.39 -27.07
C GLU H 106 -5.87 22.49 -28.31
N TYR H 107 -5.92 21.18 -28.08
CA TYR H 107 -5.96 20.22 -29.18
C TYR H 107 -7.41 19.90 -29.48
N MET H 108 -7.83 20.09 -30.72
CA MET H 108 -9.17 19.75 -31.18
C MET H 108 -9.06 18.48 -32.03
N ASP H 109 -9.95 17.52 -31.76
CA ASP H 109 -9.81 16.20 -32.37
C ASP H 109 -9.80 16.27 -33.88
N HIS H 110 -10.82 16.90 -34.47
CA HIS H 110 -10.98 16.91 -35.91
C HIS H 110 -11.24 18.32 -36.44
N ASP H 111 -11.03 18.47 -37.76
CA ASP H 111 -11.40 19.68 -38.49
C ASP H 111 -12.57 19.36 -39.42
N LEU H 112 -13.42 20.36 -39.65
CA LEU H 112 -14.64 20.08 -40.41
C LEU H 112 -14.33 19.57 -41.81
N MET H 113 -13.32 20.13 -42.47
CA MET H 113 -12.99 19.68 -43.82
C MET H 113 -12.65 18.19 -43.83
N GLY H 114 -11.80 17.76 -42.88
CA GLY H 114 -11.39 16.36 -42.86
C GLY H 114 -12.55 15.42 -42.65
N LEU H 115 -13.44 15.74 -41.72
CA LEU H 115 -14.61 14.88 -41.49
C LEU H 115 -15.49 14.83 -42.73
N LEU H 116 -15.70 15.95 -43.40
CA LEU H 116 -16.59 16.00 -44.54
C LEU H 116 -15.95 15.40 -45.79
N GLU H 117 -14.68 15.76 -46.06
CA GLU H 117 -14.00 15.26 -47.24
C GLU H 117 -13.86 13.74 -47.20
N SER H 118 -13.47 13.19 -46.04
CA SER H 118 -13.35 11.74 -45.89
C SER H 118 -14.71 11.05 -46.00
N GLY H 119 -15.80 11.80 -45.94
CA GLY H 119 -17.14 11.25 -46.07
C GLY H 119 -17.63 10.47 -44.87
N LEU H 120 -17.05 10.69 -43.71
CA LEU H 120 -17.22 9.88 -42.51
C LEU H 120 -18.34 10.38 -41.59
N VAL H 121 -19.01 11.48 -41.93
CA VAL H 121 -19.99 12.09 -41.04
C VAL H 121 -21.38 12.26 -41.65
N HIS H 122 -22.38 12.33 -40.78
CA HIS H 122 -23.73 12.76 -41.12
C HIS H 122 -24.22 13.81 -40.13
N PHE H 123 -24.69 14.95 -40.65
CA PHE H 123 -25.20 16.04 -39.84
C PHE H 123 -26.73 16.08 -39.95
N SER H 124 -27.41 15.86 -38.82
CA SER H 124 -28.85 16.04 -38.75
C SER H 124 -29.19 17.52 -38.53
N GLU H 125 -30.47 17.86 -38.65
CA GLU H 125 -30.84 19.27 -38.48
C GLU H 125 -30.40 19.78 -37.11
N ASP H 126 -30.63 19.00 -36.06
CA ASP H 126 -30.25 19.42 -34.72
C ASP H 126 -28.74 19.50 -34.56
N HIS H 127 -27.98 18.62 -35.23
CA HIS H 127 -26.53 18.79 -35.21
C HIS H 127 -26.15 20.10 -35.88
N ILE H 128 -26.81 20.44 -36.98
CA ILE H 128 -26.48 21.67 -37.69
C ILE H 128 -26.85 22.86 -36.82
N LYS H 129 -27.94 22.73 -36.04
CA LYS H 129 -28.32 23.81 -35.14
C LYS H 129 -27.24 24.08 -34.09
N SER H 130 -26.77 23.02 -33.42
CA SER H 130 -25.73 23.23 -32.42
C SER H 130 -24.47 23.77 -33.07
N PHE H 131 -24.16 23.29 -34.27
CA PHE H 131 -22.97 23.74 -34.99
C PHE H 131 -23.04 25.25 -35.22
N MET H 132 -24.10 25.71 -35.89
CA MET H 132 -24.19 27.11 -36.25
C MET H 132 -24.30 27.99 -35.02
N LYS H 133 -25.06 27.56 -34.00
CA LYS H 133 -25.17 28.40 -32.82
C LYS H 133 -23.81 28.64 -32.20
N GLN H 134 -22.99 27.59 -32.10
CA GLN H 134 -21.65 27.77 -31.57
C GLN H 134 -20.82 28.64 -32.50
N LEU H 135 -20.80 28.31 -33.79
CA LEU H 135 -19.97 29.07 -34.71
C LEU H 135 -20.35 30.56 -34.69
N MET H 136 -21.64 30.85 -34.85
CA MET H 136 -22.07 32.23 -34.94
C MET H 136 -21.98 32.96 -33.60
N GLU H 137 -22.16 32.24 -32.49
CA GLU H 137 -21.94 32.85 -31.18
C GLU H 137 -20.51 33.33 -31.03
N GLY H 138 -19.55 32.57 -31.55
CA GLY H 138 -18.16 32.99 -31.49
C GLY H 138 -17.88 34.18 -32.40
N LEU H 139 -18.42 34.15 -33.62
CA LEU H 139 -18.24 35.28 -34.52
C LEU H 139 -18.80 36.54 -33.90
N GLU H 140 -19.93 36.43 -33.19
CA GLU H 140 -20.50 37.61 -32.56
C GLU H 140 -19.54 38.20 -31.53
N TYR H 141 -18.85 37.33 -30.78
CA TYR H 141 -17.87 37.79 -29.80
C TYR H 141 -16.74 38.54 -30.49
N CYS H 142 -16.20 37.96 -31.56
CA CYS H 142 -15.09 38.60 -32.27
C CYS H 142 -15.54 39.87 -32.97
N HIS H 143 -16.73 39.85 -33.60
CA HIS H 143 -17.23 41.05 -34.24
C HIS H 143 -17.52 42.11 -33.19
N LYS H 144 -18.04 41.70 -32.03
CA LYS H 144 -18.27 42.62 -30.94
C LYS H 144 -16.98 43.25 -30.45
N LYS H 145 -15.88 42.50 -30.49
CA LYS H 145 -14.57 43.03 -30.14
C LYS H 145 -13.90 43.71 -31.32
N ASN H 146 -14.63 43.91 -32.42
CA ASN H 146 -14.16 44.63 -33.60
C ASN H 146 -13.05 43.88 -34.34
N PHE H 147 -13.06 42.56 -34.26
CA PHE H 147 -12.11 41.72 -34.97
C PHE H 147 -12.80 40.97 -36.12
N LEU H 148 -12.19 41.03 -37.30
CA LEU H 148 -12.64 40.34 -38.50
C LEU H 148 -11.76 39.12 -38.70
N HIS H 149 -12.37 37.94 -38.87
CA HIS H 149 -11.53 36.75 -39.03
C HIS H 149 -10.84 36.76 -40.38
N ARG H 150 -11.62 36.98 -41.44
CA ARG H 150 -11.20 37.11 -42.82
C ARG H 150 -10.72 35.83 -43.50
N ASP H 151 -10.48 34.77 -42.75
CA ASP H 151 -10.09 33.50 -43.36
C ASP H 151 -10.97 32.40 -42.78
N ILE H 152 -12.24 32.38 -43.16
CA ILE H 152 -13.18 31.38 -42.67
C ILE H 152 -13.39 30.36 -43.79
N LYS H 153 -12.83 29.18 -43.58
CA LYS H 153 -12.97 28.03 -44.47
C LYS H 153 -13.36 26.84 -43.60
N CYS H 154 -13.63 25.71 -44.24
CA CYS H 154 -14.00 24.51 -43.48
C CYS H 154 -12.87 24.04 -42.58
N SER H 155 -11.63 24.08 -43.08
CA SER H 155 -10.49 23.62 -42.28
C SER H 155 -10.28 24.44 -41.02
N ASN H 156 -10.75 25.69 -40.99
CA ASN H 156 -10.52 26.55 -39.83
C ASN H 156 -11.62 26.47 -38.78
N ILE H 157 -12.68 25.71 -39.03
CA ILE H 157 -13.68 25.39 -38.02
C ILE H 157 -13.31 24.02 -37.47
N LEU H 158 -12.90 23.95 -36.20
CA LEU H 158 -12.47 22.70 -35.59
C LEU H 158 -13.56 22.15 -34.67
N LEU H 159 -13.61 20.82 -34.60
CA LEU H 159 -14.66 20.09 -33.91
C LEU H 159 -14.03 18.95 -33.13
N ASN H 160 -14.25 18.92 -31.81
CA ASN H 160 -13.88 17.75 -31.01
C ASN H 160 -15.08 16.82 -30.88
N ASN H 161 -14.84 15.60 -30.36
CA ASN H 161 -15.88 14.58 -30.42
C ASN H 161 -17.13 14.95 -29.61
N SER H 162 -16.97 15.68 -28.51
CA SER H 162 -18.15 16.01 -27.69
C SER H 162 -19.17 16.88 -28.43
N GLY H 163 -18.77 17.50 -29.52
CA GLY H 163 -19.63 18.43 -30.23
C GLY H 163 -19.30 19.90 -30.04
N GLN H 164 -18.27 20.22 -29.28
CA GLN H 164 -17.85 21.61 -29.15
C GLN H 164 -17.17 22.05 -30.45
N ILE H 165 -17.52 23.24 -30.93
CA ILE H 165 -16.93 23.83 -32.12
C ILE H 165 -16.06 25.00 -31.68
N LYS H 166 -14.89 25.13 -32.31
CA LYS H 166 -13.98 26.24 -32.06
C LYS H 166 -13.37 26.74 -33.36
N LEU H 167 -13.30 28.06 -33.50
CA LEU H 167 -12.73 28.72 -34.67
C LEU H 167 -11.24 28.99 -34.48
N ALA H 168 -10.49 28.93 -35.58
CA ALA H 168 -9.03 28.98 -35.50
C ALA H 168 -8.42 29.67 -36.72
N ASP H 169 -7.09 29.72 -36.73
CA ASP H 169 -6.28 30.37 -37.76
C ASP H 169 -6.69 31.84 -37.95
N PHE H 170 -6.58 32.59 -36.86
CA PHE H 170 -6.82 34.02 -36.81
C PHE H 170 -5.62 34.77 -37.38
N GLY H 171 -4.90 34.14 -38.34
CA GLY H 171 -3.69 34.75 -38.89
C GLY H 171 -3.88 35.91 -39.84
N LEU H 172 -5.07 36.07 -40.41
CA LEU H 172 -5.36 37.14 -41.34
C LEU H 172 -6.39 38.09 -40.71
N ALA H 173 -6.32 38.25 -39.40
CA ALA H 173 -7.35 38.95 -38.65
C ALA H 173 -6.91 40.35 -38.29
N ARG H 174 -7.78 41.32 -38.54
CA ARG H 174 -7.50 42.73 -38.28
C ARG H 174 -8.70 43.37 -37.62
N LEU H 175 -8.44 44.49 -36.93
CA LEU H 175 -9.48 45.28 -36.29
C LEU H 175 -10.22 46.12 -37.32
N TYR H 176 -11.48 46.42 -37.02
CA TYR H 176 -12.34 47.18 -37.91
C TYR H 176 -12.97 48.36 -37.17
N ASN H 177 -12.62 49.57 -37.58
CA ASN H 177 -13.33 50.77 -37.14
C ASN H 177 -14.34 51.17 -38.22
N SER H 178 -15.61 51.32 -37.83
CA SER H 178 -16.65 51.61 -38.81
C SER H 178 -16.53 53.04 -39.35
N GLU H 179 -16.23 54.02 -38.50
CA GLU H 179 -16.19 55.40 -38.96
C GLU H 179 -14.95 55.69 -39.78
N GLU H 180 -13.82 55.10 -39.41
CA GLU H 180 -12.56 55.30 -40.13
C GLU H 180 -12.42 54.21 -41.18
N SER H 181 -12.45 54.60 -42.45
CA SER H 181 -12.35 53.63 -43.53
C SER H 181 -10.88 53.52 -43.91
N ARG H 182 -10.30 52.34 -43.73
CA ARG H 182 -8.90 52.11 -44.03
C ARG H 182 -8.86 51.15 -45.20
N PRO H 183 -8.04 51.39 -46.22
CA PRO H 183 -7.93 50.39 -47.29
C PRO H 183 -7.40 49.10 -46.68
N TYR H 184 -8.06 47.98 -46.98
CA TYR H 184 -7.62 46.68 -46.46
C TYR H 184 -7.16 45.88 -47.71
N TPO H 185 -6.97 44.57 -47.57
CA TPO H 185 -6.44 43.71 -48.63
CB TPO H 185 -5.37 42.74 -48.02
CG2 TPO H 185 -4.38 42.34 -49.11
OG1 TPO H 185 -4.81 43.48 -46.92
P TPO H 185 -4.25 42.51 -45.75
O1P TPO H 185 -5.28 41.30 -45.47
O2P TPO H 185 -2.79 41.94 -46.10
O3P TPO H 185 -4.11 43.33 -44.51
C TPO H 185 -7.55 42.95 -49.35
O TPO H 185 -8.31 42.24 -48.70
HA TPO H 185 -6.00 44.26 -49.32
HB TPO H 185 -5.75 41.79 -47.64
HG21 TPO H 185 -3.63 41.65 -48.70
HG22 TPO H 185 -3.87 43.23 -49.48
HG23 TPO H 185 -4.92 41.86 -49.92
N ASN H 186 -7.64 43.07 -50.68
CA ASN H 186 -8.74 42.42 -51.36
C ASN H 186 -8.78 40.90 -51.37
N LYS H 187 -7.62 40.27 -51.32
CA LYS H 187 -7.53 38.81 -51.37
C LYS H 187 -7.44 38.22 -49.96
N VAL H 188 -8.58 38.02 -49.32
CA VAL H 188 -8.56 37.70 -47.90
C VAL H 188 -9.26 36.39 -47.51
N ILE H 189 -10.13 35.79 -48.33
CA ILE H 189 -10.70 34.49 -47.97
C ILE H 189 -10.53 33.53 -49.14
N THR H 190 -10.60 32.22 -48.85
CA THR H 190 -10.45 31.23 -49.92
C THR H 190 -11.59 31.34 -50.90
N LEU H 191 -11.30 31.12 -52.18
CA LEU H 191 -12.23 31.48 -53.24
C LEU H 191 -13.62 30.88 -53.01
N TRP H 192 -13.66 29.63 -52.58
CA TRP H 192 -14.95 28.95 -52.41
C TRP H 192 -15.83 29.67 -51.40
N TYR H 193 -15.22 30.25 -50.37
CA TYR H 193 -15.94 30.95 -49.33
C TYR H 193 -15.67 32.45 -49.39
N ARG H 194 -15.34 32.95 -50.58
CA ARG H 194 -15.05 34.38 -50.61
C ARG H 194 -16.33 35.13 -50.95
N PRO H 195 -16.58 36.25 -50.29
CA PRO H 195 -17.84 36.99 -50.52
C PRO H 195 -17.85 37.66 -51.89
N PRO H 196 -19.04 37.99 -52.41
CA PRO H 196 -19.10 38.66 -53.71
C PRO H 196 -18.43 40.01 -53.70
N GLU H 197 -18.58 40.75 -52.59
CA GLU H 197 -18.02 42.09 -52.51
C GLU H 197 -16.51 42.07 -52.75
N LEU H 198 -15.81 41.12 -52.11
CA LEU H 198 -14.36 41.05 -52.31
C LEU H 198 -14.01 40.61 -53.72
N LEU H 199 -14.86 39.81 -54.35
CA LEU H 199 -14.56 39.41 -55.73
C LEU H 199 -14.63 40.60 -56.67
N LEU H 200 -15.59 41.50 -56.46
CA LEU H 200 -15.75 42.70 -57.28
C LEU H 200 -14.79 43.81 -56.88
N GLY H 201 -13.89 43.55 -55.94
CA GLY H 201 -12.78 44.44 -55.67
C GLY H 201 -12.95 45.43 -54.56
N GLU H 202 -13.85 45.19 -53.61
CA GLU H 202 -13.97 46.07 -52.47
C GLU H 202 -12.78 45.89 -51.55
N GLU H 203 -12.10 46.99 -51.24
CA GLU H 203 -10.94 46.97 -50.36
C GLU H 203 -11.22 47.45 -48.95
N ARG H 204 -12.40 48.04 -48.72
CA ARG H 204 -12.85 48.54 -47.42
C ARG H 204 -14.08 47.71 -47.03
N TYR H 205 -13.84 46.58 -46.39
CA TYR H 205 -14.91 45.63 -46.16
C TYR H 205 -15.44 45.58 -44.72
N THR H 206 -16.68 45.13 -44.64
CA THR H 206 -17.41 44.92 -43.40
C THR H 206 -17.02 43.61 -42.73
N PRO H 207 -17.47 43.45 -41.48
CA PRO H 207 -17.42 42.11 -40.86
C PRO H 207 -18.31 41.13 -41.58
N ALA H 208 -19.16 41.60 -42.48
CA ALA H 208 -20.08 40.74 -43.21
C ALA H 208 -19.36 39.80 -44.17
N ILE H 209 -18.07 40.03 -44.42
CA ILE H 209 -17.31 39.08 -45.25
C ILE H 209 -17.34 37.71 -44.60
N ASP H 210 -17.26 37.67 -43.27
CA ASP H 210 -17.25 36.40 -42.55
C ASP H 210 -18.62 35.75 -42.57
N VAL H 211 -19.69 36.55 -42.46
CA VAL H 211 -21.02 35.93 -42.49
C VAL H 211 -21.22 35.18 -43.81
N TRP H 212 -20.78 35.77 -44.92
CA TRP H 212 -20.90 35.07 -46.19
C TRP H 212 -20.18 33.72 -46.14
N SER H 213 -18.97 33.70 -45.59
CA SER H 213 -18.23 32.46 -45.45
C SER H 213 -19.01 31.46 -44.61
N CYS H 214 -19.52 31.91 -43.46
CA CYS H 214 -20.29 31.03 -42.58
C CYS H 214 -21.62 30.61 -43.20
N GLY H 215 -22.16 31.39 -44.12
CA GLY H 215 -23.37 31.01 -44.80
C GLY H 215 -23.08 29.91 -45.80
N CYS H 216 -22.01 30.11 -46.56
CA CYS H 216 -21.52 29.04 -47.43
C CYS H 216 -21.38 27.74 -46.65
N ILE H 217 -20.91 27.81 -45.41
CA ILE H 217 -20.77 26.61 -44.59
C ILE H 217 -22.12 26.06 -44.20
N LEU H 218 -23.08 26.92 -43.84
CA LEU H 218 -24.40 26.40 -43.47
C LEU H 218 -24.99 25.56 -44.59
N GLY H 219 -24.84 26.01 -45.83
CA GLY H 219 -25.32 25.21 -46.95
C GLY H 219 -24.52 23.93 -47.13
N GLU H 220 -23.20 24.00 -46.88
CA GLU H 220 -22.37 22.83 -47.05
C GLU H 220 -22.80 21.71 -46.09
N LEU H 221 -23.22 22.08 -44.89
CA LEU H 221 -23.69 21.08 -43.94
C LEU H 221 -24.99 20.43 -44.40
N PHE H 222 -25.73 21.08 -45.31
CA PHE H 222 -26.98 20.54 -45.84
C PHE H 222 -26.82 19.84 -47.19
N THR H 223 -25.73 20.10 -47.91
CA THR H 223 -25.47 19.40 -49.17
C THR H 223 -24.28 18.46 -49.07
N LYS H 224 -23.43 18.62 -48.06
CA LYS H 224 -22.18 17.88 -47.91
C LYS H 224 -21.22 18.16 -49.06
N LYS H 225 -21.52 19.14 -49.89
CA LYS H 225 -20.70 19.56 -51.01
C LYS H 225 -20.55 21.07 -50.88
N PRO H 226 -19.38 21.65 -51.11
CA PRO H 226 -19.29 23.12 -51.06
C PRO H 226 -20.28 23.73 -52.03
N ILE H 227 -20.81 24.89 -51.67
CA ILE H 227 -21.90 25.47 -52.46
C ILE H 227 -21.37 26.07 -53.75
N PHE H 228 -20.29 26.86 -53.65
CA PHE H 228 -19.69 27.54 -54.80
C PHE H 228 -18.27 27.03 -54.98
N GLN H 229 -18.05 26.15 -55.96
CA GLN H 229 -16.73 25.59 -56.23
C GLN H 229 -16.25 26.01 -57.61
N ALA H 230 -15.18 26.81 -57.63
CA ALA H 230 -14.58 27.30 -58.86
C ALA H 230 -13.10 27.54 -58.60
N ASN H 231 -12.36 27.77 -59.68
CA ASN H 231 -10.92 27.99 -59.60
C ASN H 231 -10.50 29.44 -59.81
N LEU H 232 -11.29 30.24 -60.53
CA LEU H 232 -10.93 31.63 -60.80
C LEU H 232 -12.05 32.58 -60.36
N GLU H 233 -11.63 33.78 -59.98
CA GLU H 233 -12.53 34.73 -59.33
C GLU H 233 -13.75 35.02 -60.19
N LEU H 234 -13.58 35.12 -61.51
CA LEU H 234 -14.75 35.34 -62.35
C LEU H 234 -15.68 34.13 -62.30
N ALA H 235 -15.12 32.93 -62.53
CA ALA H 235 -15.93 31.73 -62.47
C ALA H 235 -16.68 31.63 -61.15
N GLN H 236 -16.09 32.11 -60.06
CA GLN H 236 -16.77 32.09 -58.77
C GLN H 236 -17.97 33.03 -58.78
N LEU H 237 -17.78 34.27 -59.26
CA LEU H 237 -18.90 35.23 -59.31
C LEU H 237 -20.05 34.69 -60.15
N GLU H 238 -19.74 33.97 -61.23
CA GLU H 238 -20.80 33.39 -62.03
C GLU H 238 -21.61 32.39 -61.24
N LEU H 239 -20.91 31.52 -60.49
CA LEU H 239 -21.60 30.54 -59.68
C LEU H 239 -22.39 31.21 -58.57
N ILE H 240 -21.79 32.20 -57.92
CA ILE H 240 -22.52 32.97 -56.92
C ILE H 240 -23.78 33.57 -57.54
N SER H 241 -23.66 34.10 -58.75
CA SER H 241 -24.77 34.78 -59.40
C SER H 241 -25.83 33.80 -59.88
N ARG H 242 -25.45 32.59 -60.30
CA ARG H 242 -26.44 31.65 -60.79
C ARG H 242 -27.51 31.37 -59.74
N LEU H 243 -27.11 31.35 -58.47
CA LEU H 243 -27.98 31.01 -57.36
C LEU H 243 -28.56 32.23 -56.68
N CYS H 244 -27.73 33.22 -56.35
CA CYS H 244 -28.16 34.35 -55.56
C CYS H 244 -28.67 35.50 -56.40
N GLY H 245 -28.59 35.40 -57.72
CA GLY H 245 -28.87 36.54 -58.58
C GLY H 245 -27.61 37.32 -58.88
N SER H 246 -27.62 37.98 -60.03
CA SER H 246 -26.44 38.72 -60.45
C SER H 246 -26.32 40.02 -59.65
N PRO H 247 -25.10 40.42 -59.27
CA PRO H 247 -24.93 41.76 -58.68
C PRO H 247 -25.41 42.84 -59.63
N CYS H 248 -26.31 43.70 -59.15
CA CYS H 248 -26.86 44.77 -59.96
C CYS H 248 -27.44 45.82 -59.04
N PRO H 249 -27.49 47.08 -59.47
CA PRO H 249 -28.01 48.14 -58.57
C PRO H 249 -29.42 47.89 -58.06
N ALA H 250 -30.23 47.09 -58.76
CA ALA H 250 -31.60 46.85 -58.33
C ALA H 250 -31.67 46.19 -56.96
N VAL H 251 -30.71 45.31 -56.64
CA VAL H 251 -30.69 44.60 -55.36
C VAL H 251 -29.53 45.03 -54.49
N TRP H 252 -28.60 45.82 -55.04
CA TRP H 252 -27.36 46.18 -54.34
C TRP H 252 -27.02 47.59 -54.78
N PRO H 253 -27.73 48.59 -54.23
CA PRO H 253 -27.65 49.93 -54.83
C PRO H 253 -26.23 50.45 -55.02
N ASP H 254 -25.32 50.19 -54.09
CA ASP H 254 -23.98 50.75 -54.13
C ASP H 254 -22.97 49.91 -54.92
N VAL H 255 -23.41 48.89 -55.64
CA VAL H 255 -22.47 48.04 -56.37
C VAL H 255 -21.73 48.83 -57.45
N ILE H 256 -22.34 49.90 -57.95
CA ILE H 256 -21.74 50.67 -59.03
C ILE H 256 -20.47 51.37 -58.60
N ARG H 257 -20.27 51.53 -57.29
CA ARG H 257 -19.03 52.08 -56.77
C ARG H 257 -17.88 51.09 -56.82
N LEU H 258 -18.15 49.86 -57.09
CA LEU H 258 -17.08 48.87 -56.94
C LEU H 258 -16.17 48.90 -58.15
N PRO H 259 -14.87 48.68 -57.94
CA PRO H 259 -13.93 48.78 -59.07
C PRO H 259 -14.34 47.95 -60.25
N TYR H 260 -14.67 46.68 -60.02
CA TYR H 260 -14.84 45.72 -61.09
C TYR H 260 -16.30 45.44 -61.42
N PHE H 261 -17.21 46.34 -61.05
CA PHE H 261 -18.61 46.08 -61.34
C PHE H 261 -18.83 45.98 -62.84
N ASN H 262 -18.28 46.92 -63.61
CA ASN H 262 -18.37 46.81 -65.06
C ASN H 262 -17.52 45.66 -65.57
N THR H 263 -16.34 45.47 -64.96
CA THR H 263 -15.36 44.51 -65.45
C THR H 263 -15.85 43.07 -65.34
N MET H 264 -16.32 42.68 -64.16
CA MET H 264 -16.66 41.27 -63.92
C MET H 264 -18.16 41.10 -64.04
N LYS H 265 -18.61 41.16 -65.29
CA LYS H 265 -20.04 40.90 -65.44
C LYS H 265 -20.29 39.40 -65.56
N PRO H 266 -21.36 38.90 -64.96
CA PRO H 266 -21.72 37.49 -65.17
C PRO H 266 -22.26 37.25 -66.57
N LYS H 267 -22.29 35.96 -66.93
CA LYS H 267 -22.78 35.57 -68.25
C LYS H 267 -24.11 36.23 -68.57
N LYS H 268 -25.01 36.25 -67.59
CA LYS H 268 -26.33 36.85 -67.72
C LYS H 268 -26.61 37.72 -66.50
N GLN H 269 -27.78 38.37 -66.51
CA GLN H 269 -28.36 39.00 -65.33
C GLN H 269 -29.33 37.98 -64.72
N TYR H 270 -28.79 37.08 -63.89
CA TYR H 270 -29.60 36.01 -63.32
C TYR H 270 -30.58 36.58 -62.29
N ARG H 271 -31.59 35.77 -61.96
CA ARG H 271 -32.52 36.02 -60.87
C ARG H 271 -32.22 35.10 -59.69
N ARG H 272 -32.61 35.56 -58.50
CA ARG H 272 -32.28 34.79 -57.30
C ARG H 272 -33.13 33.53 -57.28
N ARG H 273 -32.46 32.38 -57.17
CA ARG H 273 -33.11 31.09 -57.11
C ARG H 273 -32.72 30.31 -55.86
N LEU H 274 -32.01 30.95 -54.93
CA LEU H 274 -31.51 30.25 -53.75
C LEU H 274 -32.60 29.42 -53.09
N ARG H 275 -33.77 30.02 -52.86
CA ARG H 275 -34.84 29.29 -52.21
C ARG H 275 -35.31 28.12 -53.06
N GLU H 276 -35.33 28.28 -54.38
CA GLU H 276 -35.76 27.17 -55.22
C GLU H 276 -34.74 26.03 -55.18
N GLU H 277 -33.45 26.35 -55.35
CA GLU H 277 -32.44 25.31 -55.42
C GLU H 277 -32.15 24.67 -54.07
N PHE H 278 -32.38 25.39 -52.98
CA PHE H 278 -32.23 24.81 -51.64
C PHE H 278 -33.57 24.47 -51.02
N SER H 279 -34.57 24.14 -51.84
CA SER H 279 -35.90 23.87 -51.30
C SER H 279 -35.88 22.68 -50.35
N PHE H 280 -34.88 21.81 -50.44
CA PHE H 280 -34.81 20.66 -49.55
C PHE H 280 -34.45 21.07 -48.13
N ILE H 281 -33.85 22.25 -47.95
CA ILE H 281 -33.48 22.73 -46.62
C ILE H 281 -34.74 23.08 -45.84
N PRO H 282 -34.77 22.86 -44.51
CA PRO H 282 -35.92 23.31 -43.71
C PRO H 282 -36.15 24.81 -43.80
N SER H 283 -37.42 25.19 -43.64
CA SER H 283 -37.79 26.58 -43.87
C SER H 283 -37.04 27.52 -42.95
N ALA H 284 -36.98 27.19 -41.66
CA ALA H 284 -36.25 28.03 -40.71
C ALA H 284 -34.82 28.24 -41.15
N ALA H 285 -34.15 27.15 -41.57
CA ALA H 285 -32.80 27.28 -42.07
C ALA H 285 -32.77 28.03 -43.39
N LEU H 286 -33.69 27.70 -44.30
CA LEU H 286 -33.68 28.35 -45.61
C LEU H 286 -33.78 29.87 -45.46
N ASP H 287 -34.63 30.34 -44.54
CA ASP H 287 -34.67 31.78 -44.26
C ASP H 287 -33.30 32.28 -43.84
N LEU H 288 -32.61 31.53 -42.99
CA LEU H 288 -31.26 31.91 -42.57
C LEU H 288 -30.31 31.93 -43.75
N LEU H 289 -30.32 30.87 -44.57
CA LEU H 289 -29.41 30.82 -45.70
C LEU H 289 -29.61 32.02 -46.62
N ASP H 290 -30.88 32.33 -46.94
CA ASP H 290 -31.16 33.45 -47.84
C ASP H 290 -30.63 34.76 -47.26
N HIS H 291 -30.78 34.96 -45.96
CA HIS H 291 -30.31 36.20 -45.35
C HIS H 291 -28.79 36.22 -45.25
N MET H 292 -28.18 35.09 -44.89
CA MET H 292 -26.73 35.07 -44.78
C MET H 292 -26.07 35.27 -46.14
N LEU H 293 -26.67 34.77 -47.22
CA LEU H 293 -26.11 34.88 -48.55
C LEU H 293 -26.73 36.02 -49.37
N THR H 294 -27.17 37.08 -48.71
CA THR H 294 -27.64 38.26 -49.42
C THR H 294 -26.44 38.97 -50.04
N LEU H 295 -26.61 39.44 -51.28
CA LEU H 295 -25.48 39.98 -52.02
C LEU H 295 -24.94 41.26 -51.38
N ASP H 296 -25.81 42.20 -51.07
CA ASP H 296 -25.36 43.50 -50.56
C ASP H 296 -24.80 43.33 -49.15
N PRO H 297 -23.53 43.66 -48.91
CA PRO H 297 -22.99 43.47 -47.56
C PRO H 297 -23.79 44.20 -46.49
N SER H 298 -24.47 45.28 -46.85
CA SER H 298 -25.26 46.04 -45.91
C SER H 298 -26.60 45.39 -45.60
N LYS H 299 -27.14 44.57 -46.51
CA LYS H 299 -28.39 43.87 -46.24
C LYS H 299 -28.15 42.48 -45.67
N ARG H 300 -26.90 42.00 -45.69
CA ARG H 300 -26.59 40.69 -45.15
C ARG H 300 -26.66 40.74 -43.63
N CYS H 301 -27.33 39.75 -43.06
CA CYS H 301 -27.49 39.70 -41.62
C CYS H 301 -26.12 39.71 -40.91
N THR H 302 -26.14 40.19 -39.68
CA THR H 302 -24.94 40.14 -38.84
C THR H 302 -24.95 38.87 -38.02
N ALA H 303 -23.87 38.64 -37.28
CA ALA H 303 -23.82 37.45 -36.43
C ALA H 303 -24.92 37.49 -35.39
N GLU H 304 -25.10 38.64 -34.75
CA GLU H 304 -26.14 38.72 -33.72
C GLU H 304 -27.50 38.35 -34.27
N GLN H 305 -27.81 38.77 -35.49
CA GLN H 305 -29.12 38.50 -36.06
C GLN H 305 -29.30 37.03 -36.38
N THR H 306 -28.23 36.35 -36.82
CA THR H 306 -28.35 34.91 -37.06
C THR H 306 -28.70 34.17 -35.76
N LEU H 307 -28.14 34.62 -34.64
CA LEU H 307 -28.47 34.03 -33.34
C LEU H 307 -29.88 34.38 -32.89
N GLN H 308 -30.47 35.46 -33.40
CA GLN H 308 -31.86 35.77 -33.10
C GLN H 308 -32.76 35.35 -34.27
N SER H 309 -32.56 34.12 -34.75
CA SER H 309 -33.34 33.58 -35.86
C SER H 309 -34.21 32.42 -35.38
N ASP H 310 -35.29 32.17 -36.11
CA ASP H 310 -36.15 31.05 -35.79
C ASP H 310 -35.36 29.74 -35.76
N PHE H 311 -34.24 29.70 -36.49
CA PHE H 311 -33.45 28.47 -36.58
C PHE H 311 -32.56 28.27 -35.36
N LEU H 312 -31.91 29.34 -34.89
CA LEU H 312 -30.94 29.23 -33.80
C LEU H 312 -31.35 29.89 -32.51
N LYS H 313 -32.44 30.66 -32.52
CA LYS H 313 -32.80 31.47 -31.36
C LYS H 313 -32.99 30.61 -30.13
N ASP H 314 -33.75 29.52 -30.28
CA ASP H 314 -34.14 28.68 -29.16
C ASP H 314 -33.28 27.43 -29.01
N VAL H 315 -32.17 27.34 -29.73
CA VAL H 315 -31.28 26.20 -29.57
C VAL H 315 -30.57 26.27 -28.23
N GLU H 316 -30.59 25.16 -27.49
CA GLU H 316 -29.87 25.07 -26.23
C GLU H 316 -28.59 24.26 -26.42
N LEU H 317 -27.44 24.91 -26.20
CA LEU H 317 -26.16 24.22 -26.26
C LEU H 317 -25.85 23.42 -25.02
N SER H 318 -26.58 23.66 -23.92
CA SER H 318 -26.50 22.74 -22.78
C SER H 318 -26.88 21.34 -23.21
N LYS H 319 -27.92 21.24 -24.03
CA LYS H 319 -28.33 19.99 -24.68
C LYS H 319 -27.62 19.82 -26.02
N MET H 320 -26.30 19.72 -25.96
CA MET H 320 -25.50 19.53 -27.17
C MET H 320 -25.94 18.27 -27.91
N THR I 24 -3.60 35.33 -15.73
CA THR I 24 -4.05 35.38 -17.13
C THR I 24 -3.10 36.26 -17.95
N LYS I 25 -3.28 37.57 -17.87
CA LYS I 25 -2.43 38.56 -18.51
C LYS I 25 -1.62 39.32 -17.47
N PRO I 26 -0.42 39.78 -17.81
CA PRO I 26 0.46 40.36 -16.79
C PRO I 26 0.10 41.77 -16.37
N CYS I 27 0.69 42.16 -15.24
CA CYS I 27 0.55 43.50 -14.67
C CYS I 27 1.69 44.39 -15.13
N TRP I 28 1.34 45.56 -15.67
CA TRP I 28 2.32 46.45 -16.26
C TRP I 28 2.48 47.78 -15.53
N TYR I 29 2.07 47.88 -14.27
CA TYR I 29 2.08 49.15 -13.55
C TYR I 29 2.85 49.03 -12.24
N TRP I 30 3.78 49.96 -12.05
CA TRP I 30 4.64 50.03 -10.88
C TRP I 30 4.36 51.32 -10.11
N ASP I 31 4.81 51.35 -8.86
CA ASP I 31 4.78 52.58 -8.08
C ASP I 31 6.04 53.37 -8.34
N LYS I 32 5.94 54.70 -8.24
CA LYS I 32 7.09 55.57 -8.45
C LYS I 32 8.30 55.10 -7.67
N LYS I 33 8.11 54.73 -6.40
CA LYS I 33 9.23 54.32 -5.55
C LYS I 33 10.04 53.21 -6.20
N ASP I 34 9.42 52.38 -7.03
CA ASP I 34 10.08 51.21 -7.58
C ASP I 34 11.10 51.56 -8.65
N LEU I 35 11.00 52.74 -9.25
CA LEU I 35 11.94 53.12 -10.30
C LEU I 35 13.35 53.31 -9.77
N ALA I 36 13.52 53.42 -8.46
CA ALA I 36 14.85 53.50 -7.88
C ALA I 36 15.56 52.17 -7.90
N HIS I 37 14.90 51.14 -8.46
CA HIS I 37 15.43 49.78 -8.47
C HIS I 37 15.34 49.15 -9.86
N THR I 38 15.42 49.96 -10.92
CA THR I 38 15.54 49.40 -12.24
C THR I 38 16.92 48.78 -12.45
N PRO I 39 17.04 47.82 -13.34
CA PRO I 39 18.39 47.29 -13.66
C PRO I 39 19.40 48.40 -13.92
N SER I 40 18.98 49.47 -14.60
CA SER I 40 19.87 50.57 -14.89
C SER I 40 20.39 51.22 -13.61
N GLN I 41 19.49 51.50 -12.66
CA GLN I 41 19.92 52.06 -11.39
C GLN I 41 20.90 51.15 -10.69
N LEU I 42 20.61 49.84 -10.65
CA LEU I 42 21.41 48.91 -9.90
C LEU I 42 22.74 48.58 -10.58
N GLU I 43 22.91 48.98 -11.85
CA GLU I 43 24.21 48.90 -12.50
C GLU I 43 24.98 50.23 -12.40
N GLY I 44 24.57 51.12 -11.51
CA GLY I 44 25.33 52.33 -11.25
C GLY I 44 24.85 53.57 -11.99
N LEU I 45 23.81 53.46 -12.80
CA LEU I 45 23.24 54.61 -13.48
C LEU I 45 22.43 55.45 -12.49
N ASP I 46 22.65 56.77 -12.51
CA ASP I 46 21.92 57.61 -11.56
C ASP I 46 20.54 57.98 -12.09
N PRO I 47 19.65 58.42 -11.21
CA PRO I 47 18.25 58.67 -11.65
C PRO I 47 18.15 59.70 -12.75
N ALA I 48 18.92 60.78 -12.68
CA ALA I 48 18.86 61.79 -13.72
C ALA I 48 19.22 61.20 -15.08
N THR I 49 20.26 60.37 -15.12
CA THR I 49 20.71 59.81 -16.39
C THR I 49 19.68 58.86 -16.99
N GLU I 50 19.12 57.95 -16.18
CA GLU I 50 18.12 57.03 -16.73
C GLU I 50 16.94 57.82 -17.27
N ALA I 51 16.49 58.84 -16.53
CA ALA I 51 15.41 59.68 -17.02
C ALA I 51 15.79 60.33 -18.35
N ARG I 52 17.02 60.84 -18.44
CA ARG I 52 17.48 61.42 -19.70
C ARG I 52 17.47 60.39 -20.82
N TYR I 53 18.02 59.19 -20.56
CA TYR I 53 18.01 58.13 -21.56
C TYR I 53 16.59 57.79 -22.00
N ARG I 54 15.65 57.78 -21.06
CA ARG I 54 14.27 57.48 -21.39
C ARG I 54 13.72 58.56 -22.34
N ARG I 55 13.94 59.83 -22.01
CA ARG I 55 13.43 60.89 -22.88
C ARG I 55 14.10 60.87 -24.25
N GLU I 56 15.41 60.62 -24.27
CA GLU I 56 16.13 60.63 -25.54
C GLU I 56 15.69 59.48 -26.44
N GLY I 57 15.53 58.29 -25.87
CA GLY I 57 15.04 57.18 -26.66
C GLY I 57 13.60 57.40 -27.12
N ALA I 58 12.77 57.96 -26.25
CA ALA I 58 11.37 58.17 -26.62
C ALA I 58 11.27 59.15 -27.78
N ARG I 59 11.95 60.28 -27.70
CA ARG I 59 11.90 61.24 -28.79
C ARG I 59 12.49 60.67 -30.08
N PHE I 60 13.44 59.74 -29.96
CA PHE I 60 14.00 59.09 -31.14
C PHE I 60 12.95 58.25 -31.84
N ILE I 61 12.24 57.41 -31.10
CA ILE I 61 11.11 56.68 -31.67
C ILE I 61 10.10 57.65 -32.27
N PHE I 62 9.74 58.69 -31.51
CA PHE I 62 8.77 59.67 -31.98
C PHE I 62 9.24 60.31 -33.28
N ASP I 63 10.50 60.72 -33.33
CA ASP I 63 11.01 61.41 -34.51
C ASP I 63 11.18 60.45 -35.68
N VAL I 64 11.74 59.26 -35.44
CA VAL I 64 11.92 58.32 -36.53
C VAL I 64 10.58 57.95 -37.16
N GLY I 65 9.62 57.57 -36.32
CA GLY I 65 8.33 57.16 -36.83
C GLY I 65 7.58 58.28 -37.52
N THR I 66 7.70 59.50 -37.02
CA THR I 66 7.03 60.64 -37.65
C THR I 66 7.55 60.87 -39.07
N ARG I 67 8.87 60.75 -39.27
CA ARG I 67 9.40 60.91 -40.62
C ARG I 67 8.86 59.83 -41.55
N LEU I 68 8.56 58.65 -41.02
CA LEU I 68 8.03 57.57 -41.80
C LEU I 68 6.52 57.69 -42.01
N GLY I 69 5.90 58.70 -41.43
CA GLY I 69 4.49 58.93 -41.64
C GLY I 69 3.61 58.03 -40.80
N LEU I 70 4.07 57.63 -39.62
CA LEU I 70 3.36 56.62 -38.87
C LEU I 70 2.23 57.22 -38.07
N HIS I 71 1.13 56.47 -37.98
CA HIS I 71 0.00 56.84 -37.14
C HIS I 71 0.50 57.07 -35.72
N TYR I 72 -0.20 57.95 -34.98
CA TYR I 72 0.29 58.30 -33.66
C TYR I 72 0.28 57.10 -32.72
N ASP I 73 -0.72 56.23 -32.85
CA ASP I 73 -0.75 55.03 -32.00
C ASP I 73 0.50 54.20 -32.19
N THR I 74 0.96 54.06 -33.43
CA THR I 74 2.14 53.24 -33.69
C THR I 74 3.34 53.75 -32.91
N LEU I 75 3.52 55.07 -32.88
CA LEU I 75 4.62 55.65 -32.11
C LEU I 75 4.50 55.30 -30.63
N ALA I 76 3.31 55.53 -30.05
CA ALA I 76 3.14 55.29 -28.62
C ALA I 76 3.40 53.82 -28.28
N THR I 77 2.84 52.90 -29.08
CA THR I 77 3.06 51.49 -28.80
C THR I 77 4.55 51.17 -28.76
N GLY I 78 5.30 51.69 -29.71
CA GLY I 78 6.74 51.51 -29.67
C GLY I 78 7.36 52.08 -28.41
N ILE I 79 6.97 53.29 -28.03
CA ILE I 79 7.55 53.92 -26.85
C ILE I 79 7.18 53.15 -25.58
N ILE I 80 5.94 52.67 -25.48
CA ILE I 80 5.55 51.93 -24.27
C ILE I 80 6.36 50.65 -24.18
N TYR I 81 6.57 49.97 -25.31
CA TYR I 81 7.46 48.82 -25.31
C TYR I 81 8.84 49.19 -24.78
N PHE I 82 9.36 50.34 -25.21
CA PHE I 82 10.69 50.80 -24.81
C PHE I 82 10.77 51.05 -23.30
N HIS I 83 9.80 51.79 -22.76
CA HIS I 83 9.79 52.05 -21.32
C HIS I 83 9.74 50.75 -20.54
N ARG I 84 8.88 49.82 -20.96
CA ARG I 84 8.78 48.54 -20.28
C ARG I 84 10.08 47.76 -20.39
N PHE I 85 10.73 47.79 -21.55
CA PHE I 85 11.96 47.04 -21.74
C PHE I 85 12.98 47.38 -20.66
N TYR I 86 13.17 48.67 -20.38
CA TYR I 86 14.18 49.09 -19.43
C TYR I 86 13.68 49.03 -18.00
N MET I 87 12.52 48.41 -17.79
CA MET I 87 12.14 47.89 -16.49
C MET I 87 12.66 46.47 -16.26
N PHE I 88 13.05 45.79 -17.35
CA PHE I 88 13.57 44.44 -17.30
C PHE I 88 15.03 44.34 -17.71
N HIS I 89 15.62 45.42 -18.21
CA HIS I 89 16.99 45.40 -18.71
C HIS I 89 17.65 46.73 -18.37
N SER I 90 18.97 46.73 -18.48
CA SER I 90 19.77 47.90 -18.11
C SER I 90 20.18 48.68 -19.36
N PHE I 91 20.19 50.01 -19.23
CA PHE I 91 20.64 50.84 -20.34
C PHE I 91 22.11 50.62 -20.64
N LYS I 92 22.88 50.07 -19.70
CA LYS I 92 24.29 49.83 -19.95
C LYS I 92 24.55 48.58 -20.77
N GLN I 93 23.60 47.66 -20.83
CA GLN I 93 23.77 46.41 -21.57
C GLN I 93 23.07 46.44 -22.93
N PHE I 94 22.04 47.25 -23.09
CA PHE I 94 21.32 47.38 -24.36
C PHE I 94 21.35 48.82 -24.82
N PRO I 95 22.14 49.19 -25.83
CA PRO I 95 22.15 50.59 -26.27
C PRO I 95 20.75 51.04 -26.64
N ARG I 96 20.44 52.29 -26.29
CA ARG I 96 19.04 52.70 -26.26
C ARG I 96 18.46 52.89 -27.65
N TYR I 97 19.22 53.47 -28.58
CA TYR I 97 18.65 53.74 -29.90
C TYR I 97 18.44 52.46 -30.69
N VAL I 98 19.25 51.43 -30.45
CA VAL I 98 18.97 50.13 -31.05
C VAL I 98 17.65 49.56 -30.50
N THR I 99 17.52 49.55 -29.17
CA THR I 99 16.26 49.11 -28.56
C THR I 99 15.08 49.87 -29.12
N GLY I 100 15.18 51.20 -29.15
CA GLY I 100 14.10 52.01 -29.68
C GLY I 100 13.70 51.57 -31.08
N ALA I 101 14.69 51.43 -31.97
CA ALA I 101 14.40 51.04 -33.35
C ALA I 101 13.68 49.70 -33.40
N CYS I 102 14.14 48.72 -32.62
CA CYS I 102 13.48 47.42 -32.58
C CYS I 102 12.05 47.55 -32.11
N CYS I 103 11.82 48.36 -31.07
CA CYS I 103 10.47 48.59 -30.58
C CYS I 103 9.57 49.15 -31.67
N LEU I 104 10.01 50.20 -32.37
CA LEU I 104 9.20 50.74 -33.45
C LEU I 104 8.96 49.70 -34.52
N PHE I 105 9.98 48.88 -34.80
CA PHE I 105 9.84 47.84 -35.82
C PHE I 105 8.70 46.90 -35.46
N LEU I 106 8.74 46.34 -34.25
CA LEU I 106 7.67 45.43 -33.83
C LEU I 106 6.33 46.14 -33.77
N ALA I 107 6.31 47.36 -33.23
CA ALA I 107 5.06 48.08 -33.08
C ALA I 107 4.36 48.24 -34.42
N GLY I 108 5.12 48.52 -35.49
CA GLY I 108 4.51 48.64 -36.80
C GLY I 108 3.75 47.40 -37.23
N LYS I 109 4.32 46.22 -36.98
CA LYS I 109 3.63 44.99 -37.32
C LYS I 109 2.44 44.76 -36.40
N VAL I 110 2.60 45.15 -35.14
CA VAL I 110 1.52 44.98 -34.17
C VAL I 110 0.32 45.84 -34.58
N GLU I 111 0.57 47.13 -34.84
CA GLU I 111 -0.51 48.06 -35.11
C GLU I 111 -0.89 48.12 -36.58
N GLU I 112 -0.43 47.17 -37.40
CA GLU I 112 -0.81 47.08 -38.80
C GLU I 112 -0.41 48.33 -39.57
N THR I 113 0.71 48.94 -39.18
CA THR I 113 1.34 50.02 -39.94
C THR I 113 2.80 49.64 -40.19
N PRO I 114 3.04 48.51 -40.83
CA PRO I 114 4.41 47.96 -40.86
C PRO I 114 5.36 48.75 -41.76
N LYS I 115 6.64 48.69 -41.39
CA LYS I 115 7.71 49.30 -42.17
C LYS I 115 8.89 48.33 -42.22
N LYS I 116 9.66 48.41 -43.30
CA LYS I 116 10.80 47.53 -43.46
C LYS I 116 11.93 47.90 -42.50
N CYS I 117 12.60 46.88 -41.97
CA CYS I 117 13.72 47.18 -41.09
C CYS I 117 14.73 48.06 -41.81
N LYS I 118 14.88 47.84 -43.11
CA LYS I 118 15.81 48.61 -43.91
C LYS I 118 15.49 50.10 -43.87
N ASP I 119 14.19 50.45 -43.90
CA ASP I 119 13.81 51.85 -43.90
C ASP I 119 14.03 52.51 -42.54
N ILE I 120 13.76 51.79 -41.45
CA ILE I 120 13.94 52.36 -40.11
C ILE I 120 15.40 52.73 -39.89
N ILE I 121 16.32 51.84 -40.26
CA ILE I 121 17.75 52.15 -40.08
C ILE I 121 18.10 53.40 -40.87
N LYS I 122 17.67 53.47 -42.13
CA LYS I 122 17.99 54.62 -42.97
C LYS I 122 17.51 55.91 -42.31
N THR I 123 16.30 55.91 -41.76
CA THR I 123 15.81 57.10 -41.08
C THR I 123 16.60 57.36 -39.80
N ALA I 124 16.91 56.32 -39.05
CA ALA I 124 17.69 56.48 -37.81
C ALA I 124 19.02 57.14 -38.10
N ARG I 125 19.63 56.83 -39.24
CA ARG I 125 20.89 57.46 -39.62
C ARG I 125 20.70 58.94 -39.89
N SER I 126 19.56 59.33 -40.45
CA SER I 126 19.28 60.73 -40.72
C SER I 126 19.23 61.54 -39.44
N LEU I 127 18.70 60.95 -38.37
CA LEU I 127 18.45 61.67 -37.14
C LEU I 127 19.58 61.55 -36.15
N LEU I 128 20.38 60.51 -36.25
CA LEU I 128 21.50 60.31 -35.34
C LEU I 128 22.78 60.81 -35.97
N ASN I 129 23.64 61.40 -35.15
CA ASN I 129 24.98 61.79 -35.58
C ASN I 129 25.82 60.52 -35.65
N ASP I 130 27.13 60.67 -35.86
CA ASP I 130 27.97 59.49 -36.02
C ASP I 130 28.23 58.77 -34.69
N VAL I 131 28.42 59.53 -33.60
CA VAL I 131 28.63 58.89 -32.30
C VAL I 131 27.42 58.06 -31.91
N GLN I 132 26.23 58.65 -31.97
CA GLN I 132 25.02 57.94 -31.57
C GLN I 132 24.82 56.68 -32.41
N PHE I 133 24.96 56.82 -33.74
CA PHE I 133 24.77 55.69 -34.64
C PHE I 133 25.81 54.59 -34.44
N GLY I 134 26.90 54.89 -33.73
CA GLY I 134 27.85 53.83 -33.41
C GLY I 134 27.21 52.68 -32.65
N GLN I 135 26.14 52.96 -31.91
CA GLN I 135 25.46 51.91 -31.17
C GLN I 135 25.02 50.77 -32.08
N PHE I 136 24.72 51.06 -33.34
CA PHE I 136 24.26 50.03 -34.25
C PHE I 136 25.37 49.14 -34.78
N GLY I 137 26.63 49.50 -34.53
CA GLY I 137 27.68 48.58 -34.87
C GLY I 137 27.85 48.41 -36.37
N ASP I 138 28.37 47.24 -36.74
CA ASP I 138 28.75 46.99 -38.13
C ASP I 138 27.55 46.67 -39.02
N ASP I 139 26.51 46.05 -38.47
CA ASP I 139 25.34 45.64 -39.24
C ASP I 139 24.10 46.15 -38.51
N PRO I 140 23.67 47.38 -38.78
CA PRO I 140 22.51 47.92 -38.03
C PRO I 140 21.27 47.04 -38.11
N LYS I 141 20.89 46.63 -39.31
CA LYS I 141 19.68 45.82 -39.45
C LYS I 141 19.76 44.59 -38.58
N GLU I 142 20.90 43.90 -38.59
CA GLU I 142 21.02 42.67 -37.82
C GLU I 142 20.90 42.95 -36.32
N GLU I 143 21.57 43.99 -35.83
CA GLU I 143 21.49 44.31 -34.41
C GLU I 143 20.05 44.49 -33.98
N VAL I 144 19.21 45.04 -34.85
CA VAL I 144 17.80 45.21 -34.52
C VAL I 144 17.07 43.87 -34.60
N MET I 145 17.19 43.17 -35.73
CA MET I 145 16.43 41.93 -35.89
C MET I 145 16.76 40.91 -34.79
N VAL I 146 18.00 40.90 -34.32
CA VAL I 146 18.39 39.94 -33.30
C VAL I 146 17.73 40.26 -31.97
N LEU I 147 17.45 41.53 -31.72
CA LEU I 147 16.85 41.95 -30.46
C LEU I 147 15.37 41.62 -30.38
N GLU I 148 14.70 41.51 -31.53
CA GLU I 148 13.27 41.25 -31.54
C GLU I 148 12.94 40.03 -30.69
N ARG I 149 13.76 38.99 -30.79
CA ARG I 149 13.52 37.80 -29.98
C ARG I 149 13.43 38.16 -28.50
N ILE I 150 14.41 38.94 -28.01
CA ILE I 150 14.41 39.32 -26.61
C ILE I 150 13.24 40.23 -26.31
N LEU I 151 12.99 41.23 -27.17
CA LEU I 151 11.90 42.16 -26.92
C LEU I 151 10.59 41.40 -26.72
N LEU I 152 10.27 40.49 -27.64
CA LEU I 152 9.02 39.77 -27.57
C LEU I 152 8.93 38.93 -26.30
N GLN I 153 10.05 38.33 -25.89
CA GLN I 153 10.07 37.63 -24.62
C GLN I 153 9.91 38.59 -23.46
N THR I 154 10.55 39.76 -23.54
CA THR I 154 10.51 40.69 -22.43
C THR I 154 9.10 41.23 -22.21
N ILE I 155 8.38 41.56 -23.28
CA ILE I 155 7.01 42.04 -23.13
C ILE I 155 6.03 40.89 -22.91
N LYS I 156 6.54 39.69 -22.71
CA LYS I 156 5.70 38.54 -22.36
C LYS I 156 4.66 38.25 -23.45
N PHE I 157 4.91 38.74 -24.65
CA PHE I 157 4.02 38.56 -25.80
C PHE I 157 2.65 39.19 -25.56
N ASP I 158 2.58 40.15 -24.62
CA ASP I 158 1.37 40.97 -24.41
C ASP I 158 1.42 42.18 -25.34
N LEU I 159 1.17 41.89 -26.61
CA LEU I 159 1.38 42.90 -27.65
C LEU I 159 0.35 44.02 -27.59
N GLN I 160 -0.90 43.71 -27.27
CA GLN I 160 -1.94 44.72 -27.28
C GLN I 160 -1.69 45.78 -26.22
N VAL I 161 -1.81 47.05 -26.61
CA VAL I 161 -1.60 48.18 -25.71
C VAL I 161 -2.63 49.26 -26.04
N GLU I 162 -3.16 49.88 -24.99
CA GLU I 162 -4.07 51.02 -25.11
C GLU I 162 -3.31 52.30 -24.77
N HIS I 163 -3.75 53.42 -25.35
CA HIS I 163 -3.06 54.68 -25.14
C HIS I 163 -4.01 55.79 -24.72
N PRO I 164 -3.50 56.78 -23.98
CA PRO I 164 -4.38 57.85 -23.49
C PRO I 164 -5.16 58.57 -24.57
N TYR I 165 -4.67 58.56 -25.81
CA TYR I 165 -5.29 59.35 -26.86
C TYR I 165 -6.76 58.99 -27.04
N GLN I 166 -7.06 57.70 -27.21
CA GLN I 166 -8.42 57.28 -27.52
C GLN I 166 -9.39 57.64 -26.39
N PHE I 167 -8.93 57.59 -25.15
CA PHE I 167 -9.81 57.95 -24.04
C PHE I 167 -10.01 59.46 -23.97
N LEU I 168 -8.98 60.23 -24.32
CA LEU I 168 -9.13 61.68 -24.44
C LEU I 168 -10.25 62.02 -25.40
N LEU I 169 -10.37 61.26 -26.49
CA LEU I 169 -11.43 61.52 -27.46
C LEU I 169 -12.76 60.95 -26.99
N LYS I 170 -12.75 59.73 -26.44
CA LYS I 170 -13.98 59.12 -25.94
C LYS I 170 -14.62 59.98 -24.87
N TYR I 171 -13.82 60.54 -23.95
CA TYR I 171 -14.38 61.34 -22.87
C TYR I 171 -14.81 62.72 -23.35
N ALA I 172 -13.98 63.38 -24.17
CA ALA I 172 -14.34 64.70 -24.66
C ALA I 172 -15.62 64.67 -25.48
N LYS I 173 -15.85 63.58 -26.21
CA LYS I 173 -17.04 63.44 -27.04
C LYS I 173 -18.32 63.47 -26.21
N GLN I 174 -18.22 63.25 -24.91
CA GLN I 174 -19.35 63.36 -24.00
C GLN I 174 -19.39 64.72 -23.31
N LEU I 175 -18.59 65.66 -23.78
CA LEU I 175 -18.62 67.05 -23.35
C LEU I 175 -19.37 67.89 -24.39
N LYS I 176 -20.29 68.73 -23.92
CA LYS I 176 -21.12 69.57 -24.77
C LYS I 176 -21.05 71.00 -24.27
N GLY I 177 -20.96 71.94 -25.19
CA GLY I 177 -20.84 73.35 -24.83
C GLY I 177 -20.11 74.11 -25.93
N ASP I 178 -19.39 75.16 -25.51
CA ASP I 178 -18.63 75.96 -26.46
C ASP I 178 -17.63 75.07 -27.19
N LYS I 179 -17.92 74.77 -28.45
CA LYS I 179 -17.08 73.83 -29.20
C LYS I 179 -15.63 74.27 -29.22
N ASN I 180 -15.38 75.57 -29.37
CA ASN I 180 -14.00 76.04 -29.50
C ASN I 180 -13.24 75.91 -28.19
N LYS I 181 -13.91 76.08 -27.05
CA LYS I 181 -13.24 75.87 -25.77
C LYS I 181 -12.93 74.39 -25.58
N ILE I 182 -13.87 73.51 -25.94
CA ILE I 182 -13.65 72.07 -25.82
C ILE I 182 -12.51 71.63 -26.72
N GLN I 183 -12.38 72.24 -27.90
CA GLN I 183 -11.31 71.84 -28.80
C GLN I 183 -9.95 72.31 -28.29
N LYS I 184 -9.88 73.52 -27.72
CA LYS I 184 -8.63 73.96 -27.11
C LYS I 184 -8.21 73.01 -26.01
N LEU I 185 -9.18 72.52 -25.22
CA LEU I 185 -8.90 71.55 -24.17
C LEU I 185 -8.28 70.28 -24.75
N VAL I 186 -8.89 69.74 -25.80
CA VAL I 186 -8.42 68.47 -26.37
C VAL I 186 -7.01 68.64 -26.90
N GLN I 187 -6.76 69.75 -27.61
CA GLN I 187 -5.46 69.98 -28.22
C GLN I 187 -4.36 70.08 -27.17
N MET I 188 -4.61 70.88 -26.13
CA MET I 188 -3.62 71.05 -25.08
C MET I 188 -3.31 69.74 -24.38
N ALA I 189 -4.34 68.91 -24.14
CA ALA I 189 -4.12 67.62 -23.52
C ALA I 189 -3.35 66.69 -24.43
N TRP I 190 -3.74 66.63 -25.71
CA TRP I 190 -3.02 65.81 -26.69
C TRP I 190 -1.55 66.16 -26.63
N THR I 191 -1.23 67.44 -26.56
CA THR I 191 0.14 67.89 -26.39
C THR I 191 0.74 67.34 -25.10
N PHE I 192 -0.01 67.39 -24.00
CA PHE I 192 0.47 66.85 -22.74
C PHE I 192 0.68 65.35 -22.81
N VAL I 193 -0.16 64.64 -23.58
CA VAL I 193 0.01 63.20 -23.74
C VAL I 193 1.30 62.90 -24.51
N ASN I 194 1.48 63.57 -25.66
CA ASN I 194 2.72 63.40 -26.42
C ASN I 194 3.92 63.60 -25.50
N ASP I 195 3.81 64.55 -24.57
CA ASP I 195 4.91 64.87 -23.67
C ASP I 195 5.10 63.77 -22.62
N SER I 196 3.99 63.22 -22.12
CA SER I 196 4.09 62.23 -21.06
C SER I 196 4.71 60.93 -21.54
N LEU I 197 4.70 60.69 -22.86
CA LEU I 197 5.38 59.51 -23.38
C LEU I 197 6.88 59.58 -23.14
N CYS I 198 7.43 60.77 -22.89
CA CYS I 198 8.82 60.90 -22.50
C CYS I 198 9.06 60.55 -21.04
N THR I 199 7.99 60.33 -20.27
CA THR I 199 8.09 60.01 -18.86
C THR I 199 7.72 58.54 -18.63
N THR I 200 7.99 58.09 -17.40
CA THR I 200 7.60 56.76 -16.95
C THR I 200 6.13 56.68 -16.54
N LEU I 201 5.36 57.76 -16.74
CA LEU I 201 3.95 57.72 -16.40
C LEU I 201 3.26 56.58 -17.12
N SER I 202 3.74 56.26 -18.33
CA SER I 202 3.21 55.10 -19.05
C SER I 202 3.30 53.84 -18.21
N LEU I 203 4.26 53.78 -17.29
CA LEU I 203 4.43 52.63 -16.43
C LEU I 203 3.70 52.77 -15.09
N GLN I 204 3.26 53.96 -14.71
CA GLN I 204 2.67 54.13 -13.40
C GLN I 204 1.15 54.00 -13.37
N TRP I 205 0.46 54.52 -14.39
CA TRP I 205 -0.99 54.61 -14.34
C TRP I 205 -1.62 54.07 -15.63
N GLU I 206 -2.81 53.47 -15.47
CA GLU I 206 -3.54 53.00 -16.63
C GLU I 206 -3.77 54.17 -17.58
N PRO I 207 -3.92 53.91 -18.88
CA PRO I 207 -4.09 55.03 -19.82
C PRO I 207 -5.33 55.86 -19.54
N GLU I 208 -6.42 55.22 -19.13
CA GLU I 208 -7.64 55.96 -18.82
C GLU I 208 -7.36 57.07 -17.81
N ILE I 209 -6.51 56.78 -16.82
CA ILE I 209 -6.19 57.77 -15.79
C ILE I 209 -5.38 58.92 -16.40
N ILE I 210 -4.41 58.60 -17.26
CA ILE I 210 -3.64 59.64 -17.92
C ILE I 210 -4.55 60.57 -18.71
N ALA I 211 -5.45 59.99 -19.51
CA ALA I 211 -6.34 60.80 -20.33
C ALA I 211 -7.12 61.80 -19.48
N VAL I 212 -7.65 61.35 -18.35
CA VAL I 212 -8.34 62.26 -17.44
C VAL I 212 -7.39 63.33 -16.93
N ALA I 213 -6.18 62.91 -16.52
CA ALA I 213 -5.22 63.85 -15.94
C ALA I 213 -4.89 64.99 -16.91
N VAL I 214 -4.66 64.68 -18.18
CA VAL I 214 -4.28 65.75 -19.11
C VAL I 214 -5.47 66.67 -19.36
N MET I 215 -6.69 66.13 -19.37
CA MET I 215 -7.86 66.99 -19.40
C MET I 215 -7.91 67.88 -18.16
N TYR I 216 -7.67 67.28 -16.98
CA TYR I 216 -7.64 68.01 -15.72
C TYR I 216 -6.61 69.15 -15.77
N LEU I 217 -5.43 68.89 -16.30
CA LEU I 217 -4.41 69.93 -16.37
C LEU I 217 -4.83 71.02 -17.35
N ALA I 218 -5.19 70.62 -18.58
CA ALA I 218 -5.67 71.59 -19.56
C ALA I 218 -6.78 72.44 -18.98
N GLY I 219 -7.69 71.82 -18.22
CA GLY I 219 -8.74 72.58 -17.58
C GLY I 219 -8.22 73.63 -16.61
N ARG I 220 -7.22 73.26 -15.80
CA ARG I 220 -6.68 74.21 -14.85
C ARG I 220 -6.00 75.37 -15.55
N LEU I 221 -5.20 75.09 -16.59
CA LEU I 221 -4.44 76.13 -17.24
C LEU I 221 -5.34 77.04 -18.09
N CYS I 222 -6.36 76.47 -18.74
CA CYS I 222 -7.29 77.26 -19.53
C CYS I 222 -8.46 77.80 -18.71
N LYS I 223 -8.43 77.57 -17.39
CA LYS I 223 -9.44 78.10 -16.46
C LYS I 223 -10.85 77.61 -16.79
N PHE I 224 -10.97 76.43 -17.39
CA PHE I 224 -12.27 75.85 -17.71
C PHE I 224 -12.84 75.08 -16.53
N GLU I 225 -14.17 75.14 -16.35
CA GLU I 225 -14.88 74.31 -15.36
C GLU I 225 -15.52 73.16 -16.13
N ILE I 226 -14.79 72.05 -16.23
CA ILE I 226 -15.19 70.99 -17.16
C ILE I 226 -16.53 70.39 -16.79
N GLN I 227 -16.87 70.36 -15.50
CA GLN I 227 -18.12 69.69 -15.11
C GLN I 227 -19.30 70.24 -15.90
N GLU I 228 -19.28 71.55 -16.20
CA GLU I 228 -20.42 72.19 -16.83
C GLU I 228 -20.75 71.59 -18.19
N TRP I 229 -19.76 71.05 -18.90
CA TRP I 229 -20.02 70.45 -20.19
C TRP I 229 -20.53 69.02 -20.09
N THR I 230 -20.53 68.43 -18.91
CA THR I 230 -20.91 67.03 -18.74
C THR I 230 -22.43 66.90 -18.61
N SER I 231 -22.89 65.64 -18.64
CA SER I 231 -24.28 65.35 -18.36
C SER I 231 -24.63 65.55 -16.88
N LYS I 232 -23.65 65.85 -16.04
CA LYS I 232 -23.86 66.07 -14.60
C LYS I 232 -23.17 67.38 -14.18
N PRO I 233 -23.75 68.53 -14.54
CA PRO I 233 -23.00 69.80 -14.42
C PRO I 233 -22.74 70.29 -13.00
N MET I 234 -23.33 69.70 -11.95
CA MET I 234 -23.08 70.13 -10.58
C MET I 234 -22.29 69.11 -9.78
N TYR I 235 -21.77 68.07 -10.45
CA TYR I 235 -20.86 67.09 -9.87
C TYR I 235 -19.44 67.60 -10.06
N ARG I 236 -18.85 68.13 -8.98
CA ARG I 236 -17.54 68.75 -9.10
C ARG I 236 -16.53 67.77 -9.68
N ARG I 237 -16.56 66.51 -9.24
CA ARG I 237 -15.58 65.51 -9.69
C ARG I 237 -16.07 64.86 -10.99
N TRP I 238 -15.87 65.58 -12.10
CA TRP I 238 -16.34 65.11 -13.40
C TRP I 238 -15.68 63.80 -13.83
N TRP I 239 -14.42 63.58 -13.45
CA TRP I 239 -13.72 62.39 -13.93
C TRP I 239 -14.42 61.11 -13.51
N GLU I 240 -15.09 61.11 -12.36
CA GLU I 240 -15.57 59.85 -11.81
C GLU I 240 -16.62 59.18 -12.68
N GLN I 241 -17.24 59.92 -13.61
CA GLN I 241 -18.18 59.30 -14.55
C GLN I 241 -17.46 58.67 -15.75
N PHE I 242 -16.17 58.97 -15.91
CA PHE I 242 -15.34 58.37 -16.95
C PHE I 242 -14.41 57.31 -16.39
N VAL I 243 -13.78 57.60 -15.27
CA VAL I 243 -12.80 56.72 -14.64
C VAL I 243 -13.18 56.64 -13.18
N GLN I 244 -13.68 55.48 -12.76
CA GLN I 244 -14.12 55.32 -11.38
C GLN I 244 -12.92 55.24 -10.44
N ASP I 245 -13.08 55.82 -9.26
CA ASP I 245 -12.15 55.59 -8.14
C ASP I 245 -10.75 56.19 -8.38
N VAL I 246 -10.70 57.43 -8.85
CA VAL I 246 -9.41 58.09 -9.02
C VAL I 246 -9.37 59.28 -8.06
N PRO I 247 -8.52 59.27 -7.05
CA PRO I 247 -8.39 60.45 -6.16
C PRO I 247 -7.63 61.60 -6.83
N VAL I 248 -7.88 62.81 -6.32
CA VAL I 248 -7.22 63.99 -6.86
C VAL I 248 -5.71 63.90 -6.68
N ASP I 249 -5.25 63.29 -5.58
CA ASP I 249 -3.80 63.17 -5.37
C ASP I 249 -3.13 62.61 -6.62
N VAL I 250 -3.75 61.60 -7.22
CA VAL I 250 -3.18 60.97 -8.41
C VAL I 250 -3.14 61.94 -9.57
N LEU I 251 -4.26 62.59 -9.86
CA LEU I 251 -4.29 63.56 -10.95
C LEU I 251 -3.27 64.66 -10.71
N GLU I 252 -3.07 65.05 -9.44
CA GLU I 252 -2.07 66.07 -9.13
C GLU I 252 -0.66 65.54 -9.30
N ASP I 253 -0.40 64.31 -8.87
CA ASP I 253 0.93 63.73 -9.07
C ASP I 253 1.27 63.69 -10.56
N ILE I 254 0.32 63.25 -11.39
CA ILE I 254 0.56 63.14 -12.83
C ILE I 254 0.84 64.51 -13.43
N CYS I 255 -0.04 65.48 -13.17
CA CYS I 255 0.14 66.82 -13.70
C CYS I 255 1.52 67.36 -13.34
N HIS I 256 1.93 67.15 -12.09
CA HIS I 256 3.22 67.65 -11.63
C HIS I 256 4.36 67.15 -12.50
N GLN I 257 4.31 65.87 -12.90
CA GLN I 257 5.38 65.32 -13.71
C GLN I 257 5.40 65.93 -15.11
N ILE I 258 4.23 66.17 -15.69
CA ILE I 258 4.23 66.79 -17.01
C ILE I 258 4.77 68.21 -16.91
N LEU I 259 4.32 68.96 -15.90
CA LEU I 259 4.77 70.32 -15.74
C LEU I 259 6.25 70.38 -15.35
N ASP I 260 6.73 69.38 -14.60
CA ASP I 260 8.16 69.36 -14.25
C ASP I 260 9.02 69.37 -15.50
N LEU I 261 8.58 68.65 -16.54
CA LEU I 261 9.33 68.68 -17.79
C LEU I 261 9.36 70.10 -18.37
N TYR I 262 8.23 70.81 -18.32
CA TYR I 262 8.18 72.15 -18.86
C TYR I 262 8.96 73.15 -18.01
N SER I 263 8.98 72.96 -16.69
CA SER I 263 9.70 73.87 -15.81
C SER I 263 11.20 73.63 -15.87
N GLN I 264 11.63 72.38 -15.91
CA GLN I 264 13.06 72.10 -15.97
C GLN I 264 13.67 72.68 -17.25
N GLY I 265 13.01 72.45 -18.37
CA GLY I 265 13.46 73.03 -19.61
C GLY I 265 13.08 74.49 -19.76
N LYS I 266 13.72 75.16 -20.71
CA LYS I 266 13.37 76.53 -21.08
C LYS I 266 11.99 76.60 -21.73
N GLN I 267 11.45 75.47 -22.18
CA GLN I 267 10.14 75.44 -22.81
C GLN I 267 9.05 75.89 -21.84
N GLN I 268 8.02 76.58 -22.37
CA GLN I 268 6.93 77.12 -21.56
C GLN I 268 5.66 76.30 -21.72
N MET I 269 4.90 76.24 -20.63
CA MET I 269 3.65 75.47 -20.60
C MET I 269 2.65 76.04 -21.61
N PRO I 270 1.91 75.17 -22.32
CA PRO I 270 1.13 75.69 -23.46
C PRO I 270 0.18 76.84 -23.14
N HIS I 271 -0.67 76.73 -22.12
CA HIS I 271 -1.65 77.79 -21.86
C HIS I 271 -2.20 78.43 -23.14
S SO4 J . 36.02 63.86 12.55
O1 SO4 J . 36.37 62.46 12.75
O2 SO4 J . 35.32 64.35 13.73
O3 SO4 J . 37.22 64.63 12.33
O4 SO4 J . 35.15 63.99 11.40
S SO4 K . 21.45 6.72 0.60
O1 SO4 K . 21.01 5.57 1.38
O2 SO4 K . 21.14 7.94 1.32
O3 SO4 K . 22.88 6.64 0.39
O4 SO4 K . 20.76 6.71 -0.68
S SO4 L . 22.99 20.70 -12.20
O1 SO4 L . 22.86 19.30 -12.54
O2 SO4 L . 21.93 21.06 -11.30
O3 SO4 L . 24.28 20.93 -11.57
O4 SO4 L . 22.90 21.49 -13.41
S SO4 M . 33.84 71.14 36.92
O1 SO4 M . 32.61 71.02 37.66
O2 SO4 M . 33.83 70.20 35.82
O3 SO4 M . 33.99 72.48 36.40
O4 SO4 M . 34.96 70.86 37.81
S SO4 N . 37.02 23.00 6.77
O1 SO4 N . 36.95 21.74 7.50
O2 SO4 N . 35.68 23.46 6.47
O3 SO4 N . 37.71 23.99 7.58
O4 SO4 N . 37.76 22.80 5.54
S SO4 O . 41.37 62.63 12.48
O1 SO4 O . 42.42 62.54 13.47
O2 SO4 O . 40.15 62.05 13.01
O3 SO4 O . 41.14 64.03 12.17
O4 SO4 O . 41.76 61.93 11.28
C2 RWN P . 22.68 17.43 29.50
C3 RWN P . 23.68 17.08 31.58
C6 RWN P . 19.86 15.46 30.25
C7 RWN P . 20.17 14.59 32.56
C9 RWN P . 20.91 13.27 32.66
C10 RWN P . 26.13 17.24 31.91
C20 RWN P . 26.47 17.49 22.78
C21 RWN P . 25.38 17.83 23.57
C17 RWN P . 26.73 17.80 25.54
C14 RWN P . 24.64 19.01 27.11
C5 RWN P . 21.60 16.62 29.93
C8 RWN P . 20.31 15.38 33.83
C12 RWN P . 26.85 16.20 32.75
C4 RWN P . 21.72 16.11 31.20
C1 RWN P . 23.43 19.24 28.02
C13 RWN P . 26.77 16.45 34.26
C16 RWN P . 25.49 17.99 24.95
C15 RWN P . 24.28 18.34 25.78
O1 RWN P . 26.16 19.50 31.04
C11 RWN P . 26.81 18.62 31.95
C19 RWN P . 27.70 17.30 23.41
C22 RWN P . 26.33 17.33 21.30
C18 RWN P . 27.82 17.45 24.77
N1 RWN P . 22.68 18.03 28.29
N2 RWN P . 23.69 17.66 30.35
N3 RWN P . 22.72 16.29 32.07
N4 RWN P . 20.42 16.21 29.33
N5 RWN P . 20.59 15.35 31.39
N6 RWN P . 24.74 17.33 32.37
H62 RWN P . 19.03 15.02 30.13
H71 RWN P . 19.21 14.38 32.43
H93 RWN P . 21.87 13.45 32.76
H91 RWN P . 20.77 12.75 31.86
H92 RWN P . 20.58 12.78 33.43
H101 RWN P . 26.12 16.96 30.95
H211 RWN P . 24.54 17.96 23.16
H171 RWN P . 26.83 17.90 26.47
H142 RWN P . 25.28 18.44 27.59
H141 RWN P . 25.05 19.89 26.92
H81 RWN P . 21.25 15.54 34.02
H82 RWN P . 19.92 14.87 34.57
H83 RWN P . 19.84 16.22 33.74
H122 RWN P . 26.46 15.31 32.56
H121 RWN P . 27.79 16.17 32.49
H11 RWN P . 23.74 19.62 28.87
H12 RWN P . 22.83 19.90 27.59
H132 RWN P . 25.84 16.38 34.55
H133 RWN P . 27.09 17.35 34.45
H131 RWN P . 27.31 15.80 34.72
H151 RWN P . 23.70 18.94 25.27
H152 RWN P . 23.78 17.52 25.97
H14 RWN P . 26.57 20.24 31.06
H111 RWN P . 27.76 18.52 31.70
H112 RWN P . 26.77 18.98 32.86
H191 RWN P . 28.45 17.08 22.89
H221 RWN P . 25.63 17.91 20.97
H223 RWN P . 26.11 16.41 21.10
H222 RWN P . 27.17 17.56 20.87
H181 RWN P . 28.67 17.33 25.18
H13 RWN P . 22.21 17.68 27.63
H61 RWN P . 24.59 17.54 33.21
S SO4 Q . 1.47 29.82 33.42
O1 SO4 Q . 2.13 29.72 34.70
O2 SO4 Q . 0.10 29.43 33.57
O3 SO4 Q . 1.52 31.18 32.94
O4 SO4 Q . 2.13 28.95 32.47
S SO4 R . 13.32 50.46 35.70
O1 SO4 R . 12.34 51.47 36.03
O2 SO4 R . 12.82 49.18 36.11
O3 SO4 R . 14.55 50.74 36.40
O4 SO4 R . 13.58 50.46 34.28
S SO4 S . 16.84 -22.47 61.80
O1 SO4 S . 15.72 -23.36 61.58
O2 SO4 S . 16.52 -21.53 62.85
O3 SO4 S . 18.01 -23.24 62.17
O4 SO4 S . 17.13 -21.76 60.58
S SO4 T . -17.49 -0.47 59.89
O1 SO4 T . -17.66 -1.60 59.00
O2 SO4 T . -18.17 -0.75 61.13
O3 SO4 T . -18.05 0.72 59.30
O4 SO4 T . -16.09 -0.26 60.13
S SO4 U . 0.71 -6.55 44.32
O1 SO4 U . 1.09 -5.88 45.53
O2 SO4 U . -0.33 -7.51 44.61
O3 SO4 U . 0.22 -5.57 43.38
O4 SO4 U . 1.84 -7.25 43.75
S SO4 V . -10.72 -47.16 56.60
O1 SO4 V . -10.44 -48.31 57.42
O2 SO4 V . -12.10 -47.15 56.20
O3 SO4 V . -9.88 -47.18 55.42
O4 SO4 V . -10.44 -45.95 57.35
S SO4 W . 6.79 -22.70 4.84
O1 SO4 W . 7.57 -23.93 4.84
O2 SO4 W . 5.70 -22.82 5.79
O3 SO4 W . 6.26 -22.50 3.51
O4 SO4 W . 7.65 -21.59 5.18
S SO4 X . 15.45 -20.92 21.53
O1 SO4 X . 14.60 -22.08 21.36
O2 SO4 X . 14.73 -19.88 22.22
O3 SO4 X . 16.61 -21.30 22.29
O4 SO4 X . 15.85 -20.43 20.23
S SO4 Y . 12.42 -48.88 7.03
O1 SO4 Y . 11.73 -47.61 7.19
O2 SO4 Y . 12.11 -49.74 8.15
O3 SO4 Y . 13.85 -48.65 6.97
O4 SO4 Y . 11.97 -49.49 5.81
S SO4 Z . 18.01 -27.13 -1.05
O1 SO4 Z . 16.82 -27.75 -0.54
O2 SO4 Z . 18.38 -26.04 -0.17
O3 SO4 Z . 19.08 -28.09 -1.11
O4 SO4 Z . 17.76 -26.60 -2.37
S SO4 AA . 4.28 -41.60 18.75
O1 SO4 AA . 3.40 -40.47 19.03
O2 SO4 AA . 3.47 -42.78 18.53
O3 SO4 AA . 5.17 -41.81 19.87
O4 SO4 AA . 5.06 -41.33 17.56
S SO4 BA . -0.49 -28.63 -0.13
O1 SO4 BA . -0.96 -29.96 0.21
O2 SO4 BA . -1.40 -27.64 0.38
O3 SO4 BA . -0.41 -28.51 -1.57
O4 SO4 BA . 0.82 -28.43 0.44
S SO4 CA . -8.29 -51.95 55.73
O1 SO4 CA . -9.42 -51.14 55.38
O2 SO4 CA . -8.74 -53.29 56.00
O3 SO4 CA . -7.65 -51.40 56.91
O4 SO4 CA . -7.35 -51.97 54.64
S SO4 DA . -8.47 -52.29 62.06
O1 SO4 DA . -9.57 -52.80 62.84
O2 SO4 DA . -7.48 -53.32 61.89
O3 SO4 DA . -7.88 -51.16 62.74
O4 SO4 DA . -8.96 -51.87 60.77
S SO4 EA . -13.45 -52.88 58.09
O1 SO4 EA . -13.97 -53.07 59.43
O2 SO4 EA . -14.21 -53.68 57.16
O3 SO4 EA . -13.57 -51.49 57.72
O4 SO4 EA . -12.07 -53.27 58.05
S SO4 FA . -34.13 -55.59 39.30
O1 SO4 FA . -34.67 -54.56 40.17
O2 SO4 FA . -35.02 -56.72 39.30
O3 SO4 FA . -33.99 -55.06 37.96
O4 SO4 FA . -32.83 -55.98 39.79
S SO4 GA . -32.49 -58.34 30.95
O1 SO4 GA . -33.30 -59.53 30.80
O2 SO4 GA . -32.24 -58.11 32.35
O3 SO4 GA . -31.25 -58.50 30.23
O4 SO4 GA . -33.20 -57.20 30.39
S SO4 HA . -34.29 -56.26 56.62
O1 SO4 HA . -33.55 -57.40 57.10
O2 SO4 HA . -35.22 -55.84 57.62
O3 SO4 HA . -33.38 -55.18 56.32
O4 SO4 HA . -35.00 -56.63 55.41
C2 RWN IA . -19.84 -37.09 7.37
C3 RWN IA . -21.10 -38.78 6.39
C6 RWN IA . -21.30 -34.53 5.44
C7 RWN IA . -22.95 -35.64 3.93
C9 RWN IA . -22.39 -36.11 2.61
C10 RWN IA . -20.40 -41.16 6.31
C20 RWN IA . -12.36 -37.82 9.18
C21 RWN IA . -13.59 -37.19 9.28
C17 RWN IA . -14.72 -39.26 8.99
C14 RWN IA . -17.29 -38.10 9.53
C5 RWN IA . -20.50 -36.16 6.54
C8 RWN IA . -24.16 -36.48 4.32
C12 RWN IA . -20.52 -41.95 4.99
C4 RWN IA . -21.43 -36.69 5.68
C1 RWN IA . -18.67 -37.42 9.50
C13 RWN IA . -21.92 -42.48 4.73
C16 RWN IA . -14.78 -37.90 9.18
C15 RWN IA . -16.11 -37.17 9.26
O1 RWN IA . -20.34 -41.32 8.73
C11 RWN IA . -20.55 -42.05 7.54
C19 RWN IA . -12.33 -39.19 9.00
C22 RWN IA . -11.09 -37.02 9.30
C18 RWN IA . -13.50 -39.91 8.89
N1 RWN IA . -18.93 -36.68 8.29
N2 RWN IA . -20.17 -38.38 7.29
N3 RWN IA . -21.77 -37.98 5.54
N4 RWN IA . -20.42 -34.78 6.39
N5 RWN IA . -21.94 -35.64 4.97
N6 RWN IA . -21.40 -40.10 6.32
H62 RWN IA . -21.48 -33.66 5.11
H71 RWN IA . -23.27 -34.71 3.82
H93 RWN IA . -21.67 -35.50 2.34
H91 RWN IA . -22.04 -37.00 2.70
H92 RWN IA . -23.08 -36.09 1.93
H101 RWN IA . -19.50 -40.75 6.36
H211 RWN IA . -13.61 -36.26 9.40
H171 RWN IA . -15.52 -39.76 8.91
H142 RWN IA . -17.16 -38.50 10.42
H141 RWN IA . -17.29 -38.82 8.85
H81 RWN IA . -24.52 -36.15 5.17
H82 RWN IA . -24.85 -36.40 3.64
H83 RWN IA . -23.90 -37.41 4.41
H122 RWN IA . -19.89 -42.69 5.01
H121 RWN IA . -20.26 -41.36 4.26
H11 RWN IA . -18.73 -36.82 10.27
H12 RWN IA . -19.35 -38.12 9.60
H132 RWN IA . -21.92 -43.00 3.90
H133 RWN IA . -22.18 -43.05 5.47
H131 RWN IA . -22.54 -41.74 4.65
H151 RWN IA . -16.27 -36.69 8.40
H152 RWN IA . -16.07 -36.50 9.96
H14 RWN IA . -20.43 -41.84 9.40
H111 RWN IA . -19.90 -42.78 7.50
H112 RWN IA . -21.45 -42.44 7.55
H191 RWN IA . -11.50 -39.63 8.94
H221 RWN IA . -10.40 -37.44 8.76
H223 RWN IA . -11.24 -36.12 8.97
H222 RWN IA . -10.80 -36.99 10.23
H181 RWN IA . -13.47 -40.85 8.77
H13 RWN IA . -18.48 -35.93 8.15
H61 RWN IA . -22.25 -40.33 6.26
S SO4 JA . -42.98 -45.82 37.06
O1 SO4 JA . -42.98 -45.97 38.50
O2 SO4 JA . -43.51 -47.01 36.45
O3 SO4 JA . -43.80 -44.67 36.72
O4 SO4 JA . -41.64 -45.59 36.60
S SO4 KA . -37.14 -35.45 37.51
O1 SO4 KA . -37.28 -34.36 38.45
O2 SO4 KA . -37.98 -36.55 37.93
O3 SO4 KA . -37.57 -35.00 36.20
O4 SO4 KA . -35.77 -35.88 37.46
S SO4 LA . -36.29 -64.30 31.71
O1 SO4 LA . -37.02 -64.20 32.96
O2 SO4 LA . -36.59 -65.58 31.10
O3 SO4 LA . -34.87 -64.19 31.97
O4 SO4 LA . -36.69 -63.23 30.83
S SO4 MA . -75.88 -24.67 -11.35
O1 SO4 MA . -75.79 -25.56 -10.22
O2 SO4 MA . -76.61 -23.48 -11.00
O3 SO4 MA . -74.56 -24.32 -11.79
O4 SO4 MA . -76.56 -25.36 -12.42
S SO4 NA . -58.67 -9.07 -16.31
O1 SO4 NA . -58.16 -9.24 -14.96
O2 SO4 NA . -60.06 -8.68 -16.25
O3 SO4 NA . -57.88 -8.07 -16.99
O4 SO4 NA . -58.55 -10.32 -17.04
S SO4 OA . -39.88 -36.84 -40.40
O1 SO4 OA . -41.30 -37.06 -40.19
O2 SO4 OA . -39.19 -36.90 -39.13
O3 SO4 OA . -39.34 -37.87 -41.28
O4 SO4 OA . -39.68 -35.54 -41.00
S SO4 PA . -30.76 -57.94 -17.93
O1 SO4 PA . -31.81 -57.80 -16.96
O2 SO4 PA . -31.10 -58.99 -18.87
O3 SO4 PA . -30.55 -56.70 -18.63
O4 SO4 PA . -29.53 -58.31 -17.25
S SO4 QA . -35.15 -18.65 -18.89
O1 SO4 QA . -34.60 -19.98 -18.79
O2 SO4 QA . -36.59 -18.73 -18.92
O3 SO4 QA . -34.68 -18.02 -20.11
O4 SO4 QA . -34.73 -17.85 -17.76
S SO4 RA . -55.21 -34.95 -29.62
O1 SO4 RA . -54.76 -34.35 -28.38
O2 SO4 RA . -56.35 -35.80 -29.33
O3 SO4 RA . -55.58 -33.90 -30.54
O4 SO4 RA . -54.13 -35.73 -30.20
S SO4 SA . -40.48 -5.96 -60.63
O1 SO4 SA . -40.94 -6.26 -61.96
O2 SO4 SA . -41.40 -6.53 -59.66
O3 SO4 SA . -40.41 -4.52 -60.46
O4 SO4 SA . -39.17 -6.54 -60.42
S SO4 TA . 5.19 -4.16 -22.27
O1 SO4 TA . 4.98 -4.76 -20.97
O2 SO4 TA . 3.99 -3.53 -22.72
O3 SO4 TA . 5.60 -5.19 -23.21
O4 SO4 TA . 6.25 -3.18 -22.17
S SO4 UA . -0.54 18.17 -52.73
O1 SO4 UA . -1.63 17.78 -53.59
O2 SO4 UA . -1.05 18.97 -51.64
O3 SO4 UA . 0.43 18.93 -53.48
O4 SO4 UA . 0.10 16.98 -52.19
S SO4 VA . 7.06 5.63 -25.37
O1 SO4 VA . 5.90 5.13 -24.66
O2 SO4 VA . 8.25 5.30 -24.64
O3 SO4 VA . 6.96 7.07 -25.50
O4 SO4 VA . 7.11 5.03 -26.68
S SO4 WA . -5.69 -19.39 -25.30
O1 SO4 WA . -6.67 -19.40 -24.24
O2 SO4 WA . -6.10 -20.32 -26.31
O3 SO4 WA . -5.59 -18.07 -25.86
O4 SO4 WA . -4.41 -19.78 -24.76
S SO4 XA . -49.79 16.39 -68.94
O1 SO4 XA . -49.89 15.33 -67.95
O2 SO4 XA . -50.34 17.61 -68.39
O3 SO4 XA . -48.39 16.59 -69.25
O4 SO4 XA . -50.51 16.02 -70.13
S SO4 YA . -3.42 -4.91 -43.92
O1 SO4 YA . -4.43 -4.91 -42.88
O2 SO4 YA . -2.82 -6.23 -44.01
O3 SO4 YA . -2.41 -3.92 -43.62
O4 SO4 YA . -4.05 -4.60 -45.20
S SO4 ZA . -4.13 -23.58 -25.94
O1 SO4 ZA . -4.36 -25.00 -26.06
O2 SO4 ZA . -4.66 -23.09 -24.69
O3 SO4 ZA . -2.70 -23.34 -26.00
O4 SO4 ZA . -4.78 -22.88 -27.03
S SO4 AB . -37.06 -7.88 -65.09
O1 SO4 AB . -37.95 -7.17 -64.20
O2 SO4 AB . -37.70 -9.12 -65.48
O3 SO4 AB . -36.80 -7.07 -66.25
O4 SO4 AB . -35.81 -8.17 -64.42
S SO4 BB . -34.42 22.69 -62.93
O1 SO4 BB . -34.01 21.31 -62.87
O2 SO4 BB . -35.79 22.79 -62.48
O3 SO4 BB . -34.31 23.17 -64.28
O4 SO4 BB . -33.56 23.48 -62.07
S SO4 CB . -30.10 21.72 -68.36
O1 SO4 CB . -30.51 20.57 -67.56
O2 SO4 CB . -30.49 22.91 -67.65
O3 SO4 CB . -30.76 21.66 -69.64
O4 SO4 CB . -28.68 21.71 -68.55
S SO4 DB . -42.91 -3.58 -67.31
O1 SO4 DB . -42.25 -3.89 -66.06
O2 SO4 DB . -44.15 -4.31 -67.39
O3 SO4 DB . -43.17 -2.17 -67.39
O4 SO4 DB . -42.05 -3.95 -68.41
C2 RWN EB . -6.21 20.75 -35.53
C3 RWN EB . -5.48 22.48 -36.92
C6 RWN EB . -5.75 22.58 -32.56
C7 RWN EB . -4.90 24.84 -33.25
C9 RWN EB . -5.61 25.85 -34.13
C10 RWN EB . -4.55 22.14 -39.20
C20 RWN EB . -3.95 13.57 -36.32
C21 RWN EB . -4.80 14.67 -36.44
C17 RWN EB . -3.89 15.20 -38.59
C14 RWN EB . -5.99 17.39 -36.37
C5 RWN EB . -5.97 21.59 -34.43
C8 RWN EB . -3.40 24.94 -33.37
C12 RWN EB . -3.34 22.90 -39.73
C4 RWN EB . -5.51 22.85 -34.71
C1 RWN EB . -6.96 18.56 -36.45
C13 RWN EB . -3.66 24.29 -40.22
C16 RWN EB . -4.79 15.49 -37.58
C15 RWN EB . -5.73 16.68 -37.69
O1 RWN EB . -6.66 21.05 -39.83
C11 RWN EB . -5.55 21.80 -40.30
C19 RWN EB . -3.07 13.32 -37.36
C22 RWN EB . -3.98 12.70 -35.10
C18 RWN EB . -3.04 14.13 -38.48
N1 RWN EB . -6.67 19.49 -35.37
N2 RWN EB . -5.93 21.22 -36.77
N3 RWN EB . -5.23 23.35 -35.92
N4 RWN EB . -6.12 21.43 -33.05
N5 RWN EB . -5.36 23.49 -33.51
N6 RWN EB . -5.24 22.93 -38.17
H62 RWN EB . -5.74 22.77 -31.63
H71 RWN EB . -5.13 25.08 -32.32
H93 RWN EB . -5.33 25.72 -35.05
H91 RWN EB . -5.38 26.76 -33.85
H92 RWN EB . -6.57 25.72 -34.06
H101 RWN EB . -4.23 21.29 -38.77
H211 RWN EB . -5.40 14.86 -35.74
H171 RWN EB . -3.87 15.74 -39.35
H142 RWN EB . -6.37 16.72 -35.74
H141 RWN EB . -5.14 17.72 -36.02
H81 RWN EB . -3.11 25.85 -33.15
H82 RWN EB . -2.98 24.31 -32.75
H83 RWN EB . -3.13 24.74 -34.29
H122 RWN EB . -2.94 22.39 -40.46
H121 RWN EB . -2.67 22.98 -39.02
H11 RWN EB . -7.89 18.25 -36.37
H12 RWN EB . -6.88 19.02 -37.31
H132 RWN EB . -2.86 24.72 -40.54
H133 RWN EB . -4.05 24.81 -39.50
H131 RWN EB . -4.31 24.22 -40.96
H151 RWN EB . -6.58 16.37 -38.08
H152 RWN EB . -5.34 17.32 -38.33
H14 RWN EB . -7.19 20.94 -40.47
H111 RWN EB . -5.10 21.29 -41.00
H112 RWN EB . -5.87 22.64 -40.71
H191 RWN EB . -2.48 12.59 -37.29
H221 RWN EB . -3.73 11.79 -35.34
H223 RWN EB . -4.88 12.68 -34.73
H222 RWN EB . -3.36 13.04 -34.44
H181 RWN EB . -2.43 13.93 -39.18
H13 RWN EB . -6.79 19.20 -34.55
H61 RWN EB . -5.51 23.74 -38.38
S SO4 FB . -26.56 27.85 -23.79
O1 SO4 FB . -27.56 26.89 -23.37
O2 SO4 FB . -26.77 29.08 -23.04
O3 SO4 FB . -25.24 27.33 -23.52
O4 SO4 FB . -26.69 28.12 -25.21
S SO4 GB . -40.96 26.23 -47.68
O1 SO4 GB . -41.63 25.55 -46.58
O2 SO4 GB . -41.81 26.17 -48.84
O3 SO4 GB . -39.71 25.59 -47.95
O4 SO4 GB . -40.73 27.61 -47.32
S SO4 HB . -40.17 23.00 -41.86
O1 SO4 HB . -41.37 23.34 -41.11
O2 SO4 HB . -39.89 21.59 -41.64
O3 SO4 HB . -39.05 23.80 -41.41
O4 SO4 HB . -40.39 23.24 -43.28
S SO4 IB . -40.20 29.77 -52.48
O1 SO4 IB . -39.95 29.56 -51.08
O2 SO4 IB . -41.62 29.93 -52.71
O3 SO4 IB . -39.52 30.96 -52.94
O4 SO4 IB . -39.70 28.64 -53.24
S SO4 JB . -28.32 28.75 -68.83
O1 SO4 JB . -28.39 29.87 -67.89
O2 SO4 JB . -28.75 27.55 -68.17
O3 SO4 JB . -26.96 28.60 -69.32
O4 SO4 JB . -29.20 29.03 -69.96
S SO4 KB . -31.05 28.59 -61.77
O1 SO4 KB . -30.19 28.85 -60.64
O2 SO4 KB . -32.26 27.95 -61.31
O3 SO4 KB . -31.38 29.84 -62.41
O4 SO4 KB . -30.38 27.73 -62.71
S SO4 LB . -8.47 27.73 -53.40
O1 SO4 LB . -8.40 27.04 -52.14
O2 SO4 LB . -9.34 27.00 -54.29
O3 SO4 LB . -8.99 29.06 -53.20
O4 SO4 LB . -7.14 27.84 -53.96
S SO4 MB . -33.52 39.52 -47.96
O1 SO4 MB . -32.85 40.20 -46.87
O2 SO4 MB . -34.60 38.70 -47.45
O3 SO4 MB . -34.06 40.50 -48.88
O4 SO4 MB . -32.56 38.68 -48.66
S SO4 NB . 14.54 37.53 -20.13
O1 SO4 NB . 14.41 36.12 -19.84
O2 SO4 NB . 13.72 38.28 -19.21
O3 SO4 NB . 14.08 37.79 -21.48
O4 SO4 NB . 15.91 37.93 -20.00
S SO4 OB . -8.87 62.96 -2.81
O1 SO4 OB . -8.86 62.11 -1.64
O2 SO4 OB . -9.87 62.48 -3.73
O3 SO4 OB . -7.56 62.94 -3.43
O4 SO4 OB . -9.18 64.31 -2.40
S SO4 PB . 25.62 59.58 -23.38
O1 SO4 PB . 25.10 58.24 -23.25
O2 SO4 PB . 26.00 60.08 -22.06
O3 SO4 PB . 26.80 59.56 -24.24
O4 SO4 PB . 24.62 60.44 -23.97
S SO4 QB . -12.95 68.09 -4.40
O1 SO4 QB . -12.02 67.70 -3.37
O2 SO4 QB . -14.26 67.59 -4.09
O3 SO4 QB . -13.00 69.52 -4.49
O4 SO4 QB . -12.50 67.53 -5.65
#